data_8D7F
#
_entry.id   8D7F
#
_cell.length_a   90.650
_cell.length_b   194.999
_cell.length_c   101.370
_cell.angle_alpha   90.000
_cell.angle_beta   106.190
_cell.angle_gamma   90.000
#
_symmetry.space_group_name_H-M   'P 1 21 1'
#
loop_
_entity.id
_entity.type
_entity.pdbx_description
1 polymer 'Terpene cyclase flvF'
2 non-polymer 2-[BIS-(2-HYDROXY-ETHYL)-AMINO]-2-HYDROXYMETHYL-PROPANE-1,3-DIOL
3 non-polymer GLYCEROL
#
_entity_poly.entity_id   1
_entity_poly.type   'polypeptide(L)'
_entity_poly.pdbx_seq_one_letter_code
;SNAEGLRRHSVMLDCKLWKDDPIYFFKTLPPYISKYAQRADDASIQAQIDVFGKDDVGAMPGALGPRGNFAAVTFAESFP
DRVAMLAYLNEVLSFYECFEKQMTEMLDATLYANPVPKDPKYDNPVWQANYKNTMTKWPKILENLDPKLGPKCVKSLVAL
VEGTDMEPKMAHYKTMKEYALDRTNYIAWPVACDNAEFGSQLNLTQDQLDSVRDIFLPLWTHSCYVYDYYHYDKEAEIHS
TYGKGRSMINSIPLLNRLKGLSVEEAKAWLKQRCFELEKEYLQRKEDYFSENPVEAVPVDLRRWFLSQEDLATGFAIWCA
TTYHNHPPFGEGYAAPYEKRRKEGALWFEKVTESDQLMTGGFEVRYAN
;
_entity_poly.pdbx_strand_id   A,B,C,D,E,F,G,H
#
loop_
_chem_comp.id
_chem_comp.type
_chem_comp.name
_chem_comp.formula
BTB non-polymer 2-[BIS-(2-HYDROXY-ETHYL)-AMINO]-2-HYDROXYMETHYL-PROPANE-1,3-DIOL 'C8 H19 N O5'
GOL non-polymer GLYCEROL 'C3 H8 O3'
#
# COMPACT_ATOMS: atom_id res chain seq x y z
N ARG A 7 9.50 4.95 -8.80
CA ARG A 7 8.42 5.92 -8.98
C ARG A 7 8.34 6.35 -10.45
N ARG A 8 7.14 6.23 -11.00
CA ARG A 8 6.91 6.48 -12.42
C ARG A 8 7.08 7.96 -12.77
N HIS A 9 7.82 8.26 -13.85
CA HIS A 9 8.00 9.65 -14.25
C HIS A 9 7.52 9.99 -15.65
N SER A 10 7.04 9.03 -16.46
CA SER A 10 6.57 9.36 -17.80
C SER A 10 5.35 8.56 -18.26
N VAL A 11 4.51 8.10 -17.33
CA VAL A 11 3.52 7.08 -17.64
C VAL A 11 2.28 7.24 -16.74
N MET A 12 1.13 6.80 -17.25
CA MET A 12 -0.09 6.69 -16.46
C MET A 12 -0.81 5.36 -16.67
N LEU A 13 -1.63 5.00 -15.69
CA LEU A 13 -2.44 3.79 -15.77
C LEU A 13 -3.41 3.89 -16.93
N ASP A 14 -3.53 2.81 -17.70
CA ASP A 14 -4.52 2.77 -18.77
C ASP A 14 -5.91 2.98 -18.18
N CYS A 15 -6.82 3.49 -19.00
CA CYS A 15 -8.16 3.72 -18.50
C CYS A 15 -8.83 2.37 -18.44
N LYS A 16 -9.76 2.21 -17.49
CA LYS A 16 -10.51 0.96 -17.37
C LYS A 16 -11.03 0.46 -18.72
N LEU A 17 -10.10 0.26 -19.66
CA LEU A 17 -10.27 -0.50 -20.88
C LEU A 17 -9.70 -1.90 -20.70
N TRP A 18 -9.61 -2.38 -19.46
CA TRP A 18 -8.96 -3.64 -19.15
C TRP A 18 -9.51 -4.23 -17.87
N LYS A 19 -9.91 -3.36 -16.92
CA LYS A 19 -10.35 -3.83 -15.61
C LYS A 19 -11.60 -4.69 -15.78
N ASP A 20 -11.52 -5.92 -15.29
CA ASP A 20 -12.61 -6.90 -15.38
C ASP A 20 -13.02 -7.20 -16.82
N ASP A 21 -12.20 -6.82 -17.79
CA ASP A 21 -12.47 -7.24 -19.17
C ASP A 21 -11.97 -8.68 -19.33
N PRO A 22 -12.82 -9.62 -19.72
CA PRO A 22 -12.38 -11.03 -19.79
C PRO A 22 -11.27 -11.29 -20.81
N ILE A 23 -11.07 -10.39 -21.78
CA ILE A 23 -10.03 -10.60 -22.78
C ILE A 23 -8.65 -10.26 -22.24
N TYR A 24 -8.59 -9.65 -21.06
CA TYR A 24 -7.34 -9.20 -20.45
C TYR A 24 -6.88 -10.23 -19.42
N PHE A 25 -5.72 -10.83 -19.66
CA PHE A 25 -5.28 -12.00 -18.89
C PHE A 25 -4.45 -11.62 -17.67
N PHE A 26 -4.87 -10.61 -16.91
CA PHE A 26 -4.29 -10.30 -15.61
C PHE A 26 -5.41 -9.94 -14.65
N LYS A 27 -5.26 -10.35 -13.39
CA LYS A 27 -6.26 -10.02 -12.37
C LYS A 27 -5.82 -8.92 -11.42
N THR A 28 -4.52 -8.81 -11.17
CA THR A 28 -3.97 -7.77 -10.30
C THR A 28 -3.20 -6.70 -11.05
N LEU A 29 -2.29 -7.11 -11.93
CA LEU A 29 -1.39 -6.18 -12.59
C LEU A 29 -2.12 -5.29 -13.58
N PRO A 30 -2.06 -3.97 -13.43
CA PRO A 30 -2.72 -3.08 -14.38
C PRO A 30 -1.76 -2.69 -15.49
N PRO A 31 -2.28 -2.48 -16.70
CA PRO A 31 -1.45 -1.94 -17.77
C PRO A 31 -1.26 -0.44 -17.62
N TYR A 32 -0.15 0.05 -18.16
CA TYR A 32 0.19 1.45 -18.12
C TYR A 32 0.46 1.93 -19.54
N ILE A 33 0.34 3.24 -19.77
CA ILE A 33 0.53 3.82 -21.10
C ILE A 33 1.38 5.07 -20.98
N SER A 34 2.24 5.27 -21.99
CA SER A 34 3.04 6.48 -22.09
C SER A 34 2.16 7.73 -22.11
N LYS A 35 2.61 8.77 -21.41
CA LYS A 35 2.02 10.08 -21.62
C LYS A 35 2.20 10.59 -23.05
N TYR A 36 3.11 9.99 -23.82
CA TYR A 36 3.46 10.40 -25.18
C TYR A 36 3.01 9.38 -26.24
N ALA A 37 1.84 8.78 -26.00
CA ALA A 37 1.30 7.76 -26.90
C ALA A 37 1.10 8.31 -28.31
N GLN A 38 0.83 9.61 -28.43
CA GLN A 38 0.63 10.21 -29.74
C GLN A 38 1.92 10.20 -30.53
N ARG A 39 3.05 10.47 -29.87
CA ARG A 39 4.34 10.32 -30.52
C ARG A 39 4.58 8.88 -30.96
N ALA A 40 4.14 7.92 -30.14
CA ALA A 40 4.30 6.53 -30.55
C ALA A 40 3.55 6.25 -31.85
N ASP A 41 2.28 6.64 -31.92
CA ASP A 41 1.50 6.40 -33.13
C ASP A 41 2.07 7.14 -34.34
N ASP A 42 2.54 8.37 -34.13
CA ASP A 42 3.15 9.13 -35.22
C ASP A 42 4.39 8.41 -35.77
N ALA A 43 5.23 7.89 -34.89
CA ALA A 43 6.41 7.17 -35.35
C ALA A 43 6.04 5.90 -36.09
N SER A 44 4.96 5.25 -35.66
CA SER A 44 4.51 4.04 -36.37
C SER A 44 4.04 4.39 -37.78
N ILE A 45 3.29 5.49 -37.92
CA ILE A 45 2.88 5.95 -39.24
C ILE A 45 4.09 6.25 -40.10
N GLN A 46 5.09 6.93 -39.53
CA GLN A 46 6.31 7.22 -40.27
C GLN A 46 6.97 5.94 -40.80
N ALA A 47 7.11 4.94 -39.93
CA ALA A 47 7.66 3.65 -40.36
C ALA A 47 6.85 3.08 -41.53
N GLN A 48 5.52 3.15 -41.43
CA GLN A 48 4.67 2.60 -42.47
C GLN A 48 4.90 3.30 -43.80
N ILE A 49 5.08 4.62 -43.77
CA ILE A 49 5.36 5.38 -44.98
C ILE A 49 6.76 5.05 -45.50
N ASP A 50 7.71 4.89 -44.59
CA ASP A 50 9.09 4.61 -45.00
C ASP A 50 9.21 3.26 -45.70
N VAL A 51 8.32 2.32 -45.40
CA VAL A 51 8.34 1.03 -46.08
C VAL A 51 7.36 0.98 -47.24
N PHE A 52 6.08 1.27 -46.98
CA PHE A 52 5.05 1.08 -48.00
C PHE A 52 4.78 2.31 -48.85
N GLY A 53 5.12 3.51 -48.36
CA GLY A 53 4.74 4.74 -49.01
C GLY A 53 3.41 5.28 -48.47
N LYS A 54 3.23 6.59 -48.63
CA LYS A 54 2.12 7.27 -47.97
C LYS A 54 0.76 6.80 -48.47
N ASP A 55 0.70 6.20 -49.66
CA ASP A 55 -0.58 5.76 -50.22
C ASP A 55 -0.88 4.30 -49.92
N ASP A 56 -0.04 3.65 -49.10
CA ASP A 56 -0.23 2.25 -48.75
C ASP A 56 0.04 2.04 -47.27
N VAL A 57 -0.34 3.02 -46.44
CA VAL A 57 -0.21 2.88 -45.00
C VAL A 57 -1.20 1.82 -44.53
N GLY A 58 -0.69 0.82 -43.83
CA GLY A 58 -1.50 -0.30 -43.39
C GLY A 58 -1.46 -1.51 -44.30
N ALA A 59 -0.49 -1.58 -45.21
CA ALA A 59 -0.36 -2.77 -46.04
C ALA A 59 -0.11 -4.00 -45.20
N MET A 60 0.59 -3.82 -44.06
CA MET A 60 0.80 -4.86 -43.07
C MET A 60 0.58 -4.18 -41.73
N PRO A 61 -0.26 -4.75 -40.85
CA PRO A 61 -0.47 -4.13 -39.54
C PRO A 61 0.73 -4.35 -38.64
N GLY A 62 1.09 -3.31 -37.91
CA GLY A 62 2.22 -3.37 -37.01
C GLY A 62 1.85 -3.20 -35.56
N ALA A 63 2.20 -2.05 -34.99
CA ALA A 63 2.08 -1.81 -33.55
C ALA A 63 0.79 -1.11 -33.14
N LEU A 64 0.03 -0.55 -34.06
CA LEU A 64 -1.15 0.23 -33.68
C LEU A 64 -2.22 -0.66 -33.05
N GLY A 65 -3.04 -0.06 -32.19
CA GLY A 65 -4.13 -0.76 -31.55
C GLY A 65 -5.14 0.19 -30.92
N PRO A 66 -6.40 -0.24 -30.87
CA PRO A 66 -7.46 0.66 -30.34
C PRO A 66 -7.26 1.04 -28.88
N ARG A 67 -6.54 0.23 -28.11
CA ARG A 67 -6.31 0.50 -26.69
C ARG A 67 -4.85 0.85 -26.42
N GLY A 68 -4.16 1.39 -27.41
CA GLY A 68 -2.80 1.84 -27.22
C GLY A 68 -1.77 1.19 -28.12
N ASN A 69 -0.79 2.01 -28.54
CA ASN A 69 0.32 1.51 -29.34
C ASN A 69 1.14 0.49 -28.56
N PHE A 70 1.64 -0.52 -29.27
CA PHE A 70 2.46 -1.56 -28.65
C PHE A 70 3.55 -0.93 -27.80
N ALA A 71 4.29 0.02 -28.37
CA ALA A 71 5.36 0.68 -27.64
C ALA A 71 4.81 1.58 -26.55
N ALA A 72 3.64 2.18 -26.76
CA ALA A 72 3.12 3.11 -25.77
C ALA A 72 2.71 2.40 -24.48
N VAL A 73 2.30 1.14 -24.57
CA VAL A 73 1.89 0.39 -23.39
C VAL A 73 3.01 -0.51 -22.86
N THR A 74 3.80 -1.14 -23.74
CA THR A 74 4.83 -2.05 -23.25
C THR A 74 6.07 -1.32 -22.74
N PHE A 75 6.37 -0.14 -23.27
CA PHE A 75 7.49 0.64 -22.78
C PHE A 75 6.95 1.96 -22.24
N ALA A 76 5.91 1.85 -21.43
CA ALA A 76 5.15 3.01 -21.01
C ALA A 76 6.00 4.02 -20.25
N GLU A 77 7.04 3.56 -19.56
CA GLU A 77 7.88 4.42 -18.74
C GLU A 77 9.07 5.01 -19.49
N SER A 78 9.03 5.04 -20.82
CA SER A 78 10.17 5.53 -21.59
C SER A 78 10.10 7.03 -21.81
N PHE A 79 11.28 7.64 -22.00
CA PHE A 79 11.37 9.05 -22.31
C PHE A 79 10.75 9.29 -23.70
N PRO A 80 10.18 10.48 -23.94
CA PRO A 80 9.40 10.69 -25.19
C PRO A 80 10.16 10.38 -26.48
N ASP A 81 11.36 10.92 -26.65
CA ASP A 81 12.16 10.60 -27.83
C ASP A 81 12.29 9.09 -27.99
N ARG A 82 12.59 8.39 -26.90
CA ARG A 82 12.81 6.95 -26.97
C ARG A 82 11.51 6.19 -27.21
N VAL A 83 10.37 6.72 -26.76
CA VAL A 83 9.10 6.05 -27.03
C VAL A 83 8.78 6.14 -28.51
N ALA A 84 9.09 7.29 -29.13
CA ALA A 84 8.96 7.39 -30.58
C ALA A 84 9.92 6.43 -31.29
N MET A 85 11.17 6.38 -30.85
CA MET A 85 12.16 5.49 -31.46
C MET A 85 11.71 4.03 -31.39
N LEU A 86 11.20 3.63 -30.22
CA LEU A 86 10.80 2.23 -30.04
C LEU A 86 9.56 1.91 -30.85
N ALA A 87 8.61 2.85 -30.93
CA ALA A 87 7.44 2.63 -31.78
C ALA A 87 7.86 2.44 -33.23
N TYR A 88 8.77 3.29 -33.72
CA TYR A 88 9.24 3.16 -35.10
C TYR A 88 9.89 1.80 -35.34
N LEU A 89 10.87 1.44 -34.49
CA LEU A 89 11.61 0.20 -34.74
C LEU A 89 10.71 -1.02 -34.61
N ASN A 90 9.78 -1.02 -33.66
CA ASN A 90 8.91 -2.19 -33.51
C ASN A 90 7.90 -2.26 -34.64
N GLU A 91 7.47 -1.12 -35.17
CA GLU A 91 6.66 -1.13 -36.38
C GLU A 91 7.43 -1.76 -37.53
N VAL A 92 8.72 -1.47 -37.62
CA VAL A 92 9.50 -2.02 -38.73
C VAL A 92 9.77 -3.51 -38.52
N LEU A 93 9.96 -3.93 -37.25
CA LEU A 93 10.18 -5.33 -36.97
C LEU A 93 8.93 -6.18 -37.12
N SER A 94 7.74 -5.58 -37.01
CA SER A 94 6.51 -6.32 -37.29
C SER A 94 6.43 -6.76 -38.73
N PHE A 95 7.25 -6.20 -39.62
CA PHE A 95 7.26 -6.55 -41.04
C PHE A 95 8.26 -7.66 -41.35
N TYR A 96 8.75 -8.38 -40.33
CA TYR A 96 9.76 -9.40 -40.55
C TYR A 96 9.23 -10.52 -41.42
N GLU A 97 8.01 -10.98 -41.16
CA GLU A 97 7.50 -12.10 -41.93
C GLU A 97 7.19 -11.72 -43.37
N CYS A 98 7.30 -10.44 -43.74
CA CYS A 98 7.21 -10.08 -45.15
C CYS A 98 8.56 -9.78 -45.78
N PHE A 99 9.54 -9.30 -45.01
CA PHE A 99 10.83 -8.95 -45.59
C PHE A 99 11.99 -9.62 -44.86
N GLU A 100 11.80 -10.90 -44.51
CA GLU A 100 12.85 -11.68 -43.86
C GLU A 100 14.18 -11.60 -44.59
N LYS A 101 14.19 -11.85 -45.91
CA LYS A 101 15.45 -11.87 -46.64
C LYS A 101 16.13 -10.51 -46.62
N GLN A 102 15.36 -9.44 -46.84
CA GLN A 102 15.93 -8.09 -46.82
C GLN A 102 16.52 -7.77 -45.47
N MET A 103 15.92 -8.28 -44.39
CA MET A 103 16.47 -7.95 -43.08
C MET A 103 17.70 -8.79 -42.76
N THR A 104 17.71 -10.07 -43.14
CA THR A 104 18.91 -10.88 -42.93
C THR A 104 20.08 -10.30 -43.71
N GLU A 105 19.83 -9.78 -44.90
CA GLU A 105 20.90 -9.17 -45.68
C GLU A 105 21.35 -7.85 -45.07
N MET A 106 20.43 -7.07 -44.50
CA MET A 106 20.78 -5.76 -43.98
C MET A 106 21.42 -5.82 -42.60
N LEU A 107 21.24 -6.91 -41.86
CA LEU A 107 22.00 -7.14 -40.64
C LEU A 107 23.27 -7.95 -40.90
N ASP A 108 23.50 -8.34 -42.15
CA ASP A 108 24.65 -9.16 -42.54
C ASP A 108 24.77 -10.39 -41.64
N ALA A 109 23.65 -11.05 -41.42
CA ALA A 109 23.54 -12.20 -40.53
C ALA A 109 23.02 -13.40 -41.30
N THR A 110 23.61 -14.57 -41.06
CA THR A 110 23.24 -15.79 -41.77
C THR A 110 22.06 -16.45 -41.09
N LEU A 111 21.00 -16.70 -41.84
CA LEU A 111 19.79 -17.33 -41.32
C LEU A 111 19.96 -18.84 -41.40
N TYR A 112 20.17 -19.49 -40.25
CA TYR A 112 20.31 -20.94 -40.20
C TYR A 112 18.98 -21.65 -40.12
N ALA A 113 17.96 -21.02 -39.54
CA ALA A 113 16.62 -21.55 -39.63
C ALA A 113 16.12 -21.45 -41.07
N ASN A 114 15.14 -22.29 -41.40
CA ASN A 114 14.51 -22.17 -42.70
C ASN A 114 13.58 -20.96 -42.70
N PRO A 115 13.48 -20.24 -43.82
CA PRO A 115 12.70 -18.99 -43.83
C PRO A 115 11.23 -19.24 -43.56
N VAL A 116 10.64 -18.37 -42.74
CA VAL A 116 9.23 -18.43 -42.39
C VAL A 116 8.39 -18.29 -43.65
N PRO A 117 7.14 -18.75 -43.65
CA PRO A 117 6.29 -18.58 -44.83
C PRO A 117 6.06 -17.10 -45.15
N LYS A 118 6.12 -16.79 -46.44
CA LYS A 118 6.02 -15.42 -46.94
C LYS A 118 4.72 -15.26 -47.72
N ASP A 119 3.93 -14.27 -47.33
CA ASP A 119 2.72 -13.95 -48.09
C ASP A 119 3.10 -13.43 -49.46
N PRO A 120 2.54 -14.00 -50.55
CA PRO A 120 2.91 -13.51 -51.89
C PRO A 120 2.57 -12.05 -52.13
N LYS A 121 1.52 -11.53 -51.49
CA LYS A 121 1.10 -10.13 -51.66
C LYS A 121 2.13 -9.12 -51.16
N TYR A 122 3.30 -9.60 -50.73
CA TYR A 122 4.36 -8.73 -50.24
C TYR A 122 5.64 -8.87 -51.06
N ASP A 123 5.59 -9.56 -52.20
CA ASP A 123 6.74 -9.62 -53.10
C ASP A 123 6.72 -8.42 -54.05
N ASN A 124 6.77 -7.25 -53.43
CA ASN A 124 6.81 -5.96 -54.11
C ASN A 124 8.23 -5.43 -54.03
N PRO A 125 8.98 -5.39 -55.14
CA PRO A 125 10.39 -5.00 -55.06
C PRO A 125 10.60 -3.59 -54.53
N VAL A 126 9.62 -2.70 -54.71
CA VAL A 126 9.81 -1.35 -54.21
C VAL A 126 9.64 -1.34 -52.69
N TRP A 127 8.79 -2.24 -52.17
CA TRP A 127 8.68 -2.34 -50.73
C TRP A 127 9.89 -3.04 -50.13
N GLN A 128 10.54 -3.92 -50.90
CA GLN A 128 11.73 -4.58 -50.38
C GLN A 128 12.91 -3.62 -50.36
N ALA A 129 13.03 -2.79 -51.39
CA ALA A 129 14.06 -1.76 -51.40
C ALA A 129 13.83 -0.72 -50.29
N ASN A 130 12.57 -0.33 -50.08
CA ASN A 130 12.27 0.62 -49.00
C ASN A 130 12.61 0.01 -47.65
N TYR A 131 12.33 -1.29 -47.47
CA TYR A 131 12.68 -1.95 -46.22
C TYR A 131 14.19 -1.94 -46.01
N LYS A 132 14.96 -2.20 -47.08
CA LYS A 132 16.42 -2.16 -46.95
C LYS A 132 16.90 -0.78 -46.53
N ASN A 133 16.31 0.28 -47.10
CA ASN A 133 16.71 1.63 -46.71
C ASN A 133 16.33 1.92 -45.26
N THR A 134 15.16 1.46 -44.84
CA THR A 134 14.69 1.69 -43.47
C THR A 134 15.57 0.97 -42.46
N MET A 135 15.98 -0.25 -42.81
CA MET A 135 16.83 -1.07 -41.94
C MET A 135 18.26 -0.58 -41.95
N THR A 136 18.63 0.24 -42.92
CA THR A 136 19.90 0.96 -42.80
C THR A 136 19.76 2.19 -41.89
N LYS A 137 18.62 2.88 -41.94
CA LYS A 137 18.53 4.14 -41.23
C LYS A 137 18.33 3.96 -39.73
N TRP A 138 17.34 3.17 -39.32
CA TRP A 138 16.95 3.20 -37.90
C TRP A 138 18.06 2.78 -36.93
N PRO A 139 18.96 1.84 -37.25
CA PRO A 139 20.01 1.51 -36.25
C PRO A 139 20.97 2.66 -35.99
N LYS A 140 21.25 3.53 -36.98
CA LYS A 140 22.16 4.64 -36.71
C LYS A 140 21.51 5.69 -35.82
N ILE A 141 20.22 5.95 -36.03
CA ILE A 141 19.50 6.86 -35.15
C ILE A 141 19.43 6.28 -33.75
N LEU A 142 19.22 4.97 -33.65
CA LEU A 142 19.14 4.34 -32.33
C LEU A 142 20.47 4.43 -31.60
N GLU A 143 21.56 4.04 -32.27
CA GLU A 143 22.87 4.07 -31.64
C GLU A 143 23.40 5.48 -31.42
N ASN A 144 22.77 6.49 -32.02
CA ASN A 144 23.16 7.86 -31.74
C ASN A 144 22.39 8.45 -30.56
N LEU A 145 21.17 7.97 -30.32
CA LEU A 145 20.41 8.40 -29.14
C LEU A 145 21.02 7.86 -27.86
N ASP A 146 21.46 6.60 -27.87
CA ASP A 146 22.12 5.98 -26.72
C ASP A 146 23.26 5.11 -27.23
N PRO A 147 24.51 5.60 -27.14
CA PRO A 147 25.64 4.80 -27.65
C PRO A 147 25.94 3.55 -26.84
N LYS A 148 25.44 3.44 -25.61
CA LYS A 148 25.73 2.26 -24.79
C LYS A 148 24.67 1.17 -24.95
N LEU A 149 23.39 1.54 -24.88
CA LEU A 149 22.32 0.56 -24.91
C LEU A 149 21.78 0.31 -26.32
N GLY A 150 21.96 1.27 -27.24
CA GLY A 150 21.52 1.12 -28.60
C GLY A 150 22.05 -0.12 -29.32
N PRO A 151 23.37 -0.34 -29.33
CA PRO A 151 23.91 -1.54 -29.98
C PRO A 151 23.40 -2.85 -29.39
N LYS A 152 22.99 -2.84 -28.12
CA LYS A 152 22.49 -4.05 -27.48
C LYS A 152 21.32 -4.63 -28.24
N CYS A 153 20.44 -3.76 -28.75
CA CYS A 153 19.24 -4.22 -29.43
C CYS A 153 19.56 -4.89 -30.76
N VAL A 154 20.47 -4.30 -31.55
CA VAL A 154 20.78 -4.88 -32.86
C VAL A 154 21.59 -6.17 -32.71
N LYS A 155 22.50 -6.24 -31.74
CA LYS A 155 23.19 -7.52 -31.58
C LYS A 155 22.24 -8.60 -31.07
N SER A 156 21.28 -8.24 -30.22
CA SER A 156 20.29 -9.25 -29.83
C SER A 156 19.42 -9.66 -31.01
N LEU A 157 19.18 -8.74 -31.94
CA LEU A 157 18.40 -9.07 -33.14
C LEU A 157 19.18 -10.02 -34.03
N VAL A 158 20.49 -9.79 -34.16
CA VAL A 158 21.34 -10.69 -34.94
C VAL A 158 21.42 -12.06 -34.28
N ALA A 159 21.54 -12.09 -32.95
CA ALA A 159 21.61 -13.37 -32.25
C ALA A 159 20.31 -14.15 -32.38
N LEU A 160 19.19 -13.44 -32.53
CA LEU A 160 17.92 -14.14 -32.73
C LEU A 160 17.81 -14.69 -34.15
N VAL A 161 18.28 -13.93 -35.14
CA VAL A 161 18.17 -14.36 -36.53
C VAL A 161 19.02 -15.59 -36.80
N GLU A 162 20.16 -15.72 -36.13
CA GLU A 162 21.00 -16.91 -36.25
C GLU A 162 20.70 -17.93 -35.15
N GLY A 163 19.50 -17.90 -34.58
CA GLY A 163 19.16 -18.76 -33.47
C GLY A 163 18.58 -20.08 -33.91
N THR A 164 18.09 -20.84 -32.93
CA THR A 164 17.55 -22.16 -33.22
C THR A 164 16.30 -22.04 -34.09
N ASP A 165 16.09 -23.07 -34.91
CA ASP A 165 14.86 -23.19 -35.67
C ASP A 165 13.87 -24.01 -34.85
N MET A 166 12.64 -23.49 -34.71
CA MET A 166 11.66 -24.15 -33.88
C MET A 166 10.76 -25.10 -34.65
N GLU A 167 10.64 -24.93 -35.96
CA GLU A 167 9.70 -25.74 -36.74
C GLU A 167 9.99 -27.23 -36.63
N PRO A 168 11.22 -27.71 -36.85
CA PRO A 168 11.45 -29.16 -36.66
C PRO A 168 11.29 -29.61 -35.22
N LYS A 169 11.34 -28.70 -34.25
CA LYS A 169 11.24 -29.06 -32.85
C LYS A 169 9.80 -29.24 -32.38
N MET A 170 8.83 -28.67 -33.11
CA MET A 170 7.45 -28.64 -32.61
C MET A 170 6.90 -30.03 -32.35
N ALA A 171 7.26 -30.99 -33.19
CA ALA A 171 6.74 -32.35 -33.04
C ALA A 171 7.45 -33.13 -31.93
N HIS A 172 8.47 -32.55 -31.30
CA HIS A 172 9.29 -33.28 -30.34
C HIS A 172 9.35 -32.65 -28.95
N TYR A 173 8.85 -31.43 -28.76
CA TYR A 173 8.77 -30.87 -27.43
C TYR A 173 7.99 -31.82 -26.52
N LYS A 174 8.53 -32.09 -25.35
CA LYS A 174 7.85 -32.98 -24.41
C LYS A 174 7.22 -32.22 -23.26
N THR A 175 7.52 -30.93 -23.12
CA THR A 175 6.88 -30.09 -22.12
C THR A 175 6.63 -28.69 -22.66
N MET A 176 5.52 -28.11 -22.19
CA MET A 176 5.18 -26.75 -22.55
C MET A 176 6.26 -25.78 -22.11
N LYS A 177 6.97 -26.12 -21.04
CA LYS A 177 8.02 -25.22 -20.52
C LYS A 177 9.14 -25.06 -21.54
N GLU A 178 9.61 -26.17 -22.10
CA GLU A 178 10.62 -26.11 -23.16
C GLU A 178 10.07 -25.36 -24.37
N TYR A 179 8.83 -25.64 -24.75
CA TYR A 179 8.23 -24.89 -25.86
C TYR A 179 8.31 -23.38 -25.61
N ALA A 180 7.89 -22.95 -24.42
CA ALA A 180 7.86 -21.52 -24.11
C ALA A 180 9.25 -20.91 -24.10
N LEU A 181 10.23 -21.66 -23.57
CA LEU A 181 11.59 -21.14 -23.53
C LEU A 181 12.15 -20.94 -24.91
N ASP A 182 11.67 -21.70 -25.90
CA ASP A 182 12.07 -21.36 -27.27
C ASP A 182 11.20 -20.25 -27.86
N ARG A 183 9.91 -20.22 -27.53
CA ARG A 183 8.98 -19.26 -28.13
C ARG A 183 9.29 -17.82 -27.73
N THR A 184 9.78 -17.58 -26.50
CA THR A 184 10.22 -16.23 -26.13
C THR A 184 11.16 -15.65 -27.18
N ASN A 185 12.13 -16.45 -27.62
CA ASN A 185 13.07 -15.99 -28.64
C ASN A 185 12.38 -15.77 -29.97
N TYR A 186 11.42 -16.64 -30.30
CA TYR A 186 10.73 -16.53 -31.58
C TYR A 186 10.01 -15.19 -31.69
N ILE A 187 9.40 -14.72 -30.61
CA ILE A 187 8.70 -13.44 -30.64
C ILE A 187 9.64 -12.32 -30.19
N ALA A 188 10.94 -12.64 -30.09
CA ALA A 188 11.99 -11.63 -29.93
C ALA A 188 11.88 -10.88 -28.60
N TRP A 189 11.65 -11.63 -27.53
CA TRP A 189 11.57 -10.97 -26.23
C TRP A 189 12.93 -10.51 -25.70
N PRO A 190 14.05 -11.11 -26.11
CA PRO A 190 15.33 -10.43 -25.83
C PRO A 190 15.38 -9.01 -26.35
N VAL A 191 14.86 -8.78 -27.56
CA VAL A 191 14.80 -7.42 -28.09
C VAL A 191 13.79 -6.59 -27.31
N ALA A 192 12.67 -7.19 -26.91
CA ALA A 192 11.70 -6.43 -26.12
C ALA A 192 12.30 -5.95 -24.80
N CYS A 193 13.14 -6.78 -24.17
CA CYS A 193 13.72 -6.40 -22.89
C CYS A 193 14.88 -5.43 -23.06
N ASP A 194 15.64 -5.55 -24.16
CA ASP A 194 16.61 -4.51 -24.50
C ASP A 194 15.92 -3.19 -24.73
N ASN A 195 14.79 -3.20 -25.44
CA ASN A 195 14.02 -1.99 -25.68
C ASN A 195 13.54 -1.37 -24.38
N ALA A 196 13.05 -2.21 -23.46
CA ALA A 196 12.58 -1.70 -22.18
C ALA A 196 13.72 -1.03 -21.42
N GLU A 197 14.89 -1.67 -21.39
CA GLU A 197 16.04 -1.07 -20.72
C GLU A 197 16.44 0.25 -21.39
N PHE A 198 16.40 0.30 -22.71
CA PHE A 198 16.78 1.49 -23.44
C PHE A 198 15.81 2.64 -23.19
N GLY A 199 14.50 2.36 -23.22
CA GLY A 199 13.51 3.41 -23.16
C GLY A 199 13.53 4.18 -21.85
N SER A 200 13.71 3.47 -20.74
CA SER A 200 13.77 4.10 -19.43
C SER A 200 15.19 4.54 -19.08
N GLN A 201 16.13 4.41 -20.01
CA GLN A 201 17.52 4.82 -19.82
C GLN A 201 18.05 4.29 -18.48
N LEU A 202 17.89 2.98 -18.29
CA LEU A 202 18.29 2.35 -17.04
C LEU A 202 19.77 1.98 -17.10
N ASN A 203 20.46 2.19 -15.99
CA ASN A 203 21.86 1.82 -15.86
C ASN A 203 21.93 0.58 -14.97
N LEU A 204 21.98 -0.58 -15.61
CA LEU A 204 21.95 -1.85 -14.93
C LEU A 204 23.14 -2.69 -15.36
N THR A 205 23.79 -3.31 -14.38
CA THR A 205 24.85 -4.25 -14.71
C THR A 205 24.27 -5.61 -15.11
N GLN A 206 25.11 -6.37 -15.81
CA GLN A 206 24.73 -7.71 -16.21
C GLN A 206 24.40 -8.56 -14.99
N ASP A 207 25.14 -8.35 -13.89
CA ASP A 207 24.86 -9.08 -12.66
C ASP A 207 23.47 -8.80 -12.12
N GLN A 208 23.04 -7.53 -12.15
CA GLN A 208 21.70 -7.22 -11.66
C GLN A 208 20.62 -7.88 -12.51
N LEU A 209 20.77 -7.77 -13.82
CA LEU A 209 19.79 -8.40 -14.70
C LEU A 209 19.74 -9.90 -14.43
N ASP A 210 20.93 -10.52 -14.32
CA ASP A 210 21.00 -11.96 -14.03
C ASP A 210 20.36 -12.27 -12.68
N SER A 211 20.51 -11.36 -11.72
CA SER A 211 19.96 -11.57 -10.39
C SER A 211 18.44 -11.66 -10.41
N VAL A 212 17.78 -11.08 -11.40
CA VAL A 212 16.32 -11.11 -11.38
C VAL A 212 15.71 -11.83 -12.59
N ARG A 213 16.55 -12.51 -13.40
CA ARG A 213 16.04 -13.20 -14.57
C ARG A 213 15.02 -14.26 -14.19
N ASP A 214 15.22 -14.93 -13.04
CA ASP A 214 14.31 -15.99 -12.60
C ASP A 214 13.02 -15.43 -12.03
N ILE A 215 13.05 -14.22 -11.47
CA ILE A 215 11.80 -13.58 -11.05
C ILE A 215 10.94 -13.31 -12.28
N PHE A 216 11.56 -12.86 -13.35
CA PHE A 216 10.72 -12.41 -14.47
C PHE A 216 10.34 -13.51 -15.45
N LEU A 217 10.97 -14.68 -15.40
CA LEU A 217 10.61 -15.78 -16.31
C LEU A 217 9.10 -16.06 -16.43
N PRO A 218 8.30 -16.12 -15.34
CA PRO A 218 6.86 -16.38 -15.53
C PRO A 218 6.15 -15.34 -16.38
N LEU A 219 6.57 -14.08 -16.32
CA LEU A 219 5.92 -13.06 -17.13
C LEU A 219 6.23 -13.22 -18.62
N TRP A 220 7.47 -13.56 -18.96
CA TRP A 220 7.80 -13.85 -20.35
C TRP A 220 7.02 -15.05 -20.87
N THR A 221 6.90 -16.09 -20.04
CA THR A 221 6.08 -17.24 -20.42
C THR A 221 4.62 -16.83 -20.63
N HIS A 222 4.11 -15.98 -19.74
CA HIS A 222 2.78 -15.38 -19.90
C HIS A 222 2.63 -14.73 -21.27
N SER A 223 3.64 -13.95 -21.68
CA SER A 223 3.52 -13.19 -22.92
C SER A 223 3.54 -14.11 -24.14
N CYS A 224 4.30 -15.22 -24.08
CA CYS A 224 4.24 -16.15 -25.19
C CYS A 224 2.86 -16.82 -25.27
N TYR A 225 2.30 -17.16 -24.13
CA TYR A 225 1.00 -17.84 -24.16
C TYR A 225 -0.10 -16.91 -24.62
N VAL A 226 -0.06 -15.64 -24.21
CA VAL A 226 -1.11 -14.70 -24.61
C VAL A 226 -0.97 -14.35 -26.09
N TYR A 227 0.26 -14.24 -26.60
CA TYR A 227 0.46 -14.07 -28.03
C TYR A 227 -0.09 -15.26 -28.80
N ASP A 228 0.20 -16.48 -28.32
CA ASP A 228 -0.30 -17.67 -29.00
C ASP A 228 -1.82 -17.68 -29.05
N TYR A 229 -2.44 -17.42 -27.88
CA TYR A 229 -3.90 -17.34 -27.79
C TYR A 229 -4.47 -16.43 -28.86
N TYR A 230 -3.98 -15.19 -28.93
CA TYR A 230 -4.63 -14.22 -29.80
C TYR A 230 -4.11 -14.20 -31.24
N HIS A 231 -2.98 -14.84 -31.53
CA HIS A 231 -2.44 -14.90 -32.88
C HIS A 231 -2.74 -16.21 -33.58
N TYR A 232 -3.32 -17.18 -32.87
CA TYR A 232 -3.57 -18.48 -33.46
C TYR A 232 -4.43 -18.38 -34.71
N ASP A 233 -5.43 -17.50 -34.72
CA ASP A 233 -6.36 -17.49 -35.84
C ASP A 233 -5.65 -17.05 -37.12
N LYS A 234 -4.82 -16.01 -37.04
CA LYS A 234 -4.05 -15.61 -38.22
C LYS A 234 -3.01 -16.66 -38.57
N GLU A 235 -2.43 -17.34 -37.58
CA GLU A 235 -1.45 -18.37 -37.89
C GLU A 235 -2.12 -19.57 -38.56
N ALA A 236 -3.38 -19.85 -38.20
CA ALA A 236 -4.11 -20.96 -38.79
C ALA A 236 -4.56 -20.63 -40.20
N GLU A 237 -4.86 -19.36 -40.47
CA GLU A 237 -5.21 -19.00 -41.84
C GLU A 237 -3.97 -18.94 -42.73
N ILE A 238 -2.81 -18.56 -42.15
CA ILE A 238 -1.57 -18.60 -42.91
C ILE A 238 -1.18 -20.04 -43.24
N HIS A 239 -1.34 -20.95 -42.28
CA HIS A 239 -0.91 -22.32 -42.51
C HIS A 239 -1.93 -23.10 -43.32
N SER A 240 -3.18 -22.65 -43.37
CA SER A 240 -4.15 -23.28 -44.25
C SER A 240 -4.06 -22.80 -45.70
N THR A 241 -3.36 -21.69 -45.98
CA THR A 241 -3.26 -21.23 -47.37
C THR A 241 -1.87 -21.40 -47.95
N TYR A 242 -0.85 -20.69 -47.46
CA TYR A 242 0.47 -20.82 -48.06
C TYR A 242 1.33 -21.74 -47.22
N GLY A 243 1.28 -23.02 -47.58
CA GLY A 243 2.16 -24.07 -47.08
C GLY A 243 1.93 -24.72 -45.73
N LYS A 244 1.64 -26.01 -45.74
CA LYS A 244 1.67 -26.80 -44.52
C LYS A 244 2.98 -27.55 -44.39
N GLY A 245 3.90 -27.38 -45.34
CA GLY A 245 5.15 -28.08 -45.24
C GLY A 245 5.93 -27.51 -44.08
N ARG A 246 5.32 -26.50 -43.47
CA ARG A 246 5.80 -25.86 -42.25
C ARG A 246 4.83 -26.18 -41.12
N SER A 247 5.39 -26.60 -39.99
CA SER A 247 4.60 -26.83 -38.79
C SER A 247 4.29 -25.49 -38.14
N MET A 248 3.03 -25.32 -37.71
CA MET A 248 2.66 -24.09 -37.04
C MET A 248 3.38 -23.97 -35.71
N ILE A 249 3.93 -22.79 -35.45
CA ILE A 249 4.70 -22.52 -34.22
C ILE A 249 3.72 -21.87 -33.27
N ASN A 250 3.08 -22.69 -32.45
CA ASN A 250 2.05 -22.17 -31.54
C ASN A 250 1.81 -23.23 -30.48
N SER A 251 1.50 -22.76 -29.27
CA SER A 251 1.28 -23.68 -28.17
C SER A 251 0.03 -24.53 -28.38
N ILE A 252 -0.89 -24.10 -29.23
CA ILE A 252 -2.21 -24.74 -29.34
C ILE A 252 -2.11 -26.10 -30.04
N PRO A 253 -1.46 -26.22 -31.20
CA PRO A 253 -1.25 -27.58 -31.75
C PRO A 253 -0.47 -28.47 -30.80
N LEU A 254 0.53 -27.91 -30.12
CA LEU A 254 1.30 -28.68 -29.17
C LEU A 254 0.43 -29.17 -28.02
N LEU A 255 -0.51 -28.34 -27.56
CA LEU A 255 -1.42 -28.73 -26.50
C LEU A 255 -2.36 -29.83 -26.98
N ASN A 256 -2.78 -29.75 -28.25
CA ASN A 256 -3.53 -30.87 -28.83
C ASN A 256 -2.71 -32.17 -28.76
N ARG A 257 -1.45 -32.10 -29.20
CA ARG A 257 -0.63 -33.30 -29.27
C ARG A 257 -0.33 -33.88 -27.88
N LEU A 258 -0.01 -33.02 -26.92
CA LEU A 258 0.46 -33.48 -25.61
C LEU A 258 -0.66 -33.80 -24.64
N LYS A 259 -1.81 -33.12 -24.75
CA LYS A 259 -2.88 -33.26 -23.78
C LYS A 259 -4.22 -33.57 -24.40
N GLY A 260 -4.28 -33.80 -25.72
CA GLY A 260 -5.52 -34.15 -26.36
C GLY A 260 -6.57 -33.07 -26.36
N LEU A 261 -6.16 -31.81 -26.39
CA LEU A 261 -7.07 -30.69 -26.28
C LEU A 261 -7.50 -30.18 -27.65
N SER A 262 -8.80 -29.89 -27.80
CA SER A 262 -9.30 -29.15 -28.96
C SER A 262 -8.74 -27.73 -28.94
N VAL A 263 -9.03 -26.94 -29.97
CA VAL A 263 -8.49 -25.58 -30.02
C VAL A 263 -9.11 -24.71 -28.93
N GLU A 264 -10.42 -24.86 -28.70
CA GLU A 264 -11.09 -24.13 -27.64
C GLU A 264 -10.54 -24.51 -26.27
N GLU A 265 -10.36 -25.82 -26.02
CA GLU A 265 -9.83 -26.26 -24.75
C GLU A 265 -8.39 -25.78 -24.56
N ALA A 266 -7.61 -25.74 -25.65
CA ALA A 266 -6.25 -25.25 -25.56
C ALA A 266 -6.22 -23.76 -25.24
N LYS A 267 -7.14 -23.00 -25.82
CA LYS A 267 -7.23 -21.57 -25.49
C LYS A 267 -7.60 -21.37 -24.03
N ALA A 268 -8.54 -22.18 -23.52
CA ALA A 268 -8.88 -22.10 -22.11
C ALA A 268 -7.68 -22.44 -21.23
N TRP A 269 -6.91 -23.46 -21.64
CA TRP A 269 -5.68 -23.82 -20.93
C TRP A 269 -4.73 -22.63 -20.87
N LEU A 270 -4.51 -21.98 -22.01
CA LEU A 270 -3.59 -20.85 -22.06
C LEU A 270 -4.06 -19.71 -21.14
N LYS A 271 -5.36 -19.41 -21.17
CA LYS A 271 -5.88 -18.31 -20.38
C LYS A 271 -5.68 -18.57 -18.88
N GLN A 272 -6.09 -19.75 -18.43
CA GLN A 272 -5.91 -20.08 -17.01
C GLN A 272 -4.43 -20.15 -16.64
N ARG A 273 -3.58 -20.63 -17.58
CA ARG A 273 -2.15 -20.72 -17.30
C ARG A 273 -1.54 -19.35 -17.10
N CYS A 274 -2.04 -18.34 -17.82
CA CYS A 274 -1.48 -17.00 -17.66
C CYS A 274 -1.98 -16.36 -16.37
N PHE A 275 -3.17 -16.70 -15.92
CA PHE A 275 -3.58 -16.26 -14.57
C PHE A 275 -2.66 -16.88 -13.51
N GLU A 276 -2.42 -18.19 -13.62
CA GLU A 276 -1.48 -18.86 -12.72
C GLU A 276 -0.08 -18.22 -12.81
N LEU A 277 0.34 -17.82 -14.00
CA LEU A 277 1.68 -17.27 -14.18
C LEU A 277 1.81 -15.88 -13.57
N GLU A 278 0.74 -15.08 -13.63
CA GLU A 278 0.71 -13.84 -12.87
C GLU A 278 0.88 -14.13 -11.38
N LYS A 279 0.14 -15.11 -10.87
CA LYS A 279 0.26 -15.43 -9.44
C LYS A 279 1.68 -15.89 -9.10
N GLU A 280 2.31 -16.67 -9.98
CA GLU A 280 3.65 -17.18 -9.71
C GLU A 280 4.69 -16.07 -9.75
N TYR A 281 4.61 -15.17 -10.73
CA TYR A 281 5.49 -14.01 -10.73
C TYR A 281 5.32 -13.20 -9.46
N LEU A 282 4.07 -13.01 -9.01
CA LEU A 282 3.85 -12.22 -7.81
C LEU A 282 4.49 -12.89 -6.58
N GLN A 283 4.37 -14.22 -6.49
CA GLN A 283 5.05 -14.93 -5.40
C GLN A 283 6.55 -14.74 -5.46
N ARG A 284 7.15 -14.92 -6.64
CA ARG A 284 8.60 -14.79 -6.77
C ARG A 284 9.04 -13.37 -6.44
N LYS A 285 8.26 -12.37 -6.85
CA LYS A 285 8.61 -10.98 -6.56
C LYS A 285 8.58 -10.69 -5.07
N GLU A 286 7.59 -11.23 -4.34
CA GLU A 286 7.52 -10.99 -2.89
C GLU A 286 8.64 -11.72 -2.17
N ASP A 287 9.04 -12.88 -2.67
CA ASP A 287 10.18 -13.54 -2.07
C ASP A 287 11.45 -12.71 -2.31
N TYR A 288 11.65 -12.20 -3.52
CA TYR A 288 12.82 -11.36 -3.79
C TYR A 288 12.83 -10.13 -2.89
N PHE A 289 11.70 -9.42 -2.81
CA PHE A 289 11.68 -8.18 -2.04
C PHE A 289 11.64 -8.40 -0.53
N SER A 290 11.40 -9.62 -0.05
CA SER A 290 11.61 -9.84 1.37
C SER A 290 13.07 -10.13 1.68
N GLU A 291 13.77 -10.85 0.80
CA GLU A 291 15.21 -11.06 1.00
C GLU A 291 15.97 -9.76 0.80
N ASN A 292 15.54 -8.95 -0.16
CA ASN A 292 16.16 -7.68 -0.48
C ASN A 292 15.06 -6.63 -0.39
N PRO A 293 14.88 -6.00 0.77
CA PRO A 293 13.74 -5.09 0.95
C PRO A 293 13.78 -3.94 -0.03
N VAL A 294 12.59 -3.47 -0.40
CA VAL A 294 12.46 -2.54 -1.53
C VAL A 294 13.19 -1.23 -1.26
N GLU A 295 13.23 -0.79 0.01
CA GLU A 295 13.87 0.49 0.32
C GLU A 295 15.37 0.46 0.15
N ALA A 296 15.98 -0.71 0.09
CA ALA A 296 17.42 -0.85 -0.07
C ALA A 296 17.80 -1.44 -1.43
N VAL A 297 16.83 -1.63 -2.32
CA VAL A 297 17.09 -2.10 -3.67
C VAL A 297 17.40 -0.89 -4.55
N PRO A 298 18.44 -0.95 -5.38
CA PRO A 298 18.75 0.17 -6.27
C PRO A 298 17.55 0.63 -7.09
N VAL A 299 17.48 1.95 -7.27
CA VAL A 299 16.35 2.59 -7.94
C VAL A 299 16.16 2.00 -9.32
N ASP A 300 17.24 1.80 -10.07
CA ASP A 300 17.10 1.30 -11.43
C ASP A 300 16.60 -0.14 -11.44
N LEU A 301 16.89 -0.93 -10.40
CA LEU A 301 16.30 -2.27 -10.32
C LEU A 301 14.80 -2.20 -10.06
N ARG A 302 14.37 -1.27 -9.20
CA ARG A 302 12.92 -1.10 -9.02
C ARG A 302 12.26 -0.64 -10.32
N ARG A 303 12.90 0.27 -11.04
CA ARG A 303 12.40 0.67 -12.35
C ARG A 303 12.34 -0.51 -13.32
N TRP A 304 13.30 -1.43 -13.21
CA TRP A 304 13.30 -2.61 -14.05
C TRP A 304 12.09 -3.49 -13.76
N PHE A 305 11.73 -3.62 -12.48
CA PHE A 305 10.49 -4.31 -12.13
C PHE A 305 9.29 -3.64 -12.78
N LEU A 306 9.25 -2.30 -12.70
CA LEU A 306 8.17 -1.56 -13.34
C LEU A 306 8.14 -1.82 -14.85
N SER A 307 9.31 -1.83 -15.48
CA SER A 307 9.41 -2.07 -16.92
C SER A 307 8.89 -3.45 -17.29
N GLN A 308 9.24 -4.46 -16.49
CA GLN A 308 8.79 -5.82 -16.80
C GLN A 308 7.28 -5.96 -16.65
N GLU A 309 6.72 -5.38 -15.59
CA GLU A 309 5.28 -5.40 -15.43
C GLU A 309 4.59 -4.65 -16.57
N ASP A 310 5.18 -3.55 -17.01
CA ASP A 310 4.65 -2.83 -18.18
C ASP A 310 4.68 -3.71 -19.42
N LEU A 311 5.82 -4.35 -19.68
CA LEU A 311 5.94 -5.24 -20.82
C LEU A 311 4.85 -6.30 -20.82
N ALA A 312 4.68 -6.98 -19.68
CA ALA A 312 3.70 -8.07 -19.62
C ALA A 312 2.28 -7.57 -19.78
N THR A 313 1.89 -6.57 -18.98
CA THR A 313 0.49 -6.11 -19.02
C THR A 313 0.16 -5.43 -20.34
N GLY A 314 1.07 -4.59 -20.85
CA GLY A 314 0.84 -3.95 -22.13
C GLY A 314 0.75 -4.93 -23.27
N PHE A 315 1.63 -5.95 -23.28
CA PHE A 315 1.53 -6.96 -24.33
C PHE A 315 0.21 -7.71 -24.23
N ALA A 316 -0.23 -8.02 -23.00
CA ALA A 316 -1.49 -8.72 -22.85
C ALA A 316 -2.66 -7.92 -23.40
N ILE A 317 -2.75 -6.64 -23.03
CA ILE A 317 -3.88 -5.84 -23.50
C ILE A 317 -3.75 -5.54 -24.98
N TRP A 318 -2.51 -5.49 -25.50
CA TRP A 318 -2.30 -5.22 -26.92
C TRP A 318 -2.69 -6.43 -27.75
N CYS A 319 -2.31 -7.63 -27.31
CA CYS A 319 -2.58 -8.83 -28.09
C CYS A 319 -4.07 -9.09 -28.23
N ALA A 320 -4.86 -8.69 -27.23
CA ALA A 320 -6.31 -8.92 -27.26
C ALA A 320 -7.06 -7.94 -28.14
N THR A 321 -6.42 -6.86 -28.60
CA THR A 321 -7.12 -5.79 -29.31
C THR A 321 -6.43 -5.30 -30.57
N THR A 322 -5.14 -5.55 -30.76
CA THR A 322 -4.38 -4.90 -31.82
C THR A 322 -4.83 -5.36 -33.20
N TYR A 323 -4.65 -4.45 -34.18
CA TYR A 323 -4.90 -4.78 -35.57
C TYR A 323 -3.94 -5.84 -36.10
N HIS A 324 -2.85 -6.12 -35.39
CA HIS A 324 -1.93 -7.17 -35.78
C HIS A 324 -2.54 -8.56 -35.69
N ASN A 325 -3.56 -8.76 -34.84
CA ASN A 325 -4.19 -10.06 -34.66
C ASN A 325 -5.69 -10.07 -34.88
N HIS A 326 -6.33 -8.94 -35.13
CA HIS A 326 -7.78 -8.89 -35.15
C HIS A 326 -8.25 -8.04 -36.31
N PRO A 327 -9.43 -8.33 -36.87
CA PRO A 327 -9.99 -7.45 -37.89
C PRO A 327 -10.15 -6.06 -37.35
N PRO A 328 -10.01 -5.03 -38.21
CA PRO A 328 -9.84 -5.08 -39.66
C PRO A 328 -8.38 -5.09 -40.14
N PHE A 329 -7.50 -5.66 -39.32
CA PHE A 329 -6.07 -5.87 -39.64
C PHE A 329 -5.51 -4.56 -40.19
N GLY A 330 -4.79 -4.59 -41.31
CA GLY A 330 -4.13 -3.39 -41.80
C GLY A 330 -5.08 -2.24 -42.07
N GLU A 331 -6.31 -2.53 -42.49
CA GLU A 331 -7.23 -1.45 -42.80
C GLU A 331 -7.55 -0.61 -41.57
N GLY A 332 -7.41 -1.18 -40.37
CA GLY A 332 -7.56 -0.41 -39.14
C GLY A 332 -6.59 0.75 -39.00
N TYR A 333 -5.62 0.86 -39.91
CA TYR A 333 -4.71 2.00 -39.90
C TYR A 333 -5.29 3.24 -40.58
N ALA A 334 -6.32 3.08 -41.42
CA ALA A 334 -6.72 4.17 -42.29
C ALA A 334 -7.36 5.33 -41.52
N ALA A 335 -8.22 5.01 -40.54
CA ALA A 335 -8.93 6.07 -39.84
C ALA A 335 -8.01 6.91 -38.95
N PRO A 336 -7.15 6.33 -38.09
CA PRO A 336 -6.22 7.18 -37.34
C PRO A 336 -5.31 7.98 -38.25
N TYR A 337 -4.79 7.34 -39.29
CA TYR A 337 -3.93 8.02 -40.24
C TYR A 337 -4.59 9.29 -40.76
N GLU A 338 -5.81 9.16 -41.28
CA GLU A 338 -6.48 10.34 -41.82
C GLU A 338 -6.75 11.36 -40.74
N LYS A 339 -7.05 10.91 -39.52
CA LYS A 339 -7.27 11.89 -38.47
C LYS A 339 -5.99 12.60 -38.08
N ARG A 340 -4.83 11.96 -38.21
CA ARG A 340 -3.62 12.74 -37.96
C ARG A 340 -3.26 13.57 -39.18
N ARG A 341 -3.76 13.20 -40.37
CA ARG A 341 -3.50 14.01 -41.55
C ARG A 341 -4.31 15.31 -41.50
N LYS A 342 -5.55 15.22 -41.03
CA LYS A 342 -6.41 16.40 -40.92
C LYS A 342 -5.96 17.33 -39.79
N GLU A 343 -5.29 16.81 -38.77
CA GLU A 343 -4.74 17.64 -37.72
C GLU A 343 -3.44 18.31 -38.12
N GLY A 344 -2.98 18.10 -39.36
CA GLY A 344 -1.84 18.80 -39.90
C GLY A 344 -0.49 18.23 -39.55
N ALA A 345 -0.41 16.95 -39.19
CA ALA A 345 0.87 16.31 -38.94
C ALA A 345 1.57 16.02 -40.26
N LEU A 346 2.87 16.33 -40.32
CA LEU A 346 3.65 16.17 -41.54
C LEU A 346 4.61 15.00 -41.40
N TRP A 347 4.64 14.15 -42.43
CA TRP A 347 5.53 12.99 -42.48
C TRP A 347 6.43 13.08 -43.70
N PHE A 348 7.61 12.46 -43.59
CA PHE A 348 8.49 12.27 -44.73
C PHE A 348 7.90 11.26 -45.70
N GLU A 349 7.97 11.57 -46.99
CA GLU A 349 7.46 10.65 -48.00
C GLU A 349 8.45 9.52 -48.30
N LYS A 350 9.74 9.77 -48.19
CA LYS A 350 10.76 8.73 -48.36
C LYS A 350 11.68 8.72 -47.15
N VAL A 351 12.16 7.52 -46.79
CA VAL A 351 13.04 7.38 -45.64
C VAL A 351 14.41 7.99 -45.90
N THR A 352 14.79 8.20 -47.16
CA THR A 352 16.06 8.83 -47.48
C THR A 352 16.00 10.35 -47.44
N GLU A 353 14.79 10.93 -47.42
CA GLU A 353 14.61 12.37 -47.42
C GLU A 353 15.38 13.07 -46.29
N SER A 354 15.52 12.44 -45.14
CA SER A 354 16.06 13.11 -43.97
C SER A 354 16.96 12.17 -43.18
N ASP A 355 17.87 12.77 -42.40
CA ASP A 355 18.69 12.03 -41.45
C ASP A 355 17.94 11.71 -40.17
N GLN A 356 16.83 12.36 -39.92
CA GLN A 356 16.05 12.17 -38.70
C GLN A 356 14.95 11.15 -38.92
N LEU A 357 14.44 10.63 -37.79
CA LEU A 357 13.34 9.68 -37.85
C LEU A 357 12.08 10.35 -38.38
N MET A 358 11.75 11.52 -37.85
CA MET A 358 10.47 12.16 -38.15
C MET A 358 10.70 13.64 -38.42
N THR A 359 9.68 14.26 -39.03
CA THR A 359 9.77 15.67 -39.41
C THR A 359 10.20 16.57 -38.25
N GLY A 360 9.75 16.27 -37.03
CA GLY A 360 10.14 17.07 -35.90
C GLY A 360 11.28 16.44 -35.12
N GLY A 361 12.02 15.53 -35.77
CA GLY A 361 13.06 14.79 -35.08
C GLY A 361 12.59 13.47 -34.54
N PHE A 362 11.81 13.53 -33.46
CA PHE A 362 11.21 12.40 -32.76
C PHE A 362 9.80 12.73 -32.34
N GLU A 363 9.13 13.61 -33.09
CA GLU A 363 7.83 14.14 -32.65
C GLU A 363 6.78 14.27 -33.75
N VAL A 364 7.16 14.86 -34.89
CA VAL A 364 6.37 15.34 -36.05
C VAL A 364 6.22 16.85 -35.93
N ARG A 365 6.11 17.52 -37.08
CA ARG A 365 6.00 18.97 -37.19
C ARG A 365 4.62 19.34 -37.71
N TYR A 366 4.24 20.61 -37.47
CA TYR A 366 2.96 21.22 -37.84
C TYR A 366 1.79 20.64 -37.07
N ALA A 367 2.06 19.85 -36.03
CA ALA A 367 1.05 19.35 -35.10
C ALA A 367 1.74 18.78 -33.86
N ASN A 368 1.11 17.84 -33.18
CA ASN A 368 1.71 17.31 -31.95
C ASN A 368 2.08 15.84 -32.07
N ARG B 7 10.82 8.76 9.78
CA ARG B 7 12.05 8.20 10.33
C ARG B 7 13.11 8.06 9.25
N ARG B 8 14.37 8.17 9.67
CA ARG B 8 15.50 8.22 8.74
C ARG B 8 15.67 6.89 7.99
N HIS B 9 15.79 6.96 6.65
CA HIS B 9 15.99 5.74 5.88
C HIS B 9 17.27 5.73 5.05
N SER B 10 18.06 6.82 5.02
CA SER B 10 19.29 6.80 4.23
C SER B 10 20.47 7.52 4.90
N VAL B 11 20.50 7.59 6.23
CA VAL B 11 21.41 8.50 6.91
C VAL B 11 21.82 7.95 8.27
N MET B 12 23.02 8.33 8.71
CA MET B 12 23.53 8.03 10.04
C MET B 12 24.08 9.29 10.71
N LEU B 13 24.06 9.30 12.04
CA LEU B 13 24.60 10.42 12.81
C LEU B 13 26.11 10.50 12.62
N ASP B 14 26.61 11.73 12.44
CA ASP B 14 28.04 11.98 12.36
C ASP B 14 28.72 11.49 13.65
N CYS B 15 30.03 11.24 13.56
CA CYS B 15 30.78 10.58 14.64
C CYS B 15 31.17 11.47 15.80
N LYS B 16 32.47 11.59 16.07
CA LYS B 16 33.01 12.47 17.10
C LYS B 16 33.78 13.60 16.44
N LEU B 17 33.20 14.14 15.37
CA LEU B 17 33.71 15.33 14.70
C LEU B 17 32.89 16.58 15.01
N TRP B 18 32.14 16.60 16.11
CA TRP B 18 31.25 17.72 16.34
C TRP B 18 30.78 17.91 17.78
N LYS B 19 30.74 16.83 18.58
CA LYS B 19 29.96 16.82 19.81
C LYS B 19 30.28 18.01 20.74
N ASP B 20 31.50 18.05 21.26
CA ASP B 20 31.90 19.16 22.13
C ASP B 20 32.97 20.02 21.49
N ASP B 21 33.04 19.99 20.16
CA ASP B 21 33.97 20.86 19.43
C ASP B 21 33.45 22.28 19.43
N PRO B 22 34.23 23.26 19.90
CA PRO B 22 33.75 24.65 19.94
C PRO B 22 33.47 25.24 18.57
N ILE B 23 33.97 24.63 17.49
CA ILE B 23 33.74 25.16 16.15
C ILE B 23 32.37 24.82 15.59
N TYR B 24 31.61 23.95 16.24
CA TYR B 24 30.29 23.53 15.77
C TYR B 24 29.22 24.30 16.53
N PHE B 25 28.44 25.10 15.80
CA PHE B 25 27.57 26.11 16.40
C PHE B 25 26.16 25.58 16.68
N PHE B 26 26.08 24.37 17.24
CA PHE B 26 24.84 23.82 17.77
C PHE B 26 25.14 23.14 19.09
N LYS B 27 24.22 23.24 20.05
CA LYS B 27 24.36 22.58 21.33
C LYS B 27 23.51 21.32 21.44
N THR B 28 22.37 21.29 20.77
CA THR B 28 21.45 20.16 20.81
C THR B 28 21.41 19.36 19.52
N LEU B 29 21.23 20.04 18.39
CA LEU B 29 21.01 19.36 17.12
C LEU B 29 22.28 18.67 16.62
N PRO B 30 22.23 17.38 16.33
CA PRO B 30 23.40 16.69 15.80
C PRO B 30 23.39 16.71 14.28
N PRO B 31 24.54 16.81 13.64
CA PRO B 31 24.59 16.65 12.18
C PRO B 31 24.52 15.20 11.77
N TYR B 32 24.00 14.99 10.56
CA TYR B 32 23.84 13.66 9.99
C TYR B 32 24.54 13.60 8.65
N ILE B 33 24.90 12.38 8.23
CA ILE B 33 25.63 12.17 6.98
C ILE B 33 24.99 11.02 6.20
N SER B 34 24.97 11.16 4.88
CA SER B 34 24.49 10.11 3.99
C SER B 34 25.27 8.82 4.21
N LYS B 35 24.55 7.69 4.15
CA LYS B 35 25.22 6.40 4.04
C LYS B 35 26.02 6.29 2.74
N TYR B 36 25.76 7.17 1.77
CA TYR B 36 26.37 7.14 0.44
C TYR B 36 27.31 8.33 0.21
N ALA B 37 28.01 8.72 1.28
CA ALA B 37 28.92 9.86 1.22
C ALA B 37 30.03 9.66 0.21
N GLN B 38 30.45 8.41 -0.03
CA GLN B 38 31.51 8.18 -0.99
C GLN B 38 31.05 8.50 -2.40
N ARG B 39 29.80 8.20 -2.73
CA ARG B 39 29.23 8.65 -3.99
C ARG B 39 29.21 10.17 -4.05
N ALA B 40 28.93 10.82 -2.92
CA ALA B 40 28.96 12.29 -2.93
C ALA B 40 30.35 12.82 -3.33
N ASP B 41 31.39 12.29 -2.68
CA ASP B 41 32.74 12.75 -2.98
C ASP B 41 33.14 12.42 -4.42
N ASP B 42 32.76 11.23 -4.90
CA ASP B 42 33.05 10.85 -6.27
C ASP B 42 32.37 11.79 -7.27
N ALA B 43 31.12 12.18 -7.01
CA ALA B 43 30.43 13.09 -7.92
C ALA B 43 31.09 14.45 -7.93
N SER B 44 31.59 14.89 -6.76
CA SER B 44 32.30 16.17 -6.74
C SER B 44 33.58 16.09 -7.54
N ILE B 45 34.31 14.99 -7.43
CA ILE B 45 35.52 14.80 -8.24
C ILE B 45 35.18 14.83 -9.72
N GLN B 46 34.10 14.14 -10.12
CA GLN B 46 33.70 14.16 -11.53
C GLN B 46 33.43 15.58 -12.00
N ALA B 47 32.67 16.36 -11.22
CA ALA B 47 32.43 17.75 -11.59
C ALA B 47 33.75 18.51 -11.77
N GLN B 48 34.69 18.30 -10.85
CA GLN B 48 35.96 19.00 -10.92
C GLN B 48 36.70 18.66 -12.21
N ILE B 49 36.64 17.39 -12.60
CA ILE B 49 37.28 16.99 -13.86
C ILE B 49 36.54 17.58 -15.05
N ASP B 50 35.20 17.60 -14.98
CA ASP B 50 34.39 18.09 -16.09
C ASP B 50 34.64 19.57 -16.36
N VAL B 51 35.06 20.31 -15.34
CA VAL B 51 35.38 21.72 -15.57
C VAL B 51 36.87 21.92 -15.82
N PHE B 52 37.69 21.45 -14.89
CA PHE B 52 39.12 21.73 -14.93
C PHE B 52 39.95 20.70 -15.69
N GLY B 53 39.45 19.47 -15.86
CA GLY B 53 40.20 18.35 -16.41
C GLY B 53 40.91 17.53 -15.35
N LYS B 54 41.23 16.26 -15.70
CA LYS B 54 41.75 15.42 -14.61
C LYS B 54 43.10 15.90 -14.07
N ASP B 55 43.81 16.79 -14.75
CA ASP B 55 45.12 17.22 -14.27
C ASP B 55 45.06 18.49 -13.43
N ASP B 56 43.87 19.00 -13.16
CA ASP B 56 43.72 20.23 -12.38
C ASP B 56 42.58 20.09 -11.38
N VAL B 57 42.45 18.90 -10.79
CA VAL B 57 41.45 18.68 -9.75
C VAL B 57 41.82 19.48 -8.51
N GLY B 58 40.89 20.30 -8.03
CA GLY B 58 41.15 21.17 -6.91
C GLY B 58 41.57 22.58 -7.27
N ALA B 59 41.38 22.99 -8.52
CA ALA B 59 41.71 24.36 -8.91
C ALA B 59 40.87 25.38 -8.14
N MET B 60 39.62 25.04 -7.83
CA MET B 60 38.78 25.87 -7.00
C MET B 60 38.09 24.90 -6.04
N PRO B 61 38.13 25.15 -4.74
CA PRO B 61 37.50 24.21 -3.80
C PRO B 61 35.99 24.30 -3.86
N GLY B 62 35.35 23.14 -3.81
CA GLY B 62 33.90 23.07 -3.87
C GLY B 62 33.28 22.48 -2.61
N ALA B 63 32.78 21.26 -2.72
CA ALA B 63 31.98 20.66 -1.67
C ALA B 63 32.76 19.78 -0.70
N LEU B 64 34.00 19.42 -1.00
CA LEU B 64 34.74 18.46 -0.17
C LEU B 64 35.08 19.03 1.21
N GLY B 65 35.21 18.13 2.18
CA GLY B 65 35.59 18.49 3.53
C GLY B 65 36.05 17.30 4.35
N PRO B 66 36.94 17.54 5.32
CA PRO B 66 37.45 16.43 6.14
C PRO B 66 36.39 15.74 6.97
N ARG B 67 35.28 16.42 7.26
CA ARG B 67 34.20 15.87 8.07
C ARG B 67 32.93 15.65 7.25
N GLY B 68 33.07 15.44 5.95
CA GLY B 68 31.94 15.12 5.11
C GLY B 68 31.67 16.07 3.96
N ASN B 69 31.23 15.50 2.83
CA ASN B 69 30.85 16.30 1.68
C ASN B 69 29.65 17.19 2.02
N PHE B 70 29.66 18.41 1.47
CA PHE B 70 28.57 19.35 1.69
C PHE B 70 27.23 18.67 1.48
N ALA B 71 27.07 18.02 0.33
CA ALA B 71 25.82 17.34 0.02
C ALA B 71 25.59 16.13 0.92
N ALA B 72 26.67 15.44 1.32
CA ALA B 72 26.51 14.24 2.12
C ALA B 72 25.97 14.56 3.51
N VAL B 73 26.26 15.76 4.03
CA VAL B 73 25.78 16.15 5.35
C VAL B 73 24.54 17.04 5.27
N THR B 74 24.47 17.95 4.29
CA THR B 74 23.32 18.86 4.24
C THR B 74 22.09 18.18 3.65
N PHE B 75 22.27 17.21 2.76
CA PHE B 75 21.16 16.45 2.19
C PHE B 75 21.30 14.98 2.58
N ALA B 76 21.55 14.73 3.87
CA ALA B 76 21.93 13.41 4.33
C ALA B 76 20.85 12.35 4.05
N GLU B 77 19.58 12.74 4.06
CA GLU B 77 18.48 11.80 3.92
C GLU B 77 18.09 11.52 2.48
N SER B 78 18.97 11.79 1.52
CA SER B 78 18.63 11.61 0.11
C SER B 78 18.95 10.20 -0.38
N PHE B 79 18.23 9.79 -1.42
CA PHE B 79 18.50 8.52 -2.09
C PHE B 79 19.86 8.59 -2.80
N PRO B 80 20.56 7.45 -2.94
CA PRO B 80 21.97 7.48 -3.44
C PRO B 80 22.20 8.21 -4.77
N ASP B 81 21.46 7.89 -5.82
CA ASP B 81 21.49 8.71 -7.04
C ASP B 81 21.35 10.19 -6.75
N ARG B 82 20.37 10.56 -5.93
CA ARG B 82 20.13 11.98 -5.74
C ARG B 82 21.23 12.65 -4.93
N VAL B 83 21.88 11.91 -4.02
CA VAL B 83 22.99 12.51 -3.29
C VAL B 83 24.17 12.71 -4.22
N ALA B 84 24.39 11.78 -5.15
CA ALA B 84 25.42 11.98 -6.17
C ALA B 84 25.10 13.19 -7.04
N MET B 85 23.86 13.27 -7.53
CA MET B 85 23.46 14.39 -8.38
C MET B 85 23.62 15.72 -7.66
N LEU B 86 23.21 15.79 -6.40
CA LEU B 86 23.29 17.04 -5.66
C LEU B 86 24.74 17.41 -5.37
N ALA B 87 25.59 16.41 -5.08
CA ALA B 87 27.00 16.69 -4.90
C ALA B 87 27.62 17.28 -6.15
N TYR B 88 27.32 16.68 -7.31
CA TYR B 88 27.82 17.23 -8.58
C TYR B 88 27.32 18.66 -8.79
N LEU B 89 26.01 18.87 -8.61
CA LEU B 89 25.40 20.16 -8.88
C LEU B 89 25.98 21.25 -7.99
N ASN B 90 26.15 20.95 -6.70
CA ASN B 90 26.67 21.96 -5.80
C ASN B 90 28.17 22.17 -5.99
N GLU B 91 28.91 21.13 -6.40
CA GLU B 91 30.30 21.33 -6.77
C GLU B 91 30.42 22.30 -7.93
N VAL B 92 29.54 22.18 -8.92
CA VAL B 92 29.63 23.08 -10.07
C VAL B 92 29.14 24.47 -9.70
N LEU B 93 28.15 24.58 -8.79
CA LEU B 93 27.70 25.90 -8.37
C LEU B 93 28.71 26.61 -7.48
N SER B 94 29.59 25.87 -6.79
CA SER B 94 30.64 26.53 -6.02
C SER B 94 31.62 27.31 -6.89
N PHE B 95 31.65 27.05 -8.21
CA PHE B 95 32.56 27.73 -9.12
C PHE B 95 31.92 28.98 -9.74
N TYR B 96 30.80 29.45 -9.20
CA TYR B 96 30.10 30.60 -9.76
C TYR B 96 30.97 31.84 -9.73
N GLU B 97 31.70 32.06 -8.63
CA GLU B 97 32.49 33.27 -8.51
C GLU B 97 33.64 33.32 -9.51
N CYS B 98 33.97 32.19 -10.16
CA CYS B 98 34.95 32.21 -11.23
C CYS B 98 34.33 32.18 -12.61
N PHE B 99 33.12 31.63 -12.76
CA PHE B 99 32.51 31.53 -14.08
C PHE B 99 31.12 32.18 -14.10
N GLU B 100 30.99 33.33 -13.45
CA GLU B 100 29.71 34.03 -13.38
C GLU B 100 29.09 34.22 -14.76
N LYS B 101 29.86 34.69 -15.73
CA LYS B 101 29.23 35.08 -17.00
C LYS B 101 28.88 33.86 -17.85
N GLN B 102 29.68 32.79 -17.76
CA GLN B 102 29.29 31.53 -18.36
C GLN B 102 28.02 31.00 -17.70
N MET B 103 27.87 31.19 -16.40
CA MET B 103 26.63 30.82 -15.72
C MET B 103 25.46 31.65 -16.19
N THR B 104 25.65 32.96 -16.33
CA THR B 104 24.61 33.83 -16.86
C THR B 104 24.15 33.36 -18.23
N GLU B 105 25.11 33.06 -19.11
CA GLU B 105 24.79 32.69 -20.48
C GLU B 105 24.06 31.35 -20.55
N MET B 106 24.50 30.37 -19.76
CA MET B 106 24.02 29.00 -19.95
C MET B 106 22.60 28.83 -19.42
N LEU B 107 22.33 29.37 -18.22
CA LEU B 107 20.94 29.41 -17.78
C LEU B 107 20.14 30.46 -18.52
N ASP B 108 20.81 31.30 -19.32
CA ASP B 108 20.16 32.32 -20.13
C ASP B 108 19.33 33.26 -19.25
N ALA B 109 20.01 33.85 -18.27
CA ALA B 109 19.38 34.73 -17.30
C ALA B 109 20.07 36.10 -17.32
N THR B 110 19.29 37.13 -17.04
CA THR B 110 19.78 38.50 -17.08
C THR B 110 20.33 38.88 -15.70
N LEU B 111 21.63 39.15 -15.64
CA LEU B 111 22.25 39.58 -14.38
C LEU B 111 22.07 41.08 -14.24
N TYR B 112 21.16 41.49 -13.35
CA TYR B 112 20.97 42.91 -13.07
C TYR B 112 21.87 43.41 -11.96
N ALA B 113 22.33 42.53 -11.08
CA ALA B 113 23.36 42.91 -10.12
C ALA B 113 24.68 43.15 -10.83
N ASN B 114 25.56 43.88 -10.18
CA ASN B 114 26.87 44.04 -10.80
C ASN B 114 27.68 42.74 -10.64
N PRO B 115 28.42 42.34 -11.68
CA PRO B 115 29.18 41.09 -11.59
C PRO B 115 30.10 41.06 -10.38
N VAL B 116 30.17 39.89 -9.75
CA VAL B 116 31.04 39.67 -8.60
C VAL B 116 32.49 39.88 -9.03
N PRO B 117 33.40 40.17 -8.12
CA PRO B 117 34.82 40.24 -8.50
C PRO B 117 35.33 38.89 -8.99
N LYS B 118 36.01 38.90 -10.13
CA LYS B 118 36.57 37.71 -10.73
C LYS B 118 38.05 37.60 -10.41
N ASP B 119 38.45 36.47 -9.87
CA ASP B 119 39.87 36.18 -9.66
C ASP B 119 40.53 35.94 -11.01
N PRO B 120 41.62 36.65 -11.33
CA PRO B 120 42.30 36.40 -12.61
C PRO B 120 42.83 34.98 -12.78
N LYS B 121 42.97 34.24 -11.68
CA LYS B 121 43.41 32.84 -11.74
C LYS B 121 42.53 31.99 -12.63
N TYR B 122 41.31 32.43 -12.92
CA TYR B 122 40.34 31.63 -13.66
C TYR B 122 39.94 32.30 -14.98
N ASP B 123 40.88 32.95 -15.65
CA ASP B 123 40.62 33.49 -16.99
C ASP B 123 41.13 32.53 -18.06
N ASN B 124 40.73 31.27 -17.88
CA ASN B 124 41.13 30.16 -18.74
C ASN B 124 40.01 29.88 -19.72
N PRO B 125 40.18 30.18 -21.01
CA PRO B 125 39.07 29.96 -21.96
C PRO B 125 38.67 28.49 -22.04
N VAL B 126 39.59 27.57 -21.76
CA VAL B 126 39.24 26.16 -21.83
C VAL B 126 38.41 25.76 -20.62
N TRP B 127 38.68 26.38 -19.46
CA TRP B 127 37.84 26.10 -18.30
C TRP B 127 36.49 26.77 -18.44
N GLN B 128 36.42 27.87 -19.19
CA GLN B 128 35.14 28.54 -19.39
C GLN B 128 34.26 27.75 -20.36
N ALA B 129 34.87 27.21 -21.42
CA ALA B 129 34.14 26.34 -22.34
C ALA B 129 33.67 25.08 -21.62
N ASN B 130 34.53 24.49 -20.79
CA ASN B 130 34.13 23.29 -20.05
C ASN B 130 32.98 23.60 -19.11
N TYR B 131 33.01 24.77 -18.46
CA TYR B 131 31.92 25.15 -17.56
C TYR B 131 30.62 25.30 -18.33
N LYS B 132 30.68 25.88 -19.54
CA LYS B 132 29.46 26.00 -20.34
C LYS B 132 28.90 24.62 -20.69
N ASN B 133 29.78 23.68 -21.04
CA ASN B 133 29.31 22.33 -21.35
C ASN B 133 28.71 21.64 -20.13
N THR B 134 29.34 21.84 -18.96
CA THR B 134 28.88 21.21 -17.74
C THR B 134 27.52 21.76 -17.30
N MET B 135 27.33 23.08 -17.48
CA MET B 135 26.08 23.74 -17.15
C MET B 135 25.02 23.44 -18.19
N THR B 136 25.41 22.91 -19.34
CA THR B 136 24.43 22.33 -20.25
C THR B 136 24.02 20.94 -19.78
N LYS B 137 24.97 20.14 -19.29
CA LYS B 137 24.66 18.74 -19.05
C LYS B 137 23.87 18.53 -17.76
N TRP B 138 24.32 19.09 -16.63
CA TRP B 138 23.72 18.68 -15.36
C TRP B 138 22.23 19.01 -15.23
N PRO B 139 21.69 20.11 -15.77
CA PRO B 139 20.24 20.31 -15.63
C PRO B 139 19.41 19.30 -16.39
N LYS B 140 19.92 18.77 -17.51
CA LYS B 140 19.15 17.77 -18.25
C LYS B 140 19.08 16.46 -17.46
N ILE B 141 20.20 16.08 -16.85
CA ILE B 141 20.22 14.90 -16.00
C ILE B 141 19.34 15.10 -14.78
N LEU B 142 19.34 16.30 -14.21
CA LEU B 142 18.53 16.57 -13.04
C LEU B 142 17.04 16.46 -13.36
N GLU B 143 16.60 17.13 -14.43
CA GLU B 143 15.18 17.08 -14.79
C GLU B 143 14.78 15.73 -15.37
N ASN B 144 15.73 14.87 -15.73
CA ASN B 144 15.37 13.52 -16.16
C ASN B 144 15.24 12.56 -14.99
N LEU B 145 15.99 12.79 -13.91
CA LEU B 145 15.87 11.97 -12.71
C LEU B 145 14.53 12.21 -12.03
N ASP B 146 14.10 13.47 -11.96
CA ASP B 146 12.80 13.83 -11.39
C ASP B 146 12.22 14.94 -12.25
N PRO B 147 11.30 14.61 -13.17
CA PRO B 147 10.72 15.65 -14.04
C PRO B 147 9.84 16.63 -13.30
N LYS B 148 9.43 16.32 -12.07
CA LYS B 148 8.57 17.20 -11.30
C LYS B 148 9.39 18.16 -10.44
N LEU B 149 10.37 17.65 -9.69
CA LEU B 149 11.11 18.46 -8.74
C LEU B 149 12.41 19.00 -9.31
N GLY B 150 12.98 18.36 -10.32
CA GLY B 150 14.20 18.80 -10.97
C GLY B 150 14.19 20.21 -11.51
N PRO B 151 13.20 20.57 -12.33
CA PRO B 151 13.14 21.93 -12.87
C PRO B 151 13.03 23.03 -11.83
N LYS B 152 12.46 22.73 -10.66
CA LYS B 152 12.31 23.73 -9.61
C LYS B 152 13.65 24.33 -9.22
N CYS B 153 14.71 23.53 -9.23
CA CYS B 153 16.02 24.00 -8.81
C CYS B 153 16.57 25.04 -9.78
N VAL B 154 16.46 24.79 -11.09
CA VAL B 154 16.98 25.76 -12.05
C VAL B 154 16.09 26.99 -12.10
N LYS B 155 14.78 26.83 -11.90
CA LYS B 155 13.92 28.01 -11.86
C LYS B 155 14.26 28.90 -10.66
N SER B 156 14.56 28.29 -9.52
CA SER B 156 15.00 29.09 -8.37
C SER B 156 16.37 29.71 -8.61
N LEU B 157 17.22 29.04 -9.38
CA LEU B 157 18.54 29.58 -9.67
C LEU B 157 18.44 30.79 -10.58
N VAL B 158 17.57 30.74 -11.58
CA VAL B 158 17.36 31.88 -12.46
C VAL B 158 16.72 33.03 -11.70
N ALA B 159 15.77 32.73 -10.81
CA ALA B 159 15.18 33.81 -10.02
C ALA B 159 16.21 34.46 -9.11
N LEU B 160 17.23 33.69 -8.71
CA LEU B 160 18.29 34.27 -7.89
C LEU B 160 19.22 35.16 -8.70
N VAL B 161 19.55 34.74 -9.93
CA VAL B 161 20.46 35.52 -10.75
C VAL B 161 19.85 36.86 -11.16
N GLU B 162 18.54 36.91 -11.31
CA GLU B 162 17.85 38.17 -11.59
C GLU B 162 17.36 38.86 -10.32
N GLY B 163 17.97 38.56 -9.18
CA GLY B 163 17.52 39.10 -7.91
C GLY B 163 18.19 40.40 -7.55
N THR B 164 17.90 40.87 -6.33
CA THR B 164 18.43 42.13 -5.87
C THR B 164 19.95 42.05 -5.71
N ASP B 165 20.60 43.20 -5.88
CA ASP B 165 22.01 43.35 -5.61
C ASP B 165 22.19 43.78 -4.16
N MET B 166 23.07 43.08 -3.44
CA MET B 166 23.28 43.38 -2.03
C MET B 166 24.40 44.37 -1.78
N GLU B 167 25.33 44.50 -2.72
CA GLU B 167 26.47 45.39 -2.50
C GLU B 167 26.05 46.84 -2.28
N PRO B 168 25.19 47.44 -3.09
CA PRO B 168 24.74 48.82 -2.78
C PRO B 168 23.94 48.90 -1.49
N LYS B 169 23.42 47.77 -1.00
CA LYS B 169 22.61 47.75 0.22
C LYS B 169 23.42 47.66 1.50
N MET B 170 24.67 47.18 1.43
CA MET B 170 25.40 46.84 2.64
C MET B 170 25.60 48.05 3.55
N ALA B 171 25.82 49.23 2.97
CA ALA B 171 26.05 50.44 3.75
C ALA B 171 24.77 51.05 4.30
N HIS B 172 23.60 50.49 3.99
CA HIS B 172 22.33 51.11 4.37
C HIS B 172 21.42 50.21 5.21
N TYR B 173 21.74 48.94 5.37
CA TYR B 173 20.99 48.09 6.29
C TYR B 173 20.97 48.71 7.68
N LYS B 174 19.81 48.73 8.31
CA LYS B 174 19.70 49.24 9.67
C LYS B 174 19.50 48.15 10.71
N THR B 175 19.22 46.92 10.28
CA THR B 175 19.10 45.78 11.20
C THR B 175 19.69 44.52 10.59
N MET B 176 20.25 43.69 11.48
CA MET B 176 20.80 42.42 11.08
C MET B 176 19.75 41.52 10.46
N LYS B 177 18.50 41.65 10.88
CA LYS B 177 17.44 40.81 10.32
C LYS B 177 17.22 41.08 8.85
N GLU B 178 17.15 42.36 8.46
CA GLU B 178 17.03 42.68 7.03
C GLU B 178 18.25 42.19 6.27
N TYR B 179 19.44 42.40 6.84
CA TYR B 179 20.64 41.87 6.19
C TYR B 179 20.53 40.38 5.93
N ALA B 180 20.16 39.62 6.97
CA ALA B 180 20.11 38.16 6.87
C ALA B 180 19.06 37.71 5.86
N LEU B 181 17.91 38.38 5.85
CA LEU B 181 16.88 37.99 4.90
C LEU B 181 17.33 38.24 3.46
N ASP B 182 18.27 39.17 3.24
CA ASP B 182 18.84 39.23 1.89
C ASP B 182 19.97 38.22 1.70
N ARG B 183 20.78 37.99 2.72
CA ARG B 183 21.95 37.12 2.60
C ARG B 183 21.56 35.67 2.35
N THR B 184 20.43 35.24 2.92
CA THR B 184 19.91 33.90 2.60
C THR B 184 19.81 33.68 1.10
N ASN B 185 19.31 34.68 0.35
CA ASN B 185 19.24 34.56 -1.09
C ASN B 185 20.62 34.59 -1.72
N TYR B 186 21.52 35.39 -1.16
CA TYR B 186 22.85 35.52 -1.74
C TYR B 186 23.60 34.18 -1.76
N ILE B 187 23.44 33.37 -0.71
CA ILE B 187 24.13 32.09 -0.65
C ILE B 187 23.24 30.98 -1.22
N ALA B 188 22.15 31.36 -1.90
CA ALA B 188 21.33 30.44 -2.71
C ALA B 188 20.64 29.38 -1.85
N TRP B 189 20.10 29.78 -0.72
CA TRP B 189 19.42 28.79 0.10
C TRP B 189 18.04 28.39 -0.47
N PRO B 190 17.38 29.19 -1.30
CA PRO B 190 16.25 28.62 -2.06
C PRO B 190 16.65 27.39 -2.86
N VAL B 191 17.83 27.43 -3.49
CA VAL B 191 18.32 26.25 -4.19
C VAL B 191 18.67 25.15 -3.21
N ALA B 192 19.22 25.52 -2.04
CA ALA B 192 19.53 24.49 -1.04
C ALA B 192 18.27 23.76 -0.58
N CYS B 193 17.16 24.48 -0.42
CA CYS B 193 15.94 23.85 0.05
C CYS B 193 15.24 23.08 -1.07
N ASP B 194 15.37 23.54 -2.30
CA ASP B 194 14.92 22.73 -3.44
C ASP B 194 15.71 21.44 -3.52
N ASN B 195 17.03 21.52 -3.33
CA ASN B 195 17.85 20.32 -3.34
C ASN B 195 17.41 19.36 -2.24
N ALA B 196 17.11 19.89 -1.07
CA ALA B 196 16.64 19.04 0.04
C ALA B 196 15.33 18.37 -0.30
N GLU B 197 14.38 19.11 -0.86
CA GLU B 197 13.11 18.50 -1.25
C GLU B 197 13.31 17.43 -2.34
N PHE B 198 14.18 17.73 -3.30
CA PHE B 198 14.44 16.79 -4.39
C PHE B 198 15.12 15.52 -3.89
N GLY B 199 16.09 15.66 -2.99
CA GLY B 199 16.92 14.53 -2.63
C GLY B 199 16.14 13.42 -1.95
N SER B 200 15.21 13.79 -1.07
CA SER B 200 14.35 12.82 -0.39
C SER B 200 13.05 12.55 -1.15
N GLN B 201 12.89 13.09 -2.35
CA GLN B 201 11.70 12.86 -3.18
C GLN B 201 10.44 13.09 -2.37
N LEU B 202 10.35 14.28 -1.79
CA LEU B 202 9.22 14.62 -0.94
C LEU B 202 8.04 15.07 -1.78
N ASN B 203 6.85 14.66 -1.37
CA ASN B 203 5.61 15.07 -2.02
C ASN B 203 4.92 16.09 -1.13
N LEU B 204 5.17 17.37 -1.41
CA LEU B 204 4.69 18.46 -0.59
C LEU B 204 3.99 19.51 -1.44
N THR B 205 2.86 20.00 -0.95
CA THR B 205 2.20 21.12 -1.60
C THR B 205 2.90 22.44 -1.23
N GLN B 206 2.67 23.44 -2.08
CA GLN B 206 3.21 24.76 -1.81
C GLN B 206 2.64 25.32 -0.51
N ASP B 207 1.36 25.06 -0.25
CA ASP B 207 0.76 25.48 1.01
C ASP B 207 1.45 24.82 2.19
N GLN B 208 1.79 23.53 2.05
CA GLN B 208 2.46 22.82 3.14
C GLN B 208 3.82 23.44 3.44
N LEU B 209 4.61 23.74 2.41
CA LEU B 209 5.90 24.38 2.65
C LEU B 209 5.75 25.76 3.28
N ASP B 210 4.81 26.56 2.75
CA ASP B 210 4.56 27.88 3.31
C ASP B 210 4.15 27.79 4.77
N SER B 211 3.44 26.71 5.14
CA SER B 211 2.94 26.56 6.50
C SER B 211 4.06 26.50 7.53
N VAL B 212 5.28 26.12 7.15
CA VAL B 212 6.37 25.96 8.11
C VAL B 212 7.57 26.83 7.78
N ARG B 213 7.43 27.72 6.77
CA ARG B 213 8.55 28.63 6.48
C ARG B 213 8.94 29.47 7.69
N ASP B 214 7.95 29.85 8.53
CA ASP B 214 8.26 30.67 9.69
C ASP B 214 8.91 29.84 10.79
N ILE B 215 8.63 28.54 10.85
CA ILE B 215 9.34 27.69 11.79
C ILE B 215 10.81 27.62 11.40
N PHE B 216 11.09 27.51 10.10
CA PHE B 216 12.47 27.24 9.70
C PHE B 216 13.32 28.49 9.52
N LEU B 217 12.72 29.68 9.48
CA LEU B 217 13.51 30.91 9.33
C LEU B 217 14.71 31.04 10.27
N PRO B 218 14.63 30.72 11.58
CA PRO B 218 15.84 30.82 12.42
C PRO B 218 16.98 29.94 11.94
N LEU B 219 16.69 28.77 11.37
CA LEU B 219 17.77 27.90 10.89
C LEU B 219 18.46 28.48 9.66
N TRP B 220 17.69 29.05 8.73
CA TRP B 220 18.30 29.73 7.59
C TRP B 220 19.16 30.90 8.05
N THR B 221 18.66 31.67 9.02
CA THR B 221 19.46 32.76 9.57
C THR B 221 20.75 32.22 10.20
N HIS B 222 20.64 31.12 10.94
CA HIS B 222 21.81 30.44 11.48
C HIS B 222 22.84 30.15 10.41
N SER B 223 22.39 29.62 9.27
CA SER B 223 23.34 29.25 8.23
C SER B 223 23.96 30.50 7.61
N CYS B 224 23.22 31.60 7.56
CA CYS B 224 23.81 32.84 7.08
C CYS B 224 24.93 33.30 8.00
N TYR B 225 24.69 33.24 9.30
CA TYR B 225 25.68 33.73 10.26
C TYR B 225 26.91 32.82 10.32
N VAL B 226 26.71 31.51 10.26
CA VAL B 226 27.87 30.62 10.35
C VAL B 226 28.69 30.68 9.07
N TYR B 227 28.03 30.81 7.91
CA TYR B 227 28.77 31.04 6.68
C TYR B 227 29.58 32.33 6.77
N ASP B 228 28.97 33.41 7.27
CA ASP B 228 29.69 34.66 7.38
C ASP B 228 30.93 34.49 8.27
N TYR B 229 30.74 33.88 9.43
CA TYR B 229 31.83 33.60 10.35
C TYR B 229 32.99 32.91 9.65
N TYR B 230 32.71 31.78 8.98
CA TYR B 230 33.82 30.98 8.48
C TYR B 230 34.31 31.38 7.10
N HIS B 231 33.57 32.24 6.39
CA HIS B 231 33.98 32.72 5.07
C HIS B 231 34.58 34.13 5.10
N TYR B 232 34.54 34.80 6.26
CA TYR B 232 35.03 36.17 6.32
C TYR B 232 36.48 36.26 5.87
N ASP B 233 37.31 35.28 6.22
CA ASP B 233 38.74 35.40 5.91
C ASP B 233 38.98 35.39 4.41
N LYS B 234 38.32 34.48 3.69
CA LYS B 234 38.46 34.46 2.24
C LYS B 234 37.86 35.71 1.61
N GLU B 235 36.76 36.22 2.17
CA GLU B 235 36.18 37.44 1.62
C GLU B 235 37.06 38.65 1.89
N ALA B 236 37.77 38.66 3.01
CA ALA B 236 38.64 39.77 3.35
C ALA B 236 39.91 39.74 2.52
N GLU B 237 40.37 38.55 2.15
CA GLU B 237 41.51 38.46 1.26
C GLU B 237 41.13 38.82 -0.17
N ILE B 238 39.89 38.50 -0.57
CA ILE B 238 39.41 38.92 -1.88
C ILE B 238 39.25 40.43 -1.96
N HIS B 239 38.74 41.04 -0.89
CA HIS B 239 38.47 42.47 -0.98
C HIS B 239 39.72 43.31 -0.77
N SER B 240 40.75 42.76 -0.13
CA SER B 240 42.02 43.46 -0.08
C SER B 240 42.80 43.34 -1.38
N THR B 241 42.40 42.43 -2.27
CA THR B 241 43.05 42.30 -3.57
C THR B 241 42.18 42.67 -4.76
N TYR B 242 41.41 41.73 -5.30
CA TYR B 242 40.73 41.98 -6.58
C TYR B 242 39.28 42.42 -6.44
N GLY B 243 38.89 42.94 -5.28
CA GLY B 243 37.57 43.49 -5.11
C GLY B 243 37.61 44.70 -4.18
N LYS B 244 38.56 45.59 -4.42
CA LYS B 244 38.75 46.80 -3.62
C LYS B 244 37.55 47.75 -3.59
N GLY B 245 37.21 48.36 -4.72
CA GLY B 245 36.09 49.31 -4.70
C GLY B 245 34.72 48.71 -4.42
N ARG B 246 34.64 47.40 -4.18
CA ARG B 246 33.38 46.77 -3.84
C ARG B 246 33.24 46.57 -2.33
N SER B 247 32.01 46.68 -1.85
CA SER B 247 31.70 46.45 -0.45
C SER B 247 31.61 44.95 -0.15
N MET B 248 32.25 44.53 0.93
CA MET B 248 32.18 43.14 1.34
C MET B 248 30.78 42.79 1.84
N ILE B 249 30.24 41.68 1.35
CA ILE B 249 28.90 41.24 1.71
C ILE B 249 29.07 40.19 2.81
N ASN B 250 29.05 40.67 4.05
CA ASN B 250 29.29 39.83 5.20
C ASN B 250 28.77 40.59 6.40
N SER B 251 28.25 39.85 7.38
CA SER B 251 27.68 40.49 8.57
C SER B 251 28.73 41.18 9.41
N ILE B 252 30.01 40.85 9.25
CA ILE B 252 31.04 41.32 10.18
C ILE B 252 31.31 42.81 10.01
N PRO B 253 31.55 43.32 8.79
CA PRO B 253 31.63 44.79 8.64
C PRO B 253 30.35 45.49 9.03
N LEU B 254 29.21 44.88 8.72
CA LEU B 254 27.93 45.47 9.09
C LEU B 254 27.80 45.59 10.60
N LEU B 255 28.27 44.58 11.34
CA LEU B 255 28.24 44.63 12.79
C LEU B 255 29.19 45.70 13.30
N ASN B 256 30.32 45.91 12.62
CA ASN B 256 31.18 47.03 12.95
C ASN B 256 30.41 48.35 12.83
N ARG B 257 29.73 48.54 11.70
CA ARG B 257 29.03 49.80 11.46
C ARG B 257 27.87 49.99 12.44
N LEU B 258 27.11 48.94 12.72
CA LEU B 258 25.89 49.06 13.50
C LEU B 258 26.13 48.99 15.00
N LYS B 259 27.13 48.23 15.46
CA LYS B 259 27.32 47.98 16.88
C LYS B 259 28.73 48.30 17.37
N GLY B 260 29.60 48.83 16.51
CA GLY B 260 30.95 49.19 16.93
C GLY B 260 31.81 48.00 17.33
N LEU B 261 31.58 46.85 16.72
CA LEU B 261 32.28 45.63 17.08
C LEU B 261 33.53 45.46 16.22
N SER B 262 34.64 45.12 16.85
CA SER B 262 35.80 44.66 16.11
C SER B 262 35.47 43.34 15.41
N VAL B 263 36.41 42.84 14.61
CA VAL B 263 36.14 41.62 13.86
C VAL B 263 36.03 40.42 14.81
N GLU B 264 36.89 40.40 15.84
CA GLU B 264 36.82 39.36 16.85
C GLU B 264 35.49 39.39 17.62
N GLU B 265 35.07 40.58 18.03
CA GLU B 265 33.82 40.72 18.76
C GLU B 265 32.63 40.36 17.88
N ALA B 266 32.69 40.71 16.59
CA ALA B 266 31.61 40.37 15.68
C ALA B 266 31.51 38.86 15.49
N LYS B 267 32.66 38.18 15.42
CA LYS B 267 32.65 36.72 15.31
C LYS B 267 32.02 36.09 16.56
N ALA B 268 32.38 36.59 17.75
CA ALA B 268 31.75 36.09 18.96
C ALA B 268 30.24 36.33 18.95
N TRP B 269 29.85 37.52 18.48
CA TRP B 269 28.43 37.84 18.33
C TRP B 269 27.73 36.83 17.44
N LEU B 270 28.33 36.52 16.30
CA LEU B 270 27.74 35.55 15.37
C LEU B 270 27.58 34.18 16.02
N LYS B 271 28.61 33.73 16.74
CA LYS B 271 28.56 32.40 17.36
C LYS B 271 27.44 32.31 18.39
N GLN B 272 27.36 33.30 19.29
CA GLN B 272 26.30 33.27 20.28
C GLN B 272 24.93 33.46 19.65
N ARG B 273 24.86 34.27 18.59
CA ARG B 273 23.59 34.47 17.90
C ARG B 273 23.12 33.17 17.28
N CYS B 274 24.05 32.31 16.86
CA CYS B 274 23.66 31.04 16.28
C CYS B 274 23.19 30.05 17.36
N PHE B 275 23.76 30.15 18.56
CA PHE B 275 23.20 29.35 19.66
C PHE B 275 21.80 29.81 20.00
N GLU B 276 21.59 31.14 20.07
CA GLU B 276 20.26 31.68 20.30
C GLU B 276 19.28 31.23 19.22
N LEU B 277 19.73 31.18 17.96
CA LEU B 277 18.85 30.82 16.86
C LEU B 277 18.50 29.34 16.87
N GLU B 278 19.44 28.48 17.29
CA GLU B 278 19.08 27.09 17.53
C GLU B 278 17.97 27.00 18.58
N LYS B 279 18.12 27.73 19.69
CA LYS B 279 17.09 27.69 20.73
C LYS B 279 15.75 28.22 20.20
N GLU B 280 15.79 29.26 19.37
CA GLU B 280 14.57 29.85 18.85
C GLU B 280 13.86 28.91 17.88
N TYR B 281 14.62 28.24 16.99
CA TYR B 281 14.02 27.23 16.14
C TYR B 281 13.39 26.13 16.97
N LEU B 282 14.07 25.70 18.04
CA LEU B 282 13.51 24.61 18.85
C LEU B 282 12.20 25.02 19.49
N GLN B 283 12.11 26.24 20.01
CA GLN B 283 10.85 26.66 20.63
C GLN B 283 9.75 26.80 19.58
N ARG B 284 10.07 27.31 18.39
CA ARG B 284 9.06 27.39 17.32
C ARG B 284 8.61 25.99 16.91
N LYS B 285 9.54 25.04 16.84
CA LYS B 285 9.20 23.68 16.46
C LYS B 285 8.29 23.02 17.49
N GLU B 286 8.57 23.26 18.78
CA GLU B 286 7.74 22.66 19.81
C GLU B 286 6.34 23.28 19.82
N ASP B 287 6.26 24.58 19.53
CA ASP B 287 4.95 25.20 19.43
C ASP B 287 4.17 24.65 18.24
N TYR B 288 4.82 24.49 17.09
CA TYR B 288 4.14 23.90 15.94
C TYR B 288 3.65 22.50 16.25
N PHE B 289 4.52 21.66 16.80
CA PHE B 289 4.14 20.26 17.00
C PHE B 289 3.19 20.07 18.16
N SER B 290 2.96 21.08 19.00
CA SER B 290 1.87 20.94 19.96
C SER B 290 0.54 21.32 19.31
N GLU B 291 0.55 22.33 18.41
CA GLU B 291 -0.66 22.65 17.67
C GLU B 291 -0.99 21.55 16.68
N ASN B 292 0.03 20.97 16.06
CA ASN B 292 -0.16 19.92 15.05
C ASN B 292 0.68 18.74 15.53
N PRO B 293 0.08 17.84 16.32
CA PRO B 293 0.87 16.77 16.93
C PRO B 293 1.49 15.86 15.88
N VAL B 294 2.59 15.22 16.26
CA VAL B 294 3.40 14.48 15.29
C VAL B 294 2.61 13.31 14.67
N GLU B 295 1.63 12.72 15.41
CA GLU B 295 0.77 11.63 14.86
C GLU B 295 0.08 11.97 13.56
N ALA B 296 -0.21 13.23 13.44
CA ALA B 296 -1.17 13.65 12.48
C ALA B 296 -0.56 14.53 11.44
N VAL B 297 0.73 14.76 11.52
CA VAL B 297 1.42 15.54 10.50
C VAL B 297 1.82 14.56 9.40
N PRO B 298 1.55 14.91 8.14
CA PRO B 298 1.96 14.04 7.03
C PRO B 298 3.43 13.65 7.11
N VAL B 299 3.69 12.39 6.73
CA VAL B 299 5.04 11.84 6.84
C VAL B 299 6.03 12.70 6.09
N ASP B 300 5.66 13.18 4.90
CA ASP B 300 6.60 13.99 4.13
C ASP B 300 6.88 15.33 4.81
N LEU B 301 5.93 15.86 5.58
CA LEU B 301 6.21 17.07 6.36
C LEU B 301 7.20 16.77 7.50
N ARG B 302 7.05 15.61 8.14
CA ARG B 302 8.06 15.23 9.14
C ARG B 302 9.43 15.06 8.50
N ARG B 303 9.46 14.45 7.31
CA ARG B 303 10.71 14.33 6.57
C ARG B 303 11.28 15.69 6.23
N TRP B 304 10.42 16.67 5.96
CA TRP B 304 10.87 18.03 5.69
C TRP B 304 11.54 18.63 6.92
N PHE B 305 10.99 18.39 8.10
CA PHE B 305 11.66 18.83 9.33
C PHE B 305 13.05 18.19 9.44
N LEU B 306 13.14 16.89 9.15
CA LEU B 306 14.43 16.22 9.17
C LEU B 306 15.41 16.85 8.17
N SER B 307 14.93 17.11 6.96
CA SER B 307 15.78 17.68 5.92
C SER B 307 16.29 19.06 6.31
N GLN B 308 15.42 19.88 6.92
CA GLN B 308 15.83 21.22 7.33
C GLN B 308 16.86 21.18 8.45
N GLU B 309 16.65 20.31 9.44
CA GLU B 309 17.65 20.17 10.50
C GLU B 309 18.97 19.65 9.95
N ASP B 310 18.91 18.70 9.00
CA ASP B 310 20.12 18.22 8.35
C ASP B 310 20.84 19.34 7.61
N LEU B 311 20.09 20.13 6.86
CA LEU B 311 20.69 21.25 6.14
C LEU B 311 21.43 22.18 7.10
N ALA B 312 20.77 22.57 8.20
CA ALA B 312 21.39 23.52 9.11
C ALA B 312 22.63 22.93 9.79
N THR B 313 22.50 21.73 10.38
CA THR B 313 23.63 21.16 11.12
C THR B 313 24.77 20.77 10.20
N GLY B 314 24.46 20.17 9.05
CA GLY B 314 25.49 19.82 8.11
C GLY B 314 26.23 21.03 7.57
N PHE B 315 25.50 22.10 7.25
CA PHE B 315 26.16 23.32 6.82
C PHE B 315 27.05 23.88 7.92
N ALA B 316 26.60 23.81 9.17
CA ALA B 316 27.40 24.34 10.27
C ALA B 316 28.71 23.57 10.42
N ILE B 317 28.65 22.24 10.39
CA ILE B 317 29.89 21.48 10.55
C ILE B 317 30.74 21.56 9.29
N TRP B 318 30.11 21.75 8.13
CA TRP B 318 30.85 21.86 6.88
C TRP B 318 31.57 23.19 6.80
N CYS B 319 30.89 24.27 7.19
CA CYS B 319 31.47 25.61 7.09
C CYS B 319 32.70 25.73 8.00
N ALA B 320 32.72 25.00 9.11
CA ALA B 320 33.83 25.05 10.04
C ALA B 320 35.05 24.24 9.60
N THR B 321 34.92 23.38 8.58
CA THR B 321 35.99 22.47 8.22
C THR B 321 36.32 22.39 6.73
N THR B 322 35.44 22.85 5.84
CA THR B 322 35.60 22.60 4.41
C THR B 322 36.82 23.32 3.85
N TYR B 323 37.40 22.72 2.81
CA TYR B 323 38.45 23.39 2.05
C TYR B 323 37.93 24.63 1.33
N HIS B 324 36.61 24.73 1.14
CA HIS B 324 36.03 25.94 0.58
C HIS B 324 36.29 27.15 1.46
N ASN B 325 36.54 26.96 2.75
CA ASN B 325 36.78 28.06 3.67
C ASN B 325 38.10 27.98 4.41
N HIS B 326 38.90 26.93 4.21
CA HIS B 326 40.05 26.77 5.09
C HIS B 326 41.23 26.16 4.34
N PRO B 327 42.45 26.49 4.76
CA PRO B 327 43.63 25.85 4.22
C PRO B 327 43.53 24.34 4.34
N PRO B 328 44.05 23.58 3.36
CA PRO B 328 44.81 24.02 2.18
C PRO B 328 43.96 24.40 0.96
N PHE B 329 42.72 24.81 1.19
CA PHE B 329 41.78 25.22 0.13
C PHE B 329 41.81 24.14 -0.94
N GLY B 330 41.96 24.49 -2.23
CA GLY B 330 41.87 23.50 -3.29
C GLY B 330 42.83 22.33 -3.14
N GLU B 331 44.00 22.58 -2.54
CA GLU B 331 44.97 21.48 -2.43
C GLU B 331 44.45 20.33 -1.57
N GLY B 332 43.47 20.59 -0.70
CA GLY B 332 42.86 19.53 0.07
C GLY B 332 42.18 18.48 -0.77
N TYR B 333 41.98 18.75 -2.06
CA TYR B 333 41.42 17.75 -2.96
C TYR B 333 42.43 16.71 -3.40
N ALA B 334 43.73 16.99 -3.29
CA ALA B 334 44.71 16.13 -3.95
C ALA B 334 44.80 14.76 -3.28
N ALA B 335 44.79 14.74 -1.94
CA ALA B 335 44.94 13.46 -1.24
C ALA B 335 43.73 12.56 -1.38
N PRO B 336 42.49 13.03 -1.16
CA PRO B 336 41.34 12.13 -1.40
C PRO B 336 41.28 11.63 -2.83
N TYR B 337 41.45 12.53 -3.81
CA TYR B 337 41.45 12.15 -5.22
C TYR B 337 42.44 11.02 -5.44
N GLU B 338 43.68 11.22 -5.00
CA GLU B 338 44.61 10.12 -5.12
C GLU B 338 44.21 8.86 -4.40
N LYS B 339 43.66 9.00 -3.21
CA LYS B 339 43.34 7.77 -2.54
C LYS B 339 42.28 7.04 -3.31
N ARG B 340 41.41 7.76 -4.03
CA ARG B 340 40.37 7.11 -4.81
C ARG B 340 40.87 6.64 -6.18
N ARG B 341 42.01 7.17 -6.69
CA ARG B 341 42.54 6.64 -7.96
C ARG B 341 43.10 5.27 -7.72
N LYS B 342 43.63 5.14 -6.52
CA LYS B 342 44.52 4.06 -6.23
C LYS B 342 43.69 2.80 -6.06
N GLU B 343 42.46 3.00 -5.58
CA GLU B 343 41.37 2.05 -5.41
C GLU B 343 40.63 1.75 -6.71
N GLY B 344 41.06 2.33 -7.84
CA GLY B 344 40.51 1.97 -9.14
C GLY B 344 39.24 2.68 -9.53
N ALA B 345 38.97 3.86 -8.98
CA ALA B 345 37.80 4.61 -9.40
C ALA B 345 38.03 5.22 -10.79
N LEU B 346 37.03 5.10 -11.66
CA LEU B 346 37.11 5.56 -13.04
C LEU B 346 36.26 6.81 -13.24
N TRP B 347 36.86 7.84 -13.81
CA TRP B 347 36.12 9.06 -14.12
C TRP B 347 36.19 9.36 -15.62
N PHE B 348 35.13 10.01 -16.12
CA PHE B 348 35.17 10.57 -17.46
C PHE B 348 36.20 11.68 -17.52
N GLU B 349 36.99 11.69 -18.60
CA GLU B 349 37.98 12.74 -18.78
C GLU B 349 37.34 14.01 -19.33
N LYS B 350 36.26 13.90 -20.11
CA LYS B 350 35.53 15.04 -20.63
C LYS B 350 34.04 14.91 -20.29
N VAL B 351 33.39 16.06 -20.08
CA VAL B 351 31.97 16.08 -19.75
C VAL B 351 31.10 15.70 -20.95
N THR B 352 31.64 15.79 -22.17
CA THR B 352 30.93 15.43 -23.39
C THR B 352 31.03 13.95 -23.73
N GLU B 353 31.93 13.19 -23.06
CA GLU B 353 32.12 11.78 -23.37
C GLU B 353 30.80 11.00 -23.34
N SER B 354 29.88 11.35 -22.43
CA SER B 354 28.64 10.58 -22.23
C SER B 354 27.52 11.47 -21.70
N ASP B 355 26.26 11.07 -21.95
CA ASP B 355 25.13 11.66 -21.20
C ASP B 355 24.98 11.18 -19.76
N GLN B 356 25.79 10.26 -19.28
CA GLN B 356 25.61 9.97 -17.87
C GLN B 356 26.48 10.88 -17.03
N LEU B 357 26.10 11.04 -15.76
CA LEU B 357 26.88 11.87 -14.85
C LEU B 357 28.23 11.24 -14.57
N MET B 358 28.24 9.94 -14.29
CA MET B 358 29.46 9.27 -13.90
C MET B 358 29.54 7.93 -14.62
N THR B 359 30.75 7.36 -14.60
CA THR B 359 31.02 6.11 -15.31
C THR B 359 29.98 5.04 -14.99
N GLY B 360 29.51 4.99 -13.75
CA GLY B 360 28.51 4.01 -13.37
C GLY B 360 27.11 4.58 -13.36
N GLY B 361 26.90 5.67 -14.07
CA GLY B 361 25.61 6.34 -14.04
C GLY B 361 25.57 7.42 -12.99
N PHE B 362 25.47 7.00 -11.73
CA PHE B 362 25.48 7.90 -10.59
C PHE B 362 26.44 7.41 -9.52
N GLU B 363 27.41 6.60 -9.94
CA GLU B 363 28.45 6.05 -9.09
C GLU B 363 29.70 5.95 -9.94
N VAL B 364 30.78 5.55 -9.32
CA VAL B 364 32.02 5.33 -10.06
C VAL B 364 32.13 3.84 -10.36
N ARG B 365 32.77 3.51 -11.48
CA ARG B 365 32.96 2.12 -11.89
C ARG B 365 34.37 1.65 -11.55
N TYR B 366 34.54 0.33 -11.57
CA TYR B 366 35.76 -0.38 -11.15
C TYR B 366 36.04 -0.21 -9.67
N ALA B 367 35.14 0.48 -8.95
CA ALA B 367 35.25 0.65 -7.51
C ALA B 367 34.01 1.33 -6.92
N ASN C 2 -15.78 -8.02 -10.45
CA ASN C 2 -15.47 -8.64 -11.74
C ASN C 2 -16.73 -8.97 -12.53
N ALA C 3 -16.58 -9.02 -13.85
CA ALA C 3 -17.56 -9.62 -14.75
C ALA C 3 -16.82 -10.56 -15.70
N GLU C 4 -16.17 -11.57 -15.11
CA GLU C 4 -15.31 -12.48 -15.86
C GLU C 4 -16.08 -13.39 -16.81
N GLY C 5 -17.41 -13.45 -16.69
CA GLY C 5 -18.21 -14.21 -17.63
C GLY C 5 -19.24 -13.31 -18.29
N LEU C 6 -19.12 -12.01 -18.05
CA LEU C 6 -20.08 -11.01 -18.55
C LEU C 6 -21.50 -11.32 -18.08
N ARG C 7 -21.62 -11.64 -16.78
CA ARG C 7 -22.93 -11.92 -16.21
C ARG C 7 -23.65 -10.67 -15.73
N ARG C 8 -22.93 -9.58 -15.49
CA ARG C 8 -23.54 -8.39 -14.93
C ARG C 8 -24.54 -7.79 -15.92
N HIS C 9 -25.77 -7.55 -15.45
CA HIS C 9 -26.79 -6.97 -16.30
C HIS C 9 -27.41 -5.68 -15.76
N SER C 10 -27.02 -5.21 -14.58
CA SER C 10 -27.68 -4.04 -14.04
C SER C 10 -26.70 -3.04 -13.43
N VAL C 11 -25.43 -3.05 -13.84
CA VAL C 11 -24.40 -2.36 -13.07
C VAL C 11 -23.22 -1.96 -13.95
N MET C 12 -22.53 -0.89 -13.54
CA MET C 12 -21.28 -0.45 -14.15
C MET C 12 -20.22 -0.27 -13.06
N LEU C 13 -18.96 -0.45 -13.45
CA LEU C 13 -17.85 -0.28 -12.54
C LEU C 13 -17.74 1.18 -12.13
N ASP C 14 -17.52 1.43 -10.83
CA ASP C 14 -17.21 2.78 -10.42
C ASP C 14 -15.91 3.21 -11.10
N CYS C 15 -15.77 4.50 -11.28
CA CYS C 15 -14.60 5.03 -11.94
C CYS C 15 -13.72 5.65 -10.90
N LYS C 16 -12.42 5.37 -10.97
CA LYS C 16 -11.38 6.30 -10.50
C LYS C 16 -11.70 7.15 -9.31
N LEU C 17 -12.78 6.82 -8.58
CA LEU C 17 -13.08 7.30 -7.24
C LEU C 17 -12.68 6.28 -6.18
N TRP C 18 -11.75 5.37 -6.49
CA TRP C 18 -11.38 4.30 -5.55
C TRP C 18 -10.00 3.72 -5.87
N LYS C 19 -9.64 3.70 -7.16
CA LYS C 19 -8.41 3.05 -7.57
C LYS C 19 -7.20 3.68 -6.88
N ASP C 20 -6.48 2.87 -6.10
CA ASP C 20 -5.30 3.30 -5.37
C ASP C 20 -5.58 4.47 -4.43
N ASP C 21 -6.86 4.71 -4.11
CA ASP C 21 -7.27 5.71 -3.13
C ASP C 21 -7.02 5.18 -1.72
N PRO C 22 -6.26 5.89 -0.89
CA PRO C 22 -5.96 5.36 0.45
C PRO C 22 -7.18 5.17 1.35
N ILE C 23 -8.31 5.84 1.08
CA ILE C 23 -9.48 5.66 1.93
C ILE C 23 -10.28 4.42 1.60
N TYR C 24 -10.00 3.77 0.47
CA TYR C 24 -10.74 2.59 0.02
C TYR C 24 -9.92 1.34 0.36
N PHE C 25 -10.47 0.48 1.22
CA PHE C 25 -9.70 -0.62 1.80
C PHE C 25 -9.79 -1.90 0.97
N PHE C 26 -9.71 -1.77 -0.34
CA PHE C 26 -9.56 -2.90 -1.26
C PHE C 26 -8.52 -2.47 -2.28
N LYS C 27 -7.69 -3.42 -2.71
CA LYS C 27 -6.69 -3.10 -3.73
C LYS C 27 -7.02 -3.64 -5.11
N THR C 28 -7.71 -4.78 -5.20
CA THR C 28 -8.08 -5.39 -6.47
C THR C 28 -9.57 -5.33 -6.74
N LEU C 29 -10.41 -5.69 -5.77
CA LEU C 29 -11.84 -5.79 -6.01
C LEU C 29 -12.40 -4.39 -6.27
N PRO C 30 -13.05 -4.17 -7.40
CA PRO C 30 -13.57 -2.84 -7.71
C PRO C 30 -15.00 -2.69 -7.24
N PRO C 31 -15.39 -1.50 -6.80
CA PRO C 31 -16.81 -1.25 -6.51
C PRO C 31 -17.60 -1.04 -7.79
N TYR C 32 -18.87 -1.39 -7.71
CA TYR C 32 -19.80 -1.28 -8.82
C TYR C 32 -21.01 -0.47 -8.37
N ILE C 33 -21.69 0.15 -9.33
CA ILE C 33 -22.83 1.00 -9.01
C ILE C 33 -23.98 0.70 -9.96
N SER C 34 -25.20 0.74 -9.42
CA SER C 34 -26.41 0.55 -10.20
C SER C 34 -26.48 1.53 -11.38
N LYS C 35 -26.97 1.02 -12.51
CA LYS C 35 -27.36 1.91 -13.60
C LYS C 35 -28.50 2.84 -13.21
N TYR C 36 -29.23 2.53 -12.12
CA TYR C 36 -30.39 3.30 -11.67
C TYR C 36 -30.13 4.01 -10.33
N ALA C 37 -28.90 4.50 -10.18
CA ALA C 37 -28.47 5.15 -8.95
C ALA C 37 -29.34 6.36 -8.63
N GLN C 38 -29.86 7.04 -9.66
CA GLN C 38 -30.70 8.20 -9.41
C GLN C 38 -32.02 7.78 -8.79
N ARG C 39 -32.57 6.63 -9.21
CA ARG C 39 -33.74 6.08 -8.53
C ARG C 39 -33.41 5.77 -7.08
N ALA C 40 -32.22 5.25 -6.82
CA ALA C 40 -31.85 4.98 -5.41
C ALA C 40 -31.87 6.27 -4.58
N ASP C 41 -31.23 7.32 -5.09
CA ASP C 41 -31.19 8.59 -4.36
C ASP C 41 -32.59 9.19 -4.19
N ASP C 42 -33.42 9.09 -5.24
CA ASP C 42 -34.79 9.58 -5.15
C ASP C 42 -35.58 8.85 -4.08
N ALA C 43 -35.42 7.52 -4.01
CA ALA C 43 -36.13 6.75 -2.99
C ALA C 43 -35.65 7.11 -1.60
N SER C 44 -34.36 7.43 -1.45
CA SER C 44 -33.87 7.85 -0.15
C SER C 44 -34.48 9.18 0.27
N ILE C 45 -34.57 10.12 -0.66
CA ILE C 45 -35.25 11.39 -0.37
C ILE C 45 -36.72 11.16 -0.02
N GLN C 46 -37.40 10.28 -0.76
CA GLN C 46 -38.78 9.96 -0.44
C GLN C 46 -38.92 9.46 1.00
N ALA C 47 -38.05 8.53 1.39
CA ALA C 47 -38.04 8.05 2.77
C ALA C 47 -37.85 9.22 3.73
N GLN C 48 -36.93 10.13 3.40
CA GLN C 48 -36.64 11.26 4.29
C GLN C 48 -37.87 12.13 4.48
N ILE C 49 -38.61 12.38 3.40
CA ILE C 49 -39.83 13.18 3.51
C ILE C 49 -40.90 12.41 4.27
N ASP C 50 -40.99 11.10 4.03
CA ASP C 50 -41.99 10.28 4.70
C ASP C 50 -41.77 10.23 6.20
N VAL C 51 -40.54 10.42 6.66
CA VAL C 51 -40.28 10.44 8.10
C VAL C 51 -40.26 11.86 8.66
N PHE C 52 -39.39 12.71 8.11
CA PHE C 52 -39.16 14.03 8.69
C PHE C 52 -40.06 15.13 8.12
N GLY C 53 -40.64 14.92 6.94
CA GLY C 53 -41.34 15.98 6.25
C GLY C 53 -40.45 16.76 5.32
N LYS C 54 -41.09 17.44 4.34
CA LYS C 54 -40.34 18.07 3.27
C LYS C 54 -39.43 19.19 3.73
N ASP C 55 -39.70 19.78 4.90
CA ASP C 55 -38.91 20.93 5.35
C ASP C 55 -37.75 20.55 6.25
N ASP C 56 -37.53 19.26 6.49
CA ASP C 56 -36.46 18.82 7.36
C ASP C 56 -35.75 17.61 6.76
N VAL C 57 -35.59 17.62 5.43
CA VAL C 57 -34.81 16.57 4.77
C VAL C 57 -33.36 16.73 5.17
N GLY C 58 -32.76 15.65 5.66
CA GLY C 58 -31.42 15.69 6.21
C GLY C 58 -31.38 15.84 7.71
N ALA C 59 -32.51 15.62 8.40
CA ALA C 59 -32.50 15.64 9.85
C ALA C 59 -31.60 14.56 10.41
N MET C 60 -31.51 13.41 9.74
CA MET C 60 -30.61 12.33 10.08
C MET C 60 -30.01 11.79 8.78
N PRO C 61 -28.71 11.59 8.70
CA PRO C 61 -28.11 11.08 7.46
C PRO C 61 -28.43 9.60 7.29
N GLY C 62 -28.76 9.23 6.05
CA GLY C 62 -29.10 7.85 5.74
C GLY C 62 -28.18 7.20 4.75
N ALA C 63 -28.67 6.94 3.54
CA ALA C 63 -27.94 6.17 2.54
C ALA C 63 -27.15 7.03 1.57
N LEU C 64 -27.36 8.35 1.55
CA LEU C 64 -26.72 9.20 0.56
C LEU C 64 -25.20 9.26 0.77
N GLY C 65 -24.48 9.49 -0.32
CA GLY C 65 -23.05 9.63 -0.30
C GLY C 65 -22.53 10.25 -1.59
N PRO C 66 -21.42 10.99 -1.49
CA PRO C 66 -20.88 11.66 -2.68
C PRO C 66 -20.42 10.70 -3.77
N ARG C 67 -20.11 9.45 -3.42
CA ARG C 67 -19.65 8.45 -4.38
C ARG C 67 -20.69 7.35 -4.60
N GLY C 68 -21.96 7.66 -4.35
CA GLY C 68 -23.02 6.69 -4.60
C GLY C 68 -23.85 6.31 -3.40
N ASN C 69 -25.15 6.10 -3.63
CA ASN C 69 -26.07 5.66 -2.59
C ASN C 69 -25.67 4.28 -2.05
N PHE C 70 -25.85 4.10 -0.74
CA PHE C 70 -25.54 2.82 -0.09
C PHE C 70 -26.13 1.65 -0.87
N ALA C 71 -27.42 1.72 -1.17
CA ALA C 71 -28.05 0.64 -1.93
C ALA C 71 -27.55 0.61 -3.36
N ALA C 72 -27.20 1.77 -3.91
CA ALA C 72 -26.78 1.80 -5.32
C ALA C 72 -25.45 1.11 -5.52
N VAL C 73 -24.58 1.09 -4.52
CA VAL C 73 -23.27 0.44 -4.65
C VAL C 73 -23.26 -0.95 -4.04
N THR C 74 -23.96 -1.16 -2.92
CA THR C 74 -23.92 -2.47 -2.28
C THR C 74 -24.82 -3.49 -2.98
N PHE C 75 -25.92 -3.03 -3.59
CA PHE C 75 -26.80 -3.92 -4.35
C PHE C 75 -26.80 -3.50 -5.80
N ALA C 76 -25.59 -3.29 -6.34
CA ALA C 76 -25.44 -2.69 -7.66
C ALA C 76 -26.11 -3.51 -8.76
N GLU C 77 -26.20 -4.83 -8.59
CA GLU C 77 -26.72 -5.72 -9.61
C GLU C 77 -28.23 -5.94 -9.51
N SER C 78 -28.95 -5.06 -8.82
CA SER C 78 -30.38 -5.23 -8.63
C SER C 78 -31.19 -4.63 -9.76
N PHE C 79 -32.39 -5.18 -9.95
CA PHE C 79 -33.33 -4.63 -10.91
C PHE C 79 -33.78 -3.25 -10.43
N PRO C 80 -34.11 -2.35 -11.37
CA PRO C 80 -34.36 -0.94 -10.96
C PRO C 80 -35.40 -0.76 -9.87
N ASP C 81 -36.59 -1.38 -10.02
CA ASP C 81 -37.59 -1.33 -8.98
C ASP C 81 -37.01 -1.78 -7.64
N ARG C 82 -36.26 -2.88 -7.66
CA ARG C 82 -35.75 -3.44 -6.42
C ARG C 82 -34.68 -2.57 -5.79
N VAL C 83 -33.87 -1.88 -6.59
CA VAL C 83 -32.86 -1.00 -6.03
C VAL C 83 -33.52 0.24 -5.41
N ALA C 84 -34.61 0.72 -6.02
CA ALA C 84 -35.36 1.79 -5.37
C ALA C 84 -35.92 1.33 -4.04
N MET C 85 -36.49 0.13 -4.02
CA MET C 85 -37.05 -0.42 -2.78
C MET C 85 -35.97 -0.53 -1.71
N LEU C 86 -34.77 -0.98 -2.08
CA LEU C 86 -33.71 -1.18 -1.11
C LEU C 86 -33.19 0.16 -0.58
N ALA C 87 -33.07 1.16 -1.45
CA ALA C 87 -32.65 2.48 -0.98
C ALA C 87 -33.64 3.05 0.02
N TYR C 88 -34.94 2.97 -0.28
CA TYR C 88 -35.95 3.44 0.66
C TYR C 88 -35.83 2.69 1.99
N LEU C 89 -35.75 1.36 1.91
CA LEU C 89 -35.72 0.53 3.11
C LEU C 89 -34.52 0.83 4.00
N ASN C 90 -33.34 0.98 3.39
CA ASN C 90 -32.15 1.24 4.19
C ASN C 90 -32.12 2.67 4.72
N GLU C 91 -32.69 3.62 3.97
CA GLU C 91 -32.86 4.96 4.51
C GLU C 91 -33.74 4.94 5.74
N VAL C 92 -34.81 4.14 5.72
CA VAL C 92 -35.72 4.11 6.87
C VAL C 92 -35.10 3.37 8.04
N LEU C 93 -34.31 2.33 7.77
CA LEU C 93 -33.62 1.65 8.86
C LEU C 93 -32.46 2.49 9.41
N SER C 94 -31.97 3.46 8.64
CA SER C 94 -30.95 4.38 9.14
C SER C 94 -31.45 5.19 10.33
N PHE C 95 -32.77 5.31 10.49
CA PHE C 95 -33.36 6.10 11.56
C PHE C 95 -33.71 5.30 12.80
N TYR C 96 -33.44 3.99 12.79
CA TYR C 96 -33.90 3.14 13.89
C TYR C 96 -33.32 3.55 15.24
N GLU C 97 -32.05 3.97 15.28
CA GLU C 97 -31.39 4.17 16.57
C GLU C 97 -31.95 5.38 17.32
N CYS C 98 -32.50 6.38 16.61
CA CYS C 98 -33.26 7.41 17.30
C CYS C 98 -34.73 7.06 17.48
N PHE C 99 -35.26 6.10 16.72
CA PHE C 99 -36.65 5.69 16.90
C PHE C 99 -36.69 4.22 17.30
N GLU C 100 -36.06 3.88 18.43
CA GLU C 100 -35.97 2.49 18.83
C GLU C 100 -37.32 1.98 19.35
N LYS C 101 -38.00 2.75 20.17
CA LYS C 101 -39.30 2.32 20.69
C LYS C 101 -40.28 2.06 19.55
N GLN C 102 -40.38 2.98 18.60
CA GLN C 102 -41.25 2.78 17.44
C GLN C 102 -40.69 1.67 16.55
N LYS C 121 -33.46 14.85 20.67
CA LYS C 121 -33.80 15.97 19.81
C LYS C 121 -34.58 15.48 18.60
N TYR C 122 -34.48 14.19 18.31
CA TYR C 122 -35.45 13.51 17.44
C TYR C 122 -36.69 13.10 18.20
N ASP C 123 -37.14 13.95 19.12
CA ASP C 123 -38.26 13.66 20.01
C ASP C 123 -39.51 14.43 19.60
N ASN C 124 -39.90 14.34 18.33
CA ASN C 124 -41.10 14.98 17.86
C ASN C 124 -42.20 13.96 17.74
N PRO C 125 -43.35 14.14 18.41
CA PRO C 125 -44.46 13.20 18.21
C PRO C 125 -44.88 13.10 16.76
N VAL C 126 -44.66 14.15 15.97
CA VAL C 126 -45.07 14.10 14.57
C VAL C 126 -44.09 13.25 13.77
N TRP C 127 -42.80 13.28 14.13
CA TRP C 127 -41.86 12.40 13.46
C TRP C 127 -42.01 10.96 13.93
N GLN C 128 -42.50 10.76 15.15
CA GLN C 128 -42.73 9.40 15.62
C GLN C 128 -43.94 8.79 14.94
N ALA C 129 -45.00 9.58 14.74
CA ALA C 129 -46.15 9.12 13.97
C ALA C 129 -45.75 8.82 12.53
N ASN C 130 -44.93 9.69 11.94
CA ASN C 130 -44.48 9.46 10.56
C ASN C 130 -43.64 8.19 10.47
N TYR C 131 -42.76 7.95 11.46
CA TYR C 131 -41.94 6.75 11.43
C TYR C 131 -42.80 5.50 11.56
N LYS C 132 -43.80 5.52 12.44
CA LYS C 132 -44.67 4.35 12.59
C LYS C 132 -45.42 4.07 11.29
N ASN C 133 -45.91 5.12 10.64
CA ASN C 133 -46.63 4.93 9.37
C ASN C 133 -45.69 4.42 8.28
N THR C 134 -44.45 4.93 8.24
CA THR C 134 -43.51 4.52 7.21
C THR C 134 -43.09 3.07 7.36
N MET C 135 -42.87 2.64 8.61
CA MET C 135 -42.49 1.26 8.88
C MET C 135 -43.70 0.33 8.83
N THR C 136 -44.91 0.89 8.78
CA THR C 136 -46.04 0.06 8.41
C THR C 136 -46.09 -0.14 6.90
N LYS C 137 -45.80 0.90 6.13
CA LYS C 137 -46.03 0.81 4.69
C LYS C 137 -44.94 0.01 3.97
N TRP C 138 -43.66 0.31 4.24
CA TRP C 138 -42.63 -0.26 3.36
C TRP C 138 -42.56 -1.79 3.38
N PRO C 139 -42.81 -2.50 4.49
CA PRO C 139 -42.79 -3.97 4.39
C PRO C 139 -43.90 -4.52 3.52
N LYS C 140 -45.05 -3.84 3.43
CA LYS C 140 -46.12 -4.34 2.58
C LYS C 140 -45.77 -4.18 1.11
N ILE C 141 -45.16 -3.04 0.75
CA ILE C 141 -44.71 -2.83 -0.63
C ILE C 141 -43.60 -3.83 -0.97
N LEU C 142 -42.70 -4.09 -0.02
CA LEU C 142 -41.62 -5.03 -0.28
C LEU C 142 -42.17 -6.44 -0.49
N GLU C 143 -43.01 -6.91 0.43
CA GLU C 143 -43.56 -8.26 0.34
C GLU C 143 -44.57 -8.40 -0.79
N ASN C 144 -45.02 -7.29 -1.39
CA ASN C 144 -45.84 -7.41 -2.58
C ASN C 144 -44.98 -7.40 -3.84
N LEU C 145 -43.82 -6.75 -3.79
CA LEU C 145 -42.90 -6.79 -4.93
C LEU C 145 -42.31 -8.19 -5.10
N ASP C 146 -41.93 -8.83 -3.99
CA ASP C 146 -41.42 -10.20 -4.01
C ASP C 146 -41.97 -10.95 -2.80
N PRO C 147 -43.03 -11.74 -2.99
CA PRO C 147 -43.60 -12.49 -1.86
C PRO C 147 -42.72 -13.64 -1.38
N LYS C 148 -41.70 -14.05 -2.14
CA LYS C 148 -40.85 -15.14 -1.70
C LYS C 148 -39.64 -14.66 -0.91
N LEU C 149 -38.92 -13.67 -1.44
CA LEU C 149 -37.69 -13.22 -0.78
C LEU C 149 -37.92 -12.01 0.13
N GLY C 150 -38.96 -11.23 -0.12
CA GLY C 150 -39.28 -10.05 0.66
C GLY C 150 -39.44 -10.25 2.16
N PRO C 151 -40.32 -11.17 2.58
CA PRO C 151 -40.52 -11.38 4.03
C PRO C 151 -39.26 -11.75 4.78
N LYS C 152 -38.29 -12.36 4.11
CA LYS C 152 -37.05 -12.75 4.76
C LYS C 152 -36.35 -11.56 5.40
N CYS C 153 -36.48 -10.38 4.81
CA CYS C 153 -35.76 -9.21 5.33
C CYS C 153 -36.29 -8.80 6.71
N VAL C 154 -37.61 -8.70 6.85
CA VAL C 154 -38.14 -8.30 8.15
C VAL C 154 -38.05 -9.44 9.15
N LYS C 155 -38.13 -10.69 8.71
CA LYS C 155 -37.92 -11.76 9.68
C LYS C 155 -36.49 -11.74 10.23
N SER C 156 -35.51 -11.40 9.37
CA SER C 156 -34.16 -11.21 9.88
C SER C 156 -34.07 -9.97 10.78
N LEU C 157 -34.91 -8.96 10.53
CA LEU C 157 -34.89 -7.78 11.39
C LEU C 157 -35.42 -8.10 12.77
N VAL C 158 -36.48 -8.89 12.84
CA VAL C 158 -37.02 -9.33 14.12
C VAL C 158 -36.05 -10.25 14.83
N ALA C 159 -35.37 -11.12 14.08
CA ALA C 159 -34.37 -11.99 14.72
C ALA C 159 -33.19 -11.19 15.25
N LEU C 160 -32.89 -10.04 14.66
CA LEU C 160 -31.80 -9.22 15.17
C LEU C 160 -32.19 -8.47 16.44
N VAL C 161 -33.42 -7.93 16.49
CA VAL C 161 -33.83 -7.19 17.68
C VAL C 161 -33.95 -8.10 18.89
N GLU C 162 -34.34 -9.36 18.68
CA GLU C 162 -34.38 -10.34 19.76
C GLU C 162 -33.08 -11.11 19.89
N GLY C 163 -31.97 -10.55 19.39
CA GLY C 163 -30.70 -11.21 19.43
C GLY C 163 -29.88 -10.84 20.66
N THR C 164 -28.64 -11.31 20.66
CA THR C 164 -27.74 -11.06 21.78
C THR C 164 -27.41 -9.57 21.88
N ASP C 165 -27.15 -9.12 23.10
CA ASP C 165 -26.62 -7.80 23.35
C ASP C 165 -25.10 -7.89 23.40
N MET C 166 -24.43 -6.97 22.69
CA MET C 166 -22.98 -7.00 22.62
C MET C 166 -22.31 -6.19 23.72
N GLU C 167 -23.04 -5.23 24.30
CA GLU C 167 -22.41 -4.36 25.31
C GLU C 167 -21.84 -5.15 26.48
N PRO C 168 -22.58 -6.06 27.12
CA PRO C 168 -21.94 -6.88 28.17
C PRO C 168 -20.84 -7.79 27.65
N LYS C 169 -20.81 -8.09 26.34
CA LYS C 169 -19.79 -8.96 25.79
C LYS C 169 -18.49 -8.23 25.48
N MET C 170 -18.54 -6.90 25.30
CA MET C 170 -17.40 -6.17 24.78
C MET C 170 -16.18 -6.30 25.70
N ALA C 171 -16.39 -6.31 27.01
CA ALA C 171 -15.27 -6.35 27.93
C ALA C 171 -14.67 -7.75 28.06
N HIS C 172 -15.24 -8.76 27.41
CA HIS C 172 -14.80 -10.13 27.62
C HIS C 172 -14.35 -10.86 26.37
N TYR C 173 -14.57 -10.33 25.17
CA TYR C 173 -14.00 -10.94 23.98
C TYR C 173 -12.50 -11.10 24.17
N LYS C 174 -11.98 -12.29 23.86
CA LYS C 174 -10.56 -12.55 23.97
C LYS C 174 -9.87 -12.63 22.62
N THR C 175 -10.64 -12.64 21.52
CA THR C 175 -10.09 -12.66 20.18
C THR C 175 -10.92 -11.72 19.31
N MET C 176 -10.25 -11.09 18.33
CA MET C 176 -10.95 -10.19 17.41
C MET C 176 -12.00 -10.94 16.59
N LYS C 177 -11.76 -12.22 16.31
CA LYS C 177 -12.67 -12.99 15.45
C LYS C 177 -14.05 -13.15 16.08
N GLU C 178 -14.09 -13.47 17.38
CA GLU C 178 -15.38 -13.58 18.08
C GLU C 178 -16.13 -12.25 18.03
N TYR C 179 -15.41 -11.15 18.30
CA TYR C 179 -16.01 -9.84 18.19
C TYR C 179 -16.61 -9.62 16.81
N ALA C 180 -15.84 -9.95 15.77
CA ALA C 180 -16.31 -9.70 14.41
C ALA C 180 -17.54 -10.52 14.08
N LEU C 181 -17.58 -11.77 14.52
CA LEU C 181 -18.73 -12.62 14.27
C LEU C 181 -19.97 -12.10 15.00
N ASP C 182 -19.79 -11.38 16.11
CA ASP C 182 -20.94 -10.72 16.70
C ASP C 182 -21.28 -9.40 16.01
N ARG C 183 -20.25 -8.68 15.56
CA ARG C 183 -20.45 -7.38 14.93
C ARG C 183 -21.19 -7.49 13.61
N THR C 184 -20.98 -8.60 12.90
CA THR C 184 -21.78 -8.89 11.70
C THR C 184 -23.26 -8.73 11.97
N ASN C 185 -23.72 -9.33 13.07
CA ASN C 185 -25.14 -9.26 13.42
C ASN C 185 -25.54 -7.87 13.89
N TYR C 186 -24.68 -7.20 14.66
CA TYR C 186 -25.02 -5.89 15.19
C TYR C 186 -25.25 -4.87 14.07
N ILE C 187 -24.45 -4.94 13.01
CA ILE C 187 -24.59 -3.96 11.92
C ILE C 187 -25.57 -4.48 10.87
N ALA C 188 -26.31 -5.54 11.21
CA ALA C 188 -27.45 -6.04 10.41
C ALA C 188 -27.02 -6.55 9.04
N TRP C 189 -25.90 -7.27 8.99
CA TRP C 189 -25.46 -7.82 7.72
C TRP C 189 -26.25 -9.04 7.24
N PRO C 190 -26.89 -9.82 8.11
CA PRO C 190 -27.88 -10.77 7.59
C PRO C 190 -28.96 -10.10 6.77
N VAL C 191 -29.41 -8.92 7.22
CA VAL C 191 -30.36 -8.14 6.43
C VAL C 191 -29.71 -7.64 5.16
N ALA C 192 -28.44 -7.24 5.22
CA ALA C 192 -27.76 -6.79 4.00
C ALA C 192 -27.72 -7.89 2.95
N CYS C 193 -27.51 -9.14 3.37
CA CYS C 193 -27.44 -10.24 2.41
C CYS C 193 -28.82 -10.69 1.96
N ASP C 194 -29.83 -10.57 2.82
CA ASP C 194 -31.21 -10.76 2.36
C ASP C 194 -31.55 -9.74 1.28
N ASN C 195 -31.16 -8.48 1.49
CA ASN C 195 -31.38 -7.45 0.48
C ASN C 195 -30.66 -7.77 -0.80
N ALA C 196 -29.41 -8.24 -0.70
CA ALA C 196 -28.65 -8.58 -1.90
C ALA C 196 -29.32 -9.71 -2.68
N GLU C 197 -29.77 -10.76 -1.98
CA GLU C 197 -30.48 -11.84 -2.66
C GLU C 197 -31.77 -11.34 -3.30
N PHE C 198 -32.47 -10.44 -2.61
CA PHE C 198 -33.71 -9.89 -3.13
C PHE C 198 -33.47 -9.04 -4.38
N GLY C 199 -32.43 -8.20 -4.36
CA GLY C 199 -32.26 -7.23 -5.43
C GLY C 199 -31.97 -7.85 -6.78
N SER C 200 -31.12 -8.87 -6.83
CA SER C 200 -30.82 -9.56 -8.08
C SER C 200 -31.79 -10.71 -8.38
N GLN C 201 -32.84 -10.85 -7.58
CA GLN C 201 -33.88 -11.86 -7.79
C GLN C 201 -33.26 -13.24 -7.99
N LEU C 202 -32.44 -13.65 -7.03
CA LEU C 202 -31.74 -14.91 -7.12
C LEU C 202 -32.62 -16.06 -6.61
N ASN C 203 -32.55 -17.19 -7.31
CA ASN C 203 -33.23 -18.42 -6.92
C ASN C 203 -32.15 -19.35 -6.37
N LEU C 204 -31.99 -19.32 -5.05
CA LEU C 204 -30.91 -20.05 -4.40
C LEU C 204 -31.47 -20.92 -3.28
N THR C 205 -31.03 -22.17 -3.22
CA THR C 205 -31.41 -23.01 -2.11
C THR C 205 -30.55 -22.71 -0.88
N GLN C 206 -31.09 -23.09 0.28
CA GLN C 206 -30.37 -22.91 1.53
C GLN C 206 -29.07 -23.70 1.51
N ASP C 207 -29.09 -24.89 0.91
CA ASP C 207 -27.87 -25.68 0.79
C ASP C 207 -26.83 -24.95 -0.06
N GLN C 208 -27.27 -24.28 -1.13
CA GLN C 208 -26.35 -23.52 -1.96
C GLN C 208 -25.72 -22.37 -1.19
N LEU C 209 -26.54 -21.62 -0.44
CA LEU C 209 -25.96 -20.53 0.35
C LEU C 209 -24.99 -21.04 1.40
N ASP C 210 -25.37 -22.14 2.09
CA ASP C 210 -24.48 -22.75 3.06
C ASP C 210 -23.19 -23.21 2.41
N SER C 211 -23.27 -23.61 1.13
CA SER C 211 -22.09 -24.10 0.43
C SER C 211 -20.99 -23.06 0.35
N VAL C 212 -21.33 -21.75 0.43
CA VAL C 212 -20.34 -20.70 0.24
C VAL C 212 -20.28 -19.67 1.41
N ARG C 213 -20.99 -19.89 2.56
CA ARG C 213 -20.67 -19.06 3.73
C ARG C 213 -19.18 -18.91 3.96
N ASP C 214 -18.49 -20.02 3.91
CA ASP C 214 -17.14 -19.96 4.43
C ASP C 214 -16.27 -19.17 3.49
N ILE C 215 -16.63 -19.14 2.20
CA ILE C 215 -15.93 -18.27 1.29
C ILE C 215 -16.20 -16.81 1.65
N PHE C 216 -17.45 -16.48 2.00
CA PHE C 216 -17.74 -15.05 2.13
C PHE C 216 -17.46 -14.48 3.51
N LEU C 217 -17.24 -15.33 4.52
CA LEU C 217 -16.94 -14.82 5.86
C LEU C 217 -15.86 -13.73 5.91
N PRO C 218 -14.72 -13.84 5.19
CA PRO C 218 -13.74 -12.75 5.25
C PRO C 218 -14.28 -11.41 4.76
N LEU C 219 -15.17 -11.40 3.77
CA LEU C 219 -15.71 -10.13 3.29
C LEU C 219 -16.63 -9.49 4.33
N TRP C 220 -17.44 -10.31 5.01
CA TRP C 220 -18.27 -9.78 6.10
C TRP C 220 -17.41 -9.20 7.22
N THR C 221 -16.33 -9.89 7.58
CA THR C 221 -15.41 -9.36 8.60
C THR C 221 -14.81 -8.05 8.13
N HIS C 222 -14.40 -7.98 6.86
CA HIS C 222 -13.96 -6.74 6.25
C HIS C 222 -14.98 -5.63 6.46
N SER C 223 -16.26 -5.94 6.24
CA SER C 223 -17.28 -4.89 6.32
C SER C 223 -17.42 -4.38 7.74
N CYS C 224 -17.27 -5.27 8.72
CA CYS C 224 -17.32 -4.82 10.10
C CYS C 224 -16.12 -3.95 10.47
N TYR C 225 -14.94 -4.32 9.98
CA TYR C 225 -13.75 -3.55 10.35
C TYR C 225 -13.77 -2.16 9.71
N VAL C 226 -14.17 -2.06 8.44
CA VAL C 226 -14.19 -0.74 7.82
C VAL C 226 -15.33 0.13 8.38
N TYR C 227 -16.47 -0.49 8.72
CA TYR C 227 -17.51 0.28 9.40
C TYR C 227 -17.00 0.82 10.74
N ASP C 228 -16.30 -0.01 11.51
CA ASP C 228 -15.76 0.45 12.78
C ASP C 228 -14.78 1.60 12.56
N TYR C 229 -13.87 1.43 11.60
CA TYR C 229 -12.91 2.48 11.26
C TYR C 229 -13.61 3.80 11.02
N TYR C 230 -14.59 3.82 10.12
CA TYR C 230 -15.15 5.10 9.68
C TYR C 230 -16.31 5.61 10.54
N HIS C 231 -16.86 4.79 11.42
CA HIS C 231 -17.95 5.19 12.31
C HIS C 231 -17.48 5.45 13.74
N TYR C 232 -16.21 5.17 14.04
CA TYR C 232 -15.73 5.27 15.41
C TYR C 232 -15.93 6.65 16.00
N ASP C 233 -15.68 7.71 15.23
CA ASP C 233 -15.67 9.04 15.81
C ASP C 233 -17.08 9.48 16.22
N LYS C 234 -18.08 9.22 15.37
CA LYS C 234 -19.44 9.56 15.78
C LYS C 234 -19.87 8.69 16.95
N GLU C 235 -19.45 7.42 16.96
CA GLU C 235 -19.82 6.56 18.09
C GLU C 235 -19.15 7.02 19.37
N ALA C 236 -17.95 7.57 19.27
CA ALA C 236 -17.22 8.05 20.43
C ALA C 236 -17.79 9.36 20.95
N GLU C 237 -18.35 10.19 20.07
CA GLU C 237 -18.97 11.41 20.54
C GLU C 237 -20.32 11.16 21.20
N ILE C 238 -21.12 10.23 20.66
CA ILE C 238 -22.36 9.90 21.36
C ILE C 238 -22.11 9.24 22.69
N HIS C 239 -21.15 8.33 22.71
CA HIS C 239 -20.93 7.47 23.86
C HIS C 239 -20.10 8.11 24.97
N SER C 240 -19.42 9.21 24.69
CA SER C 240 -18.72 9.95 25.73
C SER C 240 -19.67 10.76 26.60
N THR C 241 -20.96 10.83 26.21
CA THR C 241 -21.98 11.50 26.99
C THR C 241 -22.87 10.48 27.68
N TYR C 242 -23.41 9.52 26.93
CA TYR C 242 -24.26 8.48 27.51
C TYR C 242 -23.40 7.24 27.71
N GLY C 243 -24.05 6.14 28.07
CA GLY C 243 -23.33 4.88 28.19
C GLY C 243 -22.08 4.91 29.04
N LYS C 244 -21.98 5.82 30.01
CA LYS C 244 -20.88 5.75 30.95
C LYS C 244 -20.99 4.44 31.70
N GLY C 245 -19.86 3.83 32.02
CA GLY C 245 -19.96 2.53 32.62
C GLY C 245 -20.40 1.47 31.65
N ARG C 246 -20.62 1.81 30.38
CA ARG C 246 -20.92 0.75 29.49
C ARG C 246 -19.90 0.86 28.38
N SER C 247 -19.60 -0.29 27.80
CA SER C 247 -18.59 -0.42 26.77
C SER C 247 -19.08 0.04 25.41
N MET C 248 -18.25 0.82 24.73
CA MET C 248 -18.52 1.19 23.35
C MET C 248 -18.37 -0.05 22.48
N ILE C 249 -19.29 -0.22 21.53
CA ILE C 249 -19.32 -1.40 20.67
C ILE C 249 -18.55 -1.02 19.40
N ASN C 250 -17.24 -1.29 19.42
CA ASN C 250 -16.36 -0.92 18.32
C ASN C 250 -15.03 -1.68 18.49
N SER C 251 -14.37 -1.95 17.36
CA SER C 251 -13.11 -2.69 17.39
C SER C 251 -12.00 -1.93 18.10
N ILE C 252 -12.08 -0.59 18.16
CA ILE C 252 -10.96 0.23 18.59
C ILE C 252 -10.71 0.15 20.10
N PRO C 253 -11.72 0.33 20.97
CA PRO C 253 -11.46 0.07 22.39
C PRO C 253 -11.01 -1.35 22.67
N LEU C 254 -11.61 -2.32 21.94
CA LEU C 254 -11.23 -3.71 22.13
C LEU C 254 -9.77 -3.95 21.76
N LEU C 255 -9.30 -3.31 20.68
CA LEU C 255 -7.90 -3.44 20.31
C LEU C 255 -7.00 -2.77 21.34
N ASN C 256 -7.47 -1.67 21.92
CA ASN C 256 -6.75 -1.10 23.05
C ASN C 256 -6.57 -2.13 24.16
N ARG C 257 -7.65 -2.82 24.51
CA ARG C 257 -7.59 -3.77 25.62
C ARG C 257 -6.73 -4.98 25.30
N LEU C 258 -6.85 -5.54 24.09
CA LEU C 258 -6.21 -6.80 23.77
C LEU C 258 -4.77 -6.64 23.31
N LYS C 259 -4.43 -5.50 22.69
CA LYS C 259 -3.11 -5.31 22.14
C LYS C 259 -2.44 -4.00 22.55
N GLY C 260 -3.06 -3.20 23.42
CA GLY C 260 -2.46 -1.96 23.87
C GLY C 260 -2.31 -0.90 22.81
N LEU C 261 -3.22 -0.85 21.85
CA LEU C 261 -3.12 0.07 20.72
C LEU C 261 -3.87 1.37 21.00
N SER C 262 -3.23 2.49 20.65
CA SER C 262 -3.92 3.76 20.62
C SER C 262 -5.02 3.71 19.56
N VAL C 263 -5.81 4.79 19.48
CA VAL C 263 -6.89 4.80 18.51
C VAL C 263 -6.30 4.85 17.10
N GLU C 264 -5.20 5.60 16.94
CA GLU C 264 -4.49 5.67 15.66
C GLU C 264 -3.93 4.30 15.25
N GLU C 265 -3.25 3.63 16.20
CA GLU C 265 -2.67 2.33 15.90
C GLU C 265 -3.77 1.30 15.63
N ALA C 266 -4.90 1.41 16.32
CA ALA C 266 -6.02 0.52 16.09
C ALA C 266 -6.60 0.71 14.70
N LYS C 267 -6.72 1.97 14.25
CA LYS C 267 -7.19 2.23 12.90
C LYS C 267 -6.24 1.67 11.85
N ALA C 268 -4.93 1.83 12.07
CA ALA C 268 -3.96 1.23 11.15
C ALA C 268 -4.11 -0.29 11.11
N TRP C 269 -4.30 -0.89 12.29
CA TRP C 269 -4.56 -2.33 12.37
C TRP C 269 -5.76 -2.71 11.53
N LEU C 270 -6.86 -1.95 11.66
CA LEU C 270 -8.08 -2.25 10.91
C LEU C 270 -7.84 -2.18 9.40
N LYS C 271 -7.13 -1.14 8.95
CA LYS C 271 -6.91 -0.97 7.52
C LYS C 271 -6.08 -2.12 6.95
N GLN C 272 -4.98 -2.45 7.64
CA GLN C 272 -4.14 -3.55 7.17
C GLN C 272 -4.91 -4.87 7.22
N ARG C 273 -5.76 -5.02 8.24
CA ARG C 273 -6.56 -6.23 8.37
C ARG C 273 -7.54 -6.37 7.23
N CYS C 274 -8.07 -5.25 6.73
CA CYS C 274 -9.03 -5.33 5.64
C CYS C 274 -8.34 -5.66 4.32
N PHE C 275 -7.09 -5.21 4.15
CA PHE C 275 -6.33 -5.68 2.98
C PHE C 275 -6.04 -7.17 3.09
N GLU C 276 -5.61 -7.63 4.26
CA GLU C 276 -5.39 -9.07 4.46
C GLU C 276 -6.66 -9.86 4.17
N LEU C 277 -7.82 -9.33 4.60
CA LEU C 277 -9.08 -10.05 4.43
C LEU C 277 -9.54 -10.07 2.98
N GLU C 278 -9.29 -8.99 2.24
CA GLU C 278 -9.49 -9.08 0.81
C GLU C 278 -8.65 -10.23 0.25
N LYS C 279 -7.39 -10.35 0.67
CA LYS C 279 -6.59 -11.34 -0.05
C LYS C 279 -7.09 -12.73 0.31
N GLU C 280 -7.49 -12.89 1.57
CA GLU C 280 -7.96 -14.18 2.09
C GLU C 280 -9.25 -14.62 1.42
N TYR C 281 -10.18 -13.67 1.22
CA TYR C 281 -11.37 -13.98 0.45
C TYR C 281 -11.00 -14.45 -0.94
N LEU C 282 -10.05 -13.77 -1.59
CA LEU C 282 -9.68 -14.18 -2.94
C LEU C 282 -9.07 -15.58 -2.94
N GLN C 283 -8.27 -15.89 -1.92
CA GLN C 283 -7.73 -17.24 -1.78
CA GLN C 283 -7.72 -17.24 -1.80
C GLN C 283 -8.84 -18.27 -1.67
N ARG C 284 -9.81 -18.01 -0.81
CA ARG C 284 -10.91 -18.95 -0.61
C ARG C 284 -11.75 -19.10 -1.87
N LYS C 285 -11.99 -17.99 -2.57
CA LYS C 285 -12.79 -18.02 -3.81
C LYS C 285 -12.09 -18.81 -4.89
N GLU C 286 -10.77 -18.63 -5.00
CA GLU C 286 -9.98 -19.26 -6.03
C GLU C 286 -9.86 -20.78 -5.76
N ASP C 287 -9.80 -21.14 -4.46
CA ASP C 287 -9.86 -22.56 -4.09
C ASP C 287 -11.22 -23.15 -4.36
N TYR C 288 -12.30 -22.42 -4.05
CA TYR C 288 -13.65 -22.91 -4.33
C TYR C 288 -13.83 -23.20 -5.82
N PHE C 289 -13.42 -22.25 -6.65
CA PHE C 289 -13.63 -22.44 -8.08
C PHE C 289 -12.63 -23.39 -8.71
N SER C 290 -11.58 -23.80 -7.97
CA SER C 290 -10.76 -24.88 -8.50
C SER C 290 -11.41 -26.24 -8.26
N GLU C 291 -12.05 -26.42 -7.11
CA GLU C 291 -12.81 -27.65 -6.85
C GLU C 291 -14.08 -27.68 -7.70
N ASN C 292 -14.73 -26.53 -7.88
CA ASN C 292 -16.00 -26.41 -8.59
C ASN C 292 -15.84 -25.40 -9.72
N PRO C 293 -15.50 -25.84 -10.92
CA PRO C 293 -15.22 -24.89 -12.02
C PRO C 293 -16.44 -24.04 -12.34
N VAL C 294 -16.17 -22.84 -12.86
CA VAL C 294 -17.22 -21.83 -13.04
C VAL C 294 -18.28 -22.31 -14.02
N GLU C 295 -17.86 -23.08 -15.04
CA GLU C 295 -18.80 -23.52 -16.06
C GLU C 295 -19.80 -24.54 -15.54
N ALA C 296 -19.54 -25.15 -14.37
CA ALA C 296 -20.44 -26.13 -13.78
C ALA C 296 -21.11 -25.62 -12.51
N VAL C 297 -20.89 -24.36 -12.14
CA VAL C 297 -21.58 -23.76 -10.99
C VAL C 297 -22.88 -23.11 -11.46
N PRO C 298 -23.99 -23.34 -10.77
CA PRO C 298 -25.24 -22.67 -11.15
C PRO C 298 -25.13 -21.15 -11.27
N VAL C 299 -25.84 -20.63 -12.28
CA VAL C 299 -25.75 -19.23 -12.67
C VAL C 299 -26.09 -18.32 -11.49
N ASP C 300 -27.13 -18.66 -10.73
CA ASP C 300 -27.51 -17.80 -9.62
C ASP C 300 -26.44 -17.81 -8.52
N LEU C 301 -25.70 -18.90 -8.37
CA LEU C 301 -24.59 -18.93 -7.42
C LEU C 301 -23.46 -18.00 -7.87
N ARG C 302 -23.17 -17.98 -9.18
CA ARG C 302 -22.18 -17.04 -9.67
C ARG C 302 -22.64 -15.59 -9.48
N ARG C 303 -23.92 -15.33 -9.72
CA ARG C 303 -24.47 -14.02 -9.42
C ARG C 303 -24.35 -13.69 -7.94
N TRP C 304 -24.47 -14.70 -7.07
CA TRP C 304 -24.31 -14.50 -5.64
C TRP C 304 -22.89 -14.06 -5.30
N PHE C 305 -21.89 -14.65 -5.97
CA PHE C 305 -20.52 -14.17 -5.78
C PHE C 305 -20.40 -12.70 -6.18
N LEU C 306 -20.99 -12.33 -7.32
CA LEU C 306 -20.97 -10.94 -7.74
C LEU C 306 -21.63 -10.03 -6.70
N SER C 307 -22.79 -10.45 -6.18
CA SER C 307 -23.51 -9.66 -5.19
C SER C 307 -22.71 -9.50 -3.90
N GLN C 308 -22.03 -10.55 -3.46
CA GLN C 308 -21.27 -10.48 -2.23
C GLN C 308 -20.08 -9.53 -2.37
N GLU C 309 -19.38 -9.62 -3.51
CA GLU C 309 -18.29 -8.69 -3.75
C GLU C 309 -18.79 -7.25 -3.86
N ASP C 310 -19.96 -7.06 -4.48
CA ASP C 310 -20.57 -5.74 -4.53
C ASP C 310 -20.83 -5.21 -3.13
N LEU C 311 -21.42 -6.06 -2.28
CA LEU C 311 -21.68 -5.68 -0.91
C LEU C 311 -20.42 -5.19 -0.22
N ALA C 312 -19.34 -5.98 -0.31
CA ALA C 312 -18.12 -5.64 0.39
C ALA C 312 -17.50 -4.34 -0.16
N THR C 313 -17.29 -4.27 -1.48
CA THR C 313 -16.61 -3.11 -2.04
C THR C 313 -17.45 -1.84 -1.94
N GLY C 314 -18.74 -1.92 -2.23
CA GLY C 314 -19.61 -0.76 -2.11
C GLY C 314 -19.70 -0.25 -0.69
N PHE C 315 -19.80 -1.17 0.28
CA PHE C 315 -19.81 -0.73 1.67
C PHE C 315 -18.49 -0.07 2.02
N ALA C 316 -17.37 -0.60 1.52
CA ALA C 316 -16.07 -0.02 1.82
C ALA C 316 -15.97 1.40 1.28
N ILE C 317 -16.36 1.62 0.03
CA ILE C 317 -16.24 2.97 -0.53
C ILE C 317 -17.27 3.91 0.09
N TRP C 318 -18.42 3.36 0.52
CA TRP C 318 -19.48 4.21 1.06
C TRP C 318 -19.18 4.71 2.46
N CYS C 319 -18.71 3.83 3.37
CA CYS C 319 -18.42 4.29 4.73
C CYS C 319 -17.28 5.30 4.72
N ALA C 320 -16.40 5.22 3.73
CA ALA C 320 -15.30 6.18 3.68
C ALA C 320 -15.75 7.55 3.19
N THR C 321 -16.96 7.67 2.66
CA THR C 321 -17.41 8.91 2.05
C THR C 321 -18.80 9.35 2.47
N THR C 322 -19.64 8.46 2.99
CA THR C 322 -21.05 8.79 3.17
C THR C 322 -21.21 9.88 4.22
N TYR C 323 -22.32 10.62 4.11
CA TYR C 323 -22.67 11.57 5.15
C TYR C 323 -23.16 10.89 6.42
N HIS C 324 -23.34 9.57 6.40
CA HIS C 324 -23.64 8.84 7.63
C HIS C 324 -22.45 8.83 8.58
N ASN C 325 -21.23 8.94 8.05
CA ASN C 325 -20.03 8.90 8.86
C ASN C 325 -19.16 10.14 8.76
N HIS C 326 -19.52 11.12 7.93
CA HIS C 326 -18.59 12.21 7.64
C HIS C 326 -19.35 13.51 7.46
N PRO C 327 -18.71 14.64 7.75
CA PRO C 327 -19.35 15.92 7.52
C PRO C 327 -19.69 16.10 6.06
N PRO C 328 -20.71 16.93 5.74
CA PRO C 328 -21.53 17.74 6.64
C PRO C 328 -22.77 17.02 7.17
N PHE C 329 -22.68 15.70 7.25
CA PHE C 329 -23.70 14.83 7.85
C PHE C 329 -25.04 15.13 7.20
N GLY C 330 -26.12 15.31 7.97
CA GLY C 330 -27.43 15.53 7.37
C GLY C 330 -27.47 16.73 6.44
N GLU C 331 -26.64 17.76 6.72
CA GLU C 331 -26.62 18.94 5.87
C GLU C 331 -26.31 18.57 4.43
N GLY C 332 -25.52 17.51 4.22
CA GLY C 332 -25.16 17.07 2.89
C GLY C 332 -26.32 16.60 2.04
N TYR C 333 -27.52 16.48 2.62
CA TYR C 333 -28.70 16.18 1.83
C TYR C 333 -29.20 17.40 1.08
N ALA C 334 -28.82 18.59 1.54
CA ALA C 334 -29.49 19.79 1.04
C ALA C 334 -29.16 20.04 -0.42
N ALA C 335 -27.90 19.86 -0.85
CA ALA C 335 -27.59 20.17 -2.25
C ALA C 335 -28.21 19.17 -3.21
N PRO C 336 -28.08 17.85 -3.03
CA PRO C 336 -28.77 16.93 -3.96
C PRO C 336 -30.29 17.10 -3.99
N TYR C 337 -30.95 17.21 -2.83
CA TYR C 337 -32.40 17.38 -2.76
C TYR C 337 -32.82 18.54 -3.64
N GLU C 338 -32.11 19.64 -3.37
CA GLU C 338 -32.26 20.94 -3.94
C GLU C 338 -31.93 20.81 -5.44
N LYS C 339 -30.91 20.01 -5.76
CA LYS C 339 -30.54 19.74 -7.17
C LYS C 339 -31.58 18.84 -7.90
N ARG C 340 -32.23 17.93 -7.19
CA ARG C 340 -33.22 17.09 -7.85
C ARG C 340 -34.62 17.71 -7.94
N ARG C 341 -34.97 18.70 -7.09
CA ARG C 341 -36.28 19.34 -7.18
C ARG C 341 -36.33 20.28 -8.38
N LYS C 342 -35.20 20.92 -8.64
CA LYS C 342 -35.17 21.87 -9.73
C LYS C 342 -35.32 21.15 -11.05
N GLU C 343 -34.90 19.89 -11.10
CA GLU C 343 -35.16 19.05 -12.26
C GLU C 343 -36.59 18.52 -12.26
N GLY C 344 -37.41 18.93 -11.29
CA GLY C 344 -38.81 18.62 -11.27
C GLY C 344 -39.18 17.28 -10.69
N ALA C 345 -38.36 16.71 -9.81
CA ALA C 345 -38.73 15.46 -9.18
C ALA C 345 -39.83 15.68 -8.16
N LEU C 346 -40.83 14.80 -8.19
CA LEU C 346 -42.00 14.91 -7.33
C LEU C 346 -41.93 13.85 -6.22
N TRP C 347 -42.27 14.26 -5.01
CA TRP C 347 -42.32 13.37 -3.86
C TRP C 347 -43.65 13.58 -3.14
N PHE C 348 -44.22 12.47 -2.65
CA PHE C 348 -45.36 12.56 -1.75
C PHE C 348 -45.00 13.37 -0.51
N GLU C 349 -45.91 14.25 -0.09
CA GLU C 349 -45.65 15.02 1.11
C GLU C 349 -45.87 14.21 2.37
N LYS C 350 -46.79 13.26 2.35
CA LYS C 350 -47.03 12.35 3.46
C LYS C 350 -46.97 10.91 2.98
N VAL C 351 -46.51 10.03 3.85
CA VAL C 351 -46.41 8.62 3.51
C VAL C 351 -47.79 7.96 3.43
N THR C 352 -48.82 8.58 4.01
CA THR C 352 -50.19 8.07 3.98
C THR C 352 -50.90 8.41 2.69
N GLU C 353 -50.31 9.32 1.93
CA GLU C 353 -51.00 9.99 0.83
C GLU C 353 -51.35 8.97 -0.25
N SER C 354 -50.48 7.98 -0.44
CA SER C 354 -50.52 7.00 -1.51
C SER C 354 -50.13 5.62 -0.97
N ASP C 355 -50.59 4.56 -1.64
CA ASP C 355 -50.16 3.19 -1.36
C ASP C 355 -48.83 2.83 -2.02
N GLN C 356 -48.32 3.65 -2.93
CA GLN C 356 -47.07 3.36 -3.61
C GLN C 356 -45.90 4.00 -2.90
N LEU C 357 -44.69 3.49 -3.19
CA LEU C 357 -43.47 4.02 -2.59
C LEU C 357 -43.20 5.44 -3.07
N MET C 358 -43.28 5.67 -4.38
CA MET C 358 -42.89 6.95 -4.95
C MET C 358 -43.92 7.40 -5.97
N THR C 359 -43.84 8.69 -6.33
CA THR C 359 -44.80 9.31 -7.25
C THR C 359 -44.96 8.51 -8.54
N GLY C 360 -43.87 7.94 -9.05
CA GLY C 360 -43.93 7.14 -10.26
C GLY C 360 -43.94 5.64 -10.04
N GLY C 361 -44.31 5.20 -8.84
CA GLY C 361 -44.24 3.79 -8.49
C GLY C 361 -42.95 3.41 -7.79
N PHE C 362 -41.88 3.26 -8.57
CA PHE C 362 -40.54 3.00 -8.05
C PHE C 362 -39.56 3.97 -8.69
N GLU C 363 -40.10 5.07 -9.20
CA GLU C 363 -39.40 6.14 -9.88
C GLU C 363 -40.08 7.42 -9.40
N VAL C 364 -39.58 8.55 -9.82
CA VAL C 364 -40.30 9.80 -9.57
C VAL C 364 -41.04 10.17 -10.84
N ARG C 365 -42.15 10.87 -10.68
CA ARG C 365 -42.83 11.51 -11.79
C ARG C 365 -42.27 12.90 -11.99
N TYR C 366 -42.54 13.47 -13.17
CA TYR C 366 -42.12 14.80 -13.58
C TYR C 366 -40.61 14.90 -13.76
N ALA C 367 -39.85 13.85 -13.42
CA ALA C 367 -38.42 13.79 -13.69
C ALA C 367 -38.02 12.34 -13.97
N ASN C 368 -36.80 11.94 -13.60
CA ASN C 368 -36.36 10.58 -13.87
C ASN C 368 -36.69 9.66 -12.70
N ASN D 2 30.86 18.95 27.82
CA ASN D 2 31.16 20.31 27.40
C ASN D 2 32.65 20.60 27.53
N ALA D 3 33.28 21.04 26.45
CA ALA D 3 34.64 21.58 26.48
C ALA D 3 34.70 22.82 25.61
N GLU D 4 33.74 23.73 25.85
CA GLU D 4 33.55 24.88 24.97
C GLU D 4 34.70 25.87 25.03
N GLY D 5 35.45 25.90 26.13
CA GLY D 5 36.69 26.64 26.21
C GLY D 5 37.92 25.78 26.05
N LEU D 6 37.75 24.48 25.80
CA LEU D 6 38.84 23.52 25.76
C LEU D 6 39.69 23.60 27.03
N ARG D 7 39.02 23.64 28.18
CA ARG D 7 39.70 23.65 29.46
C ARG D 7 40.04 22.25 29.95
N ARG D 8 39.44 21.21 29.37
CA ARG D 8 39.67 19.85 29.86
C ARG D 8 41.11 19.45 29.58
N HIS D 9 41.82 18.96 30.61
CA HIS D 9 43.19 18.52 30.43
C HIS D 9 43.44 17.08 30.86
N SER D 10 42.45 16.37 31.38
CA SER D 10 42.73 15.00 31.85
C SER D 10 41.64 14.01 31.48
N VAL D 11 40.86 14.28 30.43
CA VAL D 11 39.63 13.54 30.19
C VAL D 11 39.30 13.52 28.70
N MET D 12 38.60 12.46 28.28
CA MET D 12 38.05 12.34 26.94
C MET D 12 36.58 11.96 27.02
N LEU D 13 35.82 12.35 25.99
CA LEU D 13 34.41 12.00 25.95
C LEU D 13 34.27 10.48 25.85
N ASP D 14 33.33 9.94 26.62
CA ASP D 14 33.01 8.53 26.49
C ASP D 14 32.56 8.25 25.06
N CYS D 15 32.78 7.03 24.59
CA CYS D 15 32.38 6.78 23.22
C CYS D 15 30.87 6.63 23.23
N LYS D 16 30.23 7.03 22.13
CA LYS D 16 28.77 6.91 21.99
C LYS D 16 28.24 5.55 22.46
N LEU D 17 28.54 5.23 23.72
CA LEU D 17 27.95 4.16 24.51
C LEU D 17 26.88 4.72 25.43
N TRP D 18 26.24 5.81 25.03
CA TRP D 18 25.32 6.54 25.89
C TRP D 18 24.32 7.36 25.09
N LYS D 19 24.69 7.75 23.86
CA LYS D 19 24.03 8.83 23.14
C LYS D 19 22.52 8.75 23.16
N ASP D 20 21.93 7.75 22.49
CA ASP D 20 20.48 7.58 22.53
C ASP D 20 20.08 6.29 23.21
N ASP D 21 20.96 5.76 24.07
CA ASP D 21 20.68 4.56 24.83
C ASP D 21 19.61 4.84 25.87
N PRO D 22 18.50 4.10 25.89
CA PRO D 22 17.41 4.40 26.83
C PRO D 22 17.80 4.30 28.29
N ILE D 23 18.91 3.61 28.61
CA ILE D 23 19.32 3.49 30.01
C ILE D 23 20.07 4.71 30.53
N TYR D 24 20.48 5.60 29.64
CA TYR D 24 21.24 6.80 30.02
C TYR D 24 20.30 8.00 30.06
N PHE D 25 20.13 8.59 31.24
CA PHE D 25 19.08 9.58 31.48
C PHE D 25 19.54 11.02 31.25
N PHE D 26 20.28 11.26 30.18
CA PHE D 26 20.64 12.60 29.70
C PHE D 26 20.45 12.58 28.19
N LYS D 27 20.03 13.72 27.63
CA LYS D 27 19.86 13.75 26.18
C LYS D 27 20.98 14.47 25.45
N THR D 28 21.54 15.52 26.04
CA THR D 28 22.67 16.21 25.42
C THR D 28 23.95 16.10 26.21
N LEU D 29 23.90 16.22 27.54
CA LEU D 29 25.11 16.23 28.35
C LEU D 29 25.83 14.89 28.21
N PRO D 30 27.08 14.89 27.76
CA PRO D 30 27.79 13.63 27.55
C PRO D 30 28.61 13.23 28.76
N PRO D 31 28.74 11.93 29.02
CA PRO D 31 29.68 11.49 30.04
C PRO D 31 31.10 11.55 29.51
N TYR D 32 32.03 11.73 30.44
CA TYR D 32 33.44 11.82 30.13
C TYR D 32 34.17 10.79 30.99
N ILE D 33 35.35 10.38 30.54
CA ILE D 33 36.12 9.38 31.26
C ILE D 33 37.58 9.84 31.34
N SER D 34 38.19 9.64 32.51
CA SER D 34 39.60 9.97 32.70
C SER D 34 40.46 9.20 31.71
N LYS D 35 41.49 9.87 31.19
CA LYS D 35 42.50 9.18 30.38
C LYS D 35 43.24 8.11 31.18
N TYR D 36 43.15 8.14 32.51
CA TYR D 36 43.86 7.22 33.41
C TYR D 36 42.87 6.28 34.09
N ALA D 37 41.86 5.88 33.31
CA ALA D 37 40.82 5.01 33.81
C ALA D 37 41.40 3.69 34.29
N GLN D 38 42.46 3.21 33.66
CA GLN D 38 42.94 1.97 34.23
C GLN D 38 43.71 2.15 35.54
N ARG D 39 44.33 3.29 35.76
CA ARG D 39 44.82 3.52 37.11
C ARG D 39 43.67 3.44 38.09
N ALA D 40 42.49 3.95 37.70
CA ALA D 40 41.32 3.85 38.57
C ALA D 40 40.94 2.38 38.85
N ASP D 41 40.86 1.58 37.78
CA ASP D 41 40.46 0.18 37.94
C ASP D 41 41.47 -0.61 38.78
N ASP D 42 42.77 -0.35 38.57
CA ASP D 42 43.81 -1.00 39.35
C ASP D 42 43.69 -0.64 40.83
N ALA D 43 43.40 0.63 41.12
CA ALA D 43 43.22 1.03 42.52
C ALA D 43 42.03 0.32 43.14
N SER D 44 40.99 0.10 42.34
CA SER D 44 39.83 -0.63 42.85
C SER D 44 40.19 -2.07 43.18
N ILE D 45 40.97 -2.72 42.30
CA ILE D 45 41.45 -4.08 42.59
C ILE D 45 42.29 -4.10 43.88
N GLN D 46 43.20 -3.13 44.02
CA GLN D 46 44.02 -3.06 45.23
C GLN D 46 43.16 -2.96 46.47
N ALA D 47 42.15 -2.07 46.45
CA ALA D 47 41.23 -1.98 47.58
C ALA D 47 40.57 -3.32 47.86
N GLN D 48 40.13 -4.02 46.80
CA GLN D 48 39.46 -5.29 46.97
C GLN D 48 40.38 -6.32 47.63
N ILE D 49 41.66 -6.31 47.26
CA ILE D 49 42.61 -7.22 47.88
C ILE D 49 42.90 -6.81 49.32
N ASP D 50 43.02 -5.51 49.55
CA ASP D 50 43.33 -5.00 50.88
C ASP D 50 42.22 -5.31 51.88
N VAL D 51 40.99 -5.51 51.42
CA VAL D 51 39.94 -5.90 52.36
C VAL D 51 39.75 -7.42 52.36
N PHE D 52 39.52 -8.00 51.19
CA PHE D 52 39.14 -9.42 51.10
C PHE D 52 40.31 -10.39 50.93
N GLY D 53 41.47 -9.92 50.49
CA GLY D 53 42.55 -10.79 50.09
C GLY D 53 42.50 -11.10 48.61
N LYS D 54 43.69 -11.46 48.07
CA LYS D 54 43.84 -11.58 46.63
C LYS D 54 42.97 -12.68 46.03
N ASP D 55 42.57 -13.66 46.83
CA ASP D 55 41.82 -14.77 46.24
C ASP D 55 40.33 -14.53 46.32
N ASP D 56 39.89 -13.35 46.82
CA ASP D 56 38.45 -13.30 46.91
C ASP D 56 37.96 -11.96 46.41
N VAL D 57 38.53 -11.49 45.30
CA VAL D 57 38.13 -10.25 44.64
C VAL D 57 36.71 -10.36 44.08
N GLY D 58 35.88 -9.38 44.42
CA GLY D 58 34.48 -9.39 44.02
C GLY D 58 33.53 -9.91 45.08
N ALA D 59 33.99 -10.04 46.33
CA ALA D 59 33.11 -10.44 47.41
C ALA D 59 31.98 -9.44 47.58
N MET D 60 32.24 -8.16 47.31
CA MET D 60 31.24 -7.11 47.30
C MET D 60 31.54 -6.26 46.07
N PRO D 61 30.54 -5.97 45.24
CA PRO D 61 30.82 -5.15 44.05
C PRO D 61 31.03 -3.70 44.45
N GLY D 62 32.03 -3.07 43.84
CA GLY D 62 32.33 -1.69 44.15
C GLY D 62 32.16 -0.73 43.00
N ALA D 63 33.28 -0.21 42.50
CA ALA D 63 33.26 0.87 41.52
C ALA D 63 33.33 0.39 40.07
N LEU D 64 33.66 -0.87 39.83
CA LEU D 64 33.86 -1.35 38.47
C LEU D 64 32.57 -1.33 37.66
N GLY D 65 32.71 -1.18 36.35
CA GLY D 65 31.59 -1.19 35.45
C GLY D 65 32.03 -1.39 34.01
N PRO D 66 31.18 -2.02 33.20
CA PRO D 66 31.55 -2.27 31.80
C PRO D 66 31.76 -1.01 30.98
N ARG D 67 31.16 0.11 31.40
CA ARG D 67 31.29 1.38 30.69
C ARG D 67 32.11 2.39 31.48
N GLY D 68 32.99 1.90 32.35
CA GLY D 68 33.88 2.78 33.08
C GLY D 68 33.78 2.72 34.60
N ASN D 69 34.93 2.85 35.26
CA ASN D 69 34.97 2.90 36.72
C ASN D 69 34.24 4.13 37.24
N PHE D 70 33.59 3.96 38.40
CA PHE D 70 32.86 5.05 39.03
C PHE D 70 33.72 6.31 39.12
N ALA D 71 34.94 6.18 39.64
CA ALA D 71 35.83 7.33 39.75
C ALA D 71 36.31 7.79 38.38
N ALA D 72 36.48 6.85 37.44
CA ALA D 72 37.01 7.24 36.13
C ALA D 72 36.03 8.08 35.34
N VAL D 73 34.73 7.93 35.58
CA VAL D 73 33.72 8.70 34.86
C VAL D 73 33.22 9.89 35.68
N THR D 74 33.04 9.74 37.00
CA THR D 74 32.50 10.85 37.78
C THR D 74 33.56 11.89 38.13
N PHE D 75 34.82 11.50 38.25
CA PHE D 75 35.88 12.46 38.50
C PHE D 75 36.85 12.44 37.33
N ALA D 76 36.26 12.49 36.13
CA ALA D 76 37.02 12.26 34.91
C ALA D 76 38.15 13.27 34.73
N GLU D 77 37.98 14.49 35.23
CA GLU D 77 38.94 15.57 35.02
C GLU D 77 40.03 15.63 36.08
N SER D 78 40.25 14.55 36.83
CA SER D 78 41.22 14.56 37.92
C SER D 78 42.63 14.18 37.45
N PHE D 79 43.62 14.66 38.20
CA PHE D 79 44.99 14.29 37.93
C PHE D 79 45.21 12.80 38.21
N PRO D 80 46.11 12.13 37.48
CA PRO D 80 46.20 10.66 37.54
C PRO D 80 46.38 10.08 38.95
N ASP D 81 47.34 10.58 39.72
CA ASP D 81 47.49 10.14 41.10
C ASP D 81 46.17 10.26 41.85
N ARG D 82 45.48 11.39 41.67
CA ARG D 82 44.25 11.65 42.40
C ARG D 82 43.11 10.75 41.92
N VAL D 83 43.10 10.38 40.64
CA VAL D 83 42.06 9.49 40.15
C VAL D 83 42.27 8.09 40.73
N ALA D 84 43.52 7.67 40.89
CA ALA D 84 43.79 6.42 41.60
C ALA D 84 43.32 6.50 43.05
N MET D 85 43.65 7.61 43.72
CA MET D 85 43.24 7.78 45.11
C MET D 85 41.73 7.73 45.25
N LEU D 86 41.00 8.39 44.35
CA LEU D 86 39.55 8.44 44.45
C LEU D 86 38.92 7.08 44.14
N ALA D 87 39.46 6.36 43.15
CA ALA D 87 38.94 5.03 42.85
C ALA D 87 39.11 4.10 44.05
N TYR D 88 40.30 4.11 44.66
CA TYR D 88 40.53 3.29 45.84
C TYR D 88 39.57 3.67 46.96
N LEU D 89 39.46 4.96 47.25
CA LEU D 89 38.65 5.41 48.38
C LEU D 89 37.18 5.05 48.19
N ASN D 90 36.66 5.23 46.98
CA ASN D 90 35.24 4.92 46.77
C ASN D 90 35.01 3.42 46.72
N GLU D 91 36.00 2.65 46.26
CA GLU D 91 35.88 1.20 46.36
C GLU D 91 35.78 0.77 47.82
N VAL D 92 36.55 1.39 48.70
CA VAL D 92 36.52 0.99 50.10
C VAL D 92 35.22 1.45 50.76
N LEU D 93 34.73 2.63 50.37
CA LEU D 93 33.47 3.12 50.93
C LEU D 93 32.23 2.37 50.42
N SER D 94 32.32 1.72 49.26
CA SER D 94 31.21 0.88 48.80
C SER D 94 30.96 -0.28 49.76
N PHE D 95 31.94 -0.64 50.60
CA PHE D 95 31.80 -1.75 51.55
C PHE D 95 31.27 -1.30 52.90
N TYR D 96 30.82 -0.05 53.02
CA TYR D 96 30.59 0.55 54.33
C TYR D 96 29.39 -0.07 55.04
N GLU D 97 28.26 -0.20 54.34
CA GLU D 97 27.03 -0.68 54.98
C GLU D 97 27.10 -2.15 55.40
N CYS D 98 28.21 -2.84 55.11
CA CYS D 98 28.39 -4.23 55.52
C CYS D 98 29.37 -4.35 56.69
N PHE D 99 30.23 -3.36 56.90
CA PHE D 99 31.20 -3.37 57.99
C PHE D 99 30.97 -2.20 58.95
N GLU D 100 29.93 -1.40 58.72
CA GLU D 100 29.49 -0.27 59.56
C GLU D 100 30.57 0.34 60.45
N TYR D 122 29.31 -10.60 55.98
CA TYR D 122 30.75 -10.63 56.09
C TYR D 122 31.21 -10.54 57.54
N ASP D 123 30.83 -11.54 58.33
CA ASP D 123 31.24 -11.64 59.72
C ASP D 123 32.66 -12.18 59.86
N ASN D 124 33.40 -12.30 58.77
CA ASN D 124 34.77 -12.77 58.80
C ASN D 124 35.61 -11.88 59.71
N PRO D 125 36.19 -12.43 60.79
CA PRO D 125 37.12 -11.61 61.60
C PRO D 125 38.30 -11.14 60.78
N VAL D 126 38.70 -11.88 59.75
CA VAL D 126 39.84 -11.46 58.95
C VAL D 126 39.45 -10.34 58.00
N TRP D 127 38.22 -10.37 57.49
CA TRP D 127 37.80 -9.28 56.62
C TRP D 127 37.49 -8.02 57.41
N GLN D 128 37.06 -8.15 58.66
CA GLN D 128 36.82 -6.94 59.43
C GLN D 128 38.13 -6.34 59.92
N ALA D 129 39.11 -7.18 60.28
CA ALA D 129 40.43 -6.66 60.62
C ALA D 129 41.05 -5.97 59.40
N ASN D 130 40.92 -6.58 58.22
CA ASN D 130 41.46 -5.96 57.01
C ASN D 130 40.73 -4.67 56.68
N TYR D 131 39.40 -4.63 56.85
CA TYR D 131 38.65 -3.41 56.54
C TYR D 131 39.05 -2.28 57.46
N LYS D 132 39.21 -2.56 58.76
CA LYS D 132 39.65 -1.53 59.68
C LYS D 132 41.06 -1.05 59.33
N ASN D 133 41.94 -1.96 58.95
CA ASN D 133 43.29 -1.53 58.56
C ASN D 133 43.24 -0.66 57.30
N THR D 134 42.37 -1.00 56.35
CA THR D 134 42.24 -0.21 55.13
C THR D 134 41.66 1.17 55.42
N MET D 135 40.68 1.24 56.33
CA MET D 135 40.06 2.51 56.68
C MET D 135 40.96 3.33 57.58
N THR D 136 41.99 2.72 58.16
CA THR D 136 43.04 3.52 58.76
C THR D 136 44.02 4.03 57.71
N LYS D 137 44.33 3.20 56.71
CA LYS D 137 45.43 3.55 55.82
C LYS D 137 45.04 4.65 54.83
N TRP D 138 43.92 4.50 54.12
CA TRP D 138 43.65 5.41 53.02
C TRP D 138 43.49 6.88 53.43
N PRO D 139 42.92 7.24 54.59
CA PRO D 139 42.81 8.68 54.89
C PRO D 139 44.15 9.35 55.07
N LYS D 140 45.15 8.61 55.54
CA LYS D 140 46.47 9.17 55.75
C LYS D 140 47.19 9.43 54.40
N ILE D 141 47.05 8.50 53.47
CA ILE D 141 47.58 8.73 52.13
C ILE D 141 46.85 9.89 51.45
N LEU D 142 45.54 9.99 51.65
CA LEU D 142 44.78 11.08 51.04
C LEU D 142 45.22 12.43 51.59
N GLU D 143 45.25 12.57 52.92
CA GLU D 143 45.63 13.85 53.50
C GLU D 143 47.12 14.15 53.34
N ASN D 144 47.91 13.16 52.92
CA ASN D 144 49.30 13.46 52.60
C ASN D 144 49.48 13.90 51.15
N LEU D 145 48.59 13.43 50.27
CA LEU D 145 48.63 13.89 48.89
C LEU D 145 48.20 15.35 48.77
N ASP D 146 47.17 15.76 49.51
CA ASP D 146 46.70 17.14 49.52
C ASP D 146 46.33 17.54 50.95
N PRO D 147 47.22 18.25 51.66
CA PRO D 147 46.90 18.64 53.04
C PRO D 147 45.80 19.68 53.15
N LYS D 148 45.44 20.35 52.05
CA LYS D 148 44.38 21.37 52.11
C LYS D 148 43.01 20.79 51.81
N LEU D 149 42.88 20.02 50.73
CA LEU D 149 41.58 19.50 50.32
C LEU D 149 41.34 18.09 50.84
N GLY D 150 42.39 17.33 51.12
CA GLY D 150 42.27 15.99 51.62
C GLY D 150 41.42 15.80 52.87
N PRO D 151 41.70 16.57 53.93
CA PRO D 151 40.92 16.43 55.19
C PRO D 151 39.43 16.67 55.05
N LYS D 152 39.03 17.51 54.09
CA LYS D 152 37.63 17.85 53.84
C LYS D 152 36.81 16.59 53.60
N CYS D 153 37.40 15.59 52.95
CA CYS D 153 36.67 14.37 52.62
C CYS D 153 36.32 13.58 53.87
N VAL D 154 37.29 13.43 54.78
CA VAL D 154 37.02 12.69 55.99
C VAL D 154 36.09 13.47 56.90
N LYS D 155 36.22 14.81 56.93
CA LYS D 155 35.31 15.60 57.74
C LYS D 155 33.89 15.55 57.21
N SER D 156 33.72 15.52 55.88
CA SER D 156 32.39 15.38 55.29
C SER D 156 31.80 14.02 55.60
N LEU D 157 32.63 12.97 55.60
CA LEU D 157 32.12 11.65 55.91
C LEU D 157 31.71 11.54 57.37
N VAL D 158 32.49 12.14 58.27
CA VAL D 158 32.14 12.13 59.69
C VAL D 158 30.85 12.91 59.92
N ALA D 159 30.71 14.06 59.25
CA ALA D 159 29.49 14.85 59.39
C ALA D 159 28.28 14.12 58.82
N LEU D 160 28.50 13.24 57.83
CA LEU D 160 27.38 12.48 57.28
C LEU D 160 26.94 11.38 58.24
N VAL D 161 27.90 10.76 58.95
CA VAL D 161 27.57 9.69 59.88
C VAL D 161 26.75 10.23 61.05
N GLU D 162 26.94 11.50 61.39
CA GLU D 162 26.14 12.18 62.40
C GLU D 162 24.92 12.88 61.85
N GLY D 163 24.48 12.53 60.69
CA GLY D 163 23.37 13.25 60.13
C GLY D 163 22.11 12.64 60.62
N THR D 164 21.02 13.41 60.53
CA THR D 164 19.77 12.83 60.98
C THR D 164 19.39 11.64 60.11
N ASP D 165 18.77 10.67 60.77
CA ASP D 165 18.19 9.49 60.15
C ASP D 165 17.05 9.85 59.21
N MET D 166 17.08 9.24 58.03
CA MET D 166 16.06 9.48 57.03
C MET D 166 14.90 8.50 57.15
N GLU D 167 15.11 7.35 57.80
CA GLU D 167 14.06 6.33 57.88
C GLU D 167 12.80 6.87 58.54
N PRO D 168 12.85 7.52 59.71
CA PRO D 168 11.59 8.05 60.28
C PRO D 168 10.96 9.14 59.44
N LYS D 169 11.71 9.77 58.52
CA LYS D 169 11.16 10.83 57.69
C LYS D 169 10.40 10.30 56.48
N MET D 170 10.66 9.06 56.07
CA MET D 170 10.14 8.56 54.79
C MET D 170 8.61 8.59 54.74
N ALA D 171 7.96 8.27 55.85
CA ALA D 171 6.50 8.21 55.84
C ALA D 171 5.83 9.56 55.92
N HIS D 172 6.60 10.66 56.05
CA HIS D 172 6.03 11.97 56.28
C HIS D 172 6.36 13.02 55.23
N TYR D 173 7.30 12.75 54.32
CA TYR D 173 7.57 13.67 53.23
C TYR D 173 6.28 13.97 52.47
N LYS D 174 6.04 15.25 52.20
CA LYS D 174 4.88 15.67 51.44
C LYS D 174 5.22 16.15 50.04
N THR D 175 6.50 16.29 49.70
CA THR D 175 6.95 16.64 48.37
C THR D 175 8.18 15.84 48.00
N MET D 176 8.32 15.54 46.71
CA MET D 176 9.51 14.84 46.23
C MET D 176 10.78 15.66 46.46
N LYS D 177 10.66 16.98 46.46
CA LYS D 177 11.83 17.85 46.58
C LYS D 177 12.51 17.70 47.93
N GLU D 178 11.73 17.70 49.02
CA GLU D 178 12.32 17.50 50.34
C GLU D 178 12.98 16.13 50.45
N TYR D 179 12.33 15.10 49.93
CA TYR D 179 12.94 13.78 49.90
C TYR D 179 14.30 13.84 49.21
N ALA D 180 14.36 14.48 48.04
CA ALA D 180 15.61 14.53 47.30
C ALA D 180 16.69 15.28 48.07
N LEU D 181 16.31 16.38 48.72
CA LEU D 181 17.29 17.17 49.47
C LEU D 181 17.85 16.38 50.64
N ASP D 182 17.09 15.43 51.18
CA ASP D 182 17.71 14.57 52.18
C ASP D 182 18.48 13.41 51.54
N ARG D 183 17.99 12.89 50.40
CA ARG D 183 18.61 11.73 49.77
C ARG D 183 20.01 12.04 49.26
N THR D 184 20.24 13.28 48.80
CA THR D 184 21.59 13.71 48.42
C THR D 184 22.60 13.39 49.52
N ASN D 185 22.27 13.74 50.76
CA ASN D 185 23.17 13.48 51.87
C ASN D 185 23.28 12.00 52.16
N TYR D 186 22.17 11.26 52.03
CA TYR D 186 22.19 9.83 52.33
C TYR D 186 23.17 9.10 51.42
N ILE D 187 23.23 9.47 50.14
CA ILE D 187 24.09 8.78 49.20
C ILE D 187 25.47 9.44 49.15
N ALA D 188 25.73 10.34 50.10
CA ALA D 188 27.06 10.93 50.35
C ALA D 188 27.56 11.77 49.18
N TRP D 189 26.66 12.54 48.57
CA TRP D 189 27.13 13.39 47.48
C TRP D 189 27.88 14.64 47.96
N PRO D 190 27.72 15.12 49.20
CA PRO D 190 28.71 16.13 49.68
C PRO D 190 30.13 15.60 49.60
N VAL D 191 30.33 14.32 49.94
CA VAL D 191 31.63 13.70 49.79
C VAL D 191 31.99 13.57 48.32
N ALA D 192 31.01 13.26 47.46
CA ALA D 192 31.32 13.20 46.03
C ALA D 192 31.80 14.55 45.52
N CYS D 193 31.23 15.64 46.04
CA CYS D 193 31.62 16.98 45.56
C CYS D 193 32.97 17.40 46.13
N ASP D 194 33.27 16.99 47.36
CA ASP D 194 34.62 17.18 47.89
C ASP D 194 35.63 16.36 47.07
N ASN D 195 35.27 15.13 46.71
CA ASN D 195 36.15 14.29 45.90
C ASN D 195 36.44 14.95 44.56
N ALA D 196 35.39 15.52 43.94
CA ALA D 196 35.57 16.21 42.67
C ALA D 196 36.47 17.43 42.81
N GLU D 197 36.27 18.21 43.88
CA GLU D 197 37.14 19.37 44.11
C GLU D 197 38.57 18.94 44.33
N PHE D 198 38.78 17.85 45.06
CA PHE D 198 40.13 17.35 45.32
C PHE D 198 40.79 16.83 44.05
N GLY D 199 40.03 16.12 43.21
CA GLY D 199 40.62 15.45 42.07
C GLY D 199 41.16 16.42 41.03
N SER D 200 40.43 17.50 40.76
CA SER D 200 40.91 18.51 39.81
C SER D 200 41.76 19.58 40.46
N GLN D 201 42.07 19.43 41.74
CA GLN D 201 42.93 20.38 42.46
C GLN D 201 42.45 21.82 42.26
N LEU D 202 41.18 22.05 42.57
CA LEU D 202 40.57 23.36 42.39
C LEU D 202 40.82 24.24 43.61
N ASN D 203 41.07 25.52 43.34
CA ASN D 203 41.23 26.53 44.38
C ASN D 203 39.98 27.40 44.38
N LEU D 204 39.02 27.05 45.23
CA LEU D 204 37.72 27.69 45.23
C LEU D 204 37.39 28.21 46.62
N THR D 205 36.92 29.45 46.70
CA THR D 205 36.44 29.94 47.98
C THR D 205 35.05 29.38 48.25
N GLN D 206 34.70 29.35 49.54
CA GLN D 206 33.37 28.91 49.92
C GLN D 206 32.30 29.80 49.32
N ASP D 207 32.57 31.11 49.25
CA ASP D 207 31.63 32.01 48.61
C ASP D 207 31.45 31.66 47.13
N GLN D 208 32.54 31.27 46.46
CA GLN D 208 32.42 30.88 45.06
C GLN D 208 31.55 29.64 44.90
N LEU D 209 31.76 28.62 45.73
CA LEU D 209 30.92 27.42 45.64
C LEU D 209 29.45 27.73 45.95
N ASP D 210 29.22 28.51 47.01
CA ASP D 210 27.87 28.91 47.39
C ASP D 210 27.20 29.68 46.26
N SER D 211 27.97 30.45 45.49
CA SER D 211 27.40 31.25 44.41
C SER D 211 26.70 30.43 43.34
N VAL D 212 27.07 29.15 43.17
CA VAL D 212 26.49 28.33 42.10
C VAL D 212 25.83 27.05 42.65
N ARG D 213 25.71 26.93 43.97
CA ARG D 213 25.00 25.79 44.53
C ARG D 213 23.58 25.67 43.96
N ASP D 214 22.95 26.82 43.67
CA ASP D 214 21.59 26.78 43.14
C ASP D 214 21.59 26.36 41.67
N ILE D 215 22.69 26.62 40.96
CA ILE D 215 22.79 26.11 39.59
C ILE D 215 22.88 24.60 39.60
N PHE D 216 23.64 24.03 40.54
CA PHE D 216 23.88 22.60 40.46
C PHE D 216 22.82 21.74 41.15
N LEU D 217 21.96 22.33 41.98
CA LEU D 217 20.92 21.54 42.64
C LEU D 217 20.15 20.58 41.73
N PRO D 218 19.72 20.97 40.51
CA PRO D 218 19.04 19.97 39.66
C PRO D 218 19.90 18.76 39.32
N LEU D 219 21.21 18.91 39.16
CA LEU D 219 22.05 17.76 38.82
C LEU D 219 22.15 16.80 40.00
N TRP D 220 22.28 17.33 41.22
CA TRP D 220 22.28 16.48 42.41
C TRP D 220 20.95 15.74 42.55
N THR D 221 19.83 16.45 42.32
CA THR D 221 18.53 15.78 42.36
C THR D 221 18.43 14.69 41.31
N HIS D 222 18.90 14.98 40.09
CA HIS D 222 19.00 13.99 39.02
C HIS D 222 19.71 12.72 39.48
N SER D 223 20.86 12.91 40.15
CA SER D 223 21.65 11.75 40.54
C SER D 223 20.93 10.96 41.63
N CYS D 224 20.18 11.63 42.50
CA CYS D 224 19.40 10.89 43.48
C CYS D 224 18.33 10.05 42.81
N TYR D 225 17.65 10.63 41.80
CA TYR D 225 16.57 9.90 41.17
C TYR D 225 17.08 8.71 40.36
N VAL D 226 18.18 8.88 39.62
CA VAL D 226 18.68 7.77 38.83
C VAL D 226 19.32 6.68 39.71
N TYR D 227 19.94 7.08 40.82
CA TYR D 227 20.38 6.07 41.79
C TYR D 227 19.20 5.26 42.30
N ASP D 228 18.10 5.95 42.64
CA ASP D 228 16.92 5.25 43.11
C ASP D 228 16.38 4.30 42.04
N TYR D 229 16.25 4.80 40.80
CA TYR D 229 15.80 3.96 39.69
C TYR D 229 16.58 2.67 39.62
N TYR D 230 17.91 2.76 39.56
CA TYR D 230 18.72 1.58 39.28
C TYR D 230 19.08 0.78 40.51
N HIS D 231 18.88 1.30 41.73
CA HIS D 231 19.16 0.56 42.94
C HIS D 231 17.92 0.01 43.61
N TYR D 232 16.72 0.36 43.11
CA TYR D 232 15.49 -0.03 43.77
C TYR D 232 15.35 -1.54 43.89
N ASP D 233 15.72 -2.29 42.87
CA ASP D 233 15.40 -3.73 42.89
C ASP D 233 16.20 -4.47 43.95
N LYS D 234 17.52 -4.22 44.00
CA LYS D 234 18.35 -4.84 45.01
C LYS D 234 18.00 -4.27 46.42
N GLU D 235 17.62 -2.99 46.50
CA GLU D 235 17.21 -2.44 47.81
C GLU D 235 15.90 -3.03 48.28
N ALA D 236 14.99 -3.36 47.36
CA ALA D 236 13.71 -3.94 47.70
C ALA D 236 13.86 -5.38 48.12
N GLU D 237 14.86 -6.03 47.56
CA GLU D 237 15.07 -7.43 47.87
C GLU D 237 15.75 -7.57 49.23
N ILE D 238 16.64 -6.63 49.59
CA ILE D 238 17.18 -6.53 50.94
C ILE D 238 16.07 -6.17 51.93
N HIS D 239 15.15 -5.32 51.49
CA HIS D 239 14.08 -4.83 52.35
C HIS D 239 12.96 -5.84 52.53
N SER D 240 12.84 -6.81 51.63
CA SER D 240 11.84 -7.87 51.76
C SER D 240 12.20 -8.93 52.79
N THR D 241 13.45 -8.95 53.26
CA THR D 241 13.88 -9.86 54.31
C THR D 241 14.12 -9.13 55.62
N TYR D 242 14.89 -8.05 55.58
CA TYR D 242 15.18 -7.27 56.77
C TYR D 242 14.08 -6.22 56.89
N GLY D 243 14.30 -5.22 57.74
CA GLY D 243 13.37 -4.10 57.85
C GLY D 243 11.93 -4.41 58.18
N LYS D 244 11.69 -5.15 59.26
CA LYS D 244 10.32 -5.35 59.72
C LYS D 244 9.70 -4.01 60.09
N GLY D 245 8.68 -3.60 59.33
CA GLY D 245 8.00 -2.34 59.58
C GLY D 245 8.85 -1.11 59.30
N ARG D 246 10.09 -1.32 58.83
CA ARG D 246 10.95 -0.23 58.44
C ARG D 246 10.55 0.33 57.09
N SER D 247 10.61 1.66 56.96
CA SER D 247 10.33 2.32 55.69
C SER D 247 11.55 2.20 54.78
N MET D 248 11.32 1.77 53.54
CA MET D 248 12.39 1.74 52.56
C MET D 248 12.75 3.16 52.13
N ILE D 249 14.04 3.45 52.05
CA ILE D 249 14.53 4.79 51.72
C ILE D 249 14.79 4.79 50.21
N ASN D 250 13.75 5.16 49.45
CA ASN D 250 13.82 5.13 47.99
C ASN D 250 12.66 5.95 47.43
N SER D 251 12.88 6.51 46.24
CA SER D 251 11.86 7.36 45.63
C SER D 251 10.58 6.60 45.29
N ILE D 252 10.69 5.29 45.07
CA ILE D 252 9.58 4.53 44.48
C ILE D 252 8.45 4.29 45.48
N PRO D 253 8.69 3.81 46.71
CA PRO D 253 7.58 3.73 47.67
C PRO D 253 6.95 5.08 47.95
N LEU D 254 7.78 6.12 48.04
CA LEU D 254 7.27 7.46 48.27
C LEU D 254 6.38 7.93 47.13
N LEU D 255 6.76 7.62 45.89
CA LEU D 255 5.93 7.96 44.75
C LEU D 255 4.63 7.18 44.77
N ASN D 256 4.68 5.93 45.26
CA ASN D 256 3.44 5.19 45.48
C ASN D 256 2.52 5.94 46.42
N ARG D 257 3.06 6.37 47.57
CA ARG D 257 2.22 7.02 48.58
C ARG D 257 1.68 8.36 48.12
N LEU D 258 2.53 9.17 47.46
CA LEU D 258 2.14 10.55 47.16
C LEU D 258 1.33 10.66 45.88
N LYS D 259 1.57 9.79 44.91
CA LYS D 259 0.95 9.93 43.60
C LYS D 259 0.24 8.66 43.13
N GLY D 260 0.17 7.62 43.96
CA GLY D 260 -0.53 6.41 43.59
C GLY D 260 0.12 5.64 42.46
N LEU D 261 1.44 5.71 42.34
CA LEU D 261 2.15 5.13 41.21
C LEU D 261 2.62 3.71 41.52
N SER D 262 2.41 2.82 40.55
CA SER D 262 2.99 1.48 40.55
C SER D 262 4.51 1.55 40.47
N VAL D 263 5.18 0.40 40.54
CA VAL D 263 6.63 0.41 40.41
C VAL D 263 7.02 0.77 38.98
N GLU D 264 6.28 0.28 37.97
CA GLU D 264 6.56 0.83 36.63
C GLU D 264 6.37 2.29 36.56
N GLU D 265 5.22 2.73 37.01
CA GLU D 265 4.89 4.11 36.80
C GLU D 265 5.87 5.00 37.53
N ALA D 266 6.32 4.56 38.70
CA ALA D 266 7.27 5.34 39.47
C ALA D 266 8.61 5.41 38.77
N LYS D 267 9.07 4.29 38.20
CA LYS D 267 10.33 4.32 37.44
C LYS D 267 10.19 5.22 36.21
N ALA D 268 9.06 5.15 35.51
CA ALA D 268 8.84 6.03 34.37
C ALA D 268 8.85 7.50 34.80
N TRP D 269 8.22 7.79 35.94
CA TRP D 269 8.23 9.14 36.50
C TRP D 269 9.65 9.61 36.72
N LEU D 270 10.49 8.77 37.34
CA LEU D 270 11.86 9.14 37.60
C LEU D 270 12.64 9.44 36.33
N LYS D 271 12.47 8.60 35.30
CA LYS D 271 13.21 8.82 34.05
C LYS D 271 12.81 10.15 33.41
N GLN D 272 11.50 10.42 33.35
CA GLN D 272 11.08 11.67 32.75
C GLN D 272 11.57 12.85 33.59
N ARG D 273 11.55 12.71 34.92
CA ARG D 273 12.02 13.78 35.80
C ARG D 273 13.50 14.07 35.62
N CYS D 274 14.31 13.04 35.34
CA CYS D 274 15.73 13.30 35.15
C CYS D 274 16.00 13.97 33.81
N PHE D 275 15.17 13.68 32.79
CA PHE D 275 15.26 14.47 31.57
C PHE D 275 14.89 15.94 31.81
N GLU D 276 13.78 16.15 32.55
CA GLU D 276 13.39 17.52 32.91
C GLU D 276 14.49 18.21 33.70
N LEU D 277 15.18 17.47 34.57
CA LEU D 277 16.22 18.09 35.40
C LEU D 277 17.45 18.45 34.57
N GLU D 278 17.75 17.66 33.52
CA GLU D 278 18.80 18.09 32.59
C GLU D 278 18.45 19.42 31.92
N LYS D 279 17.24 19.51 31.36
CA LYS D 279 16.81 20.81 30.81
C LYS D 279 16.83 21.93 31.84
N GLU D 280 16.41 21.66 33.08
CA GLU D 280 16.36 22.71 34.08
C GLU D 280 17.75 23.17 34.47
N TYR D 281 18.67 22.23 34.68
CA TYR D 281 20.05 22.61 34.96
C TYR D 281 20.64 23.44 33.83
N LEU D 282 20.38 23.04 32.58
CA LEU D 282 20.96 23.78 31.45
C LEU D 282 20.42 25.21 31.39
N GLN D 283 19.12 25.39 31.67
CA GLN D 283 18.61 26.76 31.63
C GLN D 283 19.17 27.60 32.78
N ARG D 284 19.34 27.00 33.96
CA ARG D 284 19.97 27.72 35.06
C ARG D 284 21.41 28.10 34.73
N LYS D 285 22.13 27.20 34.06
CA LYS D 285 23.52 27.48 33.68
C LYS D 285 23.60 28.62 32.66
N GLU D 286 22.68 28.63 31.70
CA GLU D 286 22.72 29.70 30.70
C GLU D 286 22.34 31.03 31.32
N ASP D 287 21.43 31.02 32.30
CA ASP D 287 21.11 32.25 33.02
C ASP D 287 22.32 32.73 33.83
N TYR D 288 23.03 31.81 34.48
CA TYR D 288 24.23 32.21 35.20
C TYR D 288 25.24 32.86 34.27
N PHE D 289 25.53 32.21 33.14
CA PHE D 289 26.58 32.70 32.27
C PHE D 289 26.16 33.91 31.43
N SER D 290 24.88 34.28 31.41
CA SER D 290 24.55 35.57 30.80
C SER D 290 24.80 36.71 31.78
N GLU D 291 24.53 36.49 33.07
CA GLU D 291 24.85 37.48 34.09
C GLU D 291 26.36 37.57 34.33
N ASN D 292 27.05 36.44 34.28
CA ASN D 292 28.49 36.38 34.55
C ASN D 292 29.15 35.73 33.34
N PRO D 293 29.61 36.54 32.38
CA PRO D 293 30.12 36.00 31.11
C PRO D 293 31.31 35.09 31.32
N VAL D 294 31.48 34.14 30.40
CA VAL D 294 32.45 33.06 30.59
C VAL D 294 33.86 33.63 30.69
N GLU D 295 34.11 34.76 30.00
CA GLU D 295 35.52 35.14 30.04
C GLU D 295 35.87 36.02 31.21
N ALA D 296 34.91 36.24 32.09
CA ALA D 296 35.12 36.90 33.37
C ALA D 296 34.93 36.00 34.60
N VAL D 297 34.61 34.72 34.41
CA VAL D 297 34.48 33.76 35.51
C VAL D 297 35.84 33.12 35.77
N PRO D 298 36.27 33.01 37.03
CA PRO D 298 37.53 32.32 37.32
C PRO D 298 37.61 30.94 36.68
N VAL D 299 38.81 30.62 36.17
CA VAL D 299 39.01 29.38 35.44
C VAL D 299 38.61 28.20 36.29
N ASP D 300 38.96 28.21 37.58
CA ASP D 300 38.63 27.08 38.45
C ASP D 300 37.13 26.96 38.69
N LEU D 301 36.39 28.07 38.66
CA LEU D 301 34.94 27.97 38.75
C LEU D 301 34.37 27.31 37.50
N ARG D 302 34.93 27.64 36.33
CA ARG D 302 34.53 26.95 35.11
C ARG D 302 34.90 25.45 35.16
N ARG D 303 36.08 25.14 35.71
CA ARG D 303 36.46 23.75 35.94
C ARG D 303 35.47 23.07 36.87
N TRP D 304 34.94 23.81 37.85
CA TRP D 304 33.93 23.27 38.75
C TRP D 304 32.67 22.91 37.98
N PHE D 305 32.28 23.74 37.01
CA PHE D 305 31.15 23.38 36.15
C PHE D 305 31.43 22.08 35.42
N LEU D 306 32.64 21.94 34.86
CA LEU D 306 33.00 20.70 34.19
C LEU D 306 32.92 19.51 35.13
N SER D 307 33.44 19.68 36.35
CA SER D 307 33.44 18.60 37.33
C SER D 307 32.02 18.19 37.71
N GLN D 308 31.12 19.17 37.86
CA GLN D 308 29.75 18.85 38.26
C GLN D 308 29.01 18.10 37.16
N GLU D 309 29.16 18.55 35.91
CA GLU D 309 28.54 17.81 34.81
C GLU D 309 29.13 16.41 34.67
N ASP D 310 30.45 16.28 34.89
CA ASP D 310 31.05 14.96 34.88
C ASP D 310 30.47 14.08 35.98
N LEU D 311 30.32 14.62 37.18
CA LEU D 311 29.73 13.86 38.28
C LEU D 311 28.35 13.34 37.89
N ALA D 312 27.49 14.22 37.40
CA ALA D 312 26.12 13.81 37.08
C ALA D 312 26.09 12.78 35.96
N THR D 313 26.76 13.07 34.84
CA THR D 313 26.70 12.18 33.68
C THR D 313 27.38 10.84 33.97
N GLY D 314 28.55 10.88 34.61
CA GLY D 314 29.24 9.64 34.94
C GLY D 314 28.44 8.78 35.89
N PHE D 315 27.81 9.39 36.90
CA PHE D 315 26.97 8.61 37.79
C PHE D 315 25.79 8.01 37.04
N ALA D 316 25.19 8.79 36.13
CA ALA D 316 24.04 8.30 35.38
C ALA D 316 24.42 7.08 34.55
N ILE D 317 25.55 7.15 33.84
CA ILE D 317 25.94 6.03 32.99
C ILE D 317 26.45 4.87 33.85
N TRP D 318 27.00 5.16 35.03
CA TRP D 318 27.54 4.09 35.87
C TRP D 318 26.43 3.29 36.55
N CYS D 319 25.44 3.98 37.13
CA CYS D 319 24.37 3.28 37.84
C CYS D 319 23.57 2.40 36.90
N ALA D 320 23.47 2.78 35.63
CA ALA D 320 22.69 2.00 34.68
C ALA D 320 23.42 0.74 34.24
N THR D 321 24.72 0.62 34.53
CA THR D 321 25.52 -0.49 34.02
C THR D 321 26.39 -1.16 35.08
N THR D 322 26.66 -0.53 36.21
CA THR D 322 27.67 -1.03 37.13
C THR D 322 27.24 -2.34 37.75
N TYR D 323 28.24 -3.16 38.11
CA TYR D 323 27.97 -4.40 38.84
C TYR D 323 27.48 -4.14 40.25
N HIS D 324 27.63 -2.90 40.74
CA HIS D 324 27.12 -2.54 42.06
C HIS D 324 25.59 -2.63 42.10
N ASN D 325 24.94 -2.48 40.95
CA ASN D 325 23.48 -2.53 40.86
C ASN D 325 22.95 -3.58 39.89
N HIS D 326 23.81 -4.33 39.21
CA HIS D 326 23.34 -5.17 38.13
C HIS D 326 24.10 -6.49 38.10
N PRO D 327 23.46 -7.56 37.63
CA PRO D 327 24.17 -8.82 37.45
C PRO D 327 25.31 -8.66 36.48
N PRO D 328 26.37 -9.48 36.62
CA PRO D 328 26.54 -10.56 37.61
C PRO D 328 27.16 -10.10 38.93
N PHE D 329 26.91 -8.83 39.28
CA PHE D 329 27.31 -8.25 40.57
C PHE D 329 28.80 -8.53 40.79
N GLY D 330 29.20 -9.07 41.94
CA GLY D 330 30.61 -9.25 42.22
C GLY D 330 31.33 -10.16 41.23
N GLU D 331 30.60 -11.11 40.63
CA GLU D 331 31.23 -11.99 39.66
C GLU D 331 31.75 -11.22 38.46
N GLY D 332 31.16 -10.06 38.17
CA GLY D 332 31.67 -9.21 37.11
C GLY D 332 33.11 -8.77 37.31
N TYR D 333 33.62 -8.87 38.54
CA TYR D 333 35.02 -8.52 38.79
C TYR D 333 35.98 -9.57 38.25
N ALA D 334 35.51 -10.80 37.99
CA ALA D 334 36.45 -11.89 37.72
C ALA D 334 37.14 -11.73 36.37
N ALA D 335 36.40 -11.31 35.35
CA ALA D 335 37.01 -11.20 34.02
C ALA D 335 38.01 -10.04 33.95
N PRO D 336 37.68 -8.82 34.38
CA PRO D 336 38.71 -7.77 34.36
C PRO D 336 39.91 -8.09 35.25
N TYR D 337 39.68 -8.53 36.49
CA TYR D 337 40.77 -8.86 37.40
C TYR D 337 41.74 -9.83 36.74
N GLU D 338 41.22 -10.98 36.32
CA GLU D 338 42.10 -11.90 35.60
C GLU D 338 42.68 -11.34 34.32
N LYS D 339 41.93 -10.52 33.60
CA LYS D 339 42.55 -10.03 32.38
C LYS D 339 43.75 -9.17 32.70
N ARG D 340 43.75 -8.47 33.83
CA ARG D 340 44.94 -7.69 34.12
C ARG D 340 45.99 -8.45 34.90
N ARG D 341 45.65 -9.60 35.48
CA ARG D 341 46.70 -10.38 36.09
C ARG D 341 47.59 -10.99 35.01
N LYS D 342 47.00 -11.33 33.86
CA LYS D 342 47.76 -11.88 32.75
C LYS D 342 48.71 -10.86 32.14
N GLU D 343 48.36 -9.57 32.19
CA GLU D 343 49.31 -8.55 31.75
C GLU D 343 50.34 -8.24 32.81
N GLY D 344 50.30 -8.92 33.94
CA GLY D 344 51.34 -8.78 34.93
C GLY D 344 51.20 -7.60 35.87
N ALA D 345 49.98 -7.11 36.09
CA ALA D 345 49.80 -6.04 37.06
C ALA D 345 50.00 -6.61 38.45
N LEU D 346 50.75 -5.88 39.27
CA LEU D 346 51.13 -6.35 40.60
C LEU D 346 50.35 -5.62 41.68
N TRP D 347 49.91 -6.37 42.68
CA TRP D 347 49.15 -5.83 43.81
C TRP D 347 49.70 -6.38 45.12
N PHE D 348 49.72 -5.52 46.14
CA PHE D 348 50.05 -5.97 47.49
C PHE D 348 49.06 -7.02 47.96
N GLU D 349 49.58 -8.09 48.57
CA GLU D 349 48.68 -9.12 49.08
C GLU D 349 48.05 -8.74 50.42
N LYS D 350 48.73 -7.95 51.24
CA LYS D 350 48.17 -7.44 52.48
C LYS D 350 48.33 -5.92 52.52
N VAL D 351 47.35 -5.26 53.14
CA VAL D 351 47.37 -3.80 53.21
C VAL D 351 48.47 -3.29 54.14
N THR D 352 48.99 -4.13 55.02
CA THR D 352 50.07 -3.75 55.92
C THR D 352 51.44 -3.83 55.26
N GLU D 353 51.52 -4.52 54.12
CA GLU D 353 52.76 -4.70 53.38
C GLU D 353 53.45 -3.38 53.07
N SER D 354 52.70 -2.31 52.85
CA SER D 354 53.25 -1.07 52.30
C SER D 354 52.64 0.14 53.00
N ASP D 355 53.41 1.23 53.02
CA ASP D 355 52.86 2.53 53.38
C ASP D 355 52.25 3.25 52.17
N GLN D 356 52.48 2.75 50.97
CA GLN D 356 51.96 3.35 49.75
C GLN D 356 50.62 2.72 49.36
N LEU D 357 49.88 3.42 48.52
CA LEU D 357 48.59 2.91 48.06
C LEU D 357 48.76 1.67 47.18
N MET D 358 49.66 1.74 46.19
CA MET D 358 49.79 0.66 45.22
C MET D 358 51.27 0.38 44.97
N THR D 359 51.52 -0.78 44.35
CA THR D 359 52.88 -1.24 44.08
C THR D 359 53.72 -0.17 43.37
N GLY D 360 53.11 0.60 42.48
CA GLY D 360 53.84 1.66 41.80
C GLY D 360 53.61 3.03 42.40
N GLY D 361 53.13 3.08 43.64
CA GLY D 361 52.76 4.33 44.29
C GLY D 361 51.29 4.65 44.13
N PHE D 362 50.93 5.16 42.95
CA PHE D 362 49.56 5.41 42.55
C PHE D 362 49.30 4.72 41.21
N GLU D 363 50.12 3.72 40.92
CA GLU D 363 50.14 2.93 39.71
C GLU D 363 50.42 1.50 40.15
N VAL D 364 50.49 0.59 39.20
CA VAL D 364 50.93 -0.75 39.50
C VAL D 364 52.35 -0.92 38.97
N ARG D 365 53.07 -1.84 39.59
CA ARG D 365 54.34 -2.31 39.08
C ARG D 365 54.11 -3.42 38.06
N TYR D 366 55.11 -3.66 37.21
CA TYR D 366 55.10 -4.73 36.21
C TYR D 366 54.00 -4.55 35.15
N ALA D 367 53.44 -3.34 35.04
CA ALA D 367 52.43 -3.01 34.02
C ALA D 367 51.97 -1.56 34.13
N ARG E 7 0.34 -26.20 24.08
CA ARG E 7 1.38 -27.25 23.92
C ARG E 7 0.94 -28.67 24.30
N ARG E 8 1.40 -29.62 23.47
CA ARG E 8 0.95 -31.00 23.55
C ARG E 8 1.38 -31.67 24.85
N HIS E 9 0.43 -32.30 25.55
CA HIS E 9 0.73 -32.96 26.80
C HIS E 9 0.38 -34.45 26.86
N SER E 10 -0.22 -35.02 25.81
CA SER E 10 -0.61 -36.43 25.88
C SER E 10 -0.30 -37.19 24.60
N VAL E 11 0.69 -36.74 23.83
CA VAL E 11 0.83 -37.22 22.46
C VAL E 11 2.29 -37.12 22.01
N MET E 12 2.66 -38.00 21.08
CA MET E 12 3.95 -37.98 20.40
C MET E 12 3.74 -38.11 18.89
N LEU E 13 4.69 -37.58 18.12
CA LEU E 13 4.61 -37.67 16.67
C LEU E 13 4.72 -39.13 16.24
N ASP E 14 3.87 -39.54 15.31
CA ASP E 14 3.97 -40.86 14.71
C ASP E 14 5.36 -40.99 14.09
N CYS E 15 5.83 -42.22 13.91
CA CYS E 15 7.19 -42.33 13.40
C CYS E 15 7.13 -41.99 11.92
N LYS E 16 7.75 -42.78 11.06
CA LYS E 16 7.64 -42.54 9.63
C LYS E 16 6.94 -43.73 8.97
N LEU E 17 5.69 -43.92 9.39
CA LEU E 17 4.71 -44.74 8.68
C LEU E 17 3.80 -43.87 7.83
N TRP E 18 4.28 -42.67 7.45
CA TRP E 18 3.48 -41.70 6.71
C TRP E 18 4.35 -40.73 5.91
N LYS E 19 5.54 -40.39 6.43
CA LYS E 19 6.35 -39.35 5.80
C LYS E 19 6.72 -39.76 4.40
N ASP E 20 6.30 -38.97 3.42
CA ASP E 20 6.51 -39.23 2.00
C ASP E 20 5.90 -40.56 1.56
N ASP E 21 5.02 -41.13 2.36
CA ASP E 21 4.26 -42.29 1.93
C ASP E 21 3.14 -41.82 1.02
N PRO E 22 3.08 -42.28 -0.22
CA PRO E 22 2.04 -41.76 -1.14
C PRO E 22 0.63 -42.06 -0.68
N ILE E 23 0.42 -43.01 0.22
CA ILE E 23 -0.92 -43.34 0.69
C ILE E 23 -1.44 -42.34 1.71
N TYR E 24 -0.58 -41.47 2.22
CA TYR E 24 -0.93 -40.50 3.25
C TYR E 24 -1.17 -39.14 2.59
N PHE E 25 -2.39 -38.64 2.68
CA PHE E 25 -2.80 -37.47 1.89
C PHE E 25 -2.52 -36.17 2.62
N PHE E 26 -1.34 -36.05 3.22
CA PHE E 26 -0.83 -34.80 3.75
C PHE E 26 0.64 -34.69 3.40
N LYS E 27 1.08 -33.48 3.10
CA LYS E 27 2.48 -33.23 2.80
C LYS E 27 3.23 -32.51 3.91
N THR E 28 2.54 -31.67 4.70
CA THR E 28 3.15 -30.94 5.80
C THR E 28 2.68 -31.42 7.16
N LEU E 29 1.37 -31.57 7.35
CA LEU E 29 0.83 -31.90 8.66
C LEU E 29 1.20 -33.32 9.07
N PRO E 30 1.84 -33.52 10.21
CA PRO E 30 2.19 -34.88 10.63
C PRO E 30 1.09 -35.47 11.50
N PRO E 31 0.88 -36.77 11.41
CA PRO E 31 -0.04 -37.42 12.34
C PRO E 31 0.61 -37.62 13.70
N TYR E 32 -0.23 -37.67 14.72
CA TYR E 32 0.21 -37.83 16.10
C TYR E 32 -0.48 -39.03 16.72
N ILE E 33 0.14 -39.59 17.76
CA ILE E 33 -0.38 -40.79 18.40
C ILE E 33 -0.33 -40.64 19.91
N SER E 34 -1.38 -41.17 20.58
CA SER E 34 -1.46 -41.18 22.04
C SER E 34 -0.26 -41.88 22.67
N LYS E 35 0.24 -41.29 23.75
CA LYS E 35 1.19 -42.00 24.60
C LYS E 35 0.56 -43.23 25.26
N TYR E 36 -0.77 -43.31 25.30
CA TYR E 36 -1.49 -44.41 25.93
C TYR E 36 -2.21 -45.26 24.88
N ALA E 37 -1.56 -45.40 23.73
CA ALA E 37 -2.13 -46.15 22.61
C ALA E 37 -2.38 -47.60 22.99
N GLN E 38 -1.58 -48.14 23.92
CA GLN E 38 -1.80 -49.51 24.34
C GLN E 38 -3.11 -49.63 25.11
N ARG E 39 -3.46 -48.61 25.90
CA ARG E 39 -4.78 -48.58 26.51
C ARG E 39 -5.87 -48.53 25.46
N ALA E 40 -5.64 -47.78 24.38
CA ALA E 40 -6.65 -47.75 23.31
C ALA E 40 -6.87 -49.16 22.73
N ASP E 41 -5.76 -49.85 22.41
CA ASP E 41 -5.87 -51.19 21.85
C ASP E 41 -6.51 -52.17 22.84
N ASP E 42 -6.16 -52.04 24.12
CA ASP E 42 -6.76 -52.89 25.14
C ASP E 42 -8.26 -52.69 25.21
N ALA E 43 -8.72 -51.43 25.15
CA ALA E 43 -10.16 -51.16 25.23
C ALA E 43 -10.89 -51.70 24.02
N SER E 44 -10.25 -51.62 22.84
CA SER E 44 -10.89 -52.16 21.65
C SER E 44 -11.01 -53.68 21.73
N ILE E 45 -9.97 -54.35 22.21
CA ILE E 45 -10.06 -55.79 22.43
C ILE E 45 -11.16 -56.12 23.43
N GLN E 46 -11.24 -55.34 24.52
CA GLN E 46 -12.31 -55.56 25.50
C GLN E 46 -13.69 -55.47 24.84
N ALA E 47 -13.91 -54.42 24.04
CA ALA E 47 -15.18 -54.32 23.31
C ALA E 47 -15.43 -55.54 22.44
N GLN E 48 -14.39 -55.99 21.72
CA GLN E 48 -14.56 -57.13 20.83
C GLN E 48 -14.94 -58.39 21.61
N ILE E 49 -14.35 -58.57 22.79
CA ILE E 49 -14.71 -59.70 23.64
C ILE E 49 -16.13 -59.53 24.19
N ASP E 50 -16.48 -58.29 24.57
CA ASP E 50 -17.78 -58.01 25.16
C ASP E 50 -18.91 -58.30 24.19
N VAL E 51 -18.65 -58.19 22.89
CA VAL E 51 -19.66 -58.51 21.88
C VAL E 51 -19.50 -59.93 21.36
N PHE E 52 -18.31 -60.29 20.90
CA PHE E 52 -18.12 -61.58 20.25
C PHE E 52 -17.71 -62.71 21.19
N GLY E 53 -17.16 -62.40 22.36
CA GLY E 53 -16.58 -63.44 23.20
C GLY E 53 -15.10 -63.64 22.93
N LYS E 54 -14.43 -64.27 23.89
CA LYS E 54 -12.97 -64.39 23.85
C LYS E 54 -12.48 -65.18 22.65
N ASP E 55 -13.31 -66.05 22.08
CA ASP E 55 -12.89 -66.94 21.01
C ASP E 55 -13.17 -66.42 19.61
N ASP E 56 -13.71 -65.21 19.46
CA ASP E 56 -14.03 -64.71 18.13
C ASP E 56 -13.67 -63.23 18.02
N VAL E 57 -12.53 -62.85 18.61
CA VAL E 57 -12.06 -61.48 18.49
C VAL E 57 -11.69 -61.21 17.05
N GLY E 58 -12.25 -60.14 16.48
CA GLY E 58 -12.05 -59.81 15.10
C GLY E 58 -13.13 -60.32 14.17
N ALA E 59 -14.28 -60.75 14.71
CA ALA E 59 -15.38 -61.17 13.86
C ALA E 59 -15.82 -60.06 12.93
N MET E 60 -15.72 -58.81 13.40
CA MET E 60 -15.92 -57.64 12.57
C MET E 60 -14.81 -56.69 13.01
N PRO E 61 -14.02 -56.15 12.07
CA PRO E 61 -12.93 -55.24 12.46
C PRO E 61 -13.46 -53.87 12.86
N GLY E 62 -12.83 -53.31 13.88
CA GLY E 62 -13.21 -52.00 14.37
C GLY E 62 -12.11 -50.95 14.23
N ALA E 63 -11.53 -50.55 15.35
CA ALA E 63 -10.62 -49.41 15.39
C ALA E 63 -9.15 -49.80 15.20
N LEU E 64 -8.81 -51.08 15.26
CA LEU E 64 -7.42 -51.48 15.17
C LEU E 64 -6.83 -51.17 13.80
N GLY E 65 -5.53 -50.94 13.77
CA GLY E 65 -4.80 -50.70 12.55
C GLY E 65 -3.32 -50.85 12.76
N PRO E 66 -2.61 -51.27 11.71
CA PRO E 66 -1.16 -51.52 11.86
C PRO E 66 -0.36 -50.28 12.21
N ARG E 67 -0.88 -49.08 11.90
CA ARG E 67 -0.18 -47.84 12.16
C ARG E 67 -0.82 -47.03 13.28
N GLY E 68 -1.55 -47.70 14.17
CA GLY E 68 -2.14 -47.04 15.31
C GLY E 68 -3.65 -47.16 15.39
N ASN E 69 -4.15 -47.26 16.63
CA ASN E 69 -5.59 -47.31 16.86
C ASN E 69 -6.26 -46.02 16.42
N PHE E 70 -7.47 -46.15 15.89
CA PHE E 70 -8.25 -45.00 15.44
C PHE E 70 -8.29 -43.92 16.51
N ALA E 71 -8.67 -44.29 17.73
CA ALA E 71 -8.73 -43.32 18.81
C ALA E 71 -7.34 -42.84 19.20
N ALA E 72 -6.33 -43.69 19.02
CA ALA E 72 -4.97 -43.33 19.43
C ALA E 72 -4.38 -42.24 18.55
N VAL E 73 -4.77 -42.17 17.27
CA VAL E 73 -4.24 -41.13 16.38
C VAL E 73 -5.22 -39.99 16.17
N THR E 74 -6.53 -40.27 16.05
CA THR E 74 -7.46 -39.17 15.80
C THR E 74 -7.79 -38.39 17.06
N PHE E 75 -7.73 -39.04 18.22
CA PHE E 75 -7.92 -38.33 19.48
C PHE E 75 -6.64 -38.43 20.29
N ALA E 76 -5.51 -38.17 19.63
CA ALA E 76 -4.20 -38.44 20.21
C ALA E 76 -3.97 -37.65 21.50
N GLU E 77 -4.59 -36.48 21.63
CA GLU E 77 -4.39 -35.61 22.77
C GLU E 77 -5.34 -35.91 23.93
N SER E 78 -5.88 -37.13 23.99
CA SER E 78 -6.85 -37.43 25.02
C SER E 78 -6.16 -37.83 26.32
N PHE E 79 -6.86 -37.63 27.42
CA PHE E 79 -6.40 -38.17 28.70
C PHE E 79 -6.50 -39.69 28.64
N PRO E 80 -5.60 -40.40 29.32
CA PRO E 80 -5.54 -41.88 29.12
C PRO E 80 -6.87 -42.59 29.35
N ASP E 81 -7.55 -42.30 30.47
CA ASP E 81 -8.88 -42.85 30.71
C ASP E 81 -9.79 -42.57 29.52
N ARG E 82 -9.76 -41.34 29.02
CA ARG E 82 -10.66 -40.94 27.95
C ARG E 82 -10.30 -41.57 26.61
N VAL E 83 -9.01 -41.80 26.35
CA VAL E 83 -8.64 -42.47 25.10
C VAL E 83 -9.05 -43.93 25.14
N ALA E 84 -8.98 -44.55 26.32
CA ALA E 84 -9.53 -45.90 26.45
C ALA E 84 -11.04 -45.89 26.19
N MET E 85 -11.74 -44.92 26.79
CA MET E 85 -13.19 -44.82 26.57
C MET E 85 -13.52 -44.61 25.10
N LEU E 86 -12.75 -43.75 24.42
CA LEU E 86 -13.04 -43.43 23.03
C LEU E 86 -12.74 -44.62 22.11
N ALA E 87 -11.65 -45.34 22.38
CA ALA E 87 -11.36 -46.54 21.60
C ALA E 87 -12.46 -47.59 21.79
N TYR E 88 -12.89 -47.81 23.03
CA TYR E 88 -13.99 -48.75 23.28
C TYR E 88 -15.24 -48.32 22.53
N LEU E 89 -15.59 -47.04 22.65
CA LEU E 89 -16.82 -46.53 22.06
C LEU E 89 -16.81 -46.70 20.54
N ASN E 90 -15.67 -46.39 19.90
CA ASN E 90 -15.64 -46.51 18.44
C ASN E 90 -15.55 -47.97 18.01
N GLU E 91 -14.91 -48.82 18.81
CA GLU E 91 -14.90 -50.25 18.50
C GLU E 91 -16.31 -50.81 18.48
N VAL E 92 -17.12 -50.48 19.49
CA VAL E 92 -18.46 -51.05 19.48
C VAL E 92 -19.36 -50.32 18.48
N LEU E 93 -19.10 -49.05 18.18
CA LEU E 93 -19.91 -48.37 17.17
C LEU E 93 -19.65 -48.91 15.77
N SER E 94 -18.46 -49.46 15.54
CA SER E 94 -18.18 -50.10 14.25
C SER E 94 -19.06 -51.32 14.00
N PHE E 95 -19.69 -51.89 15.03
CA PHE E 95 -20.54 -53.06 14.86
C PHE E 95 -21.99 -52.69 14.61
N TYR E 96 -22.25 -51.47 14.12
CA TYR E 96 -23.61 -50.98 13.99
C TYR E 96 -24.41 -51.82 13.01
N GLU E 97 -23.82 -52.15 11.85
CA GLU E 97 -24.58 -52.81 10.80
C GLU E 97 -24.76 -54.31 11.06
N CYS E 98 -23.78 -54.96 11.68
CA CYS E 98 -23.95 -56.37 12.03
C CYS E 98 -25.17 -56.60 12.91
N PHE E 99 -25.63 -55.58 13.61
CA PHE E 99 -26.77 -55.70 14.50
C PHE E 99 -27.87 -54.68 14.19
N LYS E 121 -24.94 -64.96 8.41
CA LYS E 121 -24.06 -63.79 8.48
C LYS E 121 -23.63 -63.50 9.91
N TYR E 122 -24.51 -62.85 10.66
CA TYR E 122 -24.20 -62.46 12.04
C TYR E 122 -25.28 -62.85 13.04
N ASP E 123 -26.32 -63.57 12.63
CA ASP E 123 -27.42 -63.92 13.53
C ASP E 123 -26.99 -65.05 14.48
N ASN E 124 -25.93 -64.77 15.23
CA ASN E 124 -25.48 -65.67 16.28
C ASN E 124 -26.27 -65.41 17.55
N PRO E 125 -26.98 -66.40 18.09
CA PRO E 125 -27.81 -66.16 19.27
C PRO E 125 -27.03 -65.61 20.46
N VAL E 126 -25.74 -65.93 20.55
CA VAL E 126 -24.95 -65.43 21.67
C VAL E 126 -24.48 -63.97 21.41
N TRP E 127 -24.23 -63.61 20.15
CA TRP E 127 -23.80 -62.25 19.83
C TRP E 127 -24.97 -61.28 19.98
N GLN E 128 -26.18 -61.81 19.84
CA GLN E 128 -27.43 -61.09 20.12
C GLN E 128 -27.43 -60.51 21.53
N ALA E 129 -27.34 -61.40 22.53
CA ALA E 129 -27.30 -61.00 23.93
C ALA E 129 -26.07 -60.15 24.26
N ASN E 130 -24.90 -60.53 23.73
CA ASN E 130 -23.71 -59.76 24.09
C ASN E 130 -23.77 -58.33 23.57
N TYR E 131 -24.27 -58.12 22.35
CA TYR E 131 -24.37 -56.75 21.87
C TYR E 131 -25.35 -55.95 22.71
N LYS E 132 -26.49 -56.55 23.08
CA LYS E 132 -27.43 -55.80 23.90
C LYS E 132 -26.83 -55.40 25.24
N ASN E 133 -26.10 -56.32 25.89
CA ASN E 133 -25.53 -56.00 27.19
C ASN E 133 -24.43 -54.93 27.08
N THR E 134 -23.62 -54.98 26.02
CA THR E 134 -22.55 -53.99 25.87
C THR E 134 -23.12 -52.60 25.64
N MET E 135 -24.17 -52.50 24.82
CA MET E 135 -24.76 -51.20 24.55
C MET E 135 -25.62 -50.71 25.70
N THR E 136 -25.95 -51.59 26.65
CA THR E 136 -26.53 -51.08 27.88
C THR E 136 -25.44 -50.50 28.80
N LYS E 137 -24.26 -51.13 28.81
CA LYS E 137 -23.26 -50.70 29.80
C LYS E 137 -22.51 -49.43 29.38
N TRP E 138 -21.96 -49.38 28.16
CA TRP E 138 -20.96 -48.33 27.88
C TRP E 138 -21.46 -46.89 27.95
N PRO E 139 -22.68 -46.54 27.52
CA PRO E 139 -23.08 -45.13 27.61
C PRO E 139 -23.15 -44.68 29.05
N LYS E 140 -23.41 -45.62 29.97
CA LYS E 140 -23.60 -45.20 31.34
C LYS E 140 -22.25 -44.74 31.89
N ILE E 141 -21.18 -45.50 31.58
CA ILE E 141 -19.82 -45.12 32.00
C ILE E 141 -19.35 -43.85 31.31
N LEU E 142 -19.73 -43.67 30.03
CA LEU E 142 -19.31 -42.44 29.35
C LEU E 142 -19.94 -41.22 29.99
N GLU E 143 -21.26 -41.25 30.18
CA GLU E 143 -21.92 -40.08 30.78
C GLU E 143 -21.58 -39.94 32.26
N ASN E 144 -20.96 -40.95 32.86
CA ASN E 144 -20.47 -40.83 34.23
C ASN E 144 -19.03 -40.30 34.31
N LEU E 145 -18.22 -40.57 33.29
CA LEU E 145 -16.85 -40.04 33.25
C LEU E 145 -16.84 -38.54 33.07
N ASP E 146 -17.73 -38.01 32.23
CA ASP E 146 -17.85 -36.57 32.02
C ASP E 146 -19.33 -36.23 31.93
N PRO E 147 -19.92 -35.68 33.00
CA PRO E 147 -21.34 -35.36 32.97
C PRO E 147 -21.71 -34.24 32.02
N LYS E 148 -20.75 -33.45 31.56
CA LYS E 148 -21.04 -32.36 30.62
C LYS E 148 -20.89 -32.79 29.17
N LEU E 149 -19.77 -33.43 28.83
CA LEU E 149 -19.44 -33.73 27.45
C LEU E 149 -19.84 -35.13 26.99
N GLY E 150 -19.90 -36.09 27.92
CA GLY E 150 -20.37 -37.43 27.61
C GLY E 150 -21.75 -37.38 27.00
N PRO E 151 -22.68 -36.70 27.69
CA PRO E 151 -24.01 -36.54 27.09
C PRO E 151 -23.95 -35.82 25.75
N LYS E 152 -22.99 -34.90 25.55
CA LYS E 152 -22.91 -34.21 24.27
C LYS E 152 -22.68 -35.20 23.14
N CYS E 153 -21.78 -36.16 23.35
CA CYS E 153 -21.52 -37.16 22.31
C CYS E 153 -22.71 -38.10 22.13
N VAL E 154 -23.36 -38.50 23.23
CA VAL E 154 -24.46 -39.46 23.06
C VAL E 154 -25.63 -38.80 22.32
N LYS E 155 -25.92 -37.53 22.63
CA LYS E 155 -26.95 -36.84 21.87
C LYS E 155 -26.50 -36.57 20.45
N SER E 156 -25.19 -36.37 20.22
CA SER E 156 -24.72 -36.23 18.85
C SER E 156 -24.95 -37.51 18.07
N LEU E 157 -24.86 -38.66 18.74
CA LEU E 157 -25.13 -39.93 18.09
C LEU E 157 -26.60 -40.09 17.75
N VAL E 158 -27.48 -39.73 18.69
CA VAL E 158 -28.92 -39.82 18.41
C VAL E 158 -29.34 -38.81 17.35
N ALA E 159 -28.79 -37.60 17.38
CA ALA E 159 -29.13 -36.61 16.36
C ALA E 159 -28.62 -37.02 14.99
N LEU E 160 -27.55 -37.82 14.95
CA LEU E 160 -27.02 -38.28 13.68
C LEU E 160 -27.86 -39.38 13.05
N VAL E 161 -28.38 -40.32 13.85
CA VAL E 161 -29.20 -41.39 13.29
C VAL E 161 -30.51 -40.84 12.74
N GLU E 162 -30.97 -39.70 13.27
CA GLU E 162 -32.15 -39.00 12.76
C GLU E 162 -31.80 -37.93 11.72
N GLY E 163 -30.68 -38.05 11.01
CA GLY E 163 -30.25 -37.04 10.07
C GLY E 163 -30.74 -37.29 8.65
N THR E 164 -30.27 -36.44 7.74
CA THR E 164 -30.66 -36.52 6.33
C THR E 164 -30.09 -37.77 5.66
N ASP E 165 -30.85 -38.31 4.71
CA ASP E 165 -30.36 -39.35 3.80
C ASP E 165 -29.90 -38.72 2.50
N MET E 166 -28.73 -39.15 2.03
CA MET E 166 -28.10 -38.57 0.85
C MET E 166 -28.44 -39.27 -0.46
N GLU E 167 -28.95 -40.51 -0.40
CA GLU E 167 -29.13 -41.30 -1.63
C GLU E 167 -29.98 -40.61 -2.69
N PRO E 168 -31.17 -40.06 -2.41
CA PRO E 168 -31.90 -39.34 -3.47
C PRO E 168 -31.21 -38.07 -3.92
N LYS E 169 -30.28 -37.52 -3.14
CA LYS E 169 -29.61 -36.28 -3.52
C LYS E 169 -28.46 -36.51 -4.49
N MET E 170 -27.94 -37.74 -4.57
CA MET E 170 -26.71 -37.99 -5.32
C MET E 170 -26.85 -37.65 -6.80
N ALA E 171 -27.99 -37.95 -7.40
CA ALA E 171 -28.16 -37.69 -8.83
C ALA E 171 -28.45 -36.24 -9.13
N HIS E 172 -28.58 -35.40 -8.10
CA HIS E 172 -28.97 -34.01 -8.29
C HIS E 172 -27.97 -33.01 -7.74
N TYR E 173 -26.98 -33.43 -6.96
CA TYR E 173 -25.91 -32.52 -6.56
C TYR E 173 -25.26 -31.92 -7.81
N LYS E 174 -25.07 -30.59 -7.81
CA LYS E 174 -24.44 -29.91 -8.93
C LYS E 174 -23.01 -29.45 -8.65
N THR E 175 -22.55 -29.53 -7.41
CA THR E 175 -21.17 -29.20 -7.07
C THR E 175 -20.66 -30.17 -6.02
N MET E 176 -19.35 -30.44 -6.07
CA MET E 176 -18.72 -31.32 -5.08
C MET E 176 -18.83 -30.76 -3.67
N LYS E 177 -18.89 -29.43 -3.52
CA LYS E 177 -18.92 -28.82 -2.20
C LYS E 177 -20.18 -29.21 -1.43
N GLU E 178 -21.34 -29.15 -2.09
CA GLU E 178 -22.59 -29.54 -1.44
C GLU E 178 -22.55 -31.01 -1.04
N TYR E 179 -22.05 -31.87 -1.93
CA TYR E 179 -21.90 -33.28 -1.59
C TYR E 179 -21.07 -33.44 -0.33
N ALA E 180 -19.91 -32.78 -0.29
CA ALA E 180 -19.00 -32.93 0.84
C ALA E 180 -19.64 -32.44 2.14
N LEU E 181 -20.36 -31.32 2.06
CA LEU E 181 -21.00 -30.79 3.25
C LEU E 181 -22.07 -31.72 3.78
N ASP E 182 -22.69 -32.52 2.91
CA ASP E 182 -23.59 -33.55 3.45
C ASP E 182 -22.86 -34.81 3.89
N ARG E 183 -21.79 -35.20 3.17
CA ARG E 183 -21.07 -36.43 3.50
C ARG E 183 -20.40 -36.34 4.86
N THR E 184 -19.96 -35.14 5.25
CA THR E 184 -19.46 -34.93 6.61
C THR E 184 -20.42 -35.48 7.66
N ASN E 185 -21.72 -35.21 7.50
CA ASN E 185 -22.70 -35.73 8.44
C ASN E 185 -22.86 -37.23 8.31
N TYR E 186 -22.84 -37.76 7.07
CA TYR E 186 -23.02 -39.19 6.88
C TYR E 186 -21.92 -39.99 7.58
N ILE E 187 -20.69 -39.49 7.54
CA ILE E 187 -19.57 -40.22 8.12
C ILE E 187 -19.36 -39.81 9.57
N ALA E 188 -20.33 -39.09 10.14
CA ALA E 188 -20.39 -38.84 11.59
C ALA E 188 -19.27 -37.95 12.10
N TRP E 189 -18.92 -36.92 11.34
CA TRP E 189 -17.84 -36.09 11.83
C TRP E 189 -18.23 -35.11 12.95
N PRO E 190 -19.50 -34.70 13.08
CA PRO E 190 -19.89 -34.02 14.32
C PRO E 190 -19.61 -34.85 15.57
N VAL E 191 -19.89 -36.16 15.53
CA VAL E 191 -19.56 -37.02 16.65
C VAL E 191 -18.05 -37.14 16.79
N ALA E 192 -17.32 -37.19 15.68
CA ALA E 192 -15.86 -37.26 15.77
C ALA E 192 -15.30 -36.05 16.50
N CYS E 193 -15.85 -34.85 16.24
CA CYS E 193 -15.33 -33.66 16.89
C CYS E 193 -15.83 -33.54 18.33
N ASP E 194 -17.02 -34.03 18.62
CA ASP E 194 -17.44 -34.13 20.02
C ASP E 194 -16.52 -35.05 20.80
N ASN E 195 -16.16 -36.20 20.22
CA ASN E 195 -15.22 -37.10 20.87
C ASN E 195 -13.87 -36.43 21.09
N ALA E 196 -13.39 -35.70 20.08
CA ALA E 196 -12.11 -34.99 20.23
C ALA E 196 -12.19 -33.97 21.36
N GLU E 197 -13.28 -33.22 21.44
CA GLU E 197 -13.46 -32.26 22.53
C GLU E 197 -13.52 -32.96 23.89
N PHE E 198 -14.19 -34.11 23.95
CA PHE E 198 -14.32 -34.85 25.21
C PHE E 198 -12.97 -35.40 25.68
N GLY E 199 -12.20 -35.97 24.75
CA GLY E 199 -10.98 -36.66 25.15
C GLY E 199 -9.94 -35.75 25.76
N SER E 200 -9.78 -34.55 25.21
CA SER E 200 -8.82 -33.58 25.71
C SER E 200 -9.39 -32.70 26.81
N GLN E 201 -10.61 -32.99 27.27
CA GLN E 201 -11.24 -32.28 28.38
C GLN E 201 -11.16 -30.77 28.18
N LEU E 202 -11.65 -30.34 27.03
CA LEU E 202 -11.60 -28.93 26.67
C LEU E 202 -12.79 -28.16 27.23
N ASN E 203 -12.52 -26.94 27.69
CA ASN E 203 -13.55 -26.02 28.13
C ASN E 203 -13.67 -24.96 27.04
N LEU E 204 -14.64 -25.16 26.14
CA LEU E 204 -14.80 -24.29 24.99
C LEU E 204 -16.22 -23.76 24.97
N THR E 205 -16.35 -22.46 24.75
CA THR E 205 -17.67 -21.90 24.55
C THR E 205 -18.15 -22.16 23.12
N GLN E 206 -19.48 -22.10 22.97
CA GLN E 206 -20.07 -22.25 21.65
C GLN E 206 -19.59 -21.16 20.71
N ASP E 207 -19.45 -19.94 21.24
CA ASP E 207 -18.93 -18.84 20.45
C ASP E 207 -17.51 -19.13 19.96
N GLN E 208 -16.67 -19.72 20.83
CA GLN E 208 -15.32 -20.05 20.42
C GLN E 208 -15.31 -21.09 19.31
N LEU E 209 -16.15 -22.13 19.42
CA LEU E 209 -16.19 -23.14 18.36
C LEU E 209 -16.64 -22.53 17.03
N ASP E 210 -17.71 -21.73 17.09
CA ASP E 210 -18.18 -21.04 15.90
C ASP E 210 -17.09 -20.14 15.33
N SER E 211 -16.23 -19.61 16.20
CA SER E 211 -15.19 -18.70 15.77
C SER E 211 -14.18 -19.33 14.80
N VAL E 212 -13.98 -20.65 14.82
CA VAL E 212 -12.95 -21.29 14.01
C VAL E 212 -13.51 -22.38 13.11
N ARG E 213 -14.83 -22.48 13.06
CA ARG E 213 -15.48 -23.48 12.20
C ARG E 213 -15.10 -23.31 10.73
N ASP E 214 -14.90 -22.07 10.27
CA ASP E 214 -14.52 -21.87 8.88
C ASP E 214 -13.06 -22.20 8.64
N ILE E 215 -12.23 -22.11 9.69
CA ILE E 215 -10.86 -22.57 9.57
C ILE E 215 -10.84 -24.07 9.35
N PHE E 216 -11.67 -24.80 10.09
CA PHE E 216 -11.54 -26.25 10.04
C PHE E 216 -12.36 -26.93 8.95
N LEU E 217 -13.31 -26.22 8.32
CA LEU E 217 -14.08 -26.82 7.23
C LEU E 217 -13.23 -27.55 6.18
N PRO E 218 -12.10 -27.01 5.71
CA PRO E 218 -11.29 -27.79 4.74
C PRO E 218 -10.82 -29.12 5.28
N LEU E 219 -10.52 -29.22 6.57
CA LEU E 219 -10.04 -30.49 7.12
C LEU E 219 -11.16 -31.52 7.15
N TRP E 220 -12.38 -31.12 7.51
CA TRP E 220 -13.51 -32.03 7.44
C TRP E 220 -13.76 -32.50 6.01
N THR E 221 -13.66 -31.58 5.04
CA THR E 221 -13.81 -31.98 3.64
C THR E 221 -12.73 -32.98 3.25
N HIS E 222 -11.49 -32.72 3.67
CA HIS E 222 -10.39 -33.65 3.50
C HIS E 222 -10.74 -35.04 4.01
N SER E 223 -11.34 -35.10 5.20
CA SER E 223 -11.63 -36.41 5.79
C SER E 223 -12.72 -37.13 5.00
N CYS E 224 -13.67 -36.38 4.43
CA CYS E 224 -14.68 -37.01 3.59
C CYS E 224 -14.07 -37.56 2.31
N TYR E 225 -13.13 -36.81 1.71
CA TYR E 225 -12.53 -37.28 0.46
C TYR E 225 -11.64 -38.48 0.69
N VAL E 226 -10.89 -38.51 1.80
CA VAL E 226 -10.02 -39.65 2.06
C VAL E 226 -10.84 -40.88 2.41
N TYR E 227 -11.95 -40.68 3.13
CA TYR E 227 -12.87 -41.79 3.41
C TYR E 227 -13.43 -42.36 2.12
N ASP E 228 -13.90 -41.50 1.21
CA ASP E 228 -14.46 -41.98 -0.04
C ASP E 228 -13.41 -42.75 -0.85
N TYR E 229 -12.22 -42.15 -0.98
CA TYR E 229 -11.12 -42.80 -1.69
C TYR E 229 -10.89 -44.20 -1.19
N TYR E 230 -10.68 -44.37 0.12
CA TYR E 230 -10.25 -45.66 0.62
C TYR E 230 -11.40 -46.62 0.92
N HIS E 231 -12.65 -46.15 0.91
CA HIS E 231 -13.81 -47.01 1.15
C HIS E 231 -14.54 -47.39 -0.13
N TYR E 232 -14.13 -46.80 -1.26
CA TYR E 232 -14.87 -46.99 -2.51
C TYR E 232 -14.93 -48.45 -2.95
N ASP E 233 -13.84 -49.21 -2.82
CA ASP E 233 -13.83 -50.55 -3.41
C ASP E 233 -14.83 -51.48 -2.72
N LYS E 234 -14.78 -51.47 -1.38
CA LYS E 234 -15.68 -52.31 -0.61
C LYS E 234 -17.12 -51.85 -0.77
N GLU E 235 -17.36 -50.53 -0.87
CA GLU E 235 -18.74 -50.11 -1.07
C GLU E 235 -19.22 -50.40 -2.50
N ALA E 236 -18.31 -50.34 -3.48
CA ALA E 236 -18.72 -50.38 -4.88
C ALA E 236 -19.16 -51.75 -5.34
N GLU E 237 -18.47 -52.82 -4.92
CA GLU E 237 -19.04 -54.06 -5.45
C GLU E 237 -20.23 -54.57 -4.62
N ILE E 238 -20.41 -54.09 -3.39
CA ILE E 238 -21.70 -54.35 -2.74
C ILE E 238 -22.79 -53.61 -3.52
N HIS E 239 -22.46 -52.42 -4.04
CA HIS E 239 -23.51 -51.68 -4.71
C HIS E 239 -23.82 -52.16 -6.12
N SER E 240 -22.90 -52.73 -6.91
CA SER E 240 -23.65 -53.08 -8.12
C SER E 240 -24.37 -54.41 -7.98
N THR E 241 -24.32 -55.01 -6.80
CA THR E 241 -25.15 -56.17 -6.46
C THR E 241 -26.31 -55.74 -5.55
N TYR E 242 -26.02 -55.09 -4.42
CA TYR E 242 -27.07 -54.69 -3.48
C TYR E 242 -27.40 -53.20 -3.66
N GLY E 243 -27.83 -52.91 -4.88
CA GLY E 243 -28.28 -51.59 -5.30
C GLY E 243 -29.21 -51.74 -6.48
N LYS E 244 -30.29 -50.93 -6.53
CA LYS E 244 -31.22 -50.96 -7.67
C LYS E 244 -31.62 -49.52 -7.99
N GLY E 245 -30.73 -48.82 -8.67
CA GLY E 245 -30.96 -47.42 -8.95
C GLY E 245 -30.94 -46.56 -7.72
N ARG E 246 -30.74 -47.16 -6.54
CA ARG E 246 -30.52 -46.44 -5.29
C ARG E 246 -29.07 -45.97 -5.35
N SER E 247 -28.88 -44.81 -5.99
CA SER E 247 -27.58 -44.16 -6.18
C SER E 247 -26.58 -44.43 -5.06
N MET E 248 -25.36 -44.83 -5.44
CA MET E 248 -24.30 -45.03 -4.47
C MET E 248 -23.87 -43.69 -3.87
N ILE E 249 -23.70 -43.66 -2.55
CA ILE E 249 -23.34 -42.45 -1.84
C ILE E 249 -21.82 -42.46 -1.68
N ASN E 250 -21.15 -41.87 -2.66
CA ASN E 250 -19.69 -41.79 -2.72
C ASN E 250 -19.34 -40.76 -3.76
N SER E 251 -18.21 -40.07 -3.55
CA SER E 251 -17.79 -39.03 -4.47
C SER E 251 -17.45 -39.56 -5.85
N ILE E 252 -17.13 -40.84 -5.98
CA ILE E 252 -16.59 -41.37 -7.24
C ILE E 252 -17.68 -41.40 -8.33
N PRO E 253 -18.86 -41.97 -8.08
CA PRO E 253 -19.93 -41.85 -9.10
C PRO E 253 -20.31 -40.41 -9.39
N LEU E 254 -20.36 -39.57 -8.35
CA LEU E 254 -20.71 -38.17 -8.55
C LEU E 254 -19.69 -37.47 -9.45
N LEU E 255 -18.40 -37.78 -9.26
CA LEU E 255 -17.35 -37.21 -10.10
C LEU E 255 -17.47 -37.73 -11.52
N ASN E 256 -17.88 -38.99 -11.68
CA ASN E 256 -18.19 -39.50 -13.01
C ASN E 256 -19.29 -38.67 -13.66
N ARG E 257 -20.36 -38.40 -12.92
CA ARG E 257 -21.51 -37.69 -13.48
C ARG E 257 -21.17 -36.24 -13.80
N LEU E 258 -20.43 -35.56 -12.92
CA LEU E 258 -20.21 -34.13 -13.04
C LEU E 258 -19.03 -33.78 -13.93
N LYS E 259 -17.99 -34.62 -13.97
CA LYS E 259 -16.76 -34.29 -14.68
C LYS E 259 -16.30 -35.38 -15.65
N GLY E 260 -17.08 -36.45 -15.81
CA GLY E 260 -16.73 -37.49 -16.75
C GLY E 260 -15.47 -38.26 -16.40
N LEU E 261 -15.19 -38.43 -15.11
CA LEU E 261 -13.96 -39.07 -14.68
C LEU E 261 -14.20 -40.56 -14.48
N SER E 262 -13.29 -41.38 -15.01
CA SER E 262 -13.28 -42.80 -14.70
C SER E 262 -13.01 -42.98 -13.20
N VAL E 263 -13.07 -44.23 -12.75
CA VAL E 263 -12.86 -44.48 -11.32
C VAL E 263 -11.41 -44.18 -10.94
N GLU E 264 -10.48 -44.55 -11.82
CA GLU E 264 -9.07 -44.23 -11.61
C GLU E 264 -8.85 -42.72 -11.57
N GLU E 265 -9.43 -42.01 -12.53
CA GLU E 265 -9.27 -40.56 -12.59
C GLU E 265 -9.92 -39.88 -11.39
N ALA E 266 -11.06 -40.39 -10.93
CA ALA E 266 -11.74 -39.82 -9.78
C ALA E 266 -10.92 -40.01 -8.49
N LYS E 267 -10.31 -41.19 -8.33
CA LYS E 267 -9.43 -41.39 -7.18
C LYS E 267 -8.25 -40.43 -7.23
N ALA E 268 -7.69 -40.23 -8.42
CA ALA E 268 -6.62 -39.24 -8.56
C ALA E 268 -7.08 -37.83 -8.20
N TRP E 269 -8.29 -37.48 -8.64
CA TRP E 269 -8.89 -36.20 -8.30
C TRP E 269 -9.00 -36.04 -6.80
N LEU E 270 -9.49 -37.07 -6.11
CA LEU E 270 -9.64 -37.01 -4.66
C LEU E 270 -8.29 -36.79 -3.97
N LYS E 271 -7.26 -37.51 -4.41
CA LYS E 271 -5.95 -37.38 -3.77
C LYS E 271 -5.40 -35.97 -3.93
N GLN E 272 -5.46 -35.44 -5.16
CA GLN E 272 -4.94 -34.09 -5.39
C GLN E 272 -5.79 -33.06 -4.65
N ARG E 273 -7.10 -33.28 -4.58
CA ARG E 273 -7.98 -32.37 -3.86
C ARG E 273 -7.66 -32.36 -2.37
N CYS E 274 -7.23 -33.50 -1.82
CA CYS E 274 -6.92 -33.52 -0.40
C CYS E 274 -5.61 -32.79 -0.12
N PHE E 275 -4.67 -32.82 -1.07
CA PHE E 275 -3.50 -31.97 -0.92
C PHE E 275 -3.86 -30.49 -1.00
N GLU E 276 -4.71 -30.13 -1.96
CA GLU E 276 -5.17 -28.75 -2.07
C GLU E 276 -5.86 -28.31 -0.77
N LEU E 277 -6.63 -29.21 -0.16
CA LEU E 277 -7.35 -28.85 1.06
C LEU E 277 -6.41 -28.69 2.25
N GLU E 278 -5.33 -29.49 2.31
CA GLU E 278 -4.31 -29.22 3.32
C GLU E 278 -3.73 -27.83 3.17
N LYS E 279 -3.40 -27.45 1.93
CA LYS E 279 -2.85 -26.10 1.71
C LYS E 279 -3.86 -25.03 2.10
N GLU E 280 -5.14 -25.26 1.80
CA GLU E 280 -6.18 -24.29 2.10
C GLU E 280 -6.38 -24.15 3.61
N TYR E 281 -6.39 -25.27 4.34
CA TYR E 281 -6.47 -25.20 5.79
C TYR E 281 -5.30 -24.41 6.36
N LEU E 282 -4.08 -24.67 5.87
CA LEU E 282 -2.92 -23.97 6.42
C LEU E 282 -2.99 -22.48 6.15
N GLN E 283 -3.50 -22.09 4.97
CA GLN E 283 -3.68 -20.68 4.68
C GLN E 283 -4.67 -20.04 5.64
N ARG E 284 -5.84 -20.66 5.82
CA ARG E 284 -6.84 -20.12 6.74
C ARG E 284 -6.29 -20.02 8.16
N LYS E 285 -5.49 -21.01 8.57
CA LYS E 285 -4.92 -20.99 9.91
C LYS E 285 -3.91 -19.86 10.08
N GLU E 286 -3.07 -19.62 9.07
CA GLU E 286 -2.09 -18.54 9.23
C GLU E 286 -2.78 -17.18 9.21
N ASP E 287 -3.86 -17.06 8.44
CA ASP E 287 -4.63 -15.82 8.46
C ASP E 287 -5.28 -15.59 9.82
N TYR E 288 -5.88 -16.64 10.40
CA TYR E 288 -6.47 -16.51 11.73
C TYR E 288 -5.43 -16.11 12.76
N PHE E 289 -4.28 -16.79 12.76
CA PHE E 289 -3.28 -16.50 13.77
C PHE E 289 -2.51 -15.22 13.49
N SER E 290 -2.70 -14.61 12.32
CA SER E 290 -2.18 -13.27 12.12
C SER E 290 -3.12 -12.24 12.75
N GLU E 291 -4.42 -12.47 12.67
CA GLU E 291 -5.38 -11.61 13.36
C GLU E 291 -5.33 -11.82 14.87
N ASN E 292 -5.15 -13.07 15.29
CA ASN E 292 -5.15 -13.42 16.71
C ASN E 292 -3.87 -14.19 16.99
N PRO E 293 -2.80 -13.49 17.41
CA PRO E 293 -1.51 -14.15 17.58
C PRO E 293 -1.60 -15.27 18.61
N VAL E 294 -0.78 -16.30 18.41
CA VAL E 294 -0.95 -17.53 19.17
C VAL E 294 -0.71 -17.29 20.67
N GLU E 295 0.21 -16.37 20.99
CA GLU E 295 0.53 -16.12 22.39
C GLU E 295 -0.62 -15.44 23.14
N ALA E 296 -1.60 -14.90 22.43
CA ALA E 296 -2.76 -14.25 23.04
C ALA E 296 -4.07 -15.00 22.83
N VAL E 297 -4.04 -16.17 22.23
CA VAL E 297 -5.23 -16.99 22.02
C VAL E 297 -5.51 -17.87 23.25
N PRO E 298 -6.76 -17.98 23.69
CA PRO E 298 -7.05 -18.88 24.82
C PRO E 298 -6.49 -20.29 24.60
N VAL E 299 -5.93 -20.82 25.67
CA VAL E 299 -5.20 -22.09 25.61
C VAL E 299 -6.09 -23.21 25.08
N ASP E 300 -7.34 -23.27 25.55
CA ASP E 300 -8.21 -24.36 25.11
C ASP E 300 -8.56 -24.24 23.63
N LEU E 301 -8.60 -23.02 23.09
CA LEU E 301 -8.80 -22.86 21.66
C LEU E 301 -7.59 -23.37 20.88
N ARG E 302 -6.38 -23.11 21.39
CA ARG E 302 -5.21 -23.68 20.75
C ARG E 302 -5.22 -25.21 20.80
N ARG E 303 -5.62 -25.75 21.95
CA ARG E 303 -5.77 -27.20 22.07
C ARG E 303 -6.79 -27.74 21.07
N TRP E 304 -7.83 -26.96 20.79
CA TRP E 304 -8.81 -27.34 19.79
C TRP E 304 -8.16 -27.43 18.41
N PHE E 305 -7.27 -26.49 18.10
CA PHE E 305 -6.49 -26.60 16.87
C PHE E 305 -5.69 -27.91 16.82
N LEU E 306 -5.04 -28.25 17.93
CA LEU E 306 -4.27 -29.49 18.00
C LEU E 306 -5.17 -30.71 17.74
N SER E 307 -6.34 -30.73 18.39
CA SER E 307 -7.26 -31.83 18.25
C SER E 307 -7.75 -31.96 16.81
N GLN E 308 -8.02 -30.83 16.15
CA GLN E 308 -8.53 -30.87 14.79
C GLN E 308 -7.47 -31.38 13.82
N GLU E 309 -6.23 -30.91 13.97
CA GLU E 309 -5.15 -31.42 13.11
C GLU E 309 -4.93 -32.91 13.36
N ASP E 310 -5.03 -33.34 14.62
CA ASP E 310 -4.93 -34.75 14.94
C ASP E 310 -6.05 -35.55 14.27
N LEU E 311 -7.28 -35.05 14.36
CA LEU E 311 -8.40 -35.73 13.72
C LEU E 311 -8.14 -35.95 12.24
N ALA E 312 -7.73 -34.89 11.54
CA ALA E 312 -7.53 -34.99 10.11
C ALA E 312 -6.40 -35.96 9.77
N THR E 313 -5.21 -35.76 10.38
CA THR E 313 -4.06 -36.58 10.01
C THR E 313 -4.25 -38.03 10.45
N GLY E 314 -4.77 -38.26 11.65
CA GLY E 314 -4.99 -39.62 12.11
C GLY E 314 -6.00 -40.35 11.25
N PHE E 315 -7.09 -39.68 10.85
CA PHE E 315 -8.04 -40.32 9.96
C PHE E 315 -7.40 -40.62 8.62
N ALA E 316 -6.55 -39.72 8.12
CA ALA E 316 -5.91 -39.96 6.83
C ALA E 316 -5.01 -41.19 6.87
N ILE E 317 -4.15 -41.30 7.90
CA ILE E 317 -3.23 -42.43 7.95
C ILE E 317 -3.97 -43.72 8.33
N TRP E 318 -5.06 -43.61 9.09
CA TRP E 318 -5.81 -44.78 9.51
C TRP E 318 -6.59 -45.36 8.35
N CYS E 319 -7.22 -44.50 7.55
CA CYS E 319 -8.05 -44.95 6.43
C CYS E 319 -7.23 -45.72 5.40
N ALA E 320 -5.97 -45.34 5.21
CA ALA E 320 -5.13 -45.97 4.22
C ALA E 320 -4.57 -47.32 4.68
N THR E 321 -4.72 -47.66 5.96
CA THR E 321 -4.05 -48.83 6.51
C THR E 321 -4.92 -49.72 7.38
N THR E 322 -6.05 -49.25 7.91
CA THR E 322 -6.75 -50.01 8.93
C THR E 322 -7.36 -51.29 8.37
N TYR E 323 -7.48 -52.30 9.25
CA TYR E 323 -8.15 -53.53 8.86
C TYR E 323 -9.64 -53.31 8.59
N HIS E 324 -10.19 -52.17 9.02
CA HIS E 324 -11.58 -51.88 8.69
C HIS E 324 -11.80 -51.66 7.20
N ASN E 325 -10.75 -51.26 6.47
CA ASN E 325 -10.84 -50.99 5.05
C ASN E 325 -9.88 -51.81 4.19
N HIS E 326 -9.08 -52.69 4.78
CA HIS E 326 -8.03 -53.33 3.99
C HIS E 326 -7.77 -54.74 4.52
N PRO E 327 -7.46 -55.67 3.63
CA PRO E 327 -7.17 -57.03 4.07
C PRO E 327 -5.98 -57.01 5.04
N PRO E 328 -5.93 -57.99 5.96
CA PRO E 328 -6.77 -59.17 6.15
C PRO E 328 -8.06 -58.96 6.97
N PHE E 329 -8.55 -57.72 7.01
CA PHE E 329 -9.84 -57.37 7.62
C PHE E 329 -9.85 -57.92 9.05
N GLY E 330 -10.90 -58.64 9.46
CA GLY E 330 -10.99 -59.10 10.83
C GLY E 330 -9.83 -59.97 11.27
N GLU E 331 -9.26 -60.74 10.34
CA GLU E 331 -8.15 -61.60 10.72
C GLU E 331 -6.93 -60.79 11.16
N GLY E 332 -6.82 -59.54 10.71
CA GLY E 332 -5.77 -58.65 11.18
C GLY E 332 -5.77 -58.47 12.69
N TYR E 333 -6.83 -58.92 13.36
CA TYR E 333 -6.91 -58.80 14.81
C TYR E 333 -6.17 -59.90 15.54
N ALA E 334 -5.90 -61.04 14.90
CA ALA E 334 -5.46 -62.21 15.67
C ALA E 334 -4.07 -62.02 16.24
N ALA E 335 -3.15 -61.42 15.48
CA ALA E 335 -1.77 -61.28 15.95
C ALA E 335 -1.64 -60.29 17.10
N PRO E 336 -2.16 -59.06 17.02
CA PRO E 336 -2.04 -58.16 18.19
C PRO E 336 -2.70 -58.73 19.43
N TYR E 337 -3.91 -59.27 19.30
CA TYR E 337 -4.62 -59.86 20.42
C TYR E 337 -3.75 -60.89 21.12
N GLU E 338 -3.26 -61.88 20.36
CA GLU E 338 -2.42 -62.90 20.95
C GLU E 338 -1.12 -62.33 21.47
N LYS E 339 -0.59 -61.28 20.82
CA LYS E 339 0.63 -60.69 21.35
C LYS E 339 0.37 -59.98 22.66
N ARG E 340 -0.82 -59.40 22.82
CA ARG E 340 -1.12 -58.72 24.08
C ARG E 340 -1.65 -59.67 25.13
N ARG E 341 -2.19 -60.82 24.72
CA ARG E 341 -2.63 -61.81 25.70
C ARG E 341 -1.44 -62.50 26.34
N LYS E 342 -0.38 -62.70 25.55
CA LYS E 342 0.85 -63.30 26.08
C LYS E 342 1.57 -62.36 27.04
N GLU E 343 1.33 -61.05 26.96
CA GLU E 343 1.87 -60.11 27.93
C GLU E 343 1.12 -60.15 29.25
N GLY E 344 0.09 -60.99 29.36
CA GLY E 344 -0.62 -61.17 30.62
C GLY E 344 -1.70 -60.15 30.88
N ALA E 345 -2.23 -59.51 29.83
CA ALA E 345 -3.33 -58.56 29.99
C ALA E 345 -4.63 -59.30 30.29
N LEU E 346 -5.40 -58.75 31.22
CA LEU E 346 -6.64 -59.38 31.67
C LEU E 346 -7.85 -58.67 31.06
N TRP E 347 -8.73 -59.44 30.46
CA TRP E 347 -9.97 -58.96 29.88
C TRP E 347 -11.15 -59.71 30.50
N PHE E 348 -12.23 -58.98 30.78
CA PHE E 348 -13.45 -59.64 31.23
C PHE E 348 -13.94 -60.62 30.17
N GLU E 349 -14.34 -61.82 30.61
CA GLU E 349 -14.87 -62.78 29.65
C GLU E 349 -16.31 -62.46 29.28
N LYS E 350 -17.05 -61.83 30.19
CA LYS E 350 -18.39 -61.35 29.91
C LYS E 350 -18.47 -59.88 30.27
N VAL E 351 -19.23 -59.11 29.49
CA VAL E 351 -19.36 -57.68 29.74
C VAL E 351 -20.20 -57.42 30.99
N THR E 352 -20.97 -58.41 31.43
CA THR E 352 -21.80 -58.28 32.61
C THR E 352 -21.03 -58.48 33.92
N GLU E 353 -19.78 -58.96 33.84
CA GLU E 353 -18.98 -59.27 35.02
C GLU E 353 -18.82 -58.08 35.98
N SER E 354 -18.66 -56.85 35.46
CA SER E 354 -18.28 -55.70 36.31
C SER E 354 -18.95 -54.40 35.81
N ASP E 355 -18.98 -53.32 36.66
CA ASP E 355 -19.35 -51.97 36.24
C ASP E 355 -18.37 -51.41 35.28
N GLN E 356 -17.17 -51.91 35.34
CA GLN E 356 -16.07 -51.18 34.75
C GLN E 356 -15.95 -51.51 33.28
N LEU E 357 -15.24 -50.62 32.58
CA LEU E 357 -14.93 -50.89 31.18
C LEU E 357 -13.97 -52.07 31.09
N MET E 358 -12.90 -52.03 31.88
CA MET E 358 -11.81 -52.98 31.79
C MET E 358 -11.42 -53.41 33.20
N THR E 359 -10.67 -54.51 33.27
CA THR E 359 -10.26 -55.09 34.54
C THR E 359 -9.62 -54.06 35.48
N GLY E 360 -8.87 -53.12 34.95
CA GLY E 360 -8.26 -52.10 35.78
C GLY E 360 -8.99 -50.77 35.79
N GLY E 361 -10.26 -50.76 35.40
CA GLY E 361 -11.02 -49.54 35.26
C GLY E 361 -11.00 -48.97 33.85
N PHE E 362 -9.90 -48.33 33.47
CA PHE E 362 -9.69 -47.84 32.12
C PHE E 362 -8.32 -48.29 31.62
N GLU E 363 -7.79 -49.33 32.26
CA GLU E 363 -6.53 -49.97 31.97
C GLU E 363 -6.76 -51.45 32.22
N VAL E 364 -5.81 -52.26 31.85
CA VAL E 364 -5.94 -53.68 32.14
C VAL E 364 -5.17 -53.98 33.42
N ARG E 365 -5.65 -54.98 34.17
CA ARG E 365 -4.90 -55.51 35.28
C ARG E 365 -4.00 -56.64 34.80
N TYR E 366 -2.99 -56.96 35.62
CA TYR E 366 -2.01 -58.03 35.41
C TYR E 366 -1.05 -57.74 34.26
N ALA E 367 -1.01 -56.51 33.76
CA ALA E 367 -0.04 -56.13 32.73
C ALA E 367 0.03 -54.61 32.61
N ARG F 7 -58.77 -14.07 -44.53
CA ARG F 7 -59.55 -12.92 -44.97
C ARG F 7 -59.37 -11.72 -44.05
N ARG F 8 -59.29 -10.54 -44.63
CA ARG F 8 -59.05 -9.31 -43.88
C ARG F 8 -60.25 -9.01 -42.99
N HIS F 9 -60.00 -8.70 -41.71
CA HIS F 9 -61.10 -8.38 -40.82
C HIS F 9 -61.02 -6.99 -40.19
N SER F 10 -59.97 -6.20 -40.44
CA SER F 10 -59.88 -4.90 -39.79
C SER F 10 -59.35 -3.80 -40.72
N VAL F 11 -59.49 -3.96 -42.03
CA VAL F 11 -58.77 -3.10 -42.97
C VAL F 11 -59.53 -3.02 -44.29
N MET F 12 -59.35 -1.89 -45.00
CA MET F 12 -59.90 -1.66 -46.33
C MET F 12 -58.80 -1.16 -47.28
N LEU F 13 -59.00 -1.40 -48.58
CA LEU F 13 -58.05 -0.94 -49.58
C LEU F 13 -58.01 0.58 -49.62
N ASP F 14 -56.79 1.12 -49.71
CA ASP F 14 -56.53 2.55 -49.85
C ASP F 14 -57.17 3.13 -51.12
N CYS F 15 -57.35 4.45 -51.14
CA CYS F 15 -58.05 5.18 -52.21
C CYS F 15 -57.16 5.50 -53.42
N LYS F 16 -57.58 6.46 -54.24
CA LYS F 16 -56.75 6.87 -55.38
C LYS F 16 -55.57 7.74 -54.91
N LEU F 17 -54.85 7.25 -53.88
CA LEU F 17 -53.62 7.89 -53.44
C LEU F 17 -52.37 7.08 -53.79
N TRP F 18 -52.44 6.13 -54.72
CA TRP F 18 -51.26 5.30 -55.02
C TRP F 18 -51.31 4.69 -56.42
N LYS F 19 -52.52 4.41 -56.90
CA LYS F 19 -52.65 3.70 -58.18
C LYS F 19 -52.06 4.56 -59.29
N ASP F 20 -51.08 3.99 -60.00
CA ASP F 20 -50.34 4.64 -61.07
C ASP F 20 -49.60 5.89 -60.60
N ASP F 21 -49.45 6.09 -59.29
CA ASP F 21 -48.64 7.19 -58.80
C ASP F 21 -47.17 6.81 -58.88
N PRO F 22 -46.33 7.58 -59.58
CA PRO F 22 -44.91 7.20 -59.69
C PRO F 22 -44.16 7.21 -58.37
N ILE F 23 -44.66 7.89 -57.34
CA ILE F 23 -43.95 7.92 -56.06
C ILE F 23 -44.15 6.66 -55.25
N TYR F 24 -45.09 5.80 -55.65
CA TYR F 24 -45.39 4.55 -54.96
C TYR F 24 -44.71 3.41 -55.69
N PHE F 25 -43.77 2.75 -55.03
CA PHE F 25 -42.87 1.80 -55.71
C PHE F 25 -43.42 0.39 -55.72
N PHE F 26 -44.71 0.23 -56.01
CA PHE F 26 -45.31 -1.06 -56.24
C PHE F 26 -46.22 -0.92 -57.45
N LYS F 27 -46.25 -1.95 -58.29
CA LYS F 27 -47.14 -1.96 -59.44
C LYS F 27 -48.29 -2.93 -59.31
N THR F 28 -48.15 -3.99 -58.51
CA THR F 28 -49.23 -4.96 -58.29
C THR F 28 -49.83 -4.86 -56.90
N LEU F 29 -49.00 -4.85 -55.86
CA LEU F 29 -49.48 -4.88 -54.48
C LEU F 29 -50.14 -3.57 -54.06
N PRO F 30 -51.38 -3.58 -53.58
CA PRO F 30 -52.01 -2.34 -53.13
C PRO F 30 -51.79 -2.14 -51.64
N PRO F 31 -51.65 -0.90 -51.20
CA PRO F 31 -51.61 -0.64 -49.75
C PRO F 31 -53.00 -0.70 -49.14
N TYR F 32 -53.04 -1.01 -47.86
CA TYR F 32 -54.29 -1.14 -47.12
C TYR F 32 -54.26 -0.21 -45.90
N ILE F 33 -55.45 0.16 -45.41
CA ILE F 33 -55.56 1.10 -44.31
C ILE F 33 -56.54 0.58 -43.25
N SER F 34 -56.20 0.83 -41.99
CA SER F 34 -57.04 0.47 -40.85
C SER F 34 -58.45 1.05 -41.00
N LYS F 35 -59.44 0.24 -40.64
CA LYS F 35 -60.78 0.77 -40.44
C LYS F 35 -60.81 1.76 -39.27
N TYR F 36 -59.80 1.72 -38.40
CA TYR F 36 -59.72 2.53 -37.19
C TYR F 36 -58.56 3.53 -37.26
N ALA F 37 -58.33 4.05 -38.48
CA ALA F 37 -57.25 4.98 -38.72
C ALA F 37 -57.41 6.25 -37.88
N GLN F 38 -58.65 6.63 -37.57
CA GLN F 38 -58.84 7.81 -36.73
C GLN F 38 -58.36 7.55 -35.31
N ARG F 39 -58.53 6.32 -34.82
CA ARG F 39 -57.91 5.97 -33.54
C ARG F 39 -56.40 6.09 -33.64
N ALA F 40 -55.83 5.70 -34.78
CA ALA F 40 -54.38 5.87 -34.95
C ALA F 40 -53.98 7.34 -34.86
N ASP F 41 -54.68 8.20 -35.59
CA ASP F 41 -54.35 9.64 -35.58
C ASP F 41 -54.55 10.25 -34.20
N ASP F 42 -55.64 9.86 -33.51
CA ASP F 42 -55.90 10.36 -32.17
C ASP F 42 -54.80 9.95 -31.21
N ALA F 43 -54.33 8.71 -31.29
CA ALA F 43 -53.26 8.27 -30.40
C ALA F 43 -51.97 9.01 -30.71
N SER F 44 -51.73 9.33 -31.98
CA SER F 44 -50.53 10.11 -32.31
C SER F 44 -50.61 11.52 -31.72
N ILE F 45 -51.80 12.13 -31.82
CA ILE F 45 -52.01 13.43 -31.19
C ILE F 45 -51.82 13.34 -29.68
N GLN F 46 -52.34 12.30 -29.06
CA GLN F 46 -52.16 12.12 -27.62
C GLN F 46 -50.69 12.07 -27.26
N ALA F 47 -49.91 11.28 -28.00
CA ALA F 47 -48.46 11.23 -27.76
C ALA F 47 -47.84 12.63 -27.90
N GLN F 48 -48.23 13.37 -28.94
CA GLN F 48 -47.65 14.68 -29.17
C GLN F 48 -47.97 15.63 -28.02
N ILE F 49 -49.19 15.56 -27.49
CA ILE F 49 -49.56 16.39 -26.35
C ILE F 49 -48.82 15.92 -25.10
N ASP F 50 -48.66 14.60 -24.95
CA ASP F 50 -48.01 14.04 -23.77
C ASP F 50 -46.55 14.46 -23.68
N VAL F 51 -45.91 14.71 -24.82
CA VAL F 51 -44.52 15.16 -24.83
C VAL F 51 -44.42 16.69 -24.94
N PHE F 52 -45.04 17.26 -25.97
CA PHE F 52 -44.86 18.68 -26.24
C PHE F 52 -45.87 19.59 -25.55
N GLY F 53 -47.02 19.07 -25.16
CA GLY F 53 -48.08 19.93 -24.68
C GLY F 53 -49.04 20.37 -25.79
N LYS F 54 -50.23 20.81 -25.37
CA LYS F 54 -51.31 21.10 -26.30
C LYS F 54 -51.01 22.27 -27.23
N ASP F 55 -50.11 23.17 -26.86
CA ASP F 55 -49.87 24.36 -27.65
C ASP F 55 -48.73 24.20 -28.63
N ASP F 56 -48.12 23.02 -28.71
CA ASP F 56 -46.99 22.81 -29.60
C ASP F 56 -47.08 21.44 -30.25
N VAL F 57 -48.29 21.04 -30.62
CA VAL F 57 -48.45 19.79 -31.35
C VAL F 57 -47.81 19.94 -32.72
N GLY F 58 -46.94 19.00 -33.07
CA GLY F 58 -46.19 19.05 -34.29
C GLY F 58 -44.82 19.65 -34.17
N ALA F 59 -44.30 19.82 -32.94
CA ALA F 59 -42.94 20.30 -32.77
C ALA F 59 -41.95 19.36 -33.43
N MET F 60 -42.27 18.06 -33.44
CA MET F 60 -41.51 17.06 -34.15
C MET F 60 -42.54 16.19 -34.85
N PRO F 61 -42.42 15.98 -36.16
CA PRO F 61 -43.38 15.14 -36.86
C PRO F 61 -43.16 13.67 -36.57
N GLY F 62 -44.27 12.95 -36.38
CA GLY F 62 -44.19 11.53 -36.09
C GLY F 62 -44.81 10.66 -37.16
N ALA F 63 -45.95 10.05 -36.84
CA ALA F 63 -46.56 9.03 -37.69
C ALA F 63 -47.57 9.59 -38.69
N LEU F 64 -47.99 10.84 -38.53
CA LEU F 64 -49.04 11.39 -39.40
C LEU F 64 -48.56 11.52 -40.83
N GLY F 65 -49.52 11.45 -41.75
CA GLY F 65 -49.25 11.63 -43.17
C GLY F 65 -50.52 11.89 -43.93
N PRO F 66 -50.44 12.67 -45.01
CA PRO F 66 -51.65 13.01 -45.76
C PRO F 66 -52.37 11.81 -46.35
N ARG F 67 -51.66 10.69 -46.55
CA ARG F 67 -52.25 9.49 -47.13
C ARG F 67 -52.38 8.36 -46.11
N GLY F 68 -52.46 8.69 -44.82
CA GLY F 68 -52.65 7.69 -43.79
C GLY F 68 -51.58 7.65 -42.72
N ASN F 69 -52.01 7.35 -41.49
CA ASN F 69 -51.10 7.20 -40.37
C ASN F 69 -50.16 6.02 -40.59
N PHE F 70 -48.90 6.19 -40.16
CA PHE F 70 -47.89 5.14 -40.31
C PHE F 70 -48.41 3.80 -39.79
N ALA F 71 -48.93 3.77 -38.57
CA ALA F 71 -49.45 2.53 -38.02
C ALA F 71 -50.72 2.10 -38.73
N ALA F 72 -51.52 3.05 -39.21
CA ALA F 72 -52.79 2.70 -39.84
C ALA F 72 -52.60 2.00 -41.19
N VAL F 73 -51.50 2.27 -41.89
CA VAL F 73 -51.27 1.63 -43.17
C VAL F 73 -50.30 0.46 -43.06
N THR F 74 -49.24 0.57 -42.23
CA THR F 74 -48.29 -0.52 -42.16
C THR F 74 -48.77 -1.68 -41.30
N PHE F 75 -49.59 -1.40 -40.29
CA PHE F 75 -50.17 -2.44 -39.45
C PHE F 75 -51.67 -2.41 -39.63
N ALA F 76 -52.11 -2.38 -40.89
CA ALA F 76 -53.50 -2.13 -41.24
C ALA F 76 -54.45 -3.17 -40.67
N GLU F 77 -53.99 -4.42 -40.50
CA GLU F 77 -54.85 -5.50 -40.04
C GLU F 77 -54.87 -5.63 -38.51
N SER F 78 -54.55 -4.57 -37.79
CA SER F 78 -54.49 -4.67 -36.34
C SER F 78 -55.88 -4.47 -35.72
N PHE F 79 -56.04 -5.03 -34.53
CA PHE F 79 -57.23 -4.76 -33.74
C PHE F 79 -57.23 -3.30 -33.30
N PRO F 80 -58.40 -2.67 -33.15
CA PRO F 80 -58.44 -1.21 -32.91
C PRO F 80 -57.62 -0.75 -31.73
N ASP F 81 -57.77 -1.40 -30.57
CA ASP F 81 -56.95 -1.08 -29.40
C ASP F 81 -55.47 -1.11 -29.76
N ARG F 82 -55.06 -2.15 -30.48
CA ARG F 82 -53.65 -2.33 -30.79
C ARG F 82 -53.16 -1.32 -31.83
N VAL F 83 -54.01 -0.92 -32.76
CA VAL F 83 -53.58 0.08 -33.74
C VAL F 83 -53.42 1.43 -33.07
N ALA F 84 -54.27 1.73 -32.08
CA ALA F 84 -54.05 2.93 -31.28
C ALA F 84 -52.73 2.86 -30.53
N MET F 85 -52.48 1.71 -29.88
CA MET F 85 -51.22 1.53 -29.16
C MET F 85 -50.01 1.69 -30.08
N LEU F 86 -50.08 1.12 -31.29
CA LEU F 86 -48.94 1.16 -32.20
C LEU F 86 -48.71 2.56 -32.75
N ALA F 87 -49.79 3.28 -33.07
CA ALA F 87 -49.62 4.66 -33.52
C ALA F 87 -48.99 5.51 -32.42
N TYR F 88 -49.48 5.37 -31.19
CA TYR F 88 -48.89 6.08 -30.06
C TYR F 88 -47.42 5.73 -29.92
N LEU F 89 -47.11 4.43 -29.93
CA LEU F 89 -45.76 3.96 -29.67
C LEU F 89 -44.78 4.49 -30.73
N ASN F 90 -45.19 4.47 -32.00
CA ASN F 90 -44.29 4.94 -33.05
C ASN F 90 -44.18 6.47 -33.05
N GLU F 91 -45.26 7.17 -32.68
CA GLU F 91 -45.16 8.62 -32.51
C GLU F 91 -44.14 8.96 -31.45
N VAL F 92 -44.15 8.22 -30.33
CA VAL F 92 -43.23 8.54 -29.25
C VAL F 92 -41.81 8.12 -29.60
N LEU F 93 -41.65 7.05 -30.39
CA LEU F 93 -40.31 6.67 -30.83
C LEU F 93 -39.72 7.65 -31.84
N SER F 94 -40.57 8.38 -32.57
CA SER F 94 -40.07 9.40 -33.48
C SER F 94 -39.37 10.55 -32.75
N PHE F 95 -39.58 10.71 -31.45
CA PHE F 95 -38.98 11.81 -30.69
C PHE F 95 -37.65 11.46 -30.05
N TYR F 96 -36.97 10.41 -30.51
CA TYR F 96 -35.86 9.86 -29.72
C TYR F 96 -34.63 10.77 -29.77
N GLU F 97 -34.24 11.23 -30.97
CA GLU F 97 -32.99 11.96 -31.07
C GLU F 97 -33.06 13.34 -30.40
N CYS F 98 -34.24 13.85 -30.11
CA CYS F 98 -34.33 15.11 -29.39
C CYS F 98 -34.03 14.96 -27.90
N PHE F 99 -34.18 13.76 -27.34
CA PHE F 99 -33.96 13.55 -25.91
C PHE F 99 -32.94 12.46 -25.58
N GLU F 100 -32.80 11.41 -26.42
CA GLU F 100 -31.70 10.45 -26.38
C GLU F 100 -31.77 9.41 -25.26
N LYS F 101 -32.10 9.82 -24.03
CA LYS F 101 -32.23 8.90 -22.90
C LYS F 101 -32.60 9.70 -21.64
N ASP F 119 -30.93 18.72 -32.18
CA ASP F 119 -31.36 20.05 -32.55
C ASP F 119 -31.32 20.99 -31.34
N PRO F 120 -30.51 22.05 -31.42
CA PRO F 120 -30.37 22.97 -30.27
C PRO F 120 -31.64 23.72 -29.91
N LYS F 121 -32.74 23.57 -30.64
CA LYS F 121 -34.00 24.21 -30.31
C LYS F 121 -34.97 23.26 -29.60
N TYR F 122 -34.46 22.19 -29.00
CA TYR F 122 -35.29 21.17 -28.37
C TYR F 122 -35.05 21.01 -26.89
N ASP F 123 -34.38 21.95 -26.24
CA ASP F 123 -34.04 21.79 -24.82
C ASP F 123 -34.99 22.56 -23.92
N ASN F 124 -36.29 22.38 -24.13
CA ASN F 124 -37.28 22.92 -23.21
C ASN F 124 -37.40 21.99 -22.01
N PRO F 125 -37.15 22.47 -20.79
CA PRO F 125 -37.19 21.58 -19.62
C PRO F 125 -38.56 20.94 -19.40
N VAL F 126 -39.63 21.61 -19.81
CA VAL F 126 -40.95 21.01 -19.61
C VAL F 126 -41.19 19.92 -20.64
N TRP F 127 -40.62 20.05 -21.85
CA TRP F 127 -40.76 18.97 -22.80
C TRP F 127 -39.92 17.77 -22.37
N GLN F 128 -38.83 18.01 -21.65
CA GLN F 128 -38.05 16.87 -21.17
C GLN F 128 -38.76 16.16 -20.02
N ALA F 129 -39.39 16.91 -19.11
CA ALA F 129 -40.16 16.29 -18.05
C ALA F 129 -41.33 15.48 -18.62
N ASN F 130 -42.03 16.05 -19.61
CA ASN F 130 -43.13 15.33 -20.24
C ASN F 130 -42.65 14.07 -20.93
N TYR F 131 -41.48 14.14 -21.59
CA TYR F 131 -40.94 12.96 -22.24
C TYR F 131 -40.61 11.87 -21.24
N LYS F 132 -39.99 12.23 -20.12
CA LYS F 132 -39.68 11.19 -19.14
C LYS F 132 -40.96 10.53 -18.64
N ASN F 133 -41.98 11.33 -18.35
CA ASN F 133 -43.23 10.75 -17.84
C ASN F 133 -43.91 9.87 -18.88
N THR F 134 -43.88 10.29 -20.16
CA THR F 134 -44.55 9.54 -21.21
C THR F 134 -43.88 8.20 -21.45
N MET F 135 -42.55 8.18 -21.45
CA MET F 135 -41.81 6.95 -21.69
C MET F 135 -41.74 6.05 -20.46
N THR F 136 -42.09 6.56 -19.28
CA THR F 136 -42.37 5.61 -18.20
C THR F 136 -43.75 5.00 -18.34
N LYS F 137 -44.73 5.78 -18.81
CA LYS F 137 -46.10 5.30 -18.77
C LYS F 137 -46.39 4.27 -19.86
N TRP F 138 -46.06 4.56 -21.11
CA TRP F 138 -46.57 3.71 -22.20
C TRP F 138 -46.09 2.26 -22.17
N PRO F 139 -44.87 1.91 -21.73
CA PRO F 139 -44.47 0.49 -21.76
C PRO F 139 -45.33 -0.41 -20.90
N LYS F 140 -45.89 0.10 -19.81
CA LYS F 140 -46.75 -0.74 -18.98
C LYS F 140 -48.07 -1.04 -19.69
N ILE F 141 -48.61 -0.05 -20.39
CA ILE F 141 -49.83 -0.28 -21.17
C ILE F 141 -49.56 -1.27 -22.29
N LEU F 142 -48.38 -1.17 -22.93
CA LEU F 142 -48.07 -2.11 -24.01
C LEU F 142 -47.91 -3.53 -23.47
N GLU F 143 -47.08 -3.71 -22.44
CA GLU F 143 -46.87 -5.05 -21.91
C GLU F 143 -48.09 -5.60 -21.19
N ASN F 144 -49.09 -4.77 -20.91
CA ASN F 144 -50.34 -5.28 -20.36
C ASN F 144 -51.37 -5.58 -21.44
N LEU F 145 -51.33 -4.88 -22.57
CA LEU F 145 -52.26 -5.18 -23.65
C LEU F 145 -52.02 -6.57 -24.20
N ASP F 146 -50.76 -6.95 -24.34
CA ASP F 146 -50.38 -8.31 -24.73
C ASP F 146 -49.16 -8.71 -23.91
N PRO F 147 -49.35 -9.51 -22.87
CA PRO F 147 -48.19 -9.91 -22.05
C PRO F 147 -47.21 -10.81 -22.79
N LYS F 148 -47.59 -11.37 -23.93
CA LYS F 148 -46.67 -12.21 -24.71
C LYS F 148 -45.91 -11.41 -25.76
N LEU F 149 -46.61 -10.58 -26.54
CA LEU F 149 -45.99 -9.89 -27.68
C LEU F 149 -45.49 -8.49 -27.35
N GLY F 150 -46.07 -7.83 -26.35
CA GLY F 150 -45.59 -6.55 -25.90
C GLY F 150 -44.12 -6.58 -25.51
N PRO F 151 -43.76 -7.53 -24.64
CA PRO F 151 -42.35 -7.70 -24.33
C PRO F 151 -41.56 -8.04 -25.57
N LYS F 152 -42.16 -8.68 -26.60
CA LYS F 152 -41.33 -8.97 -27.77
C LYS F 152 -40.85 -7.64 -28.34
N CYS F 153 -41.79 -6.71 -28.35
CA CYS F 153 -41.56 -5.41 -28.96
C CYS F 153 -40.54 -4.61 -28.18
N VAL F 154 -40.66 -4.62 -26.85
CA VAL F 154 -39.75 -3.80 -26.04
C VAL F 154 -38.33 -4.36 -26.07
N LYS F 155 -38.22 -5.71 -26.06
CA LYS F 155 -36.93 -6.36 -26.20
C LYS F 155 -36.32 -6.15 -27.60
N SER F 156 -37.14 -6.09 -28.63
CA SER F 156 -36.55 -5.74 -29.94
C SER F 156 -36.05 -4.29 -29.95
N LEU F 157 -36.71 -3.40 -29.20
CA LEU F 157 -36.25 -2.02 -29.18
C LEU F 157 -34.90 -1.89 -28.49
N VAL F 158 -34.72 -2.57 -27.35
CA VAL F 158 -33.40 -2.54 -26.70
C VAL F 158 -32.35 -3.29 -27.52
N ALA F 159 -32.76 -4.38 -28.16
CA ALA F 159 -31.82 -5.09 -29.03
C ALA F 159 -31.35 -4.19 -30.17
N LEU F 160 -32.09 -3.13 -30.50
CA LEU F 160 -31.63 -2.30 -31.60
C LEU F 160 -30.42 -1.45 -31.18
N VAL F 161 -30.51 -0.87 -29.99
CA VAL F 161 -29.40 -0.01 -29.55
C VAL F 161 -28.15 -0.85 -29.34
N GLU F 162 -28.34 -2.15 -29.06
CA GLU F 162 -27.28 -3.13 -28.93
C GLU F 162 -26.94 -3.76 -30.29
N GLY F 163 -27.25 -3.05 -31.39
CA GLY F 163 -27.08 -3.58 -32.73
C GLY F 163 -25.78 -3.19 -33.42
N THR F 164 -25.75 -3.50 -34.71
CA THR F 164 -24.63 -3.21 -35.59
C THR F 164 -24.49 -1.71 -35.84
N ASP F 165 -23.25 -1.26 -36.04
CA ASP F 165 -23.03 0.04 -36.67
C ASP F 165 -22.43 -0.15 -38.04
N MET F 166 -23.00 0.53 -39.03
CA MET F 166 -22.65 0.35 -40.43
C MET F 166 -21.60 1.31 -40.97
N GLU F 167 -21.31 2.40 -40.27
CA GLU F 167 -20.43 3.42 -40.85
C GLU F 167 -19.06 2.88 -41.29
N PRO F 168 -18.31 2.10 -40.49
CA PRO F 168 -17.02 1.58 -40.97
C PRO F 168 -17.14 0.59 -42.12
N LYS F 169 -18.34 0.05 -42.29
CA LYS F 169 -18.73 -1.04 -43.16
C LYS F 169 -18.99 -0.53 -44.57
N MET F 170 -19.38 0.75 -44.67
CA MET F 170 -19.86 1.37 -45.91
C MET F 170 -18.79 1.37 -47.00
N ALA F 171 -17.54 1.62 -46.64
CA ALA F 171 -16.46 1.66 -47.61
C ALA F 171 -15.98 0.27 -48.00
N HIS F 172 -16.53 -0.78 -47.40
CA HIS F 172 -16.04 -2.14 -47.63
C HIS F 172 -17.08 -3.10 -48.17
N TYR F 173 -18.36 -2.72 -48.18
CA TYR F 173 -19.37 -3.55 -48.85
C TYR F 173 -18.97 -3.80 -50.29
N LYS F 174 -19.08 -5.06 -50.72
CA LYS F 174 -18.79 -5.42 -52.10
C LYS F 174 -20.05 -5.75 -52.89
N THR F 175 -21.21 -5.85 -52.21
CA THR F 175 -22.48 -6.08 -52.86
C THR F 175 -23.56 -5.24 -52.18
N MET F 176 -24.56 -4.84 -52.96
CA MET F 176 -25.70 -4.14 -52.39
C MET F 176 -26.47 -5.04 -51.43
N LYS F 177 -26.42 -6.36 -51.64
CA LYS F 177 -27.18 -7.30 -50.82
C LYS F 177 -26.73 -7.29 -49.36
N GLU F 178 -25.41 -7.32 -49.13
CA GLU F 178 -24.91 -7.25 -47.76
C GLU F 178 -25.32 -5.95 -47.09
N TYR F 179 -25.18 -4.83 -47.82
CA TYR F 179 -25.63 -3.55 -47.30
C TYR F 179 -27.08 -3.62 -46.87
N ALA F 180 -27.94 -4.15 -47.75
CA ALA F 180 -29.37 -4.17 -47.47
C ALA F 180 -29.68 -5.02 -46.26
N LEU F 181 -29.01 -6.17 -46.14
CA LEU F 181 -29.25 -7.04 -44.99
C LEU F 181 -28.84 -6.38 -43.68
N ASP F 182 -27.86 -5.47 -43.73
CA ASP F 182 -27.57 -4.73 -42.50
C ASP F 182 -28.52 -3.55 -42.31
N ARG F 183 -28.93 -2.90 -43.40
CA ARG F 183 -29.77 -1.72 -43.31
C ARG F 183 -31.15 -2.08 -42.75
N THR F 184 -31.62 -3.30 -43.04
CA THR F 184 -32.85 -3.79 -42.43
C THR F 184 -32.82 -3.64 -40.91
N ASN F 185 -31.71 -4.05 -40.29
CA ASN F 185 -31.59 -3.91 -38.84
C ASN F 185 -31.45 -2.44 -38.44
N TYR F 186 -30.72 -1.65 -39.24
CA TYR F 186 -30.51 -0.25 -38.90
C TYR F 186 -31.82 0.51 -38.82
N ILE F 187 -32.76 0.23 -39.72
CA ILE F 187 -34.04 0.94 -39.75
C ILE F 187 -35.09 0.23 -38.91
N ALA F 188 -34.65 -0.74 -38.09
CA ALA F 188 -35.50 -1.35 -37.06
C ALA F 188 -36.66 -2.14 -37.67
N TRP F 189 -36.39 -2.88 -38.73
CA TRP F 189 -37.47 -3.67 -39.30
C TRP F 189 -37.78 -4.93 -38.50
N PRO F 190 -36.84 -5.48 -37.71
CA PRO F 190 -37.27 -6.48 -36.72
C PRO F 190 -38.34 -5.94 -35.78
N VAL F 191 -38.20 -4.68 -35.34
CA VAL F 191 -39.23 -4.08 -34.51
C VAL F 191 -40.51 -3.88 -35.31
N ALA F 192 -40.38 -3.51 -36.58
CA ALA F 192 -41.58 -3.38 -37.41
C ALA F 192 -42.32 -4.72 -37.52
N CYS F 193 -41.57 -5.82 -37.61
CA CYS F 193 -42.24 -7.12 -37.75
C CYS F 193 -42.82 -7.59 -36.44
N ASP F 194 -42.17 -7.28 -35.33
CA ASP F 194 -42.75 -7.56 -34.02
C ASP F 194 -44.03 -6.74 -33.81
N ASN F 195 -44.01 -5.46 -34.18
CA ASN F 195 -45.20 -4.63 -34.06
C ASN F 195 -46.34 -5.18 -34.91
N ALA F 196 -46.04 -5.59 -36.14
CA ALA F 196 -47.07 -6.15 -37.01
C ALA F 196 -47.65 -7.43 -36.41
N GLU F 197 -46.78 -8.30 -35.88
CA GLU F 197 -47.26 -9.53 -35.24
C GLU F 197 -48.12 -9.21 -34.02
N PHE F 198 -47.72 -8.21 -33.24
CA PHE F 198 -48.48 -7.82 -32.05
C PHE F 198 -49.83 -7.25 -32.44
N GLY F 199 -49.86 -6.40 -33.48
CA GLY F 199 -51.08 -5.70 -33.82
C GLY F 199 -52.21 -6.62 -34.25
N SER F 200 -51.89 -7.66 -35.01
CA SER F 200 -52.90 -8.61 -35.45
C SER F 200 -53.12 -9.75 -34.47
N GLN F 201 -52.49 -9.72 -33.30
CA GLN F 201 -52.65 -10.75 -32.28
C GLN F 201 -52.49 -12.14 -32.88
N LEU F 202 -51.36 -12.34 -33.57
CA LEU F 202 -51.07 -13.58 -34.24
C LEU F 202 -50.41 -14.58 -33.31
N ASN F 203 -50.80 -15.84 -33.44
CA ASN F 203 -50.20 -16.95 -32.69
C ASN F 203 -49.32 -17.71 -33.68
N LEU F 204 -48.03 -17.40 -33.67
CA LEU F 204 -47.09 -17.96 -34.62
C LEU F 204 -45.95 -18.60 -33.85
N THR F 205 -45.59 -19.82 -34.25
CA THR F 205 -44.40 -20.43 -33.69
C THR F 205 -43.15 -19.88 -34.40
N GLN F 206 -42.02 -20.02 -33.72
CA GLN F 206 -40.75 -19.59 -34.31
C GLN F 206 -40.50 -20.36 -35.60
N ASP F 207 -40.84 -21.66 -35.61
CA ASP F 207 -40.70 -22.46 -36.82
C ASP F 207 -41.57 -21.94 -37.95
N GLN F 208 -42.81 -21.54 -37.62
CA GLN F 208 -43.73 -21.07 -38.66
C GLN F 208 -43.21 -19.80 -39.33
N LEU F 209 -42.80 -18.80 -38.53
CA LEU F 209 -42.19 -17.59 -39.09
C LEU F 209 -40.93 -17.91 -39.87
N ASP F 210 -40.08 -18.78 -39.31
CA ASP F 210 -38.85 -19.21 -39.99
C ASP F 210 -39.11 -19.82 -41.36
N SER F 211 -40.21 -20.57 -41.51
CA SER F 211 -40.56 -21.21 -42.78
C SER F 211 -40.78 -20.22 -43.92
N VAL F 212 -41.09 -18.95 -43.62
CA VAL F 212 -41.43 -17.97 -44.66
C VAL F 212 -40.52 -16.73 -44.64
N ARG F 213 -39.46 -16.75 -43.81
CA ARG F 213 -38.62 -15.59 -43.75
C ARG F 213 -37.94 -15.34 -45.12
N ASP F 214 -37.68 -16.42 -45.87
CA ASP F 214 -37.06 -16.26 -47.19
C ASP F 214 -38.06 -15.76 -48.21
N ILE F 215 -39.36 -16.02 -47.99
CA ILE F 215 -40.37 -15.40 -48.84
C ILE F 215 -40.38 -13.89 -48.64
N PHE F 216 -40.27 -13.45 -47.39
CA PHE F 216 -40.47 -12.02 -47.15
C PHE F 216 -39.20 -11.17 -47.26
N LEU F 217 -38.02 -11.79 -47.30
CA LEU F 217 -36.79 -11.02 -47.48
C LEU F 217 -36.85 -9.97 -48.60
N PRO F 218 -37.39 -10.25 -49.79
CA PRO F 218 -37.46 -9.19 -50.82
C PRO F 218 -38.25 -7.96 -50.40
N LEU F 219 -39.30 -8.12 -49.60
CA LEU F 219 -40.08 -6.97 -49.15
C LEU F 219 -39.30 -6.11 -48.16
N TRP F 220 -38.56 -6.73 -47.25
CA TRP F 220 -37.71 -5.98 -46.34
C TRP F 220 -36.62 -5.21 -47.11
N THR F 221 -36.02 -5.87 -48.10
CA THR F 221 -35.06 -5.17 -48.94
C THR F 221 -35.71 -4.00 -49.66
N HIS F 222 -36.92 -4.22 -50.18
CA HIS F 222 -37.73 -3.17 -50.79
C HIS F 222 -37.86 -1.96 -49.87
N SER F 223 -38.22 -2.20 -48.61
CA SER F 223 -38.45 -1.10 -47.69
C SER F 223 -37.16 -0.38 -47.34
N CYS F 224 -36.03 -1.09 -47.31
CA CYS F 224 -34.76 -0.41 -47.09
C CYS F 224 -34.44 0.51 -48.26
N TYR F 225 -34.71 0.06 -49.47
CA TYR F 225 -34.45 0.90 -50.64
C TYR F 225 -35.39 2.10 -50.68
N VAL F 226 -36.65 1.91 -50.26
CA VAL F 226 -37.61 3.02 -50.28
C VAL F 226 -37.24 4.05 -49.22
N TYR F 227 -36.80 3.59 -48.05
CA TYR F 227 -36.32 4.50 -47.02
C TYR F 227 -35.12 5.29 -47.50
N ASP F 228 -34.14 4.61 -48.10
CA ASP F 228 -32.95 5.31 -48.58
C ASP F 228 -33.32 6.34 -49.63
N TYR F 229 -34.15 5.94 -50.61
CA TYR F 229 -34.62 6.84 -51.65
C TYR F 229 -35.18 8.13 -51.04
N TYR F 230 -36.15 8.01 -50.14
CA TYR F 230 -36.87 9.20 -49.70
C TYR F 230 -36.19 9.92 -48.54
N HIS F 231 -35.16 9.32 -47.92
CA HIS F 231 -34.43 9.97 -46.84
C HIS F 231 -33.08 10.54 -47.29
N TYR F 232 -32.66 10.26 -48.53
CA TYR F 232 -31.32 10.67 -48.93
C TYR F 232 -31.13 12.17 -48.84
N ASP F 233 -32.11 12.97 -49.25
CA ASP F 233 -31.86 14.41 -49.34
C ASP F 233 -31.70 15.01 -47.96
N LYS F 234 -32.57 14.64 -47.01
CA LYS F 234 -32.47 15.16 -45.66
C LYS F 234 -31.22 14.63 -44.95
N GLU F 235 -30.84 13.38 -45.20
CA GLU F 235 -29.63 12.86 -44.57
C GLU F 235 -28.35 13.42 -45.19
N ALA F 236 -28.37 13.71 -46.49
CA ALA F 236 -27.22 14.28 -47.19
C ALA F 236 -27.05 15.75 -46.85
N GLU F 237 -28.13 16.41 -46.41
CA GLU F 237 -28.00 17.80 -46.00
C GLU F 237 -27.20 17.91 -44.71
N ILE F 238 -27.39 16.95 -43.80
CA ILE F 238 -26.60 16.88 -42.57
C ILE F 238 -25.19 16.33 -42.80
N HIS F 239 -25.03 15.36 -43.70
CA HIS F 239 -23.75 14.66 -43.72
C HIS F 239 -22.61 15.41 -44.40
N SER F 240 -22.90 16.32 -45.33
CA SER F 240 -21.79 17.10 -45.91
C SER F 240 -21.32 18.20 -44.98
N THR F 241 -22.05 18.47 -43.90
CA THR F 241 -21.65 19.49 -42.93
C THR F 241 -21.13 18.88 -41.63
N TYR F 242 -21.79 17.87 -41.07
CA TYR F 242 -21.33 17.28 -39.82
C TYR F 242 -20.71 15.88 -39.96
N GLY F 243 -20.77 15.25 -41.14
CA GLY F 243 -20.19 13.93 -41.24
C GLY F 243 -18.70 13.81 -41.49
N LYS F 244 -18.10 14.79 -42.13
CA LYS F 244 -16.64 14.86 -42.34
C LYS F 244 -16.17 13.59 -43.06
N GLY F 245 -15.05 13.01 -42.63
CA GLY F 245 -14.46 11.82 -43.22
C GLY F 245 -15.21 10.53 -42.95
N ARG F 246 -16.34 10.63 -42.27
CA ARG F 246 -17.22 9.48 -42.06
C ARG F 246 -18.01 9.17 -43.32
N SER F 247 -18.33 7.90 -43.51
CA SER F 247 -19.20 7.48 -44.61
C SER F 247 -20.67 7.66 -44.24
N MET F 248 -21.43 8.27 -45.15
CA MET F 248 -22.89 8.33 -44.97
C MET F 248 -23.49 6.94 -45.21
N ILE F 249 -24.43 6.55 -44.36
CA ILE F 249 -25.05 5.22 -44.41
C ILE F 249 -26.32 5.35 -45.24
N ASN F 250 -26.21 5.10 -46.54
CA ASN F 250 -27.32 5.21 -47.47
C ASN F 250 -26.95 4.50 -48.76
N SER F 251 -27.96 4.02 -49.48
CA SER F 251 -27.73 3.27 -50.70
C SER F 251 -27.04 4.10 -51.78
N ILE F 252 -27.21 5.42 -51.76
CA ILE F 252 -26.77 6.26 -52.88
C ILE F 252 -25.26 6.43 -52.92
N PRO F 253 -24.58 6.78 -51.81
CA PRO F 253 -23.11 6.80 -51.88
C PRO F 253 -22.53 5.44 -52.21
N LEU F 254 -23.10 4.37 -51.67
CA LEU F 254 -22.62 3.03 -51.98
C LEU F 254 -22.81 2.70 -53.46
N LEU F 255 -23.94 3.11 -54.04
CA LEU F 255 -24.17 2.86 -55.45
C LEU F 255 -23.20 3.67 -56.31
N ASN F 256 -22.84 4.88 -55.86
CA ASN F 256 -21.78 5.62 -56.52
C ASN F 256 -20.47 4.85 -56.49
N ARG F 257 -20.09 4.34 -55.32
CA ARG F 257 -18.80 3.67 -55.20
C ARG F 257 -18.76 2.37 -56.01
N LEU F 258 -19.86 1.60 -55.97
CA LEU F 258 -19.88 0.27 -56.56
C LEU F 258 -20.24 0.28 -58.05
N LYS F 259 -21.05 1.22 -58.49
CA LYS F 259 -21.54 1.23 -59.87
C LYS F 259 -21.31 2.56 -60.59
N GLY F 260 -20.63 3.52 -59.97
CA GLY F 260 -20.35 4.79 -60.63
C GLY F 260 -21.58 5.62 -60.93
N LEU F 261 -22.62 5.52 -60.09
CA LEU F 261 -23.88 6.19 -60.35
C LEU F 261 -23.93 7.53 -59.64
N SER F 262 -24.35 8.57 -60.36
CA SER F 262 -24.70 9.82 -59.73
C SER F 262 -25.90 9.60 -58.81
N VAL F 263 -26.27 10.63 -58.06
CA VAL F 263 -27.42 10.48 -57.17
C VAL F 263 -28.69 10.32 -58.00
N GLU F 264 -28.76 11.00 -59.14
CA GLU F 264 -29.90 10.84 -60.05
C GLU F 264 -30.03 9.40 -60.53
N GLU F 265 -28.91 8.83 -60.98
CA GLU F 265 -28.91 7.45 -61.45
C GLU F 265 -29.16 6.46 -60.31
N ALA F 266 -28.64 6.76 -59.12
CA ALA F 266 -28.82 5.88 -57.96
C ALA F 266 -30.27 5.83 -57.52
N LYS F 267 -30.95 6.98 -57.51
CA LYS F 267 -32.38 6.98 -57.20
C LYS F 267 -33.16 6.19 -58.23
N ALA F 268 -32.83 6.35 -59.51
CA ALA F 268 -33.48 5.53 -60.54
C ALA F 268 -33.23 4.05 -60.29
N TRP F 269 -31.99 3.70 -59.94
CA TRP F 269 -31.63 2.32 -59.61
C TRP F 269 -32.50 1.78 -58.49
N LEU F 270 -32.64 2.56 -57.41
CA LEU F 270 -33.43 2.12 -56.27
C LEU F 270 -34.89 1.86 -56.65
N LYS F 271 -35.48 2.78 -57.42
CA LYS F 271 -36.88 2.62 -57.81
C LYS F 271 -37.08 1.37 -58.67
N GLN F 272 -36.21 1.18 -59.66
CA GLN F 272 -36.32 0.02 -60.52
C GLN F 272 -36.09 -1.27 -59.73
N ARG F 273 -35.17 -1.22 -58.76
CA ARG F 273 -34.90 -2.38 -57.93
C ARG F 273 -36.10 -2.73 -57.07
N CYS F 274 -36.86 -1.72 -56.63
CA CYS F 274 -38.02 -2.03 -55.80
C CYS F 274 -39.15 -2.63 -56.63
N PHE F 275 -39.27 -2.24 -57.89
CA PHE F 275 -40.19 -2.96 -58.76
C PHE F 275 -39.74 -4.41 -58.97
N GLU F 276 -38.45 -4.61 -59.22
CA GLU F 276 -37.91 -5.96 -59.35
C GLU F 276 -38.17 -6.78 -58.09
N LEU F 277 -38.06 -6.15 -56.92
CA LEU F 277 -38.22 -6.87 -55.65
C LEU F 277 -39.68 -7.23 -55.41
N GLU F 278 -40.61 -6.37 -55.82
CA GLU F 278 -42.02 -6.77 -55.80
C GLU F 278 -42.23 -8.01 -56.66
N LYS F 279 -41.66 -8.01 -57.87
CA LYS F 279 -41.81 -9.17 -58.75
C LYS F 279 -41.22 -10.43 -58.13
N GLU F 280 -40.07 -10.28 -57.46
CA GLU F 280 -39.41 -11.42 -56.83
C GLU F 280 -40.21 -11.94 -55.63
N TYR F 281 -40.75 -11.03 -54.82
CA TYR F 281 -41.62 -11.47 -53.72
C TYR F 281 -42.82 -12.24 -54.25
N LEU F 282 -43.44 -11.76 -55.32
CA LEU F 282 -44.62 -12.45 -55.84
C LEU F 282 -44.25 -13.84 -56.37
N GLN F 283 -43.07 -13.97 -56.99
CA GLN F 283 -42.62 -15.29 -57.44
C GLN F 283 -42.41 -16.22 -56.25
N ARG F 284 -41.68 -15.75 -55.22
CA ARG F 284 -41.43 -16.60 -54.05
C ARG F 284 -42.73 -17.00 -53.38
N LYS F 285 -43.69 -16.06 -53.31
CA LYS F 285 -44.98 -16.35 -52.69
C LYS F 285 -45.78 -17.37 -53.48
N GLU F 286 -45.76 -17.27 -54.82
CA GLU F 286 -46.52 -18.22 -55.62
C GLU F 286 -45.90 -19.60 -55.56
N ASP F 287 -44.57 -19.66 -55.47
CA ASP F 287 -43.90 -20.94 -55.28
C ASP F 287 -44.25 -21.55 -53.92
N TYR F 288 -44.25 -20.74 -52.86
CA TYR F 288 -44.62 -21.25 -51.54
C TYR F 288 -46.04 -21.79 -51.55
N PHE F 289 -46.99 -21.02 -52.07
CA PHE F 289 -48.37 -21.45 -52.03
C PHE F 289 -48.69 -22.53 -53.04
N SER F 290 -47.77 -22.83 -53.96
CA SER F 290 -47.95 -24.03 -54.76
C SER F 290 -47.51 -25.26 -53.99
N GLU F 291 -46.44 -25.15 -53.19
CA GLU F 291 -46.04 -26.26 -52.33
C GLU F 291 -47.03 -26.45 -51.19
N ASN F 292 -47.55 -25.35 -50.64
CA ASN F 292 -48.47 -25.38 -49.50
C ASN F 292 -49.72 -24.58 -49.85
N PRO F 293 -50.75 -25.23 -50.39
CA PRO F 293 -51.92 -24.49 -50.88
C PRO F 293 -52.63 -23.73 -49.77
N VAL F 294 -53.29 -22.62 -50.16
CA VAL F 294 -53.84 -21.68 -49.21
C VAL F 294 -54.89 -22.33 -48.32
N GLU F 295 -55.64 -23.30 -48.84
CA GLU F 295 -56.68 -23.92 -48.03
C GLU F 295 -56.12 -24.78 -46.90
N ALA F 296 -54.84 -25.14 -46.96
CA ALA F 296 -54.21 -25.97 -45.95
C ALA F 296 -53.16 -25.22 -45.13
N VAL F 297 -53.00 -23.92 -45.34
CA VAL F 297 -52.05 -23.13 -44.55
C VAL F 297 -52.73 -22.65 -43.28
N PRO F 298 -52.08 -22.75 -42.13
CA PRO F 298 -52.67 -22.21 -40.89
C PRO F 298 -53.10 -20.75 -41.06
N VAL F 299 -54.26 -20.46 -40.46
CA VAL F 299 -54.89 -19.15 -40.64
C VAL F 299 -53.94 -18.04 -40.23
N ASP F 300 -53.24 -18.21 -39.11
CA ASP F 300 -52.35 -17.16 -38.65
C ASP F 300 -51.15 -16.97 -39.58
N LEU F 301 -50.72 -18.02 -40.27
CA LEU F 301 -49.67 -17.85 -41.27
C LEU F 301 -50.17 -17.02 -42.45
N ARG F 302 -51.42 -17.26 -42.88
CA ARG F 302 -51.98 -16.42 -43.93
C ARG F 302 -52.12 -14.96 -43.47
N ARG F 303 -52.53 -14.77 -42.21
CA ARG F 303 -52.59 -13.42 -41.66
C ARG F 303 -51.20 -12.78 -41.67
N TRP F 304 -50.16 -13.59 -41.44
CA TRP F 304 -48.79 -13.08 -41.49
C TRP F 304 -48.45 -12.58 -42.88
N PHE F 305 -48.88 -13.32 -43.91
CA PHE F 305 -48.70 -12.80 -45.27
C PHE F 305 -49.40 -11.46 -45.46
N LEU F 306 -50.63 -11.34 -44.95
CA LEU F 306 -51.33 -10.06 -45.04
C LEU F 306 -50.56 -8.96 -44.31
N SER F 307 -50.07 -9.25 -43.12
CA SER F 307 -49.32 -8.27 -42.33
C SER F 307 -48.07 -7.83 -43.06
N GLN F 308 -47.36 -8.77 -43.69
CA GLN F 308 -46.12 -8.44 -44.40
C GLN F 308 -46.39 -7.58 -45.63
N GLU F 309 -47.41 -7.93 -46.41
CA GLU F 309 -47.75 -7.12 -47.57
C GLU F 309 -48.20 -5.73 -47.16
N ASP F 310 -48.96 -5.64 -46.07
CA ASP F 310 -49.34 -4.34 -45.54
C ASP F 310 -48.12 -3.54 -45.12
N LEU F 311 -47.19 -4.18 -44.40
CA LEU F 311 -45.98 -3.50 -43.97
C LEU F 311 -45.23 -2.89 -45.16
N ALA F 312 -44.99 -3.69 -46.19
CA ALA F 312 -44.20 -3.21 -47.32
C ALA F 312 -44.93 -2.08 -48.06
N THR F 313 -46.18 -2.32 -48.46
CA THR F 313 -46.90 -1.33 -49.26
C THR F 313 -47.19 -0.06 -48.47
N GLY F 314 -47.61 -0.21 -47.22
CA GLY F 314 -47.87 0.95 -46.38
C GLY F 314 -46.63 1.78 -46.13
N PHE F 315 -45.49 1.13 -45.88
CA PHE F 315 -44.27 1.89 -45.72
C PHE F 315 -43.90 2.61 -47.01
N ALA F 316 -44.14 1.96 -48.16
CA ALA F 316 -43.82 2.59 -49.43
C ALA F 316 -44.65 3.85 -49.64
N ILE F 317 -45.96 3.77 -49.38
CA ILE F 317 -46.82 4.93 -49.62
C ILE F 317 -46.60 6.01 -48.56
N TRP F 318 -46.22 5.60 -47.34
CA TRP F 318 -46.00 6.55 -46.26
C TRP F 318 -44.69 7.31 -46.43
N CYS F 319 -43.62 6.61 -46.82
CA CYS F 319 -42.32 7.27 -46.96
C CYS F 319 -42.33 8.33 -48.05
N ALA F 320 -43.13 8.13 -49.08
CA ALA F 320 -43.22 9.07 -50.19
C ALA F 320 -44.06 10.29 -49.87
N THR F 321 -44.79 10.28 -48.75
CA THR F 321 -45.75 11.35 -48.47
C THR F 321 -45.72 11.91 -47.05
N THR F 322 -45.15 11.22 -46.07
CA THR F 322 -45.34 11.62 -44.67
C THR F 322 -44.64 12.93 -44.37
N TYR F 323 -45.21 13.68 -43.41
CA TYR F 323 -44.57 14.90 -42.95
C TYR F 323 -43.25 14.64 -42.25
N HIS F 324 -42.99 13.38 -41.87
CA HIS F 324 -41.70 13.06 -41.25
C HIS F 324 -40.55 13.27 -42.22
N ASN F 325 -40.81 13.14 -43.53
CA ASN F 325 -39.78 13.19 -44.55
C ASN F 325 -39.97 14.28 -45.60
N HIS F 326 -41.03 15.08 -45.51
CA HIS F 326 -41.37 15.98 -46.61
C HIS F 326 -42.01 17.24 -46.05
N PRO F 327 -41.80 18.38 -46.70
CA PRO F 327 -42.46 19.62 -46.28
C PRO F 327 -43.97 19.45 -46.26
N PRO F 328 -44.67 20.08 -45.29
CA PRO F 328 -44.24 21.10 -44.32
C PRO F 328 -43.76 20.56 -42.97
N PHE F 329 -43.34 19.30 -42.95
CA PHE F 329 -42.74 18.66 -41.77
C PHE F 329 -43.69 18.84 -40.58
N GLY F 330 -43.20 19.25 -39.42
CA GLY F 330 -44.06 19.37 -38.25
C GLY F 330 -45.27 20.25 -38.47
N GLU F 331 -45.14 21.27 -39.33
CA GLU F 331 -46.27 22.18 -39.50
C GLU F 331 -47.44 21.52 -40.22
N GLY F 332 -47.26 20.32 -40.76
CA GLY F 332 -48.38 19.57 -41.30
C GLY F 332 -49.31 19.00 -40.25
N TYR F 333 -48.98 19.14 -38.97
CA TYR F 333 -49.84 18.61 -37.92
C TYR F 333 -50.98 19.55 -37.54
N ALA F 334 -50.86 20.85 -37.85
CA ALA F 334 -51.76 21.83 -37.28
C ALA F 334 -53.18 21.69 -37.82
N ALA F 335 -53.31 21.46 -39.14
CA ALA F 335 -54.66 21.40 -39.71
C ALA F 335 -55.41 20.15 -39.24
N PRO F 336 -54.86 18.94 -39.31
CA PRO F 336 -55.59 17.79 -38.76
C PRO F 336 -55.89 17.95 -37.27
N TYR F 337 -54.91 18.39 -36.48
CA TYR F 337 -55.13 18.58 -35.06
C TYR F 337 -56.37 19.44 -34.83
N GLU F 338 -56.38 20.63 -35.43
CA GLU F 338 -57.52 21.52 -35.23
C GLU F 338 -58.78 20.91 -35.81
N LYS F 339 -58.67 20.20 -36.94
CA LYS F 339 -59.87 19.61 -37.52
C LYS F 339 -60.44 18.55 -36.60
N ARG F 340 -59.58 17.83 -35.89
CA ARG F 340 -60.08 16.83 -34.97
C ARG F 340 -60.43 17.43 -33.63
N ARG F 341 -59.85 18.59 -33.29
CA ARG F 341 -60.22 19.24 -32.04
C ARG F 341 -61.59 19.86 -32.15
N LYS F 342 -61.93 20.37 -33.34
CA LYS F 342 -63.24 20.91 -33.62
C LYS F 342 -64.32 19.84 -33.66
N GLU F 343 -63.95 18.59 -33.94
CA GLU F 343 -64.91 17.48 -33.87
C GLU F 343 -65.18 17.08 -32.42
N GLY F 344 -64.55 17.74 -31.46
CA GLY F 344 -64.82 17.49 -30.07
C GLY F 344 -64.04 16.36 -29.46
N ALA F 345 -62.88 16.01 -30.02
CA ALA F 345 -62.06 14.95 -29.45
C ALA F 345 -61.38 15.43 -28.17
N LEU F 346 -61.35 14.56 -27.18
CA LEU F 346 -60.81 14.90 -25.86
C LEU F 346 -59.45 14.22 -25.68
N TRP F 347 -58.44 15.04 -25.42
CA TRP F 347 -57.10 14.54 -25.14
C TRP F 347 -56.69 14.98 -23.73
N PHE F 348 -55.94 14.13 -23.04
CA PHE F 348 -55.36 14.52 -21.77
C PHE F 348 -54.41 15.70 -21.97
N GLU F 349 -54.49 16.67 -21.07
CA GLU F 349 -53.57 17.79 -21.15
C GLU F 349 -52.19 17.45 -20.61
N LYS F 350 -52.12 16.55 -19.64
CA LYS F 350 -50.86 16.02 -19.13
C LYS F 350 -50.93 14.50 -19.17
N VAL F 351 -49.78 13.88 -19.46
CA VAL F 351 -49.73 12.42 -19.55
C VAL F 351 -49.92 11.79 -18.17
N THR F 352 -49.74 12.57 -17.12
CA THR F 352 -49.88 12.10 -15.75
C THR F 352 -51.33 12.04 -15.28
N GLU F 353 -52.25 12.69 -16.01
CA GLU F 353 -53.65 12.73 -15.60
C GLU F 353 -54.24 11.34 -15.35
N SER F 354 -53.86 10.35 -16.16
CA SER F 354 -54.55 9.08 -16.17
C SER F 354 -53.58 7.92 -16.35
N ASP F 355 -54.03 6.74 -15.93
CA ASP F 355 -53.35 5.48 -16.21
C ASP F 355 -53.61 4.98 -17.62
N GLN F 356 -54.57 5.57 -18.33
CA GLN F 356 -54.94 5.14 -19.66
C GLN F 356 -54.11 5.85 -20.72
N LEU F 357 -54.10 5.25 -21.91
CA LEU F 357 -53.46 5.88 -23.06
C LEU F 357 -54.22 7.13 -23.47
N MET F 358 -55.54 7.01 -23.59
CA MET F 358 -56.38 8.07 -24.14
C MET F 358 -57.61 8.20 -23.27
N THR F 359 -58.32 9.31 -23.46
CA THR F 359 -59.51 9.61 -22.67
C THR F 359 -60.51 8.45 -22.64
N GLY F 360 -60.66 7.74 -23.76
CA GLY F 360 -61.56 6.61 -23.82
C GLY F 360 -60.87 5.27 -23.66
N GLY F 361 -59.67 5.29 -23.10
CA GLY F 361 -58.85 4.10 -22.96
C GLY F 361 -57.89 3.91 -24.13
N PHE F 362 -58.39 3.36 -25.23
CA PHE F 362 -57.62 3.23 -26.47
C PHE F 362 -58.33 3.94 -27.60
N GLU F 363 -59.26 4.81 -27.25
CA GLU F 363 -60.03 5.62 -28.18
C GLU F 363 -60.25 6.95 -27.49
N VAL F 364 -60.89 7.85 -28.18
CA VAL F 364 -61.07 9.20 -27.67
C VAL F 364 -62.47 9.33 -27.11
N ARG F 365 -62.64 10.22 -26.14
CA ARG F 365 -63.95 10.52 -25.59
C ARG F 365 -64.52 11.79 -26.20
N TYR F 366 -65.84 11.93 -26.11
CA TYR F 366 -66.64 13.06 -26.59
C TYR F 366 -66.86 12.99 -28.10
N ALA F 367 -65.86 12.52 -28.85
CA ALA F 367 -66.04 12.28 -30.29
C ALA F 367 -65.79 10.82 -30.61
N ASN F 368 -65.42 10.52 -31.86
CA ASN F 368 -65.21 9.15 -32.30
C ASN F 368 -64.15 8.43 -31.46
N ASN G 2 11.00 -37.14 0.13
CA ASN G 2 10.16 -36.73 -1.00
C ASN G 2 10.17 -37.79 -2.09
N ALA G 3 9.11 -38.59 -2.13
CA ALA G 3 8.94 -39.66 -3.11
C ALA G 3 7.45 -39.87 -3.34
N GLU G 4 6.79 -38.87 -3.93
CA GLU G 4 5.35 -38.91 -4.14
C GLU G 4 4.95 -39.88 -5.24
N GLY G 5 5.86 -40.21 -6.16
CA GLY G 5 5.61 -41.20 -7.18
C GLY G 5 6.27 -42.54 -6.92
N LEU G 6 7.03 -42.66 -5.83
CA LEU G 6 7.77 -43.88 -5.50
C LEU G 6 8.81 -44.20 -6.58
N ARG G 7 9.42 -43.16 -7.14
CA ARG G 7 10.40 -43.34 -8.20
C ARG G 7 11.81 -43.59 -7.66
N ARG G 8 12.06 -43.31 -6.38
CA ARG G 8 13.41 -43.47 -5.84
C ARG G 8 13.80 -44.95 -5.90
N HIS G 9 14.98 -45.24 -6.45
CA HIS G 9 15.38 -46.63 -6.58
C HIS G 9 16.69 -47.00 -5.86
N SER G 10 17.39 -46.05 -5.25
CA SER G 10 18.67 -46.38 -4.61
C SER G 10 18.85 -45.69 -3.26
N VAL G 11 17.76 -45.38 -2.57
CA VAL G 11 17.84 -44.46 -1.43
C VAL G 11 16.74 -44.75 -0.42
N MET G 12 17.02 -44.41 0.85
CA MET G 12 16.04 -44.46 1.93
C MET G 12 16.07 -43.15 2.72
N LEU G 13 14.93 -42.79 3.31
CA LEU G 13 14.83 -41.58 4.10
C LEU G 13 15.72 -41.68 5.35
N ASP G 14 16.47 -40.62 5.63
CA ASP G 14 17.21 -40.54 6.88
C ASP G 14 16.24 -40.60 8.04
N CYS G 15 16.67 -41.14 9.17
CA CYS G 15 15.71 -41.28 10.26
C CYS G 15 15.53 -39.93 10.92
N LYS G 16 14.32 -39.70 11.47
CA LYS G 16 13.99 -38.45 12.15
C LYS G 16 15.03 -37.96 13.15
N LEU G 17 16.29 -37.87 12.73
CA LEU G 17 17.36 -37.18 13.46
C LEU G 17 17.59 -35.78 12.90
N TRP G 18 16.53 -35.18 12.37
CA TRP G 18 16.56 -33.91 11.64
C TRP G 18 15.19 -33.25 11.76
N LYS G 19 14.17 -34.06 12.09
CA LYS G 19 12.77 -33.66 11.92
C LYS G 19 12.49 -32.29 12.52
N ASP G 20 12.91 -32.06 13.76
CA ASP G 20 12.75 -30.76 14.39
C ASP G 20 14.06 -30.29 15.00
N ASP G 21 15.17 -30.83 14.49
CA ASP G 21 16.50 -30.45 14.94
C ASP G 21 16.76 -29.02 14.50
N PRO G 22 17.06 -28.09 15.42
CA PRO G 22 17.22 -26.68 15.04
C PRO G 22 18.38 -26.43 14.08
N ILE G 23 19.34 -27.35 13.98
CA ILE G 23 20.47 -27.13 13.07
C ILE G 23 20.15 -27.46 11.63
N TYR G 24 19.03 -28.13 11.36
CA TYR G 24 18.65 -28.55 10.01
C TYR G 24 17.65 -27.55 9.44
N PHE G 25 18.03 -26.88 8.36
CA PHE G 25 17.29 -25.72 7.85
C PHE G 25 16.24 -26.08 6.80
N PHE G 26 15.48 -27.15 7.04
CA PHE G 26 14.31 -27.52 6.25
C PHE G 26 13.22 -27.98 7.21
N LYS G 27 11.97 -27.69 6.87
CA LYS G 27 10.85 -28.16 7.67
C LYS G 27 10.04 -29.28 7.01
N THR G 28 9.98 -29.31 5.68
CA THR G 28 9.24 -30.33 4.97
C THR G 28 10.17 -31.34 4.29
N LEU G 29 11.17 -30.85 3.57
CA LEU G 29 12.03 -31.73 2.79
C LEU G 29 12.92 -32.56 3.70
N PRO G 30 12.86 -33.89 3.61
CA PRO G 30 13.72 -34.72 4.44
C PRO G 30 15.01 -35.05 3.69
N PRO G 31 16.12 -35.20 4.40
CA PRO G 31 17.32 -35.69 3.75
C PRO G 31 17.20 -37.19 3.52
N TYR G 32 17.88 -37.65 2.49
CA TYR G 32 17.87 -39.06 2.10
C TYR G 32 19.30 -39.56 2.05
N ILE G 33 19.48 -40.86 2.20
CA ILE G 33 20.81 -41.45 2.24
C ILE G 33 20.85 -42.69 1.34
N SER G 34 21.95 -42.86 0.64
CA SER G 34 22.17 -44.03 -0.20
C SER G 34 22.07 -45.32 0.59
N LYS G 35 21.46 -46.33 -0.01
CA LYS G 35 21.52 -47.68 0.52
C LYS G 35 22.94 -48.24 0.56
N TYR G 36 23.88 -47.62 -0.17
CA TYR G 36 25.26 -48.09 -0.32
C TYR G 36 26.28 -47.15 0.35
N ALA G 37 25.87 -46.59 1.50
CA ALA G 37 26.70 -45.62 2.21
C ALA G 37 28.00 -46.23 2.70
N GLN G 38 28.00 -47.53 3.02
CA GLN G 38 29.23 -48.13 3.48
C GLN G 38 30.28 -48.20 2.37
N ARG G 39 29.85 -48.47 1.14
CA ARG G 39 30.76 -48.38 0.01
C ARG G 39 31.27 -46.97 -0.16
N ALA G 40 30.41 -45.97 0.07
CA ALA G 40 30.88 -44.58 -0.03
C ALA G 40 32.03 -44.31 0.93
N ASP G 41 31.85 -44.68 2.21
CA ASP G 41 32.91 -44.47 3.19
C ASP G 41 34.14 -45.29 2.86
N ASP G 42 33.96 -46.49 2.32
CA ASP G 42 35.11 -47.30 1.90
C ASP G 42 35.93 -46.54 0.87
N ALA G 43 35.25 -45.91 -0.10
CA ALA G 43 35.96 -45.16 -1.13
C ALA G 43 36.70 -43.96 -0.52
N SER G 44 36.12 -43.35 0.50
CA SER G 44 36.77 -42.20 1.12
C SER G 44 38.06 -42.62 1.87
N ILE G 45 38.00 -43.72 2.61
CA ILE G 45 39.24 -44.24 3.22
C ILE G 45 40.25 -44.55 2.11
N GLN G 46 39.81 -45.14 0.97
CA GLN G 46 40.75 -45.36 -0.16
C GLN G 46 41.47 -44.10 -0.49
N ALA G 47 40.69 -43.05 -0.69
CA ALA G 47 41.25 -41.84 -1.24
C ALA G 47 42.35 -41.31 -0.34
N GLN G 48 42.10 -41.25 0.95
CA GLN G 48 43.26 -40.76 1.74
C GLN G 48 44.42 -41.70 1.90
N ILE G 49 44.20 -42.98 2.09
CA ILE G 49 45.38 -43.78 2.10
C ILE G 49 46.15 -43.63 0.80
N ASP G 50 45.46 -43.48 -0.33
CA ASP G 50 46.20 -43.27 -1.57
C ASP G 50 46.94 -41.93 -1.57
N VAL G 51 46.46 -40.96 -0.81
CA VAL G 51 47.16 -39.70 -0.63
C VAL G 51 48.02 -39.70 0.63
N PHE G 52 47.43 -40.00 1.78
CA PHE G 52 48.13 -39.88 3.05
C PHE G 52 48.85 -41.15 3.50
N GLY G 53 48.43 -42.32 3.06
CA GLY G 53 48.97 -43.55 3.60
C GLY G 53 48.20 -44.04 4.82
N LYS G 54 48.37 -45.32 5.12
CA LYS G 54 47.61 -45.97 6.18
C LYS G 54 47.93 -45.39 7.56
N ASP G 55 49.05 -44.70 7.68
CA ASP G 55 49.53 -44.15 8.95
C ASP G 55 49.09 -42.72 9.19
N ASP G 56 48.18 -42.19 8.36
CA ASP G 56 47.73 -40.80 8.43
C ASP G 56 46.22 -40.73 8.25
N VAL G 57 45.53 -41.62 8.95
CA VAL G 57 44.08 -41.70 8.95
C VAL G 57 43.52 -40.44 9.60
N GLY G 58 42.96 -39.52 8.79
CA GLY G 58 42.32 -38.34 9.34
C GLY G 58 43.16 -37.10 9.45
N ALA G 59 44.30 -37.01 8.75
CA ALA G 59 45.13 -35.83 8.84
C ALA G 59 44.36 -34.57 8.46
N MET G 60 43.42 -34.66 7.51
CA MET G 60 42.50 -33.57 7.23
C MET G 60 41.13 -34.20 6.96
N PRO G 61 40.07 -33.72 7.60
CA PRO G 61 38.76 -34.35 7.39
C PRO G 61 38.16 -34.03 6.04
N GLY G 62 37.55 -35.05 5.43
CA GLY G 62 36.93 -34.92 4.13
C GLY G 62 35.43 -35.12 4.14
N ALA G 63 34.96 -36.24 3.59
CA ALA G 63 33.54 -36.46 3.37
C ALA G 63 32.85 -37.19 4.50
N LEU G 64 33.59 -37.80 5.43
CA LEU G 64 32.97 -38.57 6.50
C LEU G 64 32.22 -37.66 7.46
N GLY G 65 31.20 -38.22 8.10
CA GLY G 65 30.42 -37.49 9.07
C GLY G 65 29.56 -38.41 9.91
N PRO G 66 29.28 -38.01 11.16
CA PRO G 66 28.45 -38.84 12.04
C PRO G 66 27.05 -39.05 11.48
N ARG G 67 26.60 -38.19 10.58
CA ARG G 67 25.28 -38.28 9.97
C ARG G 67 25.33 -38.72 8.51
N GLY G 68 26.40 -39.40 8.09
CA GLY G 68 26.43 -39.88 6.74
C GLY G 68 27.55 -39.31 5.89
N ASN G 69 28.06 -40.09 4.96
CA ASN G 69 29.04 -39.57 4.02
C ASN G 69 28.43 -38.45 3.20
N PHE G 70 29.26 -37.44 2.91
CA PHE G 70 28.83 -36.32 2.08
C PHE G 70 28.16 -36.83 0.82
N ALA G 71 28.83 -37.75 0.11
CA ALA G 71 28.26 -38.29 -1.11
C ALA G 71 27.06 -39.18 -0.83
N ALA G 72 27.04 -39.85 0.34
CA ALA G 72 25.95 -40.78 0.62
C ALA G 72 24.63 -40.04 0.85
N VAL G 73 24.67 -38.81 1.34
CA VAL G 73 23.44 -38.05 1.57
C VAL G 73 23.16 -37.05 0.45
N THR G 74 24.19 -36.40 -0.10
CA THR G 74 23.93 -35.41 -1.13
C THR G 74 23.66 -36.05 -2.49
N PHE G 75 24.24 -37.22 -2.76
CA PHE G 75 24.00 -37.92 -4.01
C PHE G 75 23.30 -39.25 -3.70
N ALA G 76 22.25 -39.19 -2.89
CA ALA G 76 21.64 -40.40 -2.35
C ALA G 76 21.09 -41.32 -3.43
N GLU G 77 20.64 -40.77 -4.56
CA GLU G 77 20.00 -41.57 -5.59
C GLU G 77 20.99 -42.15 -6.60
N SER G 78 22.26 -42.27 -6.24
CA SER G 78 23.26 -42.74 -7.17
C SER G 78 23.33 -44.26 -7.21
N PHE G 79 23.81 -44.77 -8.34
CA PHE G 79 24.11 -46.19 -8.45
C PHE G 79 25.32 -46.52 -7.57
N PRO G 80 25.37 -47.73 -7.00
CA PRO G 80 26.41 -48.01 -5.98
C PRO G 80 27.84 -47.73 -6.43
N ASP G 81 28.24 -48.25 -7.59
CA ASP G 81 29.57 -47.97 -8.12
C ASP G 81 29.82 -46.46 -8.19
N ARG G 82 28.85 -45.71 -8.70
CA ARG G 82 29.05 -44.28 -8.91
C ARG G 82 29.05 -43.49 -7.61
N VAL G 83 28.28 -43.92 -6.60
CA VAL G 83 28.33 -43.20 -5.34
C VAL G 83 29.66 -43.47 -4.65
N ALA G 84 30.21 -44.67 -4.82
CA ALA G 84 31.57 -44.91 -4.33
C ALA G 84 32.56 -44.01 -5.06
N MET G 85 32.44 -43.89 -6.39
CA MET G 85 33.32 -43.03 -7.16
C MET G 85 33.24 -41.59 -6.67
N LEU G 86 32.02 -41.11 -6.39
CA LEU G 86 31.85 -39.71 -5.98
C LEU G 86 32.41 -39.48 -4.58
N ALA G 87 32.20 -40.45 -3.67
CA ALA G 87 32.78 -40.33 -2.35
C ALA G 87 34.30 -40.25 -2.42
N TYR G 88 34.91 -41.11 -3.24
CA TYR G 88 36.36 -41.05 -3.42
C TYR G 88 36.79 -39.69 -3.97
N LEU G 89 36.12 -39.23 -5.03
CA LEU G 89 36.53 -38.00 -5.70
C LEU G 89 36.46 -36.81 -4.75
N ASN G 90 35.40 -36.74 -3.94
CA ASN G 90 35.27 -35.61 -3.03
C ASN G 90 36.24 -35.73 -1.86
N GLU G 91 36.55 -36.96 -1.42
CA GLU G 91 37.58 -37.12 -0.40
C GLU G 91 38.93 -36.61 -0.88
N VAL G 92 39.29 -36.88 -2.14
CA VAL G 92 40.60 -36.35 -2.58
C VAL G 92 40.48 -34.85 -2.85
N LEU G 93 39.30 -34.37 -3.24
CA LEU G 93 39.09 -32.94 -3.39
C LEU G 93 39.16 -32.21 -2.06
N SER G 94 39.14 -32.96 -0.95
CA SER G 94 39.34 -32.36 0.36
C SER G 94 40.65 -31.59 0.53
N PHE G 95 41.67 -31.84 -0.31
CA PHE G 95 42.95 -31.14 -0.19
C PHE G 95 43.25 -30.14 -1.27
N TYR G 96 42.28 -29.35 -1.67
CA TYR G 96 42.60 -28.19 -2.48
C TYR G 96 42.96 -26.99 -1.62
N GLU G 97 42.95 -27.15 -0.29
CA GLU G 97 43.38 -26.12 0.65
C GLU G 97 44.68 -26.51 1.36
N CYS G 98 45.42 -27.46 0.81
CA CYS G 98 46.78 -27.77 1.24
C CYS G 98 47.81 -27.68 0.12
N PHE G 99 47.40 -27.89 -1.12
CA PHE G 99 48.33 -27.92 -2.23
C PHE G 99 47.93 -26.92 -3.32
N ASN G 124 51.99 -29.73 5.62
CA ASN G 124 53.36 -30.21 5.72
C ASN G 124 53.86 -30.74 4.39
N PRO G 125 55.07 -30.33 3.99
CA PRO G 125 55.63 -30.84 2.74
C PRO G 125 56.16 -32.26 2.90
N VAL G 126 55.39 -33.24 2.45
CA VAL G 126 55.81 -34.64 2.59
C VAL G 126 55.18 -35.50 1.50
N TRP G 127 53.88 -35.81 1.61
CA TRP G 127 53.14 -36.57 0.61
C TRP G 127 52.74 -35.81 -0.65
N GLN G 128 53.30 -34.63 -0.98
CA GLN G 128 52.85 -33.94 -2.17
C GLN G 128 53.23 -34.72 -3.43
N ALA G 129 54.34 -35.44 -3.36
CA ALA G 129 54.69 -36.32 -4.48
C ALA G 129 53.55 -37.29 -4.77
N ASN G 130 52.92 -37.82 -3.72
CA ASN G 130 51.78 -38.69 -3.93
C ASN G 130 50.59 -37.93 -4.50
N TYR G 131 50.34 -36.69 -4.04
CA TYR G 131 49.10 -36.00 -4.41
C TYR G 131 49.00 -35.81 -5.90
N LYS G 132 50.10 -35.37 -6.54
CA LYS G 132 50.05 -35.16 -7.98
C LYS G 132 49.70 -36.46 -8.68
N ASN G 133 50.32 -37.56 -8.24
CA ASN G 133 50.03 -38.83 -8.90
C ASN G 133 48.57 -39.20 -8.72
N THR G 134 48.03 -38.94 -7.52
CA THR G 134 46.64 -39.30 -7.28
C THR G 134 45.73 -38.49 -8.19
N MET G 135 46.05 -37.21 -8.39
CA MET G 135 45.19 -36.37 -9.21
C MET G 135 45.32 -36.66 -10.69
N THR G 136 46.31 -37.45 -11.10
CA THR G 136 46.30 -37.95 -12.46
C THR G 136 45.39 -39.16 -12.62
N LYS G 137 45.27 -40.00 -11.59
CA LYS G 137 44.60 -41.28 -11.79
C LYS G 137 43.08 -41.12 -11.86
N TRP G 138 42.47 -40.45 -10.89
CA TRP G 138 41.01 -40.47 -10.81
C TRP G 138 40.30 -39.83 -12.00
N PRO G 139 40.80 -38.76 -12.64
CA PRO G 139 40.01 -38.21 -13.75
C PRO G 139 39.90 -39.16 -14.92
N LYS G 140 40.96 -39.91 -15.21
CA LYS G 140 40.93 -40.85 -16.32
C LYS G 140 39.96 -41.98 -16.01
N ILE G 141 39.86 -42.38 -14.74
CA ILE G 141 38.87 -43.36 -14.34
C ILE G 141 37.46 -42.83 -14.53
N LEU G 142 37.23 -41.56 -14.16
CA LEU G 142 35.86 -41.04 -14.21
C LEU G 142 35.33 -40.99 -15.63
N GLU G 143 36.13 -40.48 -16.56
CA GLU G 143 35.68 -40.41 -17.94
C GLU G 143 35.54 -41.79 -18.57
N ASN G 144 35.97 -42.85 -17.88
CA ASN G 144 35.74 -44.20 -18.38
C ASN G 144 34.44 -44.82 -17.87
N LEU G 145 33.99 -44.44 -16.67
CA LEU G 145 32.71 -44.93 -16.18
C LEU G 145 31.54 -44.33 -16.97
N ASP G 146 31.65 -43.05 -17.32
CA ASP G 146 30.65 -42.36 -18.13
C ASP G 146 31.39 -41.48 -19.12
N PRO G 147 31.49 -41.90 -20.39
CA PRO G 147 32.23 -41.09 -21.37
C PRO G 147 31.59 -39.74 -21.66
N LYS G 148 30.31 -39.56 -21.31
CA LYS G 148 29.61 -38.32 -21.56
C LYS G 148 29.66 -37.38 -20.35
N LEU G 149 29.41 -37.92 -19.14
CA LEU G 149 29.14 -37.01 -18.02
C LEU G 149 30.40 -36.78 -17.20
N GLY G 150 31.30 -37.78 -17.23
CA GLY G 150 32.59 -37.73 -16.56
C GLY G 150 33.41 -36.51 -16.92
N PRO G 151 33.61 -36.26 -18.22
CA PRO G 151 34.32 -35.03 -18.62
C PRO G 151 33.63 -33.75 -18.19
N LYS G 152 32.29 -33.74 -18.13
CA LYS G 152 31.61 -32.54 -17.66
C LYS G 152 32.05 -32.22 -16.23
N CYS G 153 32.29 -33.26 -15.45
CA CYS G 153 32.69 -33.04 -14.06
C CYS G 153 34.02 -32.28 -13.98
N VAL G 154 35.00 -32.70 -14.78
CA VAL G 154 36.30 -32.00 -14.74
C VAL G 154 36.23 -30.63 -15.41
N LYS G 155 35.40 -30.47 -16.45
CA LYS G 155 35.33 -29.18 -17.11
C LYS G 155 34.80 -28.12 -16.15
N SER G 156 33.77 -28.48 -15.38
CA SER G 156 33.34 -27.65 -14.25
C SER G 156 34.32 -27.88 -13.12
N LEU G 157 35.46 -27.17 -13.15
CA LEU G 157 36.53 -27.21 -12.17
C LEU G 157 37.78 -26.64 -12.84
N VAL G 158 38.04 -27.11 -14.05
CA VAL G 158 39.11 -26.51 -14.84
C VAL G 158 38.70 -25.11 -15.24
N ALA G 159 37.42 -24.92 -15.62
CA ALA G 159 36.88 -23.61 -15.92
C ALA G 159 36.51 -22.83 -14.66
N LEU G 160 36.27 -23.53 -13.56
CA LEU G 160 35.87 -22.88 -12.31
C LEU G 160 37.03 -22.14 -11.65
N VAL G 161 38.25 -22.70 -11.75
CA VAL G 161 39.37 -22.19 -10.96
C VAL G 161 39.84 -20.77 -11.40
N GLU G 162 39.80 -20.44 -12.68
CA GLU G 162 39.95 -19.04 -13.16
C GLU G 162 38.61 -18.32 -13.30
N GLY G 163 37.69 -18.55 -12.39
CA GLY G 163 36.40 -17.88 -12.42
C GLY G 163 36.51 -16.53 -11.74
N THR G 164 35.36 -15.92 -11.51
CA THR G 164 35.37 -14.56 -10.96
C THR G 164 35.98 -14.57 -9.57
N ASP G 165 36.66 -13.47 -9.24
CA ASP G 165 37.14 -13.26 -7.88
C ASP G 165 36.07 -12.48 -7.12
N MET G 166 35.71 -12.99 -5.95
CA MET G 166 34.64 -12.37 -5.17
C MET G 166 35.17 -11.38 -4.14
N GLU G 167 36.44 -11.47 -3.79
CA GLU G 167 36.99 -10.58 -2.75
C GLU G 167 36.81 -9.11 -3.13
N PRO G 168 37.21 -8.65 -4.32
CA PRO G 168 36.94 -7.25 -4.67
C PRO G 168 35.45 -6.93 -4.83
N LYS G 169 34.61 -7.94 -5.03
CA LYS G 169 33.17 -7.70 -5.20
C LYS G 169 32.45 -7.55 -3.87
N MET G 170 33.03 -8.06 -2.78
CA MET G 170 32.31 -8.14 -1.50
C MET G 170 31.91 -6.76 -1.01
N ALA G 171 32.76 -5.75 -1.21
CA ALA G 171 32.47 -4.42 -0.71
C ALA G 171 31.46 -3.66 -1.58
N HIS G 172 31.03 -4.23 -2.70
CA HIS G 172 30.19 -3.52 -3.65
C HIS G 172 28.85 -4.17 -3.94
N TYR G 173 28.63 -5.41 -3.49
CA TYR G 173 27.31 -6.03 -3.63
C TYR G 173 26.24 -5.14 -3.03
N LYS G 174 25.15 -4.96 -3.77
CA LYS G 174 24.04 -4.14 -3.29
C LYS G 174 22.82 -4.94 -2.89
N THR G 175 22.77 -6.23 -3.21
CA THR G 175 21.70 -7.12 -2.79
C THR G 175 22.30 -8.46 -2.43
N MET G 176 21.66 -9.14 -1.47
CA MET G 176 22.11 -10.48 -1.10
C MET G 176 21.98 -11.45 -2.26
N LYS G 177 21.03 -11.22 -3.16
CA LYS G 177 20.79 -12.13 -4.28
C LYS G 177 21.99 -12.20 -5.22
N GLU G 178 22.56 -11.04 -5.57
CA GLU G 178 23.75 -11.03 -6.41
C GLU G 178 24.90 -11.76 -5.74
N TYR G 179 25.10 -11.49 -4.44
CA TYR G 179 26.13 -12.21 -3.70
C TYR G 179 25.93 -13.71 -3.82
N ALA G 180 24.70 -14.18 -3.55
CA ALA G 180 24.43 -15.61 -3.54
C ALA G 180 24.68 -16.23 -4.91
N LEU G 181 24.30 -15.52 -5.97
CA LEU G 181 24.52 -16.04 -7.31
C LEU G 181 26.00 -16.15 -7.62
N ASP G 182 26.84 -15.31 -7.01
CA ASP G 182 28.27 -15.51 -7.20
C ASP G 182 28.80 -16.60 -6.28
N ARG G 183 28.28 -16.69 -5.06
CA ARG G 183 28.79 -17.64 -4.08
C ARG G 183 28.51 -19.08 -4.48
N THR G 184 27.36 -19.33 -5.13
CA THR G 184 27.08 -20.64 -5.70
C THR G 184 28.25 -21.13 -6.54
N ASN G 185 28.80 -20.25 -7.37
CA ASN G 185 29.95 -20.60 -8.20
C ASN G 185 31.22 -20.75 -7.38
N TYR G 186 31.40 -19.92 -6.34
CA TYR G 186 32.62 -19.99 -5.54
C TYR G 186 32.78 -21.35 -4.87
N ILE G 187 31.69 -21.93 -4.39
CA ILE G 187 31.73 -23.22 -3.69
C ILE G 187 31.49 -24.39 -4.63
N ALA G 188 31.52 -24.15 -5.94
CA ALA G 188 31.53 -25.20 -6.97
C ALA G 188 30.23 -26.02 -6.98
N TRP G 189 29.11 -25.33 -6.85
CA TRP G 189 27.82 -26.03 -6.89
C TRP G 189 27.44 -26.51 -8.29
N PRO G 190 27.92 -25.85 -9.37
CA PRO G 190 27.82 -26.50 -10.69
C PRO G 190 28.47 -27.87 -10.71
N VAL G 191 29.62 -28.00 -10.05
CA VAL G 191 30.27 -29.30 -9.95
C VAL G 191 29.42 -30.26 -9.13
N ALA G 192 28.80 -29.75 -8.06
CA ALA G 192 27.93 -30.61 -7.24
C ALA G 192 26.77 -31.17 -8.05
N CYS G 193 26.19 -30.35 -8.94
CA CYS G 193 25.06 -30.83 -9.72
C CYS G 193 25.52 -31.72 -10.87
N ASP G 194 26.72 -31.50 -11.41
CA ASP G 194 27.29 -32.44 -12.34
C ASP G 194 27.49 -33.80 -11.68
N ASN G 195 28.00 -33.80 -10.45
CA ASN G 195 28.17 -35.04 -9.70
C ASN G 195 26.82 -35.73 -9.50
N ALA G 196 25.79 -34.96 -9.15
CA ALA G 196 24.46 -35.54 -8.95
C ALA G 196 23.93 -36.15 -10.25
N GLU G 197 24.09 -35.44 -11.37
CA GLU G 197 23.66 -35.95 -12.66
C GLU G 197 24.42 -37.22 -13.03
N PHE G 198 25.72 -37.25 -12.70
CA PHE G 198 26.52 -38.43 -12.98
C PHE G 198 26.10 -39.61 -12.11
N GLY G 199 25.82 -39.37 -10.83
CA GLY G 199 25.61 -40.46 -9.90
C GLY G 199 24.35 -41.26 -10.20
N SER G 200 23.26 -40.58 -10.55
CA SER G 200 22.01 -41.25 -10.88
C SER G 200 21.93 -41.61 -12.36
N GLN G 201 23.01 -41.41 -13.11
CA GLN G 201 23.11 -41.79 -14.51
C GLN G 201 21.92 -41.27 -15.32
N LEU G 202 21.67 -39.97 -15.20
CA LEU G 202 20.57 -39.34 -15.91
C LEU G 202 21.02 -38.91 -17.31
N ASN G 203 20.14 -39.12 -18.29
CA ASN G 203 20.35 -38.67 -19.66
C ASN G 203 19.45 -37.46 -19.88
N LEU G 204 20.01 -36.27 -19.73
CA LEU G 204 19.25 -35.04 -19.82
C LEU G 204 19.89 -34.13 -20.86
N THR G 205 19.06 -33.58 -21.75
CA THR G 205 19.55 -32.60 -22.69
C THR G 205 19.65 -31.23 -22.03
N GLN G 206 20.46 -30.37 -22.66
CA GLN G 206 20.67 -29.02 -22.15
C GLN G 206 19.35 -28.27 -22.09
N ASP G 207 18.47 -28.47 -23.08
CA ASP G 207 17.16 -27.83 -23.04
C ASP G 207 16.39 -28.24 -21.80
N GLN G 208 16.46 -29.53 -21.45
CA GLN G 208 15.75 -30.04 -20.28
C GLN G 208 16.29 -29.41 -19.00
N LEU G 209 17.62 -29.37 -18.85
CA LEU G 209 18.20 -28.76 -17.65
C LEU G 209 17.83 -27.28 -17.54
N ASP G 210 17.93 -26.56 -18.67
CA ASP G 210 17.61 -25.14 -18.69
C ASP G 210 16.16 -24.90 -18.28
N SER G 211 15.28 -25.81 -18.68
CA SER G 211 13.86 -25.62 -18.42
C SER G 211 13.49 -25.57 -16.94
N VAL G 212 14.29 -26.16 -16.05
CA VAL G 212 13.97 -26.23 -14.63
C VAL G 212 15.03 -25.54 -13.80
N ARG G 213 15.98 -24.92 -14.48
CA ARG G 213 17.07 -24.26 -13.79
C ARG G 213 16.54 -23.11 -12.90
N ASP G 214 15.43 -22.44 -13.29
CA ASP G 214 14.80 -21.41 -12.43
C ASP G 214 14.01 -22.02 -11.25
N ILE G 215 13.55 -23.26 -11.40
CA ILE G 215 12.93 -23.95 -10.27
C ILE G 215 13.96 -24.21 -9.19
N PHE G 216 15.16 -24.64 -9.58
CA PHE G 216 16.09 -25.08 -8.56
C PHE G 216 16.96 -23.97 -7.97
N LEU G 217 17.01 -22.79 -8.59
CA LEU G 217 17.80 -21.69 -8.02
C LEU G 217 17.61 -21.43 -6.52
N PRO G 218 16.40 -21.41 -5.96
CA PRO G 218 16.27 -21.18 -4.50
C PRO G 218 16.98 -22.22 -3.64
N LEU G 219 17.04 -23.48 -4.07
CA LEU G 219 17.73 -24.50 -3.29
C LEU G 219 19.24 -24.26 -3.30
N TRP G 220 19.79 -23.85 -4.45
CA TRP G 220 21.20 -23.50 -4.52
C TRP G 220 21.52 -22.32 -3.60
N THR G 221 20.62 -21.32 -3.58
CA THR G 221 20.80 -20.21 -2.66
C THR G 221 20.74 -20.68 -1.21
N HIS G 222 19.81 -21.60 -0.91
CA HIS G 222 19.77 -22.26 0.40
C HIS G 222 21.13 -22.81 0.75
N SER G 223 21.76 -23.50 -0.21
CA SER G 223 23.05 -24.14 0.06
C SER G 223 24.15 -23.10 0.28
N CYS G 224 24.07 -21.96 -0.40
CA CYS G 224 25.05 -20.90 -0.14
C CYS G 224 24.90 -20.36 1.28
N TYR G 225 23.66 -20.18 1.71
CA TYR G 225 23.42 -19.62 3.04
C TYR G 225 23.81 -20.60 4.15
N VAL G 226 23.54 -21.90 3.98
CA VAL G 226 23.90 -22.84 5.02
C VAL G 226 25.42 -23.00 5.07
N TYR G 227 26.08 -22.99 3.91
CA TYR G 227 27.53 -23.02 3.90
C TYR G 227 28.10 -21.84 4.66
N ASP G 228 27.59 -20.63 4.39
CA ASP G 228 28.08 -19.44 5.08
C ASP G 228 27.85 -19.54 6.58
N TYR G 229 26.63 -19.91 6.98
CA TYR G 229 26.29 -20.08 8.39
C TYR G 229 27.32 -20.96 9.08
N TYR G 230 27.57 -22.15 8.54
CA TYR G 230 28.38 -23.12 9.25
C TYR G 230 29.89 -22.99 9.00
N HIS G 231 30.32 -22.19 8.03
CA HIS G 231 31.74 -21.96 7.77
C HIS G 231 32.25 -20.64 8.32
N TYR G 232 31.35 -19.77 8.80
CA TYR G 232 31.76 -18.43 9.20
C TYR G 232 32.81 -18.47 10.30
N ASP G 233 32.67 -19.37 11.28
CA ASP G 233 33.54 -19.29 12.44
C ASP G 233 34.99 -19.60 12.07
N LYS G 234 35.21 -20.69 11.33
CA LYS G 234 36.58 -21.02 10.95
C LYS G 234 37.15 -20.02 9.95
N GLU G 235 36.34 -19.55 9.00
CA GLU G 235 36.91 -18.60 8.03
C GLU G 235 37.14 -17.23 8.65
N ALA G 236 36.33 -16.86 9.66
CA ALA G 236 36.53 -15.60 10.35
C ALA G 236 37.73 -15.68 11.25
N GLU G 237 38.06 -16.89 11.72
CA GLU G 237 39.30 -17.06 12.46
C GLU G 237 40.50 -17.01 11.53
N ILE G 238 40.34 -17.50 10.29
CA ILE G 238 41.39 -17.32 9.29
C ILE G 238 41.51 -15.86 8.86
N HIS G 239 40.38 -15.15 8.76
CA HIS G 239 40.42 -13.79 8.24
C HIS G 239 40.92 -12.79 9.27
N SER G 240 40.84 -13.13 10.55
CA SER G 240 41.40 -12.29 11.59
C SER G 240 42.92 -12.41 11.68
N THR G 241 43.51 -13.33 10.93
CA THR G 241 44.95 -13.50 10.88
C THR G 241 45.56 -12.98 9.59
N TYR G 242 45.10 -13.47 8.44
CA TYR G 242 45.63 -13.05 7.16
C TYR G 242 44.64 -12.11 6.47
N GLY G 243 45.10 -11.46 5.41
CA GLY G 243 44.19 -10.64 4.66
C GLY G 243 44.55 -9.17 4.57
N LYS G 244 44.66 -8.52 5.74
CA LYS G 244 45.08 -7.12 5.88
C LYS G 244 43.91 -6.19 5.59
N GLY G 245 43.76 -5.91 4.30
CA GLY G 245 42.70 -5.10 3.75
C GLY G 245 41.79 -5.96 2.89
N ARG G 246 41.98 -7.27 2.90
CA ARG G 246 41.13 -8.19 2.15
C ARG G 246 39.77 -8.35 2.84
N SER G 247 38.71 -8.32 2.04
CA SER G 247 37.34 -8.54 2.51
C SER G 247 37.06 -10.03 2.65
N MET G 248 36.46 -10.41 3.78
CA MET G 248 36.03 -11.79 3.96
C MET G 248 34.85 -12.12 3.03
N ILE G 249 34.91 -13.29 2.40
CA ILE G 249 33.89 -13.72 1.44
C ILE G 249 32.90 -14.60 2.20
N ASN G 250 31.85 -13.98 2.74
CA ASN G 250 30.85 -14.67 3.54
C ASN G 250 29.64 -13.77 3.66
N SER G 251 28.46 -14.38 3.78
CA SER G 251 27.23 -13.58 3.84
C SER G 251 27.16 -12.72 5.09
N ILE G 252 27.86 -13.09 6.15
CA ILE G 252 27.68 -12.45 7.45
C ILE G 252 28.28 -11.04 7.48
N PRO G 253 29.54 -10.83 7.06
CA PRO G 253 30.02 -9.44 6.98
C PRO G 253 29.19 -8.59 6.03
N LEU G 254 28.77 -9.18 4.90
CA LEU G 254 27.94 -8.45 3.95
C LEU G 254 26.60 -8.06 4.55
N LEU G 255 26.01 -8.95 5.35
CA LEU G 255 24.76 -8.64 6.03
C LEU G 255 24.96 -7.54 7.06
N ASN G 256 26.13 -7.53 7.70
CA ASN G 256 26.49 -6.41 8.54
C ASN G 256 26.48 -5.11 7.75
N ARG G 257 27.15 -5.10 6.59
CA ARG G 257 27.27 -3.86 5.83
C ARG G 257 25.92 -3.39 5.27
N LEU G 258 25.10 -4.32 4.77
CA LEU G 258 23.87 -3.95 4.08
C LEU G 258 22.70 -3.75 5.03
N LYS G 259 22.66 -4.47 6.16
CA LYS G 259 21.53 -4.41 7.07
C LYS G 259 21.93 -4.14 8.50
N GLY G 260 23.20 -3.89 8.79
CA GLY G 260 23.61 -3.57 10.14
C GLY G 260 23.44 -4.69 11.14
N LEU G 261 23.58 -5.94 10.71
CA LEU G 261 23.32 -7.08 11.57
C LEU G 261 24.61 -7.58 12.22
N SER G 262 24.55 -7.83 13.54
CA SER G 262 25.61 -8.52 14.26
C SER G 262 25.74 -9.95 13.73
N VAL G 263 26.74 -10.68 14.25
CA VAL G 263 26.94 -12.04 13.75
C VAL G 263 25.77 -12.94 14.16
N GLU G 264 25.27 -12.77 15.39
CA GLU G 264 24.10 -13.52 15.81
C GLU G 264 22.87 -13.16 14.97
N GLU G 265 22.64 -11.87 14.74
CA GLU G 265 21.48 -11.46 13.97
C GLU G 265 21.59 -11.92 12.52
N ALA G 266 22.80 -11.90 11.95
CA ALA G 266 23.00 -12.38 10.60
C ALA G 266 22.78 -13.88 10.50
N LYS G 267 23.22 -14.63 11.50
CA LYS G 267 22.96 -16.06 11.52
C LYS G 267 21.46 -16.35 11.59
N ALA G 268 20.74 -15.59 12.43
CA ALA G 268 19.29 -15.74 12.48
C ALA G 268 18.65 -15.41 11.13
N TRP G 269 19.12 -14.33 10.50
CA TRP G 269 18.63 -13.96 9.17
C TRP G 269 18.85 -15.10 8.18
N LEU G 270 20.05 -15.68 8.18
CA LEU G 270 20.36 -16.75 7.23
C LEU G 270 19.45 -17.96 7.44
N LYS G 271 19.26 -18.36 8.69
CA LYS G 271 18.42 -19.54 8.95
C LYS G 271 16.97 -19.31 8.52
N GLN G 272 16.41 -18.16 8.89
CA GLN G 272 15.04 -17.87 8.48
C GLN G 272 14.95 -17.75 6.96
N ARG G 273 15.99 -17.22 6.32
CA ARG G 273 16.00 -17.11 4.87
C ARG G 273 16.03 -18.49 4.22
N CYS G 274 16.68 -19.48 4.85
CA CYS G 274 16.69 -20.80 4.24
C CYS G 274 15.34 -21.49 4.40
N PHE G 275 14.62 -21.21 5.48
CA PHE G 275 13.23 -21.70 5.55
C PHE G 275 12.37 -21.06 4.45
N GLU G 276 12.52 -19.74 4.28
CA GLU G 276 11.82 -19.05 3.19
C GLU G 276 12.17 -19.66 1.84
N LEU G 277 13.43 -20.05 1.65
CA LEU G 277 13.86 -20.58 0.37
C LEU G 277 13.31 -21.98 0.12
N GLU G 278 13.17 -22.80 1.18
CA GLU G 278 12.49 -24.09 1.02
C GLU G 278 11.07 -23.91 0.52
N LYS G 279 10.34 -23.00 1.20
CA LYS G 279 8.96 -22.70 0.87
C LYS G 279 8.84 -22.15 -0.56
N GLU G 280 9.79 -21.31 -0.98
CA GLU G 280 9.80 -20.75 -2.33
C GLU G 280 10.10 -21.83 -3.37
N TYR G 281 11.05 -22.71 -3.10
CA TYR G 281 11.31 -23.84 -3.98
C TYR G 281 10.05 -24.69 -4.16
N LEU G 282 9.35 -24.97 -3.06
CA LEU G 282 8.16 -25.80 -3.16
C LEU G 282 7.07 -25.12 -3.99
N GLN G 283 6.94 -23.80 -3.83
CA GLN G 283 6.00 -23.06 -4.66
C GLN G 283 6.33 -23.19 -6.14
N ARG G 284 7.60 -22.96 -6.50
CA ARG G 284 8.00 -23.06 -7.90
C ARG G 284 7.82 -24.49 -8.43
N LYS G 285 8.10 -25.49 -7.58
CA LYS G 285 7.95 -26.88 -8.01
C LYS G 285 6.49 -27.22 -8.29
N GLU G 286 5.58 -26.74 -7.44
CA GLU G 286 4.18 -27.04 -7.67
C GLU G 286 3.67 -26.31 -8.90
N ASP G 287 4.19 -25.10 -9.16
CA ASP G 287 3.80 -24.39 -10.37
C ASP G 287 4.30 -25.12 -11.62
N TYR G 288 5.54 -25.61 -11.61
CA TYR G 288 6.05 -26.37 -12.74
C TYR G 288 5.19 -27.61 -12.98
N PHE G 289 4.92 -28.37 -11.93
CA PHE G 289 4.20 -29.62 -12.12
C PHE G 289 2.71 -29.42 -12.37
N SER G 290 2.18 -28.22 -12.19
CA SER G 290 0.81 -27.96 -12.62
C SER G 290 0.74 -27.66 -14.11
N GLU G 291 1.74 -26.97 -14.65
CA GLU G 291 1.83 -26.78 -16.09
C GLU G 291 2.20 -28.06 -16.81
N ASN G 292 3.09 -28.85 -16.21
CA ASN G 292 3.63 -30.08 -16.81
C ASN G 292 3.35 -31.23 -15.85
N PRO G 293 2.23 -31.94 -16.03
CA PRO G 293 1.85 -32.96 -15.06
C PRO G 293 2.91 -34.04 -14.94
N VAL G 294 3.02 -34.60 -13.74
CA VAL G 294 4.13 -35.48 -13.40
C VAL G 294 4.12 -36.72 -14.29
N GLU G 295 2.95 -37.18 -14.70
CA GLU G 295 2.87 -38.37 -15.54
C GLU G 295 3.39 -38.13 -16.95
N ALA G 296 3.51 -36.87 -17.37
CA ALA G 296 3.98 -36.53 -18.71
C ALA G 296 5.35 -35.86 -18.71
N VAL G 297 6.01 -35.78 -17.56
CA VAL G 297 7.37 -35.26 -17.48
C VAL G 297 8.34 -36.39 -17.75
N PRO G 298 9.35 -36.19 -18.60
CA PRO G 298 10.35 -37.25 -18.77
C PRO G 298 10.92 -37.74 -17.45
N VAL G 299 11.09 -39.06 -17.37
CA VAL G 299 11.46 -39.73 -16.14
C VAL G 299 12.77 -39.20 -15.59
N ASP G 300 13.76 -38.97 -16.47
CA ASP G 300 15.03 -38.49 -15.97
C ASP G 300 14.92 -37.08 -15.41
N LEU G 301 13.97 -36.28 -15.90
CA LEU G 301 13.71 -34.97 -15.30
C LEU G 301 13.10 -35.10 -13.91
N ARG G 302 12.19 -36.06 -13.72
CA ARG G 302 11.66 -36.28 -12.38
C ARG G 302 12.77 -36.75 -11.43
N ARG G 303 13.64 -37.64 -11.92
CA ARG G 303 14.80 -38.05 -11.13
C ARG G 303 15.70 -36.86 -10.83
N TRP G 304 15.78 -35.90 -11.76
CA TRP G 304 16.58 -34.69 -11.53
C TRP G 304 16.01 -33.88 -10.38
N PHE G 305 14.69 -33.79 -10.28
CA PHE G 305 14.08 -33.15 -9.11
C PHE G 305 14.52 -33.86 -7.84
N LEU G 306 14.49 -35.19 -7.85
CA LEU G 306 14.97 -35.96 -6.71
C LEU G 306 16.44 -35.63 -6.40
N SER G 307 17.27 -35.56 -7.44
CA SER G 307 18.70 -35.28 -7.27
C SER G 307 18.92 -33.93 -6.62
N GLN G 308 18.17 -32.91 -7.06
CA GLN G 308 18.36 -31.57 -6.55
C GLN G 308 17.92 -31.47 -5.09
N GLU G 309 16.77 -32.06 -4.77
CA GLU G 309 16.31 -32.05 -3.39
C GLU G 309 17.28 -32.82 -2.48
N ASP G 310 17.83 -33.94 -2.98
CA ASP G 310 18.82 -34.68 -2.22
C ASP G 310 20.06 -33.83 -1.97
N LEU G 311 20.58 -33.18 -3.01
CA LEU G 311 21.74 -32.33 -2.85
C LEU G 311 21.50 -31.28 -1.78
N ALA G 312 20.37 -30.57 -1.86
CA ALA G 312 20.11 -29.48 -0.92
C ALA G 312 19.96 -30.00 0.51
N THR G 313 19.07 -30.99 0.71
CA THR G 313 18.82 -31.47 2.08
C THR G 313 20.04 -32.18 2.65
N GLY G 314 20.72 -32.99 1.85
CA GLY G 314 21.93 -33.66 2.31
C GLY G 314 23.02 -32.68 2.68
N PHE G 315 23.22 -31.63 1.88
CA PHE G 315 24.21 -30.63 2.26
C PHE G 315 23.80 -29.90 3.53
N ALA G 316 22.50 -29.61 3.68
CA ALA G 316 22.05 -28.92 4.87
C ALA G 316 22.30 -29.75 6.12
N ILE G 317 21.96 -31.05 6.07
CA ILE G 317 22.14 -31.89 7.25
C ILE G 317 23.61 -32.26 7.46
N TRP G 318 24.39 -32.35 6.38
CA TRP G 318 25.80 -32.71 6.50
C TRP G 318 26.62 -31.54 7.02
N CYS G 319 26.40 -30.34 6.49
CA CYS G 319 27.16 -29.18 6.91
C CYS G 319 26.91 -28.82 8.37
N ALA G 320 25.74 -29.16 8.89
CA ALA G 320 25.38 -28.83 10.26
C ALA G 320 26.05 -29.73 11.30
N THR G 321 26.65 -30.85 10.89
CA THR G 321 27.19 -31.81 11.86
C THR G 321 28.59 -32.30 11.54
N THR G 322 29.05 -32.24 10.30
CA THR G 322 30.30 -32.91 9.91
C THR G 322 31.52 -32.25 10.55
N ASN G 325 33.39 -29.26 9.31
CA ASN G 325 33.05 -27.90 9.73
C ASN G 325 32.71 -27.84 11.21
N HIS G 326 32.77 -28.99 11.89
CA HIS G 326 32.30 -29.08 13.27
C HIS G 326 33.11 -30.18 13.94
N PRO G 327 33.74 -29.89 15.07
CA PRO G 327 34.66 -30.83 15.68
C PRO G 327 33.96 -32.16 15.99
N PRO G 328 34.70 -33.27 16.02
CA PRO G 328 36.14 -33.50 16.18
C PRO G 328 37.04 -33.38 14.95
N PHE G 329 36.96 -32.24 14.24
CA PHE G 329 37.74 -31.96 13.04
C PHE G 329 38.05 -33.21 12.24
N GLY G 330 39.26 -33.73 12.39
CA GLY G 330 39.67 -34.90 11.64
C GLY G 330 39.97 -36.12 12.49
N GLU G 331 40.08 -35.95 13.81
CA GLU G 331 40.42 -37.10 14.65
C GLU G 331 39.26 -38.09 14.74
N GLY G 332 38.02 -37.61 14.63
CA GLY G 332 36.87 -38.47 14.46
C GLY G 332 36.92 -39.34 13.22
N TYR G 333 37.84 -39.08 12.29
CA TYR G 333 38.20 -40.04 11.25
C TYR G 333 38.81 -41.36 11.73
N ALA G 334 39.43 -41.40 12.92
CA ALA G 334 40.13 -42.62 13.30
C ALA G 334 39.15 -43.73 13.66
N ALA G 335 38.03 -43.38 14.29
CA ALA G 335 37.11 -44.38 14.82
C ALA G 335 36.41 -45.21 13.73
N PRO G 336 35.82 -44.63 12.68
CA PRO G 336 35.21 -45.48 11.64
C PRO G 336 36.19 -46.43 10.97
N TYR G 337 37.39 -45.95 10.60
CA TYR G 337 38.37 -46.81 9.93
C TYR G 337 38.65 -48.06 10.73
N GLU G 338 38.91 -47.93 12.03
CA GLU G 338 39.23 -49.13 12.82
C GLU G 338 38.07 -50.10 12.83
N LYS G 339 36.84 -49.59 12.74
CA LYS G 339 35.68 -50.48 12.65
C LYS G 339 35.67 -51.23 11.32
N ARG G 340 36.23 -50.63 10.28
CA ARG G 340 36.37 -51.21 8.95
C ARG G 340 37.58 -52.13 8.83
N ARG G 341 38.59 -51.93 9.67
CA ARG G 341 39.80 -52.72 9.62
C ARG G 341 39.62 -54.12 10.18
N LYS G 342 38.78 -54.27 11.21
CA LYS G 342 38.52 -55.60 11.76
C LYS G 342 37.72 -56.47 10.80
N GLU G 343 36.95 -55.86 9.91
CA GLU G 343 36.20 -56.61 8.90
C GLU G 343 37.05 -57.05 7.72
N GLY G 344 38.34 -56.73 7.69
CA GLY G 344 39.24 -57.26 6.68
C GLY G 344 39.26 -56.56 5.34
N ALA G 345 38.83 -55.29 5.28
CA ALA G 345 38.88 -54.52 4.05
C ALA G 345 40.32 -54.09 3.75
N LEU G 346 40.70 -54.17 2.48
CA LEU G 346 42.07 -53.84 2.10
C LEU G 346 42.17 -52.46 1.43
N PHE G 348 44.53 -50.20 -1.18
CA PHE G 348 45.81 -49.96 -1.82
C PHE G 348 46.71 -49.04 -1.00
N GLU G 349 47.99 -49.43 -0.84
CA GLU G 349 48.92 -48.59 -0.08
C GLU G 349 49.48 -47.46 -0.93
N LYS G 350 49.62 -47.66 -2.24
CA LYS G 350 50.08 -46.65 -3.17
C LYS G 350 49.10 -46.58 -4.34
N VAL G 351 48.96 -45.39 -4.94
CA VAL G 351 48.05 -45.27 -6.06
C VAL G 351 48.60 -45.80 -7.39
N THR G 352 49.91 -46.01 -7.51
CA THR G 352 50.54 -46.51 -8.75
C THR G 352 50.35 -48.00 -8.93
N GLU G 353 49.99 -48.61 -7.82
CA GLU G 353 49.66 -49.99 -7.58
C GLU G 353 48.58 -50.54 -8.49
N SER G 354 47.69 -49.68 -8.94
CA SER G 354 46.47 -50.10 -9.58
C SER G 354 46.07 -49.18 -10.73
N ASP G 355 45.44 -49.76 -11.75
CA ASP G 355 44.68 -48.98 -12.72
C ASP G 355 43.23 -48.84 -12.29
N GLN G 356 42.79 -49.65 -11.32
CA GLN G 356 41.42 -49.63 -10.84
C GLN G 356 41.32 -48.62 -9.70
N LEU G 357 40.11 -48.17 -9.44
CA LEU G 357 39.91 -47.20 -8.37
C LEU G 357 40.21 -47.81 -7.01
N MET G 358 39.67 -49.00 -6.75
CA MET G 358 39.70 -49.56 -5.41
C MET G 358 39.99 -51.06 -5.46
N THR G 359 40.20 -51.61 -4.26
CA THR G 359 40.50 -53.03 -4.10
C THR G 359 39.54 -53.93 -4.86
N GLY G 360 38.25 -53.61 -4.81
CA GLY G 360 37.24 -54.36 -5.51
C GLY G 360 36.72 -53.70 -6.77
N GLY G 361 37.50 -52.79 -7.36
CA GLY G 361 37.01 -52.01 -8.48
C GLY G 361 36.44 -50.68 -8.02
N PHE G 362 35.26 -50.76 -7.41
CA PHE G 362 34.59 -49.60 -6.83
C PHE G 362 33.92 -50.01 -5.54
N GLU G 363 34.43 -51.07 -4.91
CA GLU G 363 33.89 -51.64 -3.69
C GLU G 363 35.02 -52.06 -2.78
N ASN H 2 2.10 46.68 26.82
CA ASN H 2 3.38 46.97 26.19
C ASN H 2 3.55 48.44 25.81
N ALA H 3 4.22 49.19 26.67
CA ALA H 3 4.73 50.51 26.34
C ALA H 3 6.09 50.67 26.99
N GLU H 4 6.97 49.71 26.72
CA GLU H 4 8.24 49.62 27.45
C GLU H 4 9.15 50.80 27.13
N GLY H 5 9.19 51.22 25.87
CA GLY H 5 9.88 52.44 25.53
C GLY H 5 9.09 53.70 25.78
N LEU H 6 7.81 53.56 26.11
CA LEU H 6 6.89 54.68 26.31
C LEU H 6 6.81 55.55 25.05
N ARG H 7 6.75 54.89 23.90
CA ARG H 7 6.68 55.59 22.61
C ARG H 7 5.26 55.85 22.16
N ARG H 8 4.26 55.30 22.85
CA ARG H 8 2.87 55.50 22.43
C ARG H 8 2.50 56.97 22.57
N HIS H 9 1.90 57.55 21.53
CA HIS H 9 1.53 58.95 21.62
C HIS H 9 0.05 59.27 21.42
N SER H 10 -0.80 58.29 21.11
CA SER H 10 -2.21 58.60 20.84
C SER H 10 -3.14 57.60 21.49
N VAL H 11 -2.73 56.98 22.59
CA VAL H 11 -3.43 55.82 23.10
C VAL H 11 -3.27 55.74 24.61
N MET H 12 -4.28 55.15 25.27
CA MET H 12 -4.24 54.85 26.69
C MET H 12 -4.66 53.40 26.91
N LEU H 13 -4.14 52.81 27.99
CA LEU H 13 -4.47 51.42 28.32
C LEU H 13 -5.95 51.28 28.69
N ASP H 14 -6.58 50.22 28.17
CA ASP H 14 -7.94 49.89 28.57
C ASP H 14 -7.97 49.66 30.08
N CYS H 15 -9.13 49.95 30.68
CA CYS H 15 -9.32 49.99 32.14
C CYS H 15 -9.62 48.59 32.68
N LYS H 16 -8.59 47.92 33.24
CA LYS H 16 -8.68 46.54 33.77
C LYS H 16 -10.07 45.91 33.61
N LEU H 17 -10.63 46.01 32.38
CA LEU H 17 -11.84 45.35 31.93
C LEU H 17 -11.51 44.08 31.15
N TRP H 18 -10.37 43.47 31.46
CA TRP H 18 -9.82 42.37 30.69
C TRP H 18 -8.84 41.53 31.51
N LYS H 19 -8.27 42.10 32.58
CA LYS H 19 -7.04 41.58 33.18
C LYS H 19 -7.10 40.07 33.40
N ASP H 20 -8.17 39.56 34.00
CA ASP H 20 -8.29 38.12 34.19
C ASP H 20 -9.65 37.63 33.72
N ASP H 21 -10.28 38.37 32.84
CA ASP H 21 -11.58 38.01 32.29
C ASP H 21 -11.42 36.81 31.36
N PRO H 22 -12.14 35.71 31.60
CA PRO H 22 -11.97 34.52 30.76
C PRO H 22 -12.34 34.73 29.30
N ILE H 23 -13.10 35.78 28.96
CA ILE H 23 -13.45 36.00 27.56
C ILE H 23 -12.33 36.64 26.76
N TYR H 24 -11.31 37.18 27.43
CA TYR H 24 -10.21 37.88 26.77
C TYR H 24 -9.02 36.92 26.70
N PHE H 25 -8.60 36.58 25.48
CA PHE H 25 -7.63 35.49 25.28
C PHE H 25 -6.19 35.96 25.27
N PHE H 26 -5.84 36.85 26.21
CA PHE H 26 -4.48 37.25 26.49
C PHE H 26 -4.31 37.29 28.00
N LYS H 27 -3.14 36.91 28.48
CA LYS H 27 -2.83 37.02 29.90
C LYS H 27 -1.86 38.15 30.21
N THR H 28 -0.97 38.48 29.28
CA THR H 28 0.03 39.52 29.47
C THR H 28 -0.28 40.78 28.67
N LEU H 29 -0.57 40.63 27.39
CA LEU H 29 -0.75 41.77 26.52
C LEU H 29 -2.04 42.50 26.85
N PRO H 30 -1.99 43.79 27.17
CA PRO H 30 -3.20 44.52 27.47
C PRO H 30 -3.74 45.19 26.21
N PRO H 31 -5.06 45.31 26.09
CA PRO H 31 -5.61 46.07 24.97
C PRO H 31 -5.49 47.56 25.25
N TYR H 32 -5.40 48.33 24.18
CA TYR H 32 -5.25 49.78 24.27
C TYR H 32 -6.37 50.41 23.45
N ILE H 33 -6.73 51.64 23.81
CA ILE H 33 -7.82 52.33 23.14
C ILE H 33 -7.42 53.77 22.84
N SER H 34 -7.86 54.25 21.67
CA SER H 34 -7.61 55.61 21.24
C SER H 34 -8.07 56.63 22.27
N LYS H 35 -7.28 57.68 22.46
CA LYS H 35 -7.74 58.86 23.18
C LYS H 35 -8.92 59.53 22.47
N TYR H 36 -9.14 59.21 21.18
CA TYR H 36 -10.14 59.85 20.34
C TYR H 36 -11.29 58.90 19.96
N ALA H 37 -11.67 58.06 20.93
CA ALA H 37 -12.74 57.09 20.70
C ALA H 37 -14.05 57.77 20.35
N GLN H 38 -14.27 58.99 20.84
CA GLN H 38 -15.50 59.71 20.52
C GLN H 38 -15.53 60.09 19.04
N ARG H 39 -14.36 60.46 18.48
CA ARG H 39 -14.28 60.67 17.04
C ARG H 39 -14.62 59.38 16.29
N ALA H 40 -14.14 58.25 16.80
CA ALA H 40 -14.47 56.97 16.16
C ALA H 40 -15.98 56.72 16.16
N ASP H 41 -16.63 56.94 17.31
CA ASP H 41 -18.07 56.71 17.43
C ASP H 41 -18.85 57.60 16.47
N ASP H 42 -18.44 58.88 16.39
CA ASP H 42 -19.09 59.80 15.48
C ASP H 42 -18.98 59.33 14.06
N ALA H 43 -17.80 58.84 13.68
CA ALA H 43 -17.61 58.42 12.31
C ALA H 43 -18.44 57.19 11.96
N SER H 44 -18.57 56.24 12.89
CA SER H 44 -19.34 55.04 12.57
C SER H 44 -20.82 55.35 12.39
N ILE H 45 -21.40 56.06 13.35
CA ILE H 45 -22.81 56.41 13.23
C ILE H 45 -23.04 57.30 12.01
N GLN H 46 -22.18 58.30 11.80
CA GLN H 46 -22.32 59.14 10.63
C GLN H 46 -22.30 58.32 9.35
N ALA H 47 -21.36 57.38 9.22
CA ALA H 47 -21.30 56.57 8.01
C ALA H 47 -22.66 55.92 7.72
N GLN H 48 -23.20 55.24 8.72
CA GLN H 48 -24.46 54.57 8.43
C GLN H 48 -25.62 55.56 8.23
N ILE H 49 -25.62 56.70 8.93
CA ILE H 49 -26.67 57.70 8.71
C ILE H 49 -26.55 58.25 7.29
N ASP H 50 -25.32 58.39 6.80
CA ASP H 50 -25.07 58.83 5.44
C ASP H 50 -25.61 57.82 4.45
N VAL H 51 -25.67 56.54 4.83
CA VAL H 51 -26.33 55.53 4.00
C VAL H 51 -27.75 55.23 4.47
N PHE H 52 -27.94 54.98 5.79
CA PHE H 52 -29.23 54.47 6.25
C PHE H 52 -30.31 55.53 6.28
N GLY H 53 -29.92 56.79 6.46
CA GLY H 53 -30.88 57.80 6.77
C GLY H 53 -31.05 57.79 8.28
N LYS H 54 -31.49 58.91 8.84
CA LYS H 54 -31.53 59.06 10.29
C LYS H 54 -32.57 58.18 10.98
N ASP H 55 -33.56 57.64 10.25
CA ASP H 55 -34.68 56.97 10.90
C ASP H 55 -34.54 55.46 11.09
N ASP H 56 -33.43 54.84 10.68
CA ASP H 56 -33.28 53.40 10.88
C ASP H 56 -31.84 53.02 11.18
N VAL H 57 -31.16 53.84 11.99
CA VAL H 57 -29.77 53.55 12.36
C VAL H 57 -29.69 52.32 13.26
N GLY H 58 -28.80 51.41 12.90
CA GLY H 58 -28.60 50.17 13.63
C GLY H 58 -29.29 48.95 13.08
N ALA H 59 -29.75 48.98 11.83
CA ALA H 59 -30.35 47.80 11.23
C ALA H 59 -29.36 46.64 11.12
N MET H 60 -28.06 46.93 10.93
CA MET H 60 -27.03 45.90 10.87
C MET H 60 -25.80 46.34 11.69
N PRO H 61 -25.26 45.47 12.53
CA PRO H 61 -24.13 45.87 13.37
C PRO H 61 -22.83 45.98 12.56
N GLY H 62 -22.05 47.00 12.88
CA GLY H 62 -20.77 47.22 12.24
C GLY H 62 -19.62 47.14 13.21
N ALA H 63 -19.00 48.29 13.49
CA ALA H 63 -17.79 48.33 14.32
C ALA H 63 -18.09 48.60 15.80
N LEU H 64 -19.30 49.01 16.14
CA LEU H 64 -19.60 49.41 17.50
C LEU H 64 -19.57 48.22 18.46
N GLY H 65 -19.25 48.53 19.71
CA GLY H 65 -19.22 47.55 20.77
C GLY H 65 -19.18 48.23 22.13
N PRO H 66 -19.74 47.59 23.14
CA PRO H 66 -19.73 48.17 24.49
C PRO H 66 -18.33 48.39 25.01
N ARG H 67 -17.33 47.76 24.39
CA ARG H 67 -15.94 47.82 24.80
C ARG H 67 -15.11 48.72 23.91
N GLY H 68 -15.74 49.64 23.20
CA GLY H 68 -14.95 50.53 22.39
C GLY H 68 -15.20 50.28 20.92
N ASN H 69 -15.11 51.31 20.09
CA ASN H 69 -15.23 51.08 18.66
C ASN H 69 -14.11 50.17 18.19
N PHE H 70 -14.45 49.30 17.23
CA PHE H 70 -13.49 48.36 16.66
C PHE H 70 -12.19 49.07 16.28
N ALA H 71 -12.32 50.18 15.54
CA ALA H 71 -11.14 50.93 15.14
C ALA H 71 -10.46 51.60 16.31
N ALA H 72 -11.22 51.98 17.35
CA ALA H 72 -10.62 52.66 18.49
C ALA H 72 -9.74 51.73 19.29
N VAL H 73 -10.01 50.44 19.29
CA VAL H 73 -9.18 49.49 20.04
C VAL H 73 -8.16 48.79 19.14
N THR H 74 -8.53 48.45 17.91
CA THR H 74 -7.58 47.74 17.04
C THR H 74 -6.57 48.69 16.40
N PHE H 75 -6.95 49.93 16.15
CA PHE H 75 -6.03 50.93 15.61
C PHE H 75 -5.85 52.04 16.62
N ALA H 76 -5.61 51.64 17.87
CA ALA H 76 -5.62 52.56 19.00
C ALA H 76 -4.56 53.66 18.87
N GLU H 77 -3.45 53.37 18.21
CA GLU H 77 -2.34 54.31 18.09
C GLU H 77 -2.45 55.21 16.86
N SER H 78 -3.66 55.41 16.33
CA SER H 78 -3.82 56.20 15.12
C SER H 78 -3.96 57.67 15.44
N PHE H 79 -3.57 58.51 14.46
CA PHE H 79 -3.79 59.93 14.55
C PHE H 79 -5.29 60.21 14.51
N PRO H 80 -5.76 61.29 15.16
CA PRO H 80 -7.21 61.47 15.32
C PRO H 80 -8.02 61.42 14.02
N ASP H 81 -7.61 62.20 13.02
CA ASP H 81 -8.25 62.15 11.70
C ASP H 81 -8.35 60.73 11.18
N ARG H 82 -7.24 59.99 11.28
CA ARG H 82 -7.20 58.66 10.69
C ARG H 82 -8.02 57.65 11.47
N VAL H 83 -8.12 57.79 12.79
CA VAL H 83 -8.97 56.86 13.52
C VAL H 83 -10.44 57.12 13.22
N ALA H 84 -10.81 58.38 13.02
CA ALA H 84 -12.17 58.66 12.57
C ALA H 84 -12.43 58.08 11.18
N MET H 85 -11.49 58.29 10.25
CA MET H 85 -11.65 57.78 8.90
C MET H 85 -11.80 56.26 8.89
N LEU H 86 -10.97 55.57 9.67
CA LEU H 86 -11.00 54.11 9.69
C LEU H 86 -12.25 53.59 10.37
N ALA H 87 -12.70 54.24 11.44
CA ALA H 87 -13.94 53.82 12.08
C ALA H 87 -15.11 53.90 11.10
N TYR H 88 -15.21 55.00 10.36
CA TYR H 88 -16.26 55.13 9.35
C TYR H 88 -16.20 54.00 8.33
N LEU H 89 -15.03 53.83 7.72
CA LEU H 89 -14.89 52.88 6.61
C LEU H 89 -15.16 51.45 7.06
N ASN H 90 -14.61 51.07 8.21
CA ASN H 90 -14.80 49.69 8.66
C ASN H 90 -16.21 49.47 9.16
N GLU H 91 -16.89 50.52 9.65
CA GLU H 91 -18.30 50.38 9.95
C GLU H 91 -19.06 49.98 8.70
N VAL H 92 -18.69 50.55 7.55
CA VAL H 92 -19.39 50.16 6.32
C VAL H 92 -18.96 48.75 5.87
N LEU H 93 -17.74 48.33 6.21
CA LEU H 93 -17.21 47.06 5.70
C LEU H 93 -17.94 45.78 6.16
N SER H 94 -18.71 45.82 7.25
CA SER H 94 -19.43 44.61 7.66
C SER H 94 -20.46 44.11 6.64
N PHE H 95 -20.82 44.91 5.64
CA PHE H 95 -21.82 44.46 4.67
C PHE H 95 -21.15 43.65 3.57
N CYS H 98 -24.73 39.98 3.05
CA CYS H 98 -25.50 41.19 2.81
C CYS H 98 -25.46 41.58 1.32
N PHE H 99 -24.66 42.60 1.02
CA PHE H 99 -24.58 43.15 -0.33
C PHE H 99 -23.49 42.46 -1.16
N PRO H 125 -34.44 47.85 -1.39
CA PRO H 125 -34.69 49.29 -1.31
C PRO H 125 -33.51 50.11 -1.79
N VAL H 126 -33.41 51.36 -1.33
CA VAL H 126 -32.30 52.22 -1.71
C VAL H 126 -31.07 51.89 -0.86
N TRP H 127 -31.14 50.81 -0.08
CA TRP H 127 -29.96 50.45 0.68
C TRP H 127 -28.83 49.99 -0.23
N GLN H 128 -29.16 49.49 -1.42
CA GLN H 128 -28.14 49.17 -2.42
C GLN H 128 -27.72 50.38 -3.25
N ALA H 129 -28.69 51.22 -3.64
CA ALA H 129 -28.37 52.41 -4.44
C ALA H 129 -27.50 53.41 -3.69
N ASN H 130 -27.82 53.71 -2.42
CA ASN H 130 -26.98 54.62 -1.64
C ASN H 130 -25.60 54.03 -1.42
N TYR H 131 -25.58 52.71 -1.23
CA TYR H 131 -24.34 51.95 -1.04
C TYR H 131 -23.46 52.12 -2.27
N LYS H 132 -24.07 52.14 -3.46
CA LYS H 132 -23.30 52.27 -4.68
C LYS H 132 -22.45 53.54 -4.71
N ASN H 133 -23.02 54.68 -4.33
CA ASN H 133 -22.25 55.92 -4.29
C ASN H 133 -21.33 56.03 -3.07
N THR H 134 -21.75 55.55 -1.89
CA THR H 134 -20.90 55.66 -0.70
C THR H 134 -19.64 54.80 -0.82
N MET H 135 -19.78 53.60 -1.37
CA MET H 135 -18.71 52.65 -1.59
C MET H 135 -17.87 53.03 -2.79
N THR H 136 -18.34 53.99 -3.58
CA THR H 136 -17.55 54.71 -4.56
C THR H 136 -16.81 55.87 -3.90
N LYS H 137 -17.44 56.50 -2.90
CA LYS H 137 -16.94 57.74 -2.32
C LYS H 137 -15.74 57.52 -1.41
N TRP H 138 -15.83 56.54 -0.49
CA TRP H 138 -14.79 56.47 0.54
C TRP H 138 -13.37 56.26 0.00
N PRO H 139 -13.14 55.51 -1.09
CA PRO H 139 -11.75 55.35 -1.55
C PRO H 139 -11.10 56.63 -2.02
N LYS H 140 -11.85 57.58 -2.58
CA LYS H 140 -11.22 58.80 -3.06
C LYS H 140 -10.72 59.64 -1.90
N ILE H 141 -11.53 59.76 -0.84
CA ILE H 141 -11.10 60.49 0.34
C ILE H 141 -9.94 59.78 1.04
N LEU H 142 -9.97 58.44 1.10
CA LEU H 142 -8.86 57.74 1.75
C LEU H 142 -7.55 57.93 0.99
N GLU H 143 -7.57 57.70 -0.33
CA GLU H 143 -6.36 57.85 -1.13
C GLU H 143 -5.94 59.30 -1.26
N ASN H 144 -6.81 60.24 -0.86
CA ASN H 144 -6.38 61.64 -0.78
C ASN H 144 -5.82 61.97 0.59
N LEU H 145 -6.30 61.33 1.64
CA LEU H 145 -5.74 61.56 2.97
C LEU H 145 -4.31 61.04 3.03
N ASP H 146 -4.05 59.90 2.42
CA ASP H 146 -2.68 59.37 2.34
C ASP H 146 -2.44 58.79 0.96
N PRO H 147 -1.76 59.51 0.07
CA PRO H 147 -1.53 58.98 -1.28
C PRO H 147 -0.58 57.78 -1.30
N LYS H 148 0.16 57.52 -0.22
CA LYS H 148 1.08 56.39 -0.17
C LYS H 148 0.41 55.15 0.41
N LEU H 149 -0.30 55.30 1.54
CA LEU H 149 -0.88 54.15 2.23
C LEU H 149 -2.34 53.89 1.85
N GLY H 150 -3.05 54.92 1.37
CA GLY H 150 -4.41 54.80 0.91
C GLY H 150 -4.65 53.77 -0.18
N PRO H 151 -3.89 53.83 -1.27
CA PRO H 151 -4.07 52.82 -2.34
C PRO H 151 -3.88 51.40 -1.86
N LYS H 152 -3.06 51.19 -0.84
CA LYS H 152 -2.80 49.85 -0.31
C LYS H 152 -4.09 49.16 0.10
N CYS H 153 -4.99 49.91 0.73
CA CYS H 153 -6.17 49.32 1.32
C CYS H 153 -7.16 48.82 0.24
N VAL H 154 -7.40 49.63 -0.78
CA VAL H 154 -8.34 49.19 -1.83
C VAL H 154 -7.69 48.11 -2.69
N LYS H 155 -6.37 48.16 -2.92
CA LYS H 155 -5.73 47.11 -3.69
C LYS H 155 -5.78 45.78 -2.94
N SER H 156 -5.56 45.80 -1.62
CA SER H 156 -5.69 44.55 -0.87
C SER H 156 -7.13 44.09 -0.79
N LEU H 157 -8.10 45.01 -0.86
CA LEU H 157 -9.49 44.58 -0.82
C LEU H 157 -9.88 43.85 -2.10
N VAL H 158 -9.48 44.39 -3.25
CA VAL H 158 -9.79 43.70 -4.50
C VAL H 158 -9.03 42.38 -4.62
N ALA H 159 -7.76 42.34 -4.19
CA ALA H 159 -7.05 41.07 -4.29
C ALA H 159 -7.62 40.03 -3.35
N LEU H 160 -8.14 40.43 -2.19
CA LEU H 160 -8.70 39.41 -1.31
C LEU H 160 -10.08 38.96 -1.81
N VAL H 161 -10.89 39.86 -2.35
CA VAL H 161 -12.17 39.40 -2.87
C VAL H 161 -11.94 38.48 -4.06
N GLU H 162 -10.83 38.66 -4.79
CA GLU H 162 -10.45 37.73 -5.84
C GLU H 162 -9.48 36.65 -5.36
N GLY H 163 -9.42 36.38 -4.06
CA GLY H 163 -8.52 35.40 -3.48
C GLY H 163 -9.04 33.97 -3.40
N THR H 164 -8.52 33.24 -2.42
CA THR H 164 -8.79 31.82 -2.16
C THR H 164 -10.22 31.53 -1.72
N ASP H 165 -10.71 30.35 -2.10
CA ASP H 165 -11.83 29.72 -1.42
C ASP H 165 -11.36 28.53 -0.59
N MET H 166 -11.76 28.51 0.68
CA MET H 166 -11.35 27.47 1.62
C MET H 166 -12.34 26.34 1.65
N GLU H 167 -13.55 26.58 1.12
CA GLU H 167 -14.61 25.58 1.17
C GLU H 167 -14.19 24.26 0.52
N PRO H 168 -13.67 24.22 -0.72
CA PRO H 168 -13.15 22.93 -1.22
C PRO H 168 -11.92 22.47 -0.46
N LYS H 169 -11.24 23.38 0.24
CA LYS H 169 -10.04 23.08 1.03
C LYS H 169 -10.36 22.61 2.44
N MET H 170 -11.56 22.92 2.95
CA MET H 170 -11.88 22.63 4.34
C MET H 170 -11.82 21.14 4.62
N ALA H 171 -12.27 20.32 3.67
CA ALA H 171 -12.28 18.88 3.86
C ALA H 171 -10.92 18.24 3.66
N HIS H 172 -9.90 19.00 3.27
CA HIS H 172 -8.61 18.44 2.93
C HIS H 172 -7.45 19.02 3.74
N TYR H 173 -7.68 20.09 4.50
CA TYR H 173 -6.64 20.56 5.41
C TYR H 173 -6.21 19.44 6.35
N LYS H 174 -4.88 19.25 6.49
CA LYS H 174 -4.34 18.23 7.37
C LYS H 174 -3.71 18.80 8.63
N THR H 175 -3.54 20.11 8.72
CA THR H 175 -3.02 20.76 9.92
C THR H 175 -3.80 22.05 10.14
N MET H 176 -3.98 22.40 11.42
CA MET H 176 -4.64 23.66 11.74
C MET H 176 -3.86 24.85 11.18
N LYS H 177 -2.54 24.70 11.03
CA LYS H 177 -1.69 25.79 10.57
C LYS H 177 -2.03 26.21 9.13
N GLU H 178 -2.22 25.24 8.23
CA GLU H 178 -2.60 25.58 6.86
C GLU H 178 -3.95 26.29 6.82
N TYR H 179 -4.91 25.77 7.58
CA TYR H 179 -6.21 26.42 7.68
C TYR H 179 -6.06 27.87 8.14
N ALA H 180 -5.27 28.09 9.19
CA ALA H 180 -5.13 29.42 9.76
C ALA H 180 -4.48 30.37 8.77
N LEU H 181 -3.48 29.88 8.02
CA LEU H 181 -2.81 30.73 7.04
C LEU H 181 -3.74 31.12 5.91
N ASP H 182 -4.73 30.27 5.60
CA ASP H 182 -5.73 30.70 4.62
C ASP H 182 -6.80 31.59 5.25
N ARG H 183 -7.14 31.34 6.52
CA ARG H 183 -8.18 32.10 7.21
C ARG H 183 -7.79 33.54 7.43
N THR H 184 -6.50 33.79 7.65
CA THR H 184 -6.00 35.17 7.71
C THR H 184 -6.46 35.98 6.49
N ASN H 185 -6.22 35.43 5.30
CA ASN H 185 -6.62 36.13 4.09
C ASN H 185 -8.14 36.16 3.96
N TYR H 186 -8.81 35.08 4.37
CA TYR H 186 -10.27 35.07 4.24
C TYR H 186 -10.92 36.18 5.05
N ILE H 187 -10.41 36.44 6.27
CA ILE H 187 -11.02 37.48 7.09
C ILE H 187 -10.31 38.81 6.86
N ALA H 188 -9.43 38.86 5.85
CA ALA H 188 -8.89 40.13 5.33
C ALA H 188 -7.99 40.83 6.36
N TRP H 189 -7.16 40.06 7.01
CA TRP H 189 -6.22 40.61 7.96
C TRP H 189 -5.09 41.36 7.25
N PRO H 190 -4.76 41.05 5.98
CA PRO H 190 -3.91 41.99 5.23
C PRO H 190 -4.49 43.40 5.16
N VAL H 191 -5.81 43.50 4.97
CA VAL H 191 -6.44 44.81 4.98
C VAL H 191 -6.38 45.42 6.37
N ALA H 192 -6.53 44.58 7.41
CA ALA H 192 -6.41 45.12 8.77
C ALA H 192 -5.02 45.71 9.02
N CYS H 193 -3.97 45.08 8.48
CA CYS H 193 -2.62 45.57 8.72
C CYS H 193 -2.31 46.79 7.85
N ASP H 194 -2.88 46.86 6.65
CA ASP H 194 -2.80 48.09 5.88
C ASP H 194 -3.48 49.23 6.64
N ASN H 195 -4.62 48.94 7.24
CA ASN H 195 -5.32 49.94 8.05
C ASN H 195 -4.49 50.42 9.22
N ALA H 196 -3.83 49.50 9.91
CA ALA H 196 -2.99 49.89 11.05
C ALA H 196 -1.82 50.77 10.61
N GLU H 197 -1.15 50.39 9.52
CA GLU H 197 -0.04 51.19 9.01
C GLU H 197 -0.52 52.58 8.62
N PHE H 198 -1.69 52.65 7.96
CA PHE H 198 -2.24 53.95 7.58
C PHE H 198 -2.61 54.76 8.80
N GLY H 199 -3.24 54.13 9.79
CA GLY H 199 -3.77 54.86 10.92
C GLY H 199 -2.68 55.49 11.75
N SER H 200 -1.59 54.76 11.98
CA SER H 200 -0.48 55.36 12.70
C SER H 200 0.51 56.07 11.77
N GLN H 201 0.20 56.17 10.48
CA GLN H 201 1.00 56.94 9.53
C GLN H 201 2.47 56.56 9.60
N LEU H 202 2.73 55.26 9.46
CA LEU H 202 4.08 54.73 9.53
C LEU H 202 4.74 54.78 8.15
N ASN H 203 6.03 55.09 8.14
CA ASN H 203 6.84 55.10 6.92
C ASN H 203 7.68 53.84 6.96
N LEU H 204 7.16 52.77 6.34
CA LEU H 204 7.80 51.46 6.39
C LEU H 204 8.02 50.94 4.99
N THR H 205 9.22 50.47 4.72
CA THR H 205 9.50 49.81 3.45
C THR H 205 9.02 48.36 3.48
N GLN H 206 8.86 47.81 2.27
CA GLN H 206 8.45 46.42 2.14
C GLN H 206 9.47 45.50 2.79
N ASP H 207 10.76 45.82 2.67
CA ASP H 207 11.79 45.02 3.32
C ASP H 207 11.62 45.03 4.84
N GLN H 208 11.30 46.20 5.41
CA GLN H 208 11.10 46.28 6.86
C GLN H 208 9.93 45.42 7.30
N LEU H 209 8.81 45.52 6.58
CA LEU H 209 7.63 44.70 6.94
C LEU H 209 7.93 43.22 6.82
N ASP H 210 8.59 42.81 5.74
CA ASP H 210 8.96 41.41 5.55
C ASP H 210 9.87 40.93 6.67
N SER H 211 10.74 41.80 7.19
CA SER H 211 11.67 41.38 8.23
C SER H 211 10.98 40.91 9.51
N VAL H 212 9.74 41.35 9.78
CA VAL H 212 9.07 41.01 11.04
C VAL H 212 7.74 40.28 10.81
N ARG H 213 7.43 39.92 9.56
CA ARG H 213 6.22 39.14 9.34
C ARG H 213 6.22 37.82 10.12
N ASP H 214 7.40 37.21 10.32
CA ASP H 214 7.43 35.96 11.07
C ASP H 214 7.25 36.16 12.55
N ILE H 215 7.64 37.33 13.07
CA ILE H 215 7.36 37.65 14.46
C ILE H 215 5.87 37.77 14.68
N PHE H 216 5.18 38.39 13.72
CA PHE H 216 3.77 38.68 13.96
C PHE H 216 2.82 37.56 13.55
N LEU H 217 3.29 36.57 12.79
CA LEU H 217 2.43 35.44 12.42
C LEU H 217 1.63 34.83 13.56
N PRO H 218 2.20 34.55 14.74
CA PRO H 218 1.36 33.99 15.82
C PRO H 218 0.21 34.89 16.25
N LEU H 219 0.37 36.22 16.19
CA LEU H 219 -0.72 37.10 16.57
C LEU H 219 -1.86 37.06 15.55
N TRP H 220 -1.52 37.02 14.26
CA TRP H 220 -2.55 36.85 13.24
C TRP H 220 -3.29 35.53 13.42
N THR H 221 -2.54 34.46 13.74
CA THR H 221 -3.18 33.17 14.03
C THR H 221 -4.10 33.26 15.24
N HIS H 222 -3.63 33.93 16.30
CA HIS H 222 -4.45 34.22 17.47
C HIS H 222 -5.76 34.88 17.07
N SER H 223 -5.69 35.87 16.18
CA SER H 223 -6.89 36.61 15.80
C SER H 223 -7.84 35.72 15.01
N CYS H 224 -7.30 34.82 14.20
CA CYS H 224 -8.15 33.88 13.47
C CYS H 224 -8.86 32.94 14.43
N TYR H 225 -8.15 32.46 15.44
CA TYR H 225 -8.75 31.50 16.37
C TYR H 225 -9.83 32.16 17.23
N VAL H 226 -9.58 33.39 17.69
CA VAL H 226 -10.59 34.04 18.52
C VAL H 226 -11.80 34.47 17.69
N TYR H 227 -11.58 34.87 16.43
CA TYR H 227 -12.70 35.14 15.53
C TYR H 227 -13.55 33.91 15.34
N ASP H 228 -12.93 32.76 15.08
CA ASP H 228 -13.69 31.53 14.89
C ASP H 228 -14.48 31.19 16.14
N TYR H 229 -13.82 31.24 17.30
CA TYR H 229 -14.47 30.99 18.58
C TYR H 229 -15.74 31.80 18.71
N TYR H 230 -15.64 33.12 18.53
CA TYR H 230 -16.75 34.00 18.83
C TYR H 230 -17.74 34.18 17.68
N HIS H 231 -17.41 33.69 16.47
CA HIS H 231 -18.32 33.78 15.33
C HIS H 231 -19.06 32.48 15.04
N TYR H 232 -18.65 31.38 15.69
CA TYR H 232 -19.18 30.07 15.35
C TYR H 232 -20.69 29.96 15.52
N ASP H 233 -21.27 30.51 16.59
CA ASP H 233 -22.68 30.21 16.84
C ASP H 233 -23.58 30.80 15.77
N LYS H 234 -23.37 32.08 15.46
CA LYS H 234 -24.19 32.72 14.44
C LYS H 234 -23.90 32.12 13.07
N GLU H 235 -22.62 31.80 12.77
CA GLU H 235 -22.34 31.26 11.45
C GLU H 235 -22.86 29.85 11.29
N ALA H 236 -22.87 29.03 12.34
CA ALA H 236 -23.32 27.65 12.20
C ALA H 236 -24.83 27.57 12.10
N GLU H 237 -25.55 28.43 12.80
CA GLU H 237 -27.00 28.38 12.58
C GLU H 237 -27.41 29.11 11.30
N ILE H 238 -26.61 30.06 10.79
CA ILE H 238 -26.81 30.49 9.42
C ILE H 238 -26.57 29.33 8.48
N HIS H 239 -25.62 28.46 8.86
CA HIS H 239 -25.24 27.35 8.00
C HIS H 239 -26.29 26.26 8.01
N SER H 240 -27.10 26.13 9.05
CA SER H 240 -28.17 25.15 8.92
C SER H 240 -29.35 25.66 8.08
N THR H 241 -29.45 26.98 7.80
CA THR H 241 -30.47 27.50 6.89
C THR H 241 -29.87 28.03 5.59
N TYR H 242 -28.59 27.73 5.35
CA TYR H 242 -27.94 28.16 4.11
C TYR H 242 -26.69 27.33 3.81
N GLY H 243 -26.51 26.18 4.45
CA GLY H 243 -25.38 25.30 4.27
C GLY H 243 -25.47 24.28 3.18
N LYS H 244 -26.15 24.63 2.09
CA LYS H 244 -26.05 23.76 0.93
C LYS H 244 -24.59 23.68 0.49
N GLY H 245 -23.82 24.75 0.72
CA GLY H 245 -22.40 24.71 0.47
C GLY H 245 -21.64 23.80 1.40
N ARG H 246 -22.36 23.18 2.33
CA ARG H 246 -21.86 22.12 3.21
C ARG H 246 -20.71 22.49 4.14
N SER H 247 -19.56 22.85 3.59
CA SER H 247 -18.37 23.19 4.39
C SER H 247 -18.41 24.61 4.95
N MET H 248 -18.65 24.71 6.25
CA MET H 248 -18.50 25.97 6.98
C MET H 248 -17.02 26.29 7.16
N ILE H 249 -16.64 27.55 6.94
CA ILE H 249 -15.24 27.95 7.01
C ILE H 249 -15.01 28.47 8.43
N ASN H 250 -14.57 27.56 9.31
CA ASN H 250 -14.40 27.83 10.73
C ASN H 250 -13.51 26.73 11.31
N SER H 251 -12.75 27.08 12.36
CA SER H 251 -11.82 26.12 12.94
C SER H 251 -12.53 24.94 13.59
N ILE H 252 -13.77 25.10 14.02
CA ILE H 252 -14.43 24.12 14.88
C ILE H 252 -14.82 22.85 14.11
N PRO H 253 -15.47 22.93 12.94
CA PRO H 253 -15.68 21.69 12.17
C PRO H 253 -14.38 20.99 11.81
N LEU H 254 -13.36 21.77 11.46
CA LEU H 254 -12.06 21.19 11.13
C LEU H 254 -11.45 20.50 12.34
N LEU H 255 -11.61 21.08 13.52
CA LEU H 255 -11.09 20.45 14.73
C LEU H 255 -11.85 19.16 15.03
N ASN H 256 -13.15 19.14 14.74
CA ASN H 256 -13.86 17.88 14.82
C ASN H 256 -13.22 16.84 13.89
N ARG H 257 -13.01 17.21 12.63
CA ARG H 257 -12.50 16.26 11.65
C ARG H 257 -11.11 15.76 12.01
N LEU H 258 -10.25 16.65 12.48
CA LEU H 258 -8.84 16.34 12.69
C LEU H 258 -8.55 15.75 14.07
N LYS H 259 -9.30 16.11 15.11
CA LYS H 259 -8.96 15.71 16.47
C LYS H 259 -10.12 15.10 17.26
N GLY H 260 -11.27 14.84 16.64
CA GLY H 260 -12.36 14.24 17.38
C GLY H 260 -12.93 15.12 18.47
N LEU H 261 -12.89 16.44 18.30
CA LEU H 261 -13.31 17.35 19.35
C LEU H 261 -14.78 17.74 19.14
N SER H 262 -15.57 17.67 20.22
CA SER H 262 -16.90 18.26 20.22
C SER H 262 -16.76 19.78 20.09
N VAL H 263 -17.90 20.47 19.99
CA VAL H 263 -17.81 21.92 19.80
C VAL H 263 -17.29 22.60 21.06
N GLU H 264 -17.73 22.15 22.23
CA GLU H 264 -17.20 22.69 23.47
C GLU H 264 -15.70 22.42 23.59
N GLU H 265 -15.29 21.19 23.26
CA GLU H 265 -13.87 20.85 23.34
C GLU H 265 -13.05 21.67 22.36
N ALA H 266 -13.60 21.93 21.17
CA ALA H 266 -12.90 22.73 20.17
C ALA H 266 -12.76 24.18 20.63
N LYS H 267 -13.80 24.72 21.26
CA LYS H 267 -13.69 26.08 21.79
C LYS H 267 -12.64 26.15 22.90
N ALA H 268 -12.59 25.14 23.77
CA ALA H 268 -11.55 25.09 24.78
C ALA H 268 -10.16 25.01 24.14
N TRP H 269 -10.04 24.18 23.09
CA TRP H 269 -8.80 24.08 22.33
C TRP H 269 -8.38 25.43 21.77
N LEU H 270 -9.33 26.15 21.17
CA LEU H 270 -9.03 27.47 20.60
C LEU H 270 -8.53 28.44 21.67
N LYS H 271 -9.19 28.46 22.83
CA LYS H 271 -8.78 29.37 23.90
C LYS H 271 -7.36 29.04 24.39
N GLN H 272 -7.09 27.75 24.63
CA GLN H 272 -5.76 27.36 25.07
C GLN H 272 -4.72 27.63 24.00
N ARG H 273 -5.09 27.46 22.73
CA ARG H 273 -4.16 27.73 21.63
C ARG H 273 -3.85 29.21 21.54
N CYS H 274 -4.81 30.09 21.84
CA CYS H 274 -4.53 31.51 21.76
C CYS H 274 -3.65 31.97 22.92
N PHE H 275 -3.79 31.33 24.09
CA PHE H 275 -2.82 31.60 25.16
C PHE H 275 -1.42 31.15 24.76
N GLU H 276 -1.31 29.95 24.18
CA GLU H 276 -0.02 29.48 23.68
C GLU H 276 0.55 30.43 22.63
N LEU H 277 -0.32 30.96 21.77
CA LEU H 277 0.16 31.82 20.69
C LEU H 277 0.63 33.17 21.22
N GLU H 278 -0.01 33.68 22.28
CA GLU H 278 0.53 34.85 22.96
C GLU H 278 1.93 34.58 23.48
N LYS H 279 2.12 33.43 24.14
CA LYS H 279 3.43 33.11 24.66
C LYS H 279 4.46 33.00 23.54
N GLU H 280 4.05 32.43 22.41
CA GLU H 280 4.95 32.25 21.27
C GLU H 280 5.32 33.59 20.63
N TYR H 281 4.34 34.48 20.46
CA TYR H 281 4.65 35.81 19.93
C TYR H 281 5.64 36.53 20.82
N LEU H 282 5.45 36.45 22.14
CA LEU H 282 6.35 37.15 23.05
C LEU H 282 7.76 36.57 22.98
N GLN H 283 7.87 35.24 22.87
CA GLN H 283 9.17 34.62 22.66
C GLN H 283 9.85 35.15 21.40
N ARG H 284 9.12 35.14 20.27
CA ARG H 284 9.69 35.60 19.01
C ARG H 284 10.09 37.06 19.07
N LYS H 285 9.27 37.87 19.74
CA LYS H 285 9.57 39.28 19.87
C LYS H 285 10.83 39.48 20.70
N GLU H 286 11.00 38.71 21.76
CA GLU H 286 12.18 39.03 22.54
C GLU H 286 13.46 38.53 21.86
N ASP H 287 13.34 37.46 21.09
CA ASP H 287 14.49 37.02 20.28
C ASP H 287 14.85 38.08 19.24
N TYR H 288 13.83 38.64 18.58
CA TYR H 288 14.07 39.69 17.61
C TYR H 288 14.79 40.86 18.26
N PHE H 289 14.29 41.31 19.40
CA PHE H 289 14.87 42.48 20.06
C PHE H 289 16.18 42.19 20.77
N SER H 290 16.54 40.91 20.95
CA SER H 290 17.88 40.63 21.41
C SER H 290 18.87 40.71 20.24
N GLU H 291 18.45 40.26 19.06
CA GLU H 291 19.31 40.41 17.89
C GLU H 291 19.41 41.87 17.45
N ASN H 292 18.31 42.61 17.49
CA ASN H 292 18.24 43.99 17.02
C ASN H 292 17.74 44.84 18.17
N PRO H 293 18.65 45.43 18.96
CA PRO H 293 18.23 46.14 20.18
C PRO H 293 17.31 47.31 19.88
N VAL H 294 16.45 47.59 20.88
CA VAL H 294 15.39 48.57 20.71
C VAL H 294 15.97 49.94 20.42
N GLU H 295 17.15 50.25 20.95
CA GLU H 295 17.76 51.55 20.71
C GLU H 295 18.24 51.72 19.28
N ALA H 296 18.44 50.62 18.55
CA ALA H 296 18.89 50.69 17.17
C ALA H 296 17.84 50.23 16.17
N VAL H 297 16.64 49.89 16.64
CA VAL H 297 15.58 49.55 15.69
C VAL H 297 14.89 50.84 15.25
N PRO H 298 14.65 51.03 13.95
CA PRO H 298 13.93 52.23 13.49
C PRO H 298 12.61 52.49 14.20
N VAL H 299 12.34 53.80 14.36
CA VAL H 299 11.20 54.27 15.15
C VAL H 299 9.89 53.71 14.61
N ASP H 300 9.71 53.75 13.29
CA ASP H 300 8.45 53.30 12.72
C ASP H 300 8.28 51.78 12.85
N LEU H 301 9.39 51.03 12.87
CA LEU H 301 9.29 49.60 13.11
C LEU H 301 8.85 49.31 14.54
N ARG H 302 9.36 50.08 15.50
CA ARG H 302 8.87 49.91 16.87
C ARG H 302 7.39 50.28 17.00
N ARG H 303 6.98 51.35 16.31
CA ARG H 303 5.55 51.70 16.27
C ARG H 303 4.74 50.59 15.62
N TRP H 304 5.31 49.90 14.63
CA TRP H 304 4.63 48.77 13.99
C TRP H 304 4.42 47.63 14.98
N PHE H 305 5.41 47.38 15.84
CA PHE H 305 5.23 46.40 16.92
C PHE H 305 4.04 46.79 17.80
N LEU H 306 3.98 48.07 18.16
CA LEU H 306 2.84 48.56 18.96
C LEU H 306 1.52 48.36 18.22
N SER H 307 1.49 48.71 16.93
CA SER H 307 0.27 48.58 16.13
C SER H 307 -0.18 47.13 16.04
N GLN H 308 0.75 46.21 15.88
CA GLN H 308 0.39 44.80 15.76
C GLN H 308 -0.17 44.26 17.07
N GLU H 309 0.47 44.60 18.19
CA GLU H 309 -0.05 44.17 19.48
C GLU H 309 -1.42 44.78 19.75
N ASP H 310 -1.62 46.04 19.36
CA ASP H 310 -2.92 46.67 19.50
C ASP H 310 -3.97 45.96 18.65
N LEU H 311 -3.64 45.68 17.39
CA LEU H 311 -4.59 44.97 16.53
C LEU H 311 -5.04 43.68 17.18
N ALA H 312 -4.08 42.88 17.65
CA ALA H 312 -4.42 41.56 18.21
C ALA H 312 -5.24 41.70 19.48
N THR H 313 -4.77 42.50 20.45
CA THR H 313 -5.48 42.59 21.74
C THR H 313 -6.84 43.25 21.59
N GLY H 314 -6.93 44.33 20.80
CA GLY H 314 -8.20 44.97 20.57
C GLY H 314 -9.18 44.06 19.88
N PHE H 315 -8.71 43.28 18.89
CA PHE H 315 -9.62 42.34 18.24
C PHE H 315 -10.12 41.27 19.21
N ALA H 316 -9.23 40.79 20.09
CA ALA H 316 -9.68 39.77 21.05
C ALA H 316 -10.76 40.33 21.97
N ILE H 317 -10.51 41.51 22.54
CA ILE H 317 -11.46 42.07 23.50
C ILE H 317 -12.71 42.55 22.79
N TRP H 318 -12.60 42.94 21.51
CA TRP H 318 -13.76 43.38 20.75
C TRP H 318 -14.63 42.20 20.35
N CYS H 319 -14.02 41.11 19.89
CA CYS H 319 -14.80 39.93 19.52
C CYS H 319 -15.45 39.30 20.74
N ALA H 320 -14.84 39.46 21.92
CA ALA H 320 -15.47 38.85 23.08
C ALA H 320 -16.69 39.63 23.58
N THR H 321 -16.96 40.84 23.06
CA THR H 321 -18.02 41.66 23.61
C THR H 321 -18.95 42.35 22.60
N THR H 322 -18.52 42.62 21.38
CA THR H 322 -19.23 43.56 20.53
C THR H 322 -20.55 43.00 19.99
N TYR H 323 -21.32 43.91 19.39
CA TYR H 323 -22.66 43.65 18.87
C TYR H 323 -22.65 42.97 17.52
N HIS H 324 -21.47 42.61 16.99
CA HIS H 324 -21.38 41.89 15.73
C HIS H 324 -20.76 40.51 15.89
N ASN H 325 -20.49 40.09 17.13
CA ASN H 325 -19.93 38.77 17.40
C ASN H 325 -19.97 38.42 18.89
N HIS H 326 -20.99 38.92 19.59
CA HIS H 326 -21.14 38.71 21.04
C HIS H 326 -19.94 39.22 21.81
N TYR H 333 -27.57 48.47 19.60
CA TYR H 333 -26.79 49.37 18.76
C TYR H 333 -27.37 50.78 18.83
N ALA H 334 -28.66 50.84 19.16
CA ALA H 334 -29.42 52.08 19.11
C ALA H 334 -29.06 53.02 20.26
N ALA H 335 -28.67 52.46 21.42
CA ALA H 335 -28.44 53.30 22.59
C ALA H 335 -27.28 54.27 22.42
N PRO H 336 -26.09 53.85 21.96
CA PRO H 336 -25.07 54.89 21.65
C PRO H 336 -25.57 55.86 20.59
N TYR H 337 -26.24 55.33 19.55
CA TYR H 337 -26.82 56.16 18.51
C TYR H 337 -27.74 57.23 19.10
N GLU H 338 -28.73 56.79 19.90
CA GLU H 338 -29.70 57.74 20.44
C GLU H 338 -29.08 58.70 21.46
N LYS H 339 -28.09 58.23 22.23
CA LYS H 339 -27.47 59.11 23.22
C LYS H 339 -26.61 60.17 22.56
N ARG H 340 -25.93 59.81 21.45
CA ARG H 340 -25.15 60.83 20.76
C ARG H 340 -26.03 61.67 19.86
N ARG H 341 -27.20 61.17 19.48
CA ARG H 341 -28.16 62.02 18.80
C ARG H 341 -28.77 63.03 19.77
N LYS H 342 -28.97 62.63 21.02
CA LYS H 342 -29.44 63.59 22.02
C LYS H 342 -28.36 64.59 22.36
N GLU H 343 -27.09 64.19 22.25
CA GLU H 343 -26.04 65.20 22.37
C GLU H 343 -25.91 66.00 21.10
N GLY H 344 -26.68 65.65 20.07
CA GLY H 344 -26.92 66.57 18.98
C GLY H 344 -25.84 66.65 17.93
N ALA H 345 -25.08 65.59 17.76
CA ALA H 345 -24.05 65.60 16.72
C ALA H 345 -24.76 65.58 15.36
N LEU H 346 -24.26 66.39 14.43
CA LEU H 346 -24.94 66.54 13.16
C LEU H 346 -24.29 65.67 12.10
N TRP H 347 -25.13 65.17 11.20
CA TRP H 347 -24.72 64.13 10.27
C TRP H 347 -25.30 64.44 8.91
N PHE H 348 -24.66 63.90 7.88
CA PHE H 348 -25.22 63.98 6.54
C PHE H 348 -26.27 62.88 6.41
N GLU H 349 -27.48 63.27 6.03
CA GLU H 349 -28.54 62.30 5.84
C GLU H 349 -28.39 61.57 4.52
N LYS H 350 -27.67 62.17 3.56
CA LYS H 350 -27.40 61.55 2.29
C LYS H 350 -25.89 61.49 2.07
N VAL H 351 -25.44 60.41 1.42
CA VAL H 351 -24.02 60.22 1.19
C VAL H 351 -23.50 61.17 0.14
N THR H 352 -24.25 61.37 -0.94
CA THR H 352 -23.83 62.21 -2.04
C THR H 352 -24.03 63.68 -1.77
N GLU H 353 -24.83 64.01 -0.75
CA GLU H 353 -25.06 65.39 -0.35
C GLU H 353 -23.74 66.13 -0.15
N SER H 354 -22.67 65.40 0.16
CA SER H 354 -21.41 65.98 0.60
C SER H 354 -20.25 65.32 -0.14
N ASP H 355 -19.15 66.07 -0.24
CA ASP H 355 -17.88 65.51 -0.68
C ASP H 355 -16.99 65.03 0.46
N GLN H 356 -17.28 65.45 1.69
CA GLN H 356 -16.50 65.08 2.86
C GLN H 356 -17.10 63.84 3.53
N LEU H 357 -16.30 63.23 4.40
CA LEU H 357 -16.81 62.10 5.18
C LEU H 357 -17.94 62.52 6.08
N MET H 358 -17.75 63.61 6.81
CA MET H 358 -18.64 63.99 7.90
C MET H 358 -18.91 65.49 7.81
N THR H 359 -19.88 65.93 8.62
CA THR H 359 -20.25 67.34 8.63
C THR H 359 -19.01 68.22 8.75
N GLY H 360 -18.03 67.79 9.56
CA GLY H 360 -16.75 68.46 9.58
C GLY H 360 -15.61 67.66 8.95
N GLY H 361 -15.91 66.60 8.20
CA GLY H 361 -14.86 65.72 7.70
C GLY H 361 -13.99 65.16 8.81
N PHE H 362 -14.14 63.88 9.13
CA PHE H 362 -13.41 63.25 10.23
C PHE H 362 -13.82 63.87 11.56
N GLU H 363 -14.94 64.59 11.56
CA GLU H 363 -15.43 65.29 12.74
C GLU H 363 -16.88 65.70 12.52
N VAL H 364 -17.54 66.00 13.64
CA VAL H 364 -18.97 66.29 13.67
C VAL H 364 -19.12 67.82 13.71
N ARG H 365 -19.50 68.41 12.57
CA ARG H 365 -19.78 69.83 12.56
C ARG H 365 -20.86 70.16 13.57
N TYR H 366 -20.57 71.15 14.43
CA TYR H 366 -21.44 71.79 15.40
C TYR H 366 -21.33 71.24 16.82
N ALA H 367 -21.29 69.91 17.00
CA ALA H 367 -21.35 69.35 18.34
C ALA H 367 -20.02 68.68 18.69
N ASN H 368 -20.03 67.85 19.74
CA ASN H 368 -18.84 67.13 20.18
C ASN H 368 -19.00 65.63 19.95
C1 BTB I . 14.36 -17.41 -34.83
O1 BTB I . 14.19 -17.33 -33.44
C2 BTB I . 13.91 -16.10 -35.50
C3 BTB I . 13.92 -14.99 -34.44
O3 BTB I . 13.97 -13.74 -35.09
C4 BTB I . 14.96 -15.74 -36.55
O4 BTB I . 14.44 -14.70 -37.34
N BTB I . 12.62 -16.21 -36.20
C5 BTB I . 12.22 -17.60 -36.43
C6 BTB I . 12.81 -18.28 -37.66
O6 BTB I . 13.41 -19.45 -37.18
C7 BTB I . 11.53 -15.57 -35.45
C8 BTB I . 10.93 -14.39 -36.21
O8 BTB I . 11.57 -13.21 -35.79
C1 BTB J . 4.35 -8.54 -32.08
O1 BTB J . 3.87 -9.40 -33.09
C2 BTB J . 5.82 -8.23 -32.33
C3 BTB J . 6.68 -9.00 -31.30
O3 BTB J . 5.88 -9.95 -30.64
C4 BTB J . 6.23 -8.69 -33.73
O4 BTB J . 5.14 -8.69 -34.60
N BTB J . 6.01 -6.79 -32.11
C5 BTB J . 7.35 -6.40 -31.69
C6 BTB J . 8.35 -6.24 -32.85
O6 BTB J . 9.13 -7.40 -32.87
C7 BTB J . 5.51 -5.96 -33.20
C8 BTB J . 4.68 -4.82 -32.62
O8 BTB J . 5.35 -3.62 -32.88
C1 GOL K . -3.61 -24.08 -17.28
O1 GOL K . -5.01 -23.92 -17.29
C2 GOL K . -3.28 -25.33 -16.47
O2 GOL K . -3.92 -25.23 -15.22
C3 GOL K . -1.77 -25.46 -16.23
O3 GOL K . -1.54 -25.48 -14.85
C1 BTB L . 21.85 34.77 -6.01
O1 BTB L . 22.29 33.70 -5.21
C2 BTB L . 23.03 35.34 -6.80
C3 BTB L . 22.79 35.12 -8.29
O3 BTB L . 23.77 35.79 -9.05
C4 BTB L . 22.97 36.86 -6.59
O4 BTB L . 21.99 37.18 -5.64
N BTB L . 24.27 34.69 -6.32
C5 BTB L . 25.25 35.61 -5.70
C6 BTB L . 26.22 36.29 -6.67
O6 BTB L . 25.94 37.66 -6.67
C7 BTB L . 24.89 33.63 -7.14
C8 BTB L . 24.10 32.30 -7.20
O8 BTB L . 24.96 31.21 -7.02
C1 BTB M . 28.04 26.23 -3.49
O1 BTB M . 26.95 25.46 -3.96
C2 BTB M . 27.87 26.43 -1.99
C3 BTB M . 27.14 25.21 -1.43
O3 BTB M . 27.97 24.10 -1.72
C4 BTB M . 29.25 26.45 -1.34
O4 BTB M . 29.71 27.77 -1.25
N BTB M . 27.21 27.71 -1.69
C5 BTB M . 26.27 28.19 -2.71
C6 BTB M . 26.82 29.45 -3.37
O6 BTB M . 25.96 29.88 -4.38
C7 BTB M . 26.62 27.74 -0.35
C8 BTB M . 27.21 28.91 0.44
O8 BTB M . 27.87 29.76 -0.46
C1 GOL N . 24.67 38.24 21.11
O1 GOL N . 25.64 37.61 20.31
C2 GOL N . 23.33 38.00 20.43
O2 GOL N . 23.44 38.35 19.08
C3 GOL N . 22.17 38.80 21.02
O3 GOL N . 21.03 38.50 20.25
C1 GOL O . -3.40 -8.23 11.72
O1 GOL O . -3.18 -9.46 11.09
C2 GOL O . -2.77 -7.14 10.87
O2 GOL O . -1.41 -7.44 10.70
C3 GOL O . -2.84 -5.77 11.52
O3 GOL O . -3.70 -4.97 10.76
C1 BTB P . 30.19 5.11 45.44
O1 BTB P . 30.53 4.15 44.47
C2 BTB P . 28.78 4.83 45.93
C3 BTB P . 27.90 6.04 45.60
O3 BTB P . 26.58 5.59 45.38
C4 BTB P . 28.24 3.60 45.21
O4 BTB P . 29.12 2.53 45.40
N BTB P . 28.82 4.61 47.38
C5 BTB P . 28.98 5.90 48.07
C6 BTB P . 30.17 5.87 49.02
O6 BTB P . 31.33 6.12 48.27
C7 BTB P . 27.65 3.91 47.87
C8 BTB P . 28.04 2.60 48.58
O8 BTB P . 27.00 1.68 48.42
C1 GOL Q . 7.98 13.25 36.10
O1 GOL Q . 7.43 12.35 35.18
C2 GOL Q . 7.14 14.52 36.10
O2 GOL Q . 7.18 15.06 34.82
C3 GOL Q . 7.66 15.58 37.07
O3 GOL Q . 7.44 16.83 36.48
C1 GOL R . -8.80 -31.99 -7.74
O1 GOL R . -7.76 -32.82 -8.16
C2 GOL R . -8.63 -30.63 -8.42
O2 GOL R . -7.34 -30.18 -8.12
C3 GOL R . -9.65 -29.61 -7.95
O3 GOL R . -8.99 -28.55 -7.31
C1 GOL S . -30.38 -3.73 -60.69
O1 GOL S . -30.78 -5.08 -60.58
C2 GOL S . -31.62 -2.93 -61.06
O2 GOL S . -32.12 -3.44 -62.26
C3 GOL S . -31.32 -1.45 -61.30
O3 GOL S . -32.39 -0.69 -60.84
C1 GOL T . 14.36 -12.24 4.52
O1 GOL T . 13.08 -12.00 4.01
C2 GOL T . 14.21 -13.01 5.82
O2 GOL T . 13.51 -12.21 6.73
C3 GOL T . 15.55 -13.40 6.45
O3 GOL T . 15.31 -13.98 7.70
C1 GOL U . -2.72 23.02 21.11
O1 GOL U . -1.33 22.92 21.29
C2 GOL U . -3.32 23.54 22.42
O2 GOL U . -2.82 22.76 23.47
C3 GOL U . -4.84 23.49 22.44
O3 GOL U . -5.28 23.23 23.75
#